data_6OHR
#
_entry.id   6OHR
#
_cell.length_a   93.039
_cell.length_b   155.106
_cell.length_c   273.560
_cell.angle_alpha   90.00
_cell.angle_beta   90.00
_cell.angle_gamma   90.00
#
_symmetry.space_group_name_H-M   'P 21 21 21'
#
loop_
_entity.id
_entity.type
_entity.pdbx_description
1 polymer 'Phospholipase D1, chimeric constuct'
2 non-polymer 4-fluoro-N-{(2S)-1-[(5R)-5-(3-fluorophenyl)-2-oxo-1-oxa-3,9-diazaspiro[5.5]undecan-9-yl]propan-2-yl}benzamide
#
_entity_poly.entity_id   1
_entity_poly.type   'polypeptide(L)'
_entity_poly.pdbx_seq_one_letter_code
;GNSYRHARWWGGAIEEFIQKHGTNFLKDHRFGSYAAIQENALAKWYVNAKGYFEDVANAMEEANEEIFITDWWLSPEIFL
KRPVVEGNRWRLDCILKRKAQQGVRIFIMLYKEVELALGINSEYTKRTLMRLHPNIKVMRHPDHVSSTVYLWAHHEKLVI
IDQSVAFVGGIDLAYGRWDDNEHRLTDVGSGSGSGSGSGSGSGSGSGSGSHGETRFWHGKDYCNFVFKDWVQLDKPFADF
IDRYSTPRMPWHDIASAVHGKAARDVARHFIQRWNFTKIMKSKYRSLSYPFLLPKSQTTAHELRYQVPGSVHANVQLLRS
AADWSAGIKYHEESIHAAYVHVIENSRHYIYIENQFFISCADDKVVFNKIGDAIAQRILKAHRENQKYRVYVVIPLLPGF
EGDISTGGGNALQAIMHFNYRTMCRGENSILGQLKAELGNQWINYISFCGLRTHAELEGNLVTELIYVHSKLLIADDNTV
IIGSANINDRSMLGKRDSEMAVIVQDTETVPSVMDGKEYQAGRFARGLRLQCFRVVLGYLDDPSEDIQDPVSDKFFKEVW
VSTAARNATIYDKVFRCLPNDEVHNLIQLRDFINKPVLAKEDPIRAEEELKKIRGFLVQFPFYFLSEESLLPSVGTKEAI
VPMEVWT
;
_entity_poly.pdbx_strand_id   A,B,C,D,E,F
#
loop_
_chem_comp.id
_chem_comp.type
_chem_comp.name
_chem_comp.formula
MKG non-polymer 4-fluoro-N-{(2S)-1-[(5R)-5-(3-fluorophenyl)-2-oxo-1-oxa-3,9-diazaspiro[5.5]undecan-9-yl]propan-2-yl}benzamide 'C24 H27 F2 N3 O3'
#
# COMPACT_ATOMS: atom_id res chain seq x y z
N ASP A 28 10.38 12.02 45.33
CA ASP A 28 10.92 13.38 45.30
C ASP A 28 10.44 14.18 44.08
N HIS A 29 9.20 13.93 43.65
CA HIS A 29 8.54 14.67 42.59
C HIS A 29 7.23 15.23 43.14
N ARG A 30 6.46 15.91 42.30
CA ARG A 30 5.17 16.40 42.75
C ARG A 30 4.29 15.22 43.14
N PHE A 31 3.52 15.39 44.23
CA PHE A 31 2.66 14.37 44.79
C PHE A 31 3.42 13.14 45.27
N GLY A 32 4.75 13.20 45.31
CA GLY A 32 5.56 12.03 45.61
C GLY A 32 5.58 10.99 44.53
N SER A 33 5.28 11.37 43.29
CA SER A 33 5.19 10.42 42.19
C SER A 33 6.58 10.03 41.71
N TYR A 34 6.64 8.89 41.01
CA TYR A 34 7.88 8.45 40.38
C TYR A 34 8.15 9.17 39.07
N ALA A 35 7.17 9.85 38.49
CA ALA A 35 7.30 10.50 37.19
C ALA A 35 7.17 12.00 37.34
N ALA A 36 8.04 12.74 36.65
CA ALA A 36 8.03 14.18 36.75
C ALA A 36 6.81 14.76 36.03
N ILE A 37 6.70 16.08 36.08
CA ILE A 37 5.63 16.81 35.41
C ILE A 37 6.13 17.15 34.01
N GLN A 38 5.67 16.41 33.02
CA GLN A 38 6.06 16.63 31.63
C GLN A 38 5.26 17.80 31.10
N GLU A 39 5.87 18.98 31.08
CA GLU A 39 5.17 20.19 30.66
C GLU A 39 5.05 20.23 29.14
N ASN A 40 3.87 20.59 28.65
CA ASN A 40 3.56 20.66 27.22
C ASN A 40 3.79 19.30 26.55
N ALA A 41 2.90 18.36 26.89
CA ALA A 41 2.91 17.03 26.31
C ALA A 41 1.63 16.82 25.52
N LEU A 42 1.65 15.81 24.64
CA LEU A 42 0.50 15.46 23.83
C LEU A 42 -0.38 14.48 24.61
N ALA A 43 -1.68 14.77 24.67
CA ALA A 43 -2.60 13.93 25.44
C ALA A 43 -3.97 13.97 24.80
N LYS A 44 -4.75 12.92 25.05
CA LYS A 44 -6.10 12.81 24.51
C LYS A 44 -6.96 11.98 25.46
N TRP A 45 -8.19 12.44 25.67
CA TRP A 45 -9.16 11.75 26.51
C TRP A 45 -10.11 10.92 25.65
N TYR A 46 -10.64 9.85 26.24
CA TYR A 46 -11.59 8.98 25.57
C TYR A 46 -12.81 8.79 26.45
N VAL A 47 -13.99 8.93 25.87
CA VAL A 47 -15.25 8.60 26.52
C VAL A 47 -15.78 7.35 25.85
N ASN A 48 -15.88 6.27 26.63
CA ASN A 48 -16.28 4.94 26.18
C ASN A 48 -15.21 4.31 25.30
N ALA A 49 -15.22 2.97 25.21
CA ALA A 49 -14.09 2.22 24.65
C ALA A 49 -14.01 2.24 23.13
N LYS A 50 -15.10 2.58 22.43
CA LYS A 50 -15.12 2.47 20.98
C LYS A 50 -13.99 3.27 20.34
N GLY A 51 -13.88 4.56 20.69
CA GLY A 51 -12.78 5.35 20.20
C GLY A 51 -11.44 4.93 20.81
N TYR A 52 -11.47 4.45 22.05
CA TYR A 52 -10.24 4.02 22.70
C TYR A 52 -9.68 2.75 22.06
N PHE A 53 -10.54 1.76 21.80
CA PHE A 53 -10.07 0.54 21.14
C PHE A 53 -9.62 0.82 19.72
N GLU A 54 -10.23 1.80 19.06
CA GLU A 54 -9.88 2.09 17.68
C GLU A 54 -8.51 2.75 17.58
N ASP A 55 -8.22 3.71 18.46
CA ASP A 55 -6.91 4.37 18.42
C ASP A 55 -5.79 3.44 18.88
N VAL A 56 -6.08 2.56 19.84
CA VAL A 56 -5.06 1.62 20.26
C VAL A 56 -4.76 0.62 19.15
N ALA A 57 -5.76 0.31 18.31
CA ALA A 57 -5.52 -0.59 17.18
C ALA A 57 -4.69 0.10 16.11
N ASN A 58 -5.03 1.35 15.78
CA ASN A 58 -4.26 2.09 14.79
C ASN A 58 -2.83 2.36 15.28
N ALA A 59 -2.66 2.55 16.58
CA ALA A 59 -1.32 2.79 17.13
C ALA A 59 -0.50 1.51 17.12
N MET A 60 -1.14 0.37 17.45
CA MET A 60 -0.41 -0.90 17.45
C MET A 60 0.00 -1.31 16.04
N GLU A 61 -0.86 -1.06 15.04
CA GLU A 61 -0.53 -1.48 13.68
C GLU A 61 0.69 -0.73 13.14
N GLU A 62 0.92 0.49 13.61
CA GLU A 62 2.07 1.28 13.17
C GLU A 62 3.22 1.21 14.17
N ALA A 63 3.29 0.14 14.96
CA ALA A 63 4.41 -0.09 15.84
C ALA A 63 5.63 -0.52 15.05
N ASN A 64 6.80 -0.21 15.58
CA ASN A 64 8.06 -0.59 14.93
C ASN A 64 8.93 -1.48 15.79
N GLU A 65 9.08 -1.16 17.08
CA GLU A 65 9.95 -1.91 17.97
C GLU A 65 9.20 -2.72 19.02
N GLU A 66 8.39 -2.07 19.87
CA GLU A 66 7.85 -2.73 21.04
C GLU A 66 6.38 -2.40 21.27
N ILE A 67 5.69 -3.31 21.95
CA ILE A 67 4.32 -3.13 22.43
C ILE A 67 4.26 -3.65 23.86
N PHE A 68 3.93 -2.78 24.81
CA PHE A 68 3.79 -3.15 26.20
C PHE A 68 2.30 -3.20 26.54
N ILE A 69 1.87 -4.32 27.12
CA ILE A 69 0.49 -4.52 27.51
C ILE A 69 0.45 -5.08 28.92
N THR A 70 -0.45 -4.55 29.74
CA THR A 70 -0.75 -5.16 31.02
C THR A 70 -2.22 -4.96 31.32
N ASP A 71 -2.88 -6.04 31.75
CA ASP A 71 -4.33 -6.06 31.91
C ASP A 71 -4.69 -6.89 33.14
N TRP A 72 -5.76 -6.46 33.81
CA TRP A 72 -6.36 -7.30 34.83
C TRP A 72 -7.04 -8.51 34.21
N TRP A 73 -7.75 -8.29 33.10
CA TRP A 73 -8.38 -9.36 32.32
C TRP A 73 -8.17 -9.06 30.85
N LEU A 74 -7.75 -10.06 30.08
CA LEU A 74 -7.50 -9.90 28.66
C LEU A 74 -8.22 -10.99 27.88
N SER A 75 -8.92 -10.59 26.84
CA SER A 75 -9.63 -11.53 25.95
C SER A 75 -9.07 -11.44 24.55
N PRO A 76 -8.33 -12.45 24.08
CA PRO A 76 -7.59 -12.30 22.82
C PRO A 76 -8.45 -12.09 21.59
N GLU A 77 -9.65 -12.66 21.54
CA GLU A 77 -10.44 -12.66 20.31
C GLU A 77 -11.54 -11.60 20.34
N ILE A 78 -11.19 -10.35 20.65
CA ILE A 78 -12.13 -9.24 20.59
C ILE A 78 -11.71 -8.33 19.45
N PHE A 79 -12.68 -7.61 18.89
CA PHE A 79 -12.44 -6.70 17.79
C PHE A 79 -12.31 -5.28 18.32
N LEU A 80 -11.20 -4.61 17.98
CA LEU A 80 -10.95 -3.24 18.39
C LEU A 80 -11.58 -2.22 17.44
N LYS A 81 -11.95 -2.62 16.22
CA LYS A 81 -12.60 -1.72 15.28
C LYS A 81 -13.96 -2.31 14.93
N ARG A 82 -15.02 -1.63 15.34
CA ARG A 82 -16.38 -2.07 15.11
C ARG A 82 -17.17 -0.98 14.41
N PRO A 83 -18.11 -1.35 13.51
CA PRO A 83 -18.55 -2.70 13.16
C PRO A 83 -17.45 -3.51 12.49
N VAL A 84 -17.55 -4.84 12.56
CA VAL A 84 -16.49 -5.70 12.07
C VAL A 84 -16.20 -5.36 10.62
N VAL A 85 -14.97 -4.90 10.35
CA VAL A 85 -14.60 -4.30 9.08
C VAL A 85 -13.99 -5.32 8.14
N GLU A 86 -12.69 -5.60 8.32
CA GLU A 86 -11.95 -6.39 7.35
C GLU A 86 -11.63 -7.78 7.91
N GLY A 87 -12.67 -8.58 8.16
CA GLY A 87 -12.44 -9.91 8.68
C GLY A 87 -11.95 -9.87 10.12
N ASN A 88 -10.85 -10.55 10.39
CA ASN A 88 -10.21 -10.56 11.71
C ASN A 88 -9.01 -9.62 11.77
N ARG A 89 -8.92 -8.68 10.83
CA ARG A 89 -7.75 -7.80 10.76
C ARG A 89 -7.57 -7.00 12.04
N TRP A 90 -8.66 -6.60 12.68
CA TRP A 90 -8.59 -5.77 13.89
C TRP A 90 -8.96 -6.57 15.14
N ARG A 91 -8.99 -7.89 15.05
CA ARG A 91 -9.10 -8.72 16.25
C ARG A 91 -7.81 -8.60 17.07
N LEU A 92 -7.94 -8.60 18.39
CA LEU A 92 -6.78 -8.30 19.24
C LEU A 92 -5.65 -9.30 19.02
N ASP A 93 -5.97 -10.60 19.01
CA ASP A 93 -4.91 -11.59 18.84
C ASP A 93 -4.29 -11.51 17.46
N CYS A 94 -5.08 -11.14 16.44
CA CYS A 94 -4.52 -11.01 15.09
C CYS A 94 -3.71 -9.74 14.95
N ILE A 95 -4.10 -8.66 15.63
CA ILE A 95 -3.31 -7.43 15.60
C ILE A 95 -1.93 -7.68 16.21
N LEU A 96 -1.89 -8.39 17.34
CA LEU A 96 -0.61 -8.75 17.94
C LEU A 96 0.16 -9.73 17.05
N LYS A 97 -0.54 -10.71 16.48
CA LYS A 97 0.10 -11.67 15.60
C LYS A 97 0.72 -10.97 14.38
N ARG A 98 -0.02 -10.04 13.78
CA ARG A 98 0.48 -9.36 12.58
C ARG A 98 1.73 -8.54 12.88
N LYS A 99 1.76 -7.81 13.98
CA LYS A 99 2.92 -6.99 14.29
C LYS A 99 4.09 -7.83 14.80
N ALA A 100 3.82 -8.90 15.55
CA ALA A 100 4.91 -9.73 16.06
C ALA A 100 5.66 -10.42 14.93
N GLN A 101 5.00 -10.65 13.79
CA GLN A 101 5.67 -11.24 12.62
C GLN A 101 6.54 -10.23 11.87
N GLN A 102 6.45 -8.93 12.17
CA GLN A 102 7.27 -7.93 11.54
C GLN A 102 8.51 -7.58 12.35
N GLY A 103 8.88 -8.42 13.31
CA GLY A 103 10.03 -8.16 14.14
C GLY A 103 9.73 -7.36 15.39
N VAL A 104 8.45 -7.08 15.65
CA VAL A 104 8.08 -6.28 16.81
C VAL A 104 8.04 -7.19 18.04
N ARG A 105 8.68 -6.75 19.12
CA ARG A 105 8.70 -7.50 20.36
C ARG A 105 7.56 -7.02 21.24
N ILE A 106 6.60 -7.90 21.50
CA ILE A 106 5.42 -7.58 22.29
C ILE A 106 5.56 -8.23 23.67
N PHE A 107 5.31 -7.45 24.71
CA PHE A 107 5.40 -7.94 26.09
C PHE A 107 4.07 -7.68 26.77
N ILE A 108 3.48 -8.73 27.33
CA ILE A 108 2.17 -8.68 27.97
C ILE A 108 2.34 -9.16 29.40
N MET A 109 1.73 -8.43 30.34
CA MET A 109 1.82 -8.74 31.77
C MET A 109 0.40 -8.88 32.30
N LEU A 110 0.02 -10.11 32.63
CA LEU A 110 -1.34 -10.41 33.09
C LEU A 110 -1.38 -10.59 34.60
N TYR A 111 -2.58 -10.45 35.15
CA TYR A 111 -2.81 -10.67 36.57
C TYR A 111 -3.20 -12.13 36.78
N LYS A 112 -2.50 -12.81 37.69
CA LYS A 112 -2.80 -14.20 37.99
C LYS A 112 -4.02 -14.25 38.90
N GLU A 113 -5.16 -14.67 38.35
CA GLU A 113 -6.40 -14.71 39.09
C GLU A 113 -6.35 -15.76 40.21
N VAL A 114 -7.27 -15.65 41.16
CA VAL A 114 -7.37 -16.61 42.24
C VAL A 114 -7.80 -17.96 41.68
N GLU A 115 -7.38 -19.04 42.35
CA GLU A 115 -7.73 -20.38 41.90
C GLU A 115 -9.24 -20.58 41.87
N LEU A 116 -9.96 -19.94 42.79
CA LEU A 116 -11.41 -20.06 42.85
C LEU A 116 -12.11 -19.13 41.87
N ALA A 117 -11.37 -18.28 41.16
CA ALA A 117 -11.97 -17.40 40.15
C ALA A 117 -12.20 -18.23 38.90
N LEU A 118 -13.44 -18.67 38.69
CA LEU A 118 -13.76 -19.54 37.57
C LEU A 118 -13.85 -18.78 36.24
N GLY A 119 -14.19 -17.49 36.29
CA GLY A 119 -14.41 -16.74 35.07
C GLY A 119 -13.15 -16.37 34.31
N ILE A 120 -12.06 -16.09 35.05
CA ILE A 120 -10.79 -15.71 34.44
C ILE A 120 -9.91 -16.94 34.33
N ASN A 121 -9.32 -17.15 33.15
CA ASN A 121 -8.38 -18.24 32.90
C ASN A 121 -7.15 -17.64 32.24
N SER A 122 -6.27 -17.06 33.04
CA SER A 122 -5.07 -16.43 32.51
C SER A 122 -4.13 -17.45 31.89
N GLU A 123 -4.11 -18.68 32.40
CA GLU A 123 -3.25 -19.70 31.81
C GLU A 123 -3.62 -19.98 30.36
N TYR A 124 -4.92 -19.92 30.04
CA TYR A 124 -5.34 -20.13 28.66
C TYR A 124 -4.84 -19.00 27.76
N THR A 125 -5.13 -17.76 28.13
CA THR A 125 -4.69 -16.63 27.31
C THR A 125 -3.18 -16.49 27.28
N LYS A 126 -2.49 -16.96 28.32
CA LYS A 126 -1.04 -16.93 28.30
C LYS A 126 -0.49 -17.86 27.22
N ARG A 127 -1.00 -19.10 27.17
CA ARG A 127 -0.60 -20.01 26.10
C ARG A 127 -1.15 -19.56 24.76
N THR A 128 -2.41 -19.09 24.75
CA THR A 128 -3.03 -18.66 23.50
C THR A 128 -2.24 -17.54 22.84
N LEU A 129 -1.82 -16.55 23.63
CA LEU A 129 -1.08 -15.42 23.06
C LEU A 129 0.32 -15.84 22.60
N MET A 130 1.00 -16.65 23.41
CA MET A 130 2.36 -17.05 23.07
C MET A 130 2.41 -18.07 21.95
N ARG A 131 1.32 -18.80 21.70
CA ARG A 131 1.29 -19.75 20.59
C ARG A 131 1.11 -19.07 19.25
N LEU A 132 0.90 -17.76 19.23
CA LEU A 132 0.78 -17.03 17.97
C LEU A 132 2.15 -16.82 17.31
N HIS A 133 3.10 -16.28 18.06
CA HIS A 133 4.43 -15.99 17.53
C HIS A 133 5.42 -15.97 18.69
N PRO A 134 6.68 -16.41 18.45
CA PRO A 134 7.68 -16.36 19.54
C PRO A 134 8.04 -14.96 19.98
N ASN A 135 7.73 -13.93 19.19
CA ASN A 135 8.00 -12.56 19.60
C ASN A 135 7.02 -12.06 20.65
N ILE A 136 6.05 -12.90 21.05
CA ILE A 136 5.06 -12.55 22.07
C ILE A 136 5.40 -13.32 23.33
N LYS A 137 5.74 -12.59 24.39
CA LYS A 137 6.09 -13.19 25.67
C LYS A 137 5.20 -12.61 26.75
N VAL A 138 4.60 -13.48 27.56
CA VAL A 138 3.62 -13.11 28.58
C VAL A 138 4.12 -13.58 29.94
N MET A 139 3.92 -12.74 30.95
CA MET A 139 4.24 -13.05 32.33
C MET A 139 3.01 -12.78 33.19
N ARG A 140 2.79 -13.63 34.19
CA ARG A 140 1.64 -13.52 35.08
C ARG A 140 2.13 -13.30 36.51
N HIS A 141 1.56 -12.29 37.17
CA HIS A 141 1.82 -12.03 38.57
C HIS A 141 0.47 -11.85 39.26
N PRO A 142 0.32 -12.29 40.52
CA PRO A 142 1.28 -12.92 41.44
C PRO A 142 1.77 -14.28 40.98
N ASP A 143 2.72 -14.85 41.74
CA ASP A 143 3.29 -16.14 41.40
C ASP A 143 2.44 -17.24 42.02
N HIS A 144 2.05 -18.21 41.20
CA HIS A 144 1.26 -19.31 41.72
C HIS A 144 2.11 -20.25 42.57
N VAL A 145 3.38 -20.41 42.21
CA VAL A 145 4.26 -21.33 42.93
C VAL A 145 4.82 -20.74 44.22
N SER A 146 4.57 -19.46 44.49
CA SER A 146 5.14 -18.85 45.69
C SER A 146 4.39 -19.32 46.93
N SER A 147 5.14 -19.54 48.02
CA SER A 147 4.52 -19.89 49.28
C SER A 147 3.73 -18.74 49.87
N THR A 148 3.98 -17.51 49.42
CA THR A 148 3.28 -16.36 49.95
C THR A 148 1.87 -16.28 49.38
N VAL A 149 0.98 -15.64 50.15
CA VAL A 149 -0.43 -15.49 49.79
C VAL A 149 -0.68 -14.03 49.44
N TYR A 150 -1.24 -13.80 48.26
CA TYR A 150 -1.47 -12.45 47.75
C TYR A 150 -2.95 -12.12 47.80
N LEU A 151 -3.30 -11.04 48.49
CA LEU A 151 -4.68 -10.59 48.55
C LEU A 151 -5.04 -9.65 47.42
N TRP A 152 -4.07 -8.89 46.90
CA TRP A 152 -4.35 -7.79 46.00
C TRP A 152 -4.00 -8.17 44.56
N ALA A 153 -4.40 -7.31 43.62
CA ALA A 153 -4.34 -7.60 42.20
C ALA A 153 -3.64 -6.48 41.43
N HIS A 154 -3.38 -6.76 40.16
CA HIS A 154 -2.80 -5.81 39.22
C HIS A 154 -3.93 -5.26 38.36
N HIS A 155 -4.50 -4.14 38.77
CA HIS A 155 -5.71 -3.62 38.14
C HIS A 155 -5.41 -2.54 37.11
N GLU A 156 -4.16 -2.13 36.95
CA GLU A 156 -3.84 -1.08 35.99
C GLU A 156 -3.98 -1.58 34.56
N LYS A 157 -4.42 -0.70 33.67
CA LYS A 157 -4.60 -1.03 32.25
C LYS A 157 -3.85 -0.01 31.41
N LEU A 158 -2.71 -0.41 30.87
CA LEU A 158 -1.92 0.47 30.02
C LEU A 158 -1.36 -0.30 28.84
N VAL A 159 -1.43 0.33 27.66
CA VAL A 159 -0.83 -0.19 26.44
C VAL A 159 0.18 0.84 25.95
N ILE A 160 1.43 0.42 25.82
CA ILE A 160 2.53 1.29 25.42
C ILE A 160 3.08 0.79 24.10
N ILE A 161 3.22 1.69 23.13
CA ILE A 161 3.74 1.35 21.82
C ILE A 161 5.04 2.13 21.61
N ASP A 162 6.16 1.42 21.50
CA ASP A 162 7.48 1.99 21.22
C ASP A 162 7.89 3.02 22.26
N GLN A 163 7.31 2.98 23.46
CA GLN A 163 7.57 3.94 24.54
C GLN A 163 7.36 5.39 24.08
N SER A 164 6.63 5.58 22.99
CA SER A 164 6.30 6.91 22.50
C SER A 164 4.81 7.23 22.58
N VAL A 165 3.94 6.24 22.46
CA VAL A 165 2.50 6.40 22.64
C VAL A 165 2.05 5.41 23.70
N ALA A 166 1.28 5.89 24.67
CA ALA A 166 0.84 5.07 25.79
C ALA A 166 -0.60 5.40 26.14
N PHE A 167 -1.36 4.38 26.52
CA PHE A 167 -2.79 4.51 26.83
C PHE A 167 -3.01 4.14 28.28
N VAL A 168 -3.61 5.04 29.05
CA VAL A 168 -3.93 4.80 30.46
C VAL A 168 -5.41 5.09 30.68
N GLY A 169 -6.04 4.27 31.52
CA GLY A 169 -7.44 4.46 31.83
C GLY A 169 -7.96 3.29 32.65
N GLY A 170 -9.28 3.17 32.68
CA GLY A 170 -9.92 2.06 33.36
C GLY A 170 -10.50 1.03 32.45
N ILE A 171 -10.16 1.01 31.16
CA ILE A 171 -10.73 0.08 30.19
C ILE A 171 -9.74 -1.05 29.98
N ASP A 172 -10.17 -2.27 30.28
CA ASP A 172 -9.39 -3.46 29.98
C ASP A 172 -9.67 -3.92 28.55
N LEU A 173 -8.71 -4.65 27.98
CA LEU A 173 -8.90 -5.28 26.67
C LEU A 173 -9.64 -6.61 26.88
N ALA A 174 -10.89 -6.49 27.30
CA ALA A 174 -11.66 -7.64 27.76
C ALA A 174 -13.08 -7.59 27.22
N TYR A 175 -13.79 -8.69 27.43
CA TYR A 175 -15.17 -8.83 26.97
C TYR A 175 -16.07 -7.81 27.68
N GLY A 176 -16.97 -7.20 26.90
CA GLY A 176 -17.97 -6.33 27.47
C GLY A 176 -17.55 -4.88 27.64
N ARG A 177 -16.28 -4.56 27.37
CA ARG A 177 -15.82 -3.19 27.56
C ARG A 177 -16.22 -2.29 26.40
N TRP A 178 -16.24 -2.81 25.19
CA TRP A 178 -16.51 -1.98 24.04
C TRP A 178 -17.96 -1.50 24.09
N ASP A 179 -18.14 -0.19 23.92
CA ASP A 179 -19.46 0.43 23.90
C ASP A 179 -19.32 1.83 23.32
N ASP A 180 -20.43 2.34 22.80
CA ASP A 180 -20.49 3.70 22.26
C ASP A 180 -21.32 4.57 23.20
N ASN A 181 -21.67 5.77 22.72
CA ASN A 181 -22.35 6.73 23.57
C ASN A 181 -23.87 6.54 23.65
N GLU A 182 -24.44 5.60 22.89
CA GLU A 182 -25.86 5.31 23.07
C GLU A 182 -26.11 4.21 24.10
N HIS A 183 -25.11 3.35 24.35
CA HIS A 183 -25.19 2.30 25.35
C HIS A 183 -26.39 1.38 25.10
N ARG A 184 -26.35 0.72 23.94
CA ARG A 184 -27.45 -0.13 23.52
C ARG A 184 -27.58 -1.36 24.43
N LEU A 185 -28.81 -1.81 24.60
CA LEU A 185 -29.11 -3.01 25.36
C LEU A 185 -29.39 -4.20 24.45
N THR A 186 -29.54 -3.97 23.15
CA THR A 186 -29.90 -5.00 22.19
C THR A 186 -28.82 -5.15 21.14
N ASP A 187 -28.70 -6.37 20.62
CA ASP A 187 -27.74 -6.69 19.58
C ASP A 187 -28.19 -7.94 18.86
N VAL A 188 -29.37 -7.91 18.24
CA VAL A 188 -29.96 -9.06 17.59
C VAL A 188 -29.87 -8.96 16.07
N GLY A 189 -29.05 -8.05 15.55
CA GLY A 189 -28.84 -7.98 14.12
C GLY A 189 -27.94 -9.08 13.60
N SER A 190 -27.85 -9.18 12.28
CA SER A 190 -27.03 -10.20 11.64
C SER A 190 -26.06 -9.59 10.63
N GLU A 213 -29.30 -4.18 12.44
CA GLU A 213 -28.84 -4.90 11.27
C GLU A 213 -27.43 -5.44 11.48
N THR A 214 -26.63 -4.68 12.22
CA THR A 214 -25.25 -5.07 12.53
C THR A 214 -25.18 -5.70 13.92
N ARG A 215 -24.32 -6.70 14.04
CA ARG A 215 -24.05 -7.35 15.33
C ARG A 215 -22.73 -6.81 15.85
N PHE A 216 -22.79 -6.08 16.96
CA PHE A 216 -21.63 -5.40 17.54
C PHE A 216 -20.88 -6.29 18.51
N TRP A 217 -21.58 -6.90 19.47
CA TRP A 217 -20.97 -7.73 20.50
C TRP A 217 -21.14 -9.19 20.11
N HIS A 218 -20.09 -9.75 19.49
CA HIS A 218 -20.11 -11.14 19.04
C HIS A 218 -19.81 -12.11 20.17
N GLY A 219 -20.59 -13.18 20.25
CA GLY A 219 -20.26 -14.29 21.14
C GLY A 219 -20.24 -13.88 22.60
N LYS A 220 -19.14 -14.22 23.27
CA LYS A 220 -19.02 -13.95 24.71
C LYS A 220 -18.80 -12.48 25.02
N ASP A 221 -18.62 -11.63 24.01
CA ASP A 221 -18.52 -10.19 24.25
C ASP A 221 -19.86 -9.60 24.67
N TYR A 222 -20.97 -10.30 24.38
CA TYR A 222 -22.30 -9.89 24.81
C TYR A 222 -22.54 -10.49 26.20
N CYS A 223 -22.43 -9.67 27.24
CA CYS A 223 -22.47 -10.16 28.60
C CYS A 223 -23.27 -9.22 29.49
N ASN A 224 -23.66 -9.74 30.66
CA ASN A 224 -24.40 -8.95 31.65
C ASN A 224 -23.94 -9.44 33.02
N PHE A 225 -23.12 -8.62 33.69
CA PHE A 225 -22.49 -8.95 34.96
C PHE A 225 -23.30 -8.47 36.17
N VAL A 226 -24.61 -8.30 36.03
CA VAL A 226 -25.46 -7.89 37.12
C VAL A 226 -26.66 -8.82 37.19
N PHE A 227 -26.87 -9.45 38.34
CA PHE A 227 -27.98 -10.37 38.57
C PHE A 227 -28.07 -11.47 37.52
N ASP A 239 -24.35 -20.20 33.27
CA ASP A 239 -25.43 -20.17 32.28
C ASP A 239 -25.23 -19.01 31.30
N PHE A 240 -24.82 -19.34 30.07
CA PHE A 240 -24.57 -18.30 29.07
C PHE A 240 -25.87 -17.55 28.77
N ILE A 241 -25.78 -16.22 28.88
CA ILE A 241 -26.98 -15.39 28.81
C ILE A 241 -27.61 -15.46 27.42
N ASP A 242 -28.94 -15.36 27.38
CA ASP A 242 -29.68 -15.45 26.14
C ASP A 242 -29.71 -14.06 25.50
N ARG A 243 -29.16 -13.96 24.29
CA ARG A 243 -29.11 -12.68 23.60
C ARG A 243 -30.48 -12.19 23.19
N TYR A 244 -31.45 -13.09 23.03
CA TYR A 244 -32.77 -12.75 22.53
C TYR A 244 -33.82 -12.62 23.61
N SER A 245 -33.48 -12.95 24.87
CA SER A 245 -34.40 -12.80 25.98
C SER A 245 -33.91 -11.83 27.05
N THR A 246 -32.60 -11.66 27.20
CA THR A 246 -32.03 -10.81 28.24
C THR A 246 -31.12 -9.74 27.63
N PRO A 247 -31.22 -8.50 28.08
CA PRO A 247 -30.34 -7.46 27.56
C PRO A 247 -28.94 -7.55 28.17
N ARG A 248 -28.01 -6.85 27.52
CA ARG A 248 -26.63 -6.78 27.97
C ARG A 248 -26.44 -5.59 28.90
N MET A 249 -25.37 -5.65 29.70
CA MET A 249 -25.07 -4.57 30.61
C MET A 249 -24.08 -3.62 29.95
N PRO A 250 -24.48 -2.40 29.59
CA PRO A 250 -23.58 -1.47 28.90
C PRO A 250 -22.37 -1.09 29.76
N TRP A 251 -21.32 -0.66 29.08
CA TRP A 251 -20.05 -0.32 29.71
C TRP A 251 -19.75 1.16 29.50
N HIS A 252 -19.78 1.92 30.58
CA HIS A 252 -19.42 3.32 30.58
C HIS A 252 -18.07 3.46 31.27
N ASP A 253 -17.05 3.89 30.53
CA ASP A 253 -15.69 3.92 31.04
C ASP A 253 -14.97 5.12 30.43
N ILE A 254 -13.82 5.47 31.02
CA ILE A 254 -13.02 6.60 30.61
C ILE A 254 -11.57 6.16 30.50
N ALA A 255 -10.91 6.57 29.42
CA ALA A 255 -9.49 6.29 29.22
C ALA A 255 -8.83 7.53 28.63
N SER A 256 -7.51 7.45 28.43
CA SER A 256 -6.74 8.57 27.92
C SER A 256 -5.49 8.06 27.21
N ALA A 257 -4.82 8.97 26.51
CA ALA A 257 -3.59 8.65 25.79
C ALA A 257 -2.60 9.79 25.97
N VAL A 258 -1.31 9.43 26.02
CA VAL A 258 -0.23 10.40 26.17
C VAL A 258 0.91 10.04 25.23
N HIS A 259 1.73 11.04 24.91
CA HIS A 259 2.84 10.88 23.98
C HIS A 259 4.13 11.36 24.61
N GLY A 260 5.22 11.13 23.88
CA GLY A 260 6.51 11.73 24.23
C GLY A 260 7.09 11.20 25.52
N LYS A 261 7.69 12.11 26.29
CA LYS A 261 8.35 11.74 27.53
C LYS A 261 7.37 11.21 28.56
N ALA A 262 6.10 11.63 28.48
CA ALA A 262 5.10 11.10 29.39
C ALA A 262 4.82 9.62 29.10
N ALA A 263 4.89 9.24 27.82
CA ALA A 263 4.75 7.83 27.47
C ALA A 263 5.96 7.03 27.93
N ARG A 264 7.15 7.64 27.95
CA ARG A 264 8.31 6.98 28.50
C ARG A 264 8.19 6.81 30.01
N ASP A 265 7.50 7.73 30.67
CA ASP A 265 7.23 7.59 32.10
C ASP A 265 6.35 6.38 32.34
N VAL A 266 5.32 6.20 31.51
CA VAL A 266 4.44 5.04 31.61
C VAL A 266 5.22 3.76 31.32
N ALA A 267 6.19 3.84 30.40
CA ALA A 267 7.00 2.67 30.08
C ALA A 267 7.90 2.27 31.25
N ARG A 268 8.51 3.25 31.93
CA ARG A 268 9.39 2.91 33.03
C ARG A 268 8.67 2.11 34.11
N HIS A 269 7.40 2.44 34.35
CA HIS A 269 6.61 1.65 35.28
C HIS A 269 6.46 0.21 34.79
N PHE A 270 6.24 0.04 33.48
CA PHE A 270 6.13 -1.30 32.92
C PHE A 270 7.45 -2.05 33.06
N ILE A 271 8.56 -1.38 32.74
CA ILE A 271 9.86 -2.04 32.79
C ILE A 271 10.21 -2.44 34.22
N GLN A 272 9.93 -1.58 35.20
CA GLN A 272 10.24 -1.93 36.58
C GLN A 272 9.47 -3.17 37.02
N ARG A 273 8.19 -3.26 36.67
CA ARG A 273 7.43 -4.44 37.09
C ARG A 273 7.83 -5.67 36.30
N TRP A 274 8.20 -5.52 35.02
CA TRP A 274 8.60 -6.68 34.23
C TRP A 274 9.90 -7.28 34.75
N ASN A 275 10.91 -6.44 34.96
CA ASN A 275 12.18 -6.95 35.50
C ASN A 275 12.00 -7.46 36.92
N PHE A 276 11.15 -6.81 37.71
CA PHE A 276 10.91 -7.27 39.07
C PHE A 276 10.24 -8.63 39.10
N THR A 277 9.22 -8.83 38.27
CA THR A 277 8.52 -10.11 38.26
C THR A 277 9.44 -11.24 37.77
N LYS A 278 10.33 -10.94 36.83
CA LYS A 278 11.27 -11.96 36.36
C LYS A 278 12.16 -12.47 37.48
N ILE A 279 12.67 -11.56 38.32
CA ILE A 279 13.54 -11.96 39.43
C ILE A 279 12.76 -12.80 40.43
N MET A 280 11.56 -12.34 40.79
CA MET A 280 10.74 -13.10 41.74
C MET A 280 10.37 -14.45 41.17
N LYS A 281 10.13 -14.53 39.86
CA LYS A 281 9.88 -15.82 39.24
C LYS A 281 11.12 -16.71 39.30
N SER A 282 12.31 -16.10 39.27
CA SER A 282 13.56 -16.87 39.22
C SER A 282 13.89 -17.51 40.55
N LYS A 283 13.26 -17.08 41.64
CA LYS A 283 13.40 -17.76 42.92
C LYS A 283 12.89 -19.20 42.88
N TYR A 284 12.16 -19.57 41.83
CA TYR A 284 11.62 -20.92 41.69
C TYR A 284 11.98 -21.61 40.38
N ARG A 285 12.26 -20.86 39.31
CA ARG A 285 12.63 -21.46 38.02
C ARG A 285 13.24 -20.38 37.13
N SER A 286 14.17 -20.79 36.28
CA SER A 286 14.82 -19.85 35.36
C SER A 286 13.89 -19.51 34.20
N LEU A 287 13.97 -18.27 33.73
CA LEU A 287 13.12 -17.78 32.66
C LEU A 287 13.92 -17.58 31.38
N SER A 288 13.33 -17.92 30.23
CA SER A 288 13.90 -17.60 28.93
C SER A 288 13.39 -16.28 28.37
N TYR A 289 13.06 -15.33 29.24
CA TYR A 289 12.63 -14.00 28.87
C TYR A 289 13.77 -13.02 29.01
N PRO A 290 13.71 -11.86 28.34
CA PRO A 290 14.79 -10.89 28.47
C PRO A 290 14.47 -9.80 29.47
N PHE A 291 15.47 -9.01 29.86
CA PHE A 291 15.23 -7.82 30.67
C PHE A 291 14.98 -6.64 29.75
N LEU A 292 14.05 -5.77 30.15
CA LEU A 292 13.69 -4.60 29.38
C LEU A 292 14.41 -3.36 29.85
N LEU A 293 14.62 -2.41 28.92
CA LEU A 293 15.35 -1.18 29.18
C LEU A 293 14.54 0.03 28.74
N PRO A 294 14.55 1.12 29.52
CA PRO A 294 13.86 2.34 29.11
C PRO A 294 14.56 3.02 27.94
N LYS A 295 13.77 3.66 27.08
CA LYS A 295 14.31 4.38 25.94
C LYS A 295 14.83 5.75 26.35
N SER A 296 15.79 6.26 25.57
CA SER A 296 16.54 7.45 25.93
C SER A 296 16.05 8.67 25.17
N GLN A 297 16.38 9.84 25.70
CA GLN A 297 15.91 11.10 25.17
C GLN A 297 16.62 11.46 23.86
N ARG A 304 7.49 10.66 17.02
CA ARG A 304 7.51 10.06 15.69
C ARG A 304 6.09 9.73 15.22
N TYR A 305 5.28 9.20 16.14
CA TYR A 305 3.89 8.91 15.89
C TYR A 305 2.99 9.75 16.79
N GLN A 306 1.87 10.19 16.25
CA GLN A 306 0.90 10.98 17.01
C GLN A 306 -0.50 10.47 16.68
N VAL A 307 -1.35 10.40 17.69
CA VAL A 307 -2.75 10.02 17.50
C VAL A 307 -3.52 11.28 17.12
N PRO A 308 -4.44 11.20 16.16
CA PRO A 308 -5.16 12.41 15.76
C PRO A 308 -6.11 12.89 16.85
N GLY A 309 -6.15 14.20 17.04
CA GLY A 309 -7.07 14.83 17.98
C GLY A 309 -6.51 15.13 19.35
N SER A 310 -5.21 14.96 19.57
CA SER A 310 -4.61 15.23 20.86
C SER A 310 -4.42 16.74 21.06
N VAL A 311 -4.19 17.14 22.31
CA VAL A 311 -4.02 18.54 22.65
C VAL A 311 -2.81 18.67 23.56
N HIS A 312 -2.22 19.87 23.55
CA HIS A 312 -1.05 20.14 24.38
C HIS A 312 -1.50 20.54 25.78
N ALA A 313 -0.89 19.94 26.80
CA ALA A 313 -1.22 20.24 28.20
C ALA A 313 -0.13 19.65 29.09
N ASN A 314 -0.22 20.00 30.38
CA ASN A 314 0.71 19.49 31.39
C ASN A 314 0.22 18.13 31.89
N VAL A 315 1.07 17.12 31.76
CA VAL A 315 0.73 15.73 32.07
C VAL A 315 1.72 15.21 33.10
N GLN A 316 1.19 14.52 34.11
CA GLN A 316 2.02 13.81 35.08
C GLN A 316 1.41 12.44 35.37
N LEU A 317 2.27 11.44 35.47
CA LEU A 317 1.83 10.07 35.71
C LEU A 317 1.81 9.75 37.19
N LEU A 318 0.80 8.99 37.61
CA LEU A 318 0.61 8.61 39.00
C LEU A 318 0.41 7.10 39.06
N ARG A 319 0.65 6.54 40.25
CA ARG A 319 0.53 5.09 40.38
C ARG A 319 0.36 4.71 41.83
N SER A 320 -0.12 3.47 42.02
CA SER A 320 -0.23 2.82 43.32
C SER A 320 0.62 1.56 43.24
N ALA A 321 1.81 1.58 43.84
CA ALA A 321 2.73 0.45 43.75
C ALA A 321 3.35 0.19 45.11
N ALA A 322 3.76 -1.06 45.33
CA ALA A 322 4.37 -1.47 46.59
C ALA A 322 5.50 -2.44 46.27
N ASP A 323 6.03 -3.08 47.32
CA ASP A 323 7.11 -4.04 47.13
C ASP A 323 6.61 -5.32 46.47
N TRP A 324 5.41 -5.77 46.85
CA TRP A 324 4.90 -7.04 46.32
C TRP A 324 4.57 -6.93 44.83
N SER A 325 4.22 -5.72 44.36
CA SER A 325 3.76 -5.52 43.00
C SER A 325 4.87 -5.05 42.06
N ALA A 326 5.57 -3.98 42.41
CA ALA A 326 6.61 -3.42 41.56
C ALA A 326 8.00 -3.54 42.16
N GLY A 327 8.14 -4.13 43.35
CA GLY A 327 9.43 -4.22 43.99
C GLY A 327 10.02 -2.90 44.42
N ILE A 328 9.19 -1.95 44.84
CA ILE A 328 9.66 -0.63 45.25
C ILE A 328 9.92 -0.63 46.74
N LYS A 329 10.91 0.15 47.16
CA LYS A 329 11.29 0.19 48.58
C LYS A 329 10.16 0.76 49.42
N TYR A 330 9.69 1.96 49.09
CA TYR A 330 8.61 2.62 49.80
C TYR A 330 7.39 2.70 48.89
N HIS A 331 6.23 2.29 49.41
CA HIS A 331 5.02 2.25 48.60
C HIS A 331 4.67 3.64 48.10
N GLU A 332 3.95 3.68 46.97
CA GLU A 332 3.60 4.91 46.31
C GLU A 332 2.08 5.00 46.18
N GLU A 333 1.53 6.15 46.58
CA GLU A 333 0.10 6.43 46.43
C GLU A 333 -0.09 7.82 45.86
N SER A 334 0.58 8.08 44.73
CA SER A 334 0.50 9.38 44.09
C SER A 334 -0.90 9.65 43.55
N ILE A 335 -1.61 8.61 43.11
CA ILE A 335 -2.98 8.78 42.66
C ILE A 335 -3.84 9.31 43.80
N HIS A 336 -3.64 8.76 45.00
CA HIS A 336 -4.43 9.17 46.16
C HIS A 336 -4.17 10.63 46.53
N ALA A 337 -2.90 11.02 46.59
CA ALA A 337 -2.57 12.39 46.98
C ALA A 337 -3.09 13.41 45.97
N ALA A 338 -3.08 13.04 44.68
CA ALA A 338 -3.56 13.96 43.65
C ALA A 338 -5.06 14.16 43.76
N TYR A 339 -5.79 13.08 44.06
CA TYR A 339 -7.24 13.19 44.25
C TYR A 339 -7.55 14.21 45.35
N VAL A 340 -6.84 14.12 46.47
CA VAL A 340 -7.06 15.06 47.57
C VAL A 340 -6.65 16.47 47.16
N HIS A 341 -5.51 16.61 46.46
CA HIS A 341 -5.03 17.95 46.11
C HIS A 341 -5.95 18.63 45.11
N VAL A 342 -6.38 17.90 44.08
CA VAL A 342 -7.25 18.49 43.08
C VAL A 342 -8.60 18.85 43.70
N ILE A 343 -9.06 18.02 44.64
CA ILE A 343 -10.30 18.32 45.33
C ILE A 343 -10.14 19.54 46.23
N GLU A 344 -9.01 19.61 46.97
CA GLU A 344 -8.80 20.71 47.90
C GLU A 344 -8.61 22.04 47.18
N ASN A 345 -7.93 22.05 46.04
CA ASN A 345 -7.66 23.27 45.31
C ASN A 345 -8.64 23.53 44.16
N SER A 346 -9.81 22.91 44.19
CA SER A 346 -10.84 23.19 43.20
C SER A 346 -11.59 24.46 43.59
N ARG A 347 -11.76 25.36 42.62
CA ARG A 347 -12.43 26.63 42.90
C ARG A 347 -13.92 26.62 42.60
N HIS A 348 -14.39 25.75 41.72
CA HIS A 348 -15.79 25.85 41.29
C HIS A 348 -16.59 24.56 41.38
N TYR A 349 -16.16 23.50 40.70
CA TYR A 349 -16.95 22.27 40.71
C TYR A 349 -16.03 21.07 40.66
N ILE A 350 -16.58 19.91 41.03
CA ILE A 350 -15.91 18.62 40.91
C ILE A 350 -16.87 17.63 40.25
N TYR A 351 -16.37 16.92 39.24
CA TYR A 351 -17.13 15.87 38.57
C TYR A 351 -16.48 14.54 38.89
N ILE A 352 -17.25 13.63 39.51
CA ILE A 352 -16.76 12.32 39.91
C ILE A 352 -17.50 11.27 39.12
N GLU A 353 -16.74 10.29 38.60
CA GLU A 353 -17.31 9.17 37.86
C GLU A 353 -16.47 7.95 38.22
N ASN A 354 -16.98 7.11 39.11
CA ASN A 354 -16.17 6.04 39.68
C ASN A 354 -16.99 4.77 39.83
N GLN A 355 -16.30 3.63 39.80
CA GLN A 355 -16.97 2.34 39.96
C GLN A 355 -17.37 2.09 41.41
N PHE A 356 -16.62 2.65 42.36
CA PHE A 356 -16.84 2.42 43.78
C PHE A 356 -16.67 3.74 44.51
N PHE A 357 -17.46 3.93 45.57
CA PHE A 357 -17.44 5.15 46.38
C PHE A 357 -17.25 4.69 47.83
N ILE A 358 -16.02 4.33 48.19
CA ILE A 358 -15.67 3.81 49.51
C ILE A 358 -14.62 4.73 50.10
N SER A 359 -15.05 5.66 50.95
CA SER A 359 -14.12 6.57 51.61
C SER A 359 -14.64 6.97 52.98
N CYS A 360 -14.41 8.22 53.38
CA CYS A 360 -14.75 8.72 54.71
C CYS A 360 -14.06 7.87 55.77
N ALA A 361 -12.78 8.16 56.02
CA ALA A 361 -11.95 7.28 56.83
C ALA A 361 -12.39 7.30 58.29
N ASP A 362 -12.34 6.13 58.92
CA ASP A 362 -12.53 6.00 60.35
C ASP A 362 -11.30 5.44 61.07
N ASP A 363 -10.21 5.20 60.34
CA ASP A 363 -8.95 4.67 60.89
C ASP A 363 -9.10 3.27 61.47
N LYS A 364 -10.18 2.56 61.12
CA LYS A 364 -10.33 1.17 61.51
C LYS A 364 -10.40 0.22 60.32
N VAL A 365 -11.26 0.51 59.34
CA VAL A 365 -11.38 -0.29 58.14
C VAL A 365 -11.14 0.51 56.87
N VAL A 366 -11.62 1.76 56.84
CA VAL A 366 -11.42 2.66 55.71
C VAL A 366 -10.38 3.71 56.08
N PHE A 367 -9.52 4.05 55.12
CA PHE A 367 -8.40 4.95 55.38
C PHE A 367 -8.19 6.05 54.35
N ASN A 368 -8.70 5.92 53.13
CA ASN A 368 -8.41 6.94 52.12
C ASN A 368 -9.19 8.21 52.43
N LYS A 369 -8.61 9.35 52.02
CA LYS A 369 -9.05 10.66 52.48
C LYS A 369 -9.90 11.40 51.46
N ILE A 370 -10.42 10.71 50.44
CA ILE A 370 -11.15 11.40 49.38
C ILE A 370 -12.53 11.84 49.89
N GLY A 371 -13.26 10.95 50.56
CA GLY A 371 -14.59 11.29 51.01
C GLY A 371 -14.58 12.38 52.06
N ASP A 372 -13.58 12.38 52.94
CA ASP A 372 -13.44 13.47 53.90
C ASP A 372 -13.09 14.77 53.21
N ALA A 373 -12.29 14.71 52.15
CA ALA A 373 -11.89 15.92 51.43
C ALA A 373 -13.07 16.56 50.71
N ILE A 374 -13.98 15.75 50.17
CA ILE A 374 -15.13 16.30 49.47
C ILE A 374 -16.05 17.04 50.44
N ALA A 375 -16.34 16.41 51.59
CA ALA A 375 -17.24 17.02 52.55
C ALA A 375 -16.63 18.28 53.17
N GLN A 376 -15.34 18.23 53.52
CA GLN A 376 -14.69 19.40 54.12
C GLN A 376 -14.56 20.55 53.13
N ARG A 377 -14.45 20.24 51.83
CA ARG A 377 -14.36 21.27 50.81
C ARG A 377 -15.70 21.98 50.62
N ILE A 378 -16.80 21.24 50.74
CA ILE A 378 -18.12 21.86 50.65
C ILE A 378 -18.36 22.78 51.83
N LEU A 379 -17.93 22.36 53.02
CA LEU A 379 -18.12 23.18 54.21
C LEU A 379 -17.40 24.52 54.07
N LYS A 380 -16.25 24.53 53.41
CA LYS A 380 -15.56 25.78 53.14
C LYS A 380 -16.36 26.64 52.18
N ALA A 381 -17.00 26.02 51.19
CA ALA A 381 -17.85 26.77 50.27
C ALA A 381 -19.06 27.35 50.98
N HIS A 382 -19.66 26.57 51.89
CA HIS A 382 -20.78 27.08 52.69
C HIS A 382 -20.33 28.21 53.59
N ARG A 383 -19.09 28.16 54.09
CA ARG A 383 -18.62 29.21 54.98
C ARG A 383 -18.33 30.50 54.21
N GLU A 384 -17.65 30.40 53.08
CA GLU A 384 -17.24 31.57 52.31
C GLU A 384 -18.27 32.00 51.29
N ASN A 385 -19.52 31.56 51.43
CA ASN A 385 -20.64 31.95 50.56
C ASN A 385 -20.35 31.62 49.09
N GLN A 386 -19.38 30.75 48.84
CA GLN A 386 -19.05 30.36 47.48
C GLN A 386 -20.14 29.46 46.90
N LYS A 387 -20.27 29.47 45.58
CA LYS A 387 -21.20 28.59 44.89
C LYS A 387 -20.42 27.40 44.36
N TYR A 388 -20.74 26.22 44.89
CA TYR A 388 -19.99 25.00 44.62
C TYR A 388 -20.94 23.88 44.24
N ARG A 389 -20.53 23.09 43.25
CA ARG A 389 -21.30 21.94 42.79
C ARG A 389 -20.39 20.73 42.71
N VAL A 390 -20.78 19.65 43.38
CA VAL A 390 -20.09 18.37 43.25
C VAL A 390 -21.00 17.43 42.46
N TYR A 391 -20.38 16.52 41.71
CA TYR A 391 -21.09 15.57 40.88
C TYR A 391 -20.49 14.20 41.10
N VAL A 392 -21.24 13.29 41.71
CA VAL A 392 -20.76 11.94 42.01
C VAL A 392 -21.62 10.96 41.21
N VAL A 393 -20.98 10.17 40.36
CA VAL A 393 -21.66 9.20 39.50
C VAL A 393 -21.06 7.82 39.75
N ILE A 394 -21.89 6.91 40.23
CA ILE A 394 -21.48 5.54 40.57
C ILE A 394 -22.55 4.58 40.09
N PRO A 395 -22.19 3.29 39.90
CA PRO A 395 -23.19 2.32 39.44
C PRO A 395 -24.29 2.12 40.47
N LEU A 396 -25.50 1.85 39.98
CA LEU A 396 -26.62 1.60 40.88
C LEU A 396 -26.39 0.35 41.72
N LEU A 397 -25.59 -0.59 41.22
CA LEU A 397 -25.23 -1.81 41.93
C LEU A 397 -23.80 -2.17 41.55
N PRO A 398 -23.06 -2.79 42.47
CA PRO A 398 -21.71 -3.27 42.11
C PRO A 398 -21.80 -4.40 41.09
N GLY A 399 -20.71 -4.55 40.34
CA GLY A 399 -20.66 -5.55 39.28
C GLY A 399 -20.27 -6.93 39.74
N PHE A 400 -21.21 -7.66 40.34
CA PHE A 400 -20.97 -9.01 40.80
C PHE A 400 -22.18 -9.89 40.47
N GLU A 401 -21.92 -11.19 40.34
CA GLU A 401 -22.97 -12.17 40.03
C GLU A 401 -23.96 -12.29 41.17
N GLY A 407 -29.67 -8.76 48.51
CA GLY A 407 -29.30 -9.84 47.61
C GLY A 407 -28.71 -11.03 48.32
N GLY A 408 -28.27 -12.02 47.55
CA GLY A 408 -27.67 -13.21 48.11
C GLY A 408 -26.22 -13.38 47.71
N GLY A 409 -25.44 -12.30 47.78
CA GLY A 409 -24.04 -12.35 47.43
C GLY A 409 -23.18 -11.82 48.57
N ASN A 410 -21.89 -12.13 48.49
CA ASN A 410 -20.95 -11.75 49.53
C ASN A 410 -20.18 -10.48 49.21
N ALA A 411 -19.77 -10.29 47.97
CA ALA A 411 -19.07 -9.06 47.58
C ALA A 411 -20.05 -7.92 47.32
N LEU A 412 -21.25 -8.23 46.84
CA LEU A 412 -22.23 -7.19 46.56
C LEU A 412 -22.72 -6.52 47.84
N GLN A 413 -23.09 -7.32 48.84
CA GLN A 413 -23.61 -6.76 50.08
C GLN A 413 -22.54 -5.95 50.81
N ALA A 414 -21.29 -6.40 50.79
CA ALA A 414 -20.22 -5.67 51.44
C ALA A 414 -19.93 -4.36 50.73
N ILE A 415 -19.92 -4.37 49.40
CA ILE A 415 -19.56 -3.16 48.67
C ILE A 415 -20.70 -2.16 48.66
N MET A 416 -21.95 -2.63 48.63
CA MET A 416 -23.07 -1.71 48.79
C MET A 416 -23.05 -1.05 50.16
N HIS A 417 -22.65 -1.81 51.20
CA HIS A 417 -22.64 -1.25 52.55
C HIS A 417 -21.62 -0.12 52.67
N PHE A 418 -20.36 -0.38 52.28
CA PHE A 418 -19.33 0.62 52.43
C PHE A 418 -19.51 1.79 51.45
N ASN A 419 -20.24 1.58 50.36
CA ASN A 419 -20.61 2.69 49.49
C ASN A 419 -21.63 3.59 50.17
N TYR A 420 -22.68 3.00 50.71
CA TYR A 420 -23.69 3.78 51.43
C TYR A 420 -23.10 4.42 52.67
N ARG A 421 -22.14 3.75 53.32
CA ARG A 421 -21.48 4.33 54.48
C ARG A 421 -20.76 5.62 54.10
N THR A 422 -20.18 5.67 52.91
CA THR A 422 -19.51 6.88 52.46
C THR A 422 -20.51 7.97 52.07
N MET A 423 -21.65 7.57 51.51
CA MET A 423 -22.57 8.51 50.88
C MET A 423 -23.54 9.15 51.86
N CYS A 424 -24.28 8.34 52.63
CA CYS A 424 -25.38 8.85 53.44
C CYS A 424 -25.60 8.15 54.77
N ARG A 425 -25.08 6.95 54.99
CA ARG A 425 -25.41 6.18 56.20
C ARG A 425 -24.26 6.33 57.20
N GLY A 426 -24.49 7.09 58.25
CA GLY A 426 -23.52 7.26 59.32
C GLY A 426 -23.26 8.73 59.61
N GLU A 427 -22.63 8.95 60.77
CA GLU A 427 -22.18 10.29 61.14
C GLU A 427 -20.86 10.64 60.46
N ASN A 428 -20.07 9.66 60.07
CA ASN A 428 -18.82 9.88 59.34
C ASN A 428 -19.03 9.96 57.84
N SER A 429 -20.25 9.73 57.34
CA SER A 429 -20.54 9.82 55.92
C SER A 429 -20.46 11.27 55.44
N ILE A 430 -20.51 11.44 54.12
CA ILE A 430 -20.43 12.77 53.53
C ILE A 430 -21.62 13.62 53.98
N LEU A 431 -22.83 13.14 53.71
CA LEU A 431 -24.01 13.90 54.10
C LEU A 431 -24.12 14.03 55.62
N GLY A 432 -23.58 13.06 56.36
CA GLY A 432 -23.55 13.19 57.81
C GLY A 432 -22.70 14.37 58.25
N GLN A 433 -21.50 14.50 57.67
CA GLN A 433 -20.68 15.66 57.95
C GLN A 433 -21.32 16.95 57.45
N LEU A 434 -22.10 16.86 56.37
CA LEU A 434 -22.74 18.05 55.83
C LEU A 434 -23.95 18.46 56.67
N LYS A 435 -24.86 17.52 56.92
CA LYS A 435 -26.09 17.83 57.66
C LYS A 435 -25.79 18.35 59.06
N ALA A 436 -24.68 17.91 59.66
CA ALA A 436 -24.34 18.32 61.02
C ALA A 436 -24.07 19.81 61.15
N GLU A 437 -23.98 20.54 60.04
CA GLU A 437 -23.75 21.98 60.09
C GLU A 437 -24.62 22.79 59.13
N LEU A 438 -25.11 22.23 58.03
CA LEU A 438 -25.97 22.96 57.12
C LEU A 438 -27.33 22.29 56.91
N GLY A 439 -27.58 21.16 57.56
CA GLY A 439 -28.91 20.57 57.50
C GLY A 439 -29.27 20.07 56.12
N ASN A 440 -30.53 20.27 55.75
CA ASN A 440 -31.05 19.78 54.47
C ASN A 440 -30.55 20.58 53.28
N GLN A 441 -29.74 21.62 53.49
CA GLN A 441 -29.24 22.44 52.40
C GLN A 441 -27.95 21.91 51.80
N TRP A 442 -27.70 20.60 51.92
CA TRP A 442 -26.65 19.96 51.16
C TRP A 442 -27.06 19.74 49.71
N ILE A 443 -28.35 19.85 49.41
CA ILE A 443 -28.86 19.62 48.07
C ILE A 443 -28.29 20.65 47.09
N ASN A 444 -27.93 21.83 47.58
CA ASN A 444 -27.40 22.89 46.72
C ASN A 444 -25.94 22.69 46.35
N TYR A 445 -25.27 21.66 46.86
CA TYR A 445 -23.84 21.50 46.64
C TYR A 445 -23.45 20.17 46.01
N ILE A 446 -24.02 19.06 46.46
CA ILE A 446 -23.59 17.74 46.00
C ILE A 446 -24.79 17.00 45.43
N SER A 447 -24.51 16.10 44.50
CA SER A 447 -25.55 15.29 43.86
C SER A 447 -24.99 13.92 43.52
N PHE A 448 -25.69 12.87 43.94
CA PHE A 448 -25.32 11.49 43.67
C PHE A 448 -26.30 10.90 42.67
N CYS A 449 -25.77 10.28 41.62
CA CYS A 449 -26.60 9.77 40.54
C CYS A 449 -26.08 8.42 40.09
N GLY A 450 -26.90 7.74 39.28
CA GLY A 450 -26.52 6.52 38.61
C GLY A 450 -26.99 6.57 37.17
N LEU A 451 -26.67 5.51 36.42
CA LEU A 451 -27.03 5.41 35.01
C LEU A 451 -28.02 4.28 34.80
N ARG A 452 -28.97 4.51 33.90
CA ARG A 452 -29.95 3.49 33.54
C ARG A 452 -30.56 3.84 32.19
N THR A 453 -30.94 2.81 31.44
CA THR A 453 -31.53 2.97 30.13
C THR A 453 -32.56 1.87 29.90
N HIS A 454 -33.31 2.01 28.81
CA HIS A 454 -34.37 1.07 28.47
C HIS A 454 -34.27 0.73 26.99
N ALA A 455 -35.00 -0.30 26.57
CA ALA A 455 -34.99 -0.72 25.18
C ALA A 455 -36.17 -1.65 24.94
N GLU A 456 -36.41 -1.94 23.66
CA GLU A 456 -37.46 -2.84 23.21
C GLU A 456 -36.79 -4.08 22.62
N LEU A 457 -36.97 -5.23 23.27
CA LEU A 457 -36.34 -6.48 22.86
C LEU A 457 -37.39 -7.56 22.61
N GLU A 458 -37.23 -8.26 21.48
CA GLU A 458 -38.07 -9.41 21.09
C GLU A 458 -39.57 -9.12 21.22
N GLY A 459 -39.95 -7.85 21.36
CA GLY A 459 -41.32 -7.45 21.55
C GLY A 459 -41.72 -7.13 22.97
N ASN A 460 -40.78 -7.21 23.92
CA ASN A 460 -41.04 -6.91 25.31
C ASN A 460 -40.08 -5.82 25.80
N LEU A 461 -40.63 -4.87 26.56
CA LEU A 461 -39.82 -3.78 27.09
C LEU A 461 -38.94 -4.26 28.24
N VAL A 462 -37.64 -4.00 28.13
CA VAL A 462 -36.67 -4.42 29.14
C VAL A 462 -35.81 -3.22 29.53
N THR A 463 -35.20 -3.33 30.71
CA THR A 463 -34.33 -2.27 31.22
C THR A 463 -33.14 -2.91 31.93
N GLU A 464 -32.02 -2.20 31.92
CA GLU A 464 -30.83 -2.61 32.65
C GLU A 464 -30.03 -1.36 33.00
N LEU A 465 -29.36 -1.41 34.15
CA LEU A 465 -28.52 -0.30 34.55
C LEU A 465 -27.25 -0.26 33.71
N ILE A 466 -26.68 0.93 33.57
CA ILE A 466 -25.42 1.11 32.86
C ILE A 466 -24.31 1.15 33.90
N TYR A 467 -23.38 0.20 33.80
CA TYR A 467 -22.29 0.09 34.75
C TYR A 467 -21.24 1.14 34.42
N VAL A 468 -21.09 2.13 35.29
CA VAL A 468 -20.05 3.13 35.13
C VAL A 468 -18.79 2.59 35.81
N HIS A 469 -17.88 2.08 34.99
CA HIS A 469 -16.60 1.55 35.44
C HIS A 469 -15.47 2.57 35.32
N SER A 470 -15.78 3.77 34.84
CA SER A 470 -14.78 4.81 34.69
C SER A 470 -14.23 5.21 36.05
N LYS A 471 -12.96 5.62 36.05
CA LYS A 471 -12.29 6.19 37.22
C LYS A 471 -11.85 7.58 36.79
N LEU A 472 -12.74 8.56 36.95
CA LEU A 472 -12.54 9.88 36.38
C LEU A 472 -12.78 10.95 37.44
N LEU A 473 -11.98 12.00 37.38
CA LEU A 473 -12.14 13.19 38.22
C LEU A 473 -11.88 14.41 37.34
N ILE A 474 -12.79 15.39 37.40
CA ILE A 474 -12.65 16.65 36.67
C ILE A 474 -12.87 17.78 37.65
N ALA A 475 -12.13 18.88 37.48
CA ALA A 475 -12.25 20.02 38.37
C ALA A 475 -12.03 21.31 37.60
N ASP A 476 -12.96 22.25 37.75
CA ASP A 476 -12.81 23.64 37.33
C ASP A 476 -12.54 23.80 35.84
N ASP A 477 -12.81 22.78 35.03
CA ASP A 477 -12.52 22.82 33.59
C ASP A 477 -11.05 23.10 33.29
N ASN A 478 -10.17 22.72 34.20
CA ASN A 478 -8.74 22.84 34.01
C ASN A 478 -7.98 21.57 34.38
N THR A 479 -8.41 20.85 35.42
CA THR A 479 -7.69 19.68 35.89
C THR A 479 -8.53 18.42 35.68
N VAL A 480 -7.89 17.35 35.19
CA VAL A 480 -8.54 16.07 34.93
C VAL A 480 -7.61 14.95 35.39
N ILE A 481 -8.20 13.94 36.05
CA ILE A 481 -7.48 12.73 36.44
C ILE A 481 -8.21 11.52 35.87
N ILE A 482 -7.52 10.77 35.02
CA ILE A 482 -8.05 9.57 34.37
C ILE A 482 -7.14 8.40 34.72
N GLY A 483 -7.72 7.28 35.11
CA GLY A 483 -6.92 6.13 35.46
C GLY A 483 -7.75 4.90 35.66
N SER A 484 -7.16 3.94 36.37
CA SER A 484 -7.81 2.68 36.69
C SER A 484 -8.11 2.53 38.17
N ALA A 485 -7.78 3.53 38.98
CA ALA A 485 -7.92 3.43 40.43
C ALA A 485 -9.33 3.83 40.84
N ASN A 486 -10.03 2.91 41.50
CA ASN A 486 -11.33 3.21 42.08
C ASN A 486 -11.15 4.08 43.33
N ILE A 487 -12.26 4.63 43.81
CA ILE A 487 -12.27 5.36 45.09
C ILE A 487 -12.52 4.30 46.17
N ASN A 488 -11.46 3.63 46.57
CA ASN A 488 -11.49 2.69 47.67
C ASN A 488 -10.07 2.50 48.19
N ASP A 489 -9.97 1.87 49.36
CA ASP A 489 -8.64 1.62 49.93
C ASP A 489 -7.85 0.67 49.06
N ARG A 490 -8.53 -0.24 48.36
CA ARG A 490 -7.85 -1.19 47.48
C ARG A 490 -7.04 -0.47 46.42
N SER A 491 -7.58 0.60 45.85
CA SER A 491 -6.92 1.30 44.75
C SER A 491 -6.10 2.49 45.20
N MET A 492 -6.46 3.14 46.31
CA MET A 492 -5.84 4.40 46.68
C MET A 492 -4.68 4.26 47.64
N LEU A 493 -4.69 3.26 48.52
CA LEU A 493 -3.64 3.19 49.55
C LEU A 493 -2.27 2.95 48.95
N GLY A 494 -2.19 2.33 47.78
CA GLY A 494 -0.93 2.08 47.11
C GLY A 494 -0.31 0.75 47.48
N LYS A 495 -0.33 0.43 48.77
CA LYS A 495 0.16 -0.86 49.24
C LYS A 495 -0.81 -1.99 48.95
N ARG A 496 -2.01 -1.68 48.47
CA ARG A 496 -3.02 -2.70 48.19
C ARG A 496 -2.97 -3.09 46.71
N ASP A 497 -4.03 -2.78 45.96
CA ASP A 497 -4.04 -3.05 44.53
C ASP A 497 -3.08 -2.12 43.80
N SER A 498 -2.50 -2.62 42.71
CA SER A 498 -1.61 -1.82 41.89
C SER A 498 -2.42 -1.11 40.81
N GLU A 499 -2.35 0.22 40.81
CA GLU A 499 -3.11 1.04 39.89
C GLU A 499 -2.18 2.03 39.21
N MET A 500 -2.71 2.68 38.16
CA MET A 500 -2.00 3.73 37.45
C MET A 500 -3.02 4.74 36.92
N ALA A 501 -2.68 6.01 37.04
CA ALA A 501 -3.54 7.09 36.61
C ALA A 501 -2.69 8.22 36.03
N VAL A 502 -3.36 9.21 35.46
CA VAL A 502 -2.68 10.37 34.87
C VAL A 502 -3.47 11.63 35.23
N ILE A 503 -2.76 12.70 35.59
CA ILE A 503 -3.35 13.99 35.85
C ILE A 503 -2.94 14.92 34.71
N VAL A 504 -3.93 15.63 34.14
CA VAL A 504 -3.70 16.51 33.01
C VAL A 504 -4.21 17.88 33.41
N GLN A 505 -3.29 18.84 33.52
CA GLN A 505 -3.63 20.23 33.76
C GLN A 505 -3.50 21.02 32.46
N ASP A 506 -4.48 21.88 32.21
CA ASP A 506 -4.63 22.52 30.91
C ASP A 506 -3.86 23.83 30.86
N THR A 507 -3.22 24.09 29.71
CA THR A 507 -2.52 25.33 29.46
C THR A 507 -3.15 26.18 28.36
N GLU A 508 -3.80 25.56 27.38
CA GLU A 508 -4.53 26.30 26.35
C GLU A 508 -5.93 26.61 26.86
N THR A 509 -6.35 27.87 26.72
CA THR A 509 -7.63 28.32 27.24
C THR A 509 -8.60 28.53 26.09
N VAL A 510 -9.88 28.28 26.39
CA VAL A 510 -10.96 28.51 25.43
C VAL A 510 -12.04 29.30 26.16
N PRO A 511 -12.72 30.24 25.50
CA PRO A 511 -13.78 30.99 26.18
C PRO A 511 -14.94 30.09 26.59
N SER A 512 -15.35 30.22 27.84
CA SER A 512 -16.41 29.40 28.39
C SER A 512 -17.19 30.23 29.40
N VAL A 513 -18.20 29.61 30.01
CA VAL A 513 -19.03 30.24 31.01
C VAL A 513 -18.93 29.45 32.31
N MET A 514 -18.87 30.16 33.43
CA MET A 514 -18.90 29.55 34.74
C MET A 514 -19.48 30.54 35.73
N ASP A 515 -20.56 30.15 36.41
CA ASP A 515 -21.31 31.04 37.31
C ASP A 515 -21.82 32.26 36.53
N GLY A 516 -22.22 32.05 35.28
CA GLY A 516 -22.79 33.09 34.46
C GLY A 516 -21.81 34.08 33.87
N LYS A 517 -20.60 34.18 34.43
CA LYS A 517 -19.61 35.15 33.98
C LYS A 517 -18.73 34.54 32.90
N GLU A 518 -17.78 35.33 32.40
CA GLU A 518 -16.88 34.88 31.35
C GLU A 518 -15.73 34.09 31.99
N TYR A 519 -15.54 32.85 31.52
CA TYR A 519 -14.52 31.96 32.05
C TYR A 519 -13.62 31.47 30.93
N GLN A 520 -12.31 31.52 31.16
CA GLN A 520 -11.33 30.95 30.22
C GLN A 520 -11.01 29.53 30.69
N ALA A 521 -11.67 28.56 30.08
CA ALA A 521 -11.52 27.16 30.43
C ALA A 521 -10.57 26.45 29.46
N GLY A 522 -9.89 25.43 29.98
CA GLY A 522 -8.98 24.67 29.15
C GLY A 522 -9.70 23.83 28.11
N ARG A 523 -8.95 23.49 27.05
CA ARG A 523 -9.52 22.72 25.95
C ARG A 523 -9.69 21.24 26.33
N PHE A 524 -8.72 20.67 27.04
CA PHE A 524 -8.78 19.26 27.41
C PHE A 524 -9.90 19.01 28.40
N ALA A 525 -9.96 19.80 29.47
CA ALA A 525 -10.90 19.51 30.55
C ALA A 525 -12.33 19.89 30.17
N ARG A 526 -12.54 21.12 29.66
CA ARG A 526 -13.88 21.52 29.28
C ARG A 526 -14.42 20.65 28.15
N GLY A 527 -13.56 20.24 27.23
CA GLY A 527 -13.99 19.32 26.18
C GLY A 527 -14.42 17.97 26.74
N LEU A 528 -13.72 17.49 27.77
CA LEU A 528 -14.10 16.22 28.38
C LEU A 528 -15.39 16.36 29.19
N ARG A 529 -15.54 17.46 29.93
CA ARG A 529 -16.75 17.67 30.70
C ARG A 529 -17.97 17.82 29.78
N LEU A 530 -17.81 18.60 28.71
CA LEU A 530 -18.90 18.77 27.75
C LEU A 530 -19.34 17.42 27.18
N GLN A 531 -18.38 16.61 26.74
CA GLN A 531 -18.72 15.29 26.23
C GLN A 531 -19.33 14.41 27.31
N CYS A 532 -18.79 14.48 28.52
CA CYS A 532 -19.37 13.73 29.64
C CYS A 532 -20.80 14.18 29.93
N PHE A 533 -21.03 15.49 29.96
CA PHE A 533 -22.37 16.01 30.25
C PHE A 533 -23.37 15.60 29.17
N ARG A 534 -22.96 15.64 27.90
CA ARG A 534 -23.88 15.33 26.81
C ARG A 534 -24.37 13.89 26.88
N VAL A 535 -23.49 12.95 27.21
CA VAL A 535 -23.86 11.54 27.21
C VAL A 535 -24.92 11.25 28.28
N VAL A 536 -24.65 11.68 29.52
CA VAL A 536 -25.54 11.31 30.62
C VAL A 536 -26.83 12.13 30.61
N LEU A 537 -26.80 13.36 30.07
CA LEU A 537 -27.93 14.25 30.13
C LEU A 537 -28.80 14.21 28.87
N GLY A 538 -28.38 13.49 27.84
CA GLY A 538 -29.16 13.38 26.62
C GLY A 538 -29.15 14.58 25.71
N TYR A 539 -28.09 15.40 25.74
CA TYR A 539 -27.93 16.51 24.82
C TYR A 539 -26.93 16.20 23.71
N LEU A 540 -26.70 14.92 23.42
CA LEU A 540 -25.72 14.53 22.41
C LEU A 540 -26.32 14.59 21.02
N ASP A 541 -25.55 15.12 20.07
CA ASP A 541 -26.04 15.48 18.75
C ASP A 541 -27.30 16.34 18.87
N ASP A 542 -27.14 17.44 19.59
CA ASP A 542 -28.24 18.28 20.00
C ASP A 542 -27.72 19.69 20.16
N PRO A 543 -28.59 20.70 20.29
CA PRO A 543 -28.10 22.08 20.47
C PRO A 543 -27.11 22.25 21.61
N SER A 544 -27.28 21.53 22.71
CA SER A 544 -26.37 21.60 23.85
C SER A 544 -26.21 23.04 24.35
N GLU A 545 -27.35 23.69 24.59
CA GLU A 545 -27.37 25.11 24.88
C GLU A 545 -27.35 25.42 26.38
N ASP A 546 -27.97 24.57 27.20
CA ASP A 546 -28.03 24.79 28.64
C ASP A 546 -26.78 24.34 29.39
N ILE A 547 -26.02 23.41 28.83
CA ILE A 547 -24.96 22.72 29.58
C ILE A 547 -23.60 23.41 29.49
N GLN A 548 -23.54 24.59 28.89
CA GLN A 548 -22.24 25.27 28.77
C GLN A 548 -21.68 25.65 30.16
N ASP A 549 -22.54 26.17 31.05
CA ASP A 549 -22.13 26.55 32.38
C ASP A 549 -22.44 25.42 33.35
N PRO A 550 -21.44 24.82 34.02
CA PRO A 550 -21.73 23.66 34.88
C PRO A 550 -22.11 24.04 36.30
N VAL A 551 -21.70 25.23 36.74
CA VAL A 551 -21.95 25.65 38.12
C VAL A 551 -23.24 26.45 38.25
N SER A 552 -23.79 26.98 37.15
CA SER A 552 -24.93 27.88 37.21
C SER A 552 -26.08 27.27 37.99
N ASP A 553 -26.82 28.13 38.69
CA ASP A 553 -28.02 27.68 39.39
C ASP A 553 -29.06 27.15 38.42
N LYS A 554 -29.06 27.65 37.18
CA LYS A 554 -30.00 27.15 36.17
C LYS A 554 -29.63 25.74 35.72
N PHE A 555 -28.34 25.47 35.52
CA PHE A 555 -27.95 24.15 35.05
C PHE A 555 -28.03 23.10 36.16
N PHE A 556 -27.51 23.43 37.35
CA PHE A 556 -27.46 22.46 38.43
C PHE A 556 -28.86 22.04 38.85
N LYS A 557 -29.73 23.01 39.14
CA LYS A 557 -31.03 22.68 39.71
C LYS A 557 -32.04 22.28 38.64
N GLU A 558 -32.07 22.99 37.51
CA GLU A 558 -33.10 22.76 36.51
C GLU A 558 -32.71 21.73 35.46
N VAL A 559 -31.44 21.38 35.34
CA VAL A 559 -31.04 20.43 34.30
C VAL A 559 -30.52 19.15 34.92
N TRP A 560 -29.49 19.25 35.76
CA TRP A 560 -28.85 18.04 36.28
C TRP A 560 -29.76 17.32 37.26
N VAL A 561 -30.16 17.98 38.34
CA VAL A 561 -30.98 17.32 39.35
C VAL A 561 -32.37 17.06 38.83
N SER A 562 -32.87 17.91 37.93
CA SER A 562 -34.22 17.71 37.38
C SER A 562 -34.26 16.50 36.46
N THR A 563 -33.28 16.38 35.57
CA THR A 563 -33.24 15.21 34.69
C THR A 563 -32.99 13.94 35.48
N ALA A 564 -32.12 13.98 36.49
CA ALA A 564 -31.82 12.79 37.27
C ALA A 564 -33.03 12.35 38.09
N ALA A 565 -33.79 13.29 38.65
CA ALA A 565 -34.94 12.92 39.46
C ALA A 565 -36.08 12.39 38.60
N ARG A 566 -36.32 13.02 37.45
CA ARG A 566 -37.43 12.62 36.59
C ARG A 566 -37.24 11.21 36.05
N ASN A 567 -36.04 10.90 35.54
CA ASN A 567 -35.79 9.59 34.96
C ASN A 567 -35.92 8.48 35.98
N ALA A 568 -35.45 8.72 37.21
CA ALA A 568 -35.50 7.69 38.24
C ALA A 568 -36.94 7.32 38.58
N THR A 569 -37.84 8.31 38.60
CA THR A 569 -39.24 8.03 38.89
C THR A 569 -39.94 7.33 37.74
N ILE A 570 -39.58 7.70 36.49
CA ILE A 570 -40.23 7.08 35.33
C ILE A 570 -39.89 5.59 35.27
N TYR A 571 -38.62 5.25 35.48
CA TYR A 571 -38.24 3.84 35.46
C TYR A 571 -38.89 3.08 36.61
N ASP A 572 -39.03 3.72 37.77
CA ASP A 572 -39.67 3.06 38.90
C ASP A 572 -41.16 2.86 38.64
N LYS A 573 -41.81 3.81 37.95
CA LYS A 573 -43.22 3.66 37.61
C LYS A 573 -43.43 2.68 36.46
N VAL A 574 -42.56 2.71 35.46
CA VAL A 574 -42.74 1.87 34.28
C VAL A 574 -42.23 0.45 34.53
N PHE A 575 -41.01 0.32 35.07
CA PHE A 575 -40.37 -0.98 35.15
C PHE A 575 -40.38 -1.59 36.55
N ARG A 576 -40.61 -0.81 37.60
CA ARG A 576 -40.59 -1.32 38.97
C ARG A 576 -39.24 -1.96 39.28
N CYS A 577 -38.17 -1.31 38.84
CA CYS A 577 -36.82 -1.85 38.88
C CYS A 577 -36.15 -1.59 40.23
N LEU A 578 -35.01 -2.25 40.43
CA LEU A 578 -34.14 -2.25 41.60
C LEU A 578 -32.75 -1.74 41.21
N PRO A 579 -32.12 -0.89 42.04
CA PRO A 579 -32.48 -0.52 43.41
C PRO A 579 -33.56 0.55 43.55
N ASN A 580 -34.40 0.37 44.55
CA ASN A 580 -35.41 1.34 44.94
C ASN A 580 -35.16 1.84 46.34
N ASP A 581 -35.34 3.13 46.55
CA ASP A 581 -35.31 3.68 47.90
C ASP A 581 -36.61 3.41 48.67
N GLU A 582 -37.57 2.72 48.05
CA GLU A 582 -38.80 2.32 48.70
C GLU A 582 -38.73 0.91 49.28
N VAL A 583 -37.65 0.18 49.03
CA VAL A 583 -37.47 -1.18 49.53
C VAL A 583 -36.33 -1.13 50.55
N HIS A 584 -36.67 -1.41 51.81
CA HIS A 584 -35.71 -1.29 52.91
C HIS A 584 -35.29 -2.62 53.50
N ASN A 585 -35.85 -3.74 53.02
CA ASN A 585 -35.56 -5.03 53.61
C ASN A 585 -35.60 -6.10 52.52
N LEU A 586 -34.91 -7.22 52.77
CA LEU A 586 -34.96 -8.34 51.83
C LEU A 586 -36.36 -8.95 51.75
N ILE A 587 -37.11 -8.94 52.85
CA ILE A 587 -38.49 -9.41 52.79
C ILE A 587 -39.34 -8.48 51.93
N GLN A 588 -39.09 -7.18 52.03
CA GLN A 588 -39.78 -6.22 51.17
C GLN A 588 -39.39 -6.41 49.70
N LEU A 589 -38.20 -6.95 49.44
CA LEU A 589 -37.77 -7.15 48.06
C LEU A 589 -38.61 -8.20 47.35
N ARG A 590 -38.91 -9.31 48.03
CA ARG A 590 -39.65 -10.40 47.39
C ARG A 590 -41.08 -10.01 47.03
N ASP A 591 -41.72 -9.18 47.85
CA ASP A 591 -43.08 -8.74 47.56
C ASP A 591 -43.09 -7.69 46.45
N PHE A 592 -42.05 -6.86 46.39
CA PHE A 592 -42.04 -5.75 45.44
C PHE A 592 -41.97 -6.24 43.99
N ILE A 593 -41.22 -7.32 43.76
CA ILE A 593 -41.01 -7.81 42.40
C ILE A 593 -42.10 -8.79 41.94
N ASN A 594 -42.84 -9.38 42.87
CA ASN A 594 -43.95 -10.26 42.53
C ASN A 594 -45.26 -9.51 42.29
N LYS A 595 -45.19 -8.18 42.23
CA LYS A 595 -46.22 -7.18 41.95
C LYS A 595 -46.29 -6.92 40.46
N PRO A 596 -47.47 -6.54 39.95
CA PRO A 596 -47.60 -6.32 38.51
C PRO A 596 -46.69 -5.20 38.03
N VAL A 597 -46.13 -5.36 36.83
CA VAL A 597 -45.24 -4.38 36.24
C VAL A 597 -46.01 -3.59 35.19
N LEU A 598 -45.77 -2.28 35.15
CA LEU A 598 -46.47 -1.42 34.19
C LEU A 598 -45.98 -1.64 32.77
N ALA A 599 -44.69 -1.99 32.59
CA ALA A 599 -44.14 -2.14 31.26
C ALA A 599 -44.71 -3.35 30.52
N LYS A 600 -45.17 -4.36 31.24
CA LYS A 600 -45.72 -5.56 30.61
C LYS A 600 -47.23 -5.51 30.47
N GLU A 601 -47.94 -4.97 31.46
CA GLU A 601 -49.40 -5.01 31.42
C GLU A 601 -49.99 -3.89 30.56
N ASP A 602 -49.28 -2.78 30.42
CA ASP A 602 -49.73 -1.66 29.59
C ASP A 602 -48.55 -1.17 28.76
N PRO A 603 -48.17 -1.90 27.72
CA PRO A 603 -47.00 -1.50 26.92
C PRO A 603 -47.19 -0.18 26.18
N ILE A 604 -48.40 0.10 25.71
CA ILE A 604 -48.64 1.34 24.97
C ILE A 604 -48.44 2.55 25.89
N ARG A 605 -48.96 2.47 27.12
CA ARG A 605 -48.76 3.54 28.08
C ARG A 605 -47.30 3.63 28.50
N ALA A 606 -46.62 2.50 28.63
CA ALA A 606 -45.21 2.51 29.03
C ALA A 606 -44.34 3.13 27.96
N GLU A 607 -44.54 2.75 26.70
CA GLU A 607 -43.74 3.29 25.61
C GLU A 607 -43.91 4.80 25.49
N GLU A 608 -45.15 5.29 25.64
CA GLU A 608 -45.37 6.73 25.59
C GLU A 608 -44.77 7.44 26.79
N GLU A 609 -44.81 6.81 27.97
CA GLU A 609 -44.19 7.41 29.15
C GLU A 609 -42.67 7.35 29.08
N LEU A 610 -42.12 6.28 28.51
CA LEU A 610 -40.67 6.17 28.39
C LEU A 610 -40.08 7.21 27.46
N LYS A 611 -40.89 7.80 26.57
CA LYS A 611 -40.38 8.81 25.65
C LYS A 611 -39.93 10.09 26.34
N LYS A 612 -40.36 10.33 27.60
CA LYS A 612 -39.96 11.52 28.33
C LYS A 612 -38.55 11.44 28.91
N ILE A 613 -37.88 10.30 28.81
CA ILE A 613 -36.56 10.17 29.41
C ILE A 613 -35.54 10.87 28.52
N ARG A 614 -34.63 11.61 29.15
CA ARG A 614 -33.53 12.28 28.47
C ARG A 614 -32.23 11.80 29.09
N GLY A 615 -31.43 11.08 28.32
CA GLY A 615 -30.15 10.60 28.80
C GLY A 615 -30.31 9.37 29.68
N PHE A 616 -29.26 9.09 30.43
CA PHE A 616 -29.20 7.93 31.32
C PHE A 616 -29.14 8.30 32.79
N LEU A 617 -29.06 9.58 33.12
CA LEU A 617 -28.86 10.00 34.49
C LEU A 617 -30.12 9.76 35.32
N VAL A 618 -29.97 9.04 36.43
CA VAL A 618 -31.05 8.81 37.39
C VAL A 618 -30.48 9.09 38.77
N GLN A 619 -31.37 9.42 39.71
CA GLN A 619 -30.95 9.71 41.07
C GLN A 619 -30.66 8.41 41.83
N PHE A 620 -29.66 8.46 42.69
CA PHE A 620 -29.23 7.28 43.42
C PHE A 620 -30.15 7.03 44.61
N PRO A 621 -30.71 5.83 44.76
CA PRO A 621 -31.56 5.55 45.93
C PRO A 621 -30.72 5.45 47.19
N PHE A 622 -31.09 6.22 48.21
CA PHE A 622 -30.34 6.25 49.46
C PHE A 622 -30.80 5.21 50.46
N TYR A 623 -32.01 4.67 50.30
CA TYR A 623 -32.61 3.82 51.33
C TYR A 623 -32.82 2.39 50.85
N PHE A 624 -32.12 1.99 49.79
CA PHE A 624 -32.23 0.61 49.31
C PHE A 624 -31.62 -0.34 50.34
N LEU A 625 -32.42 -1.28 50.82
CA LEU A 625 -31.99 -2.23 51.87
C LEU A 625 -31.43 -1.47 53.07
N SER A 626 -32.11 -0.39 53.47
CA SER A 626 -31.62 0.45 54.55
C SER A 626 -31.68 -0.27 55.89
N GLU A 627 -32.70 -1.10 56.10
CA GLU A 627 -32.88 -1.81 57.36
C GLU A 627 -32.06 -3.09 57.44
N GLU A 628 -31.31 -3.42 56.39
CA GLU A 628 -30.44 -4.58 56.40
C GLU A 628 -29.05 -4.21 56.89
N SER A 629 -28.47 -5.09 57.70
CA SER A 629 -27.16 -4.88 58.28
C SER A 629 -26.16 -5.82 57.62
N LEU A 630 -24.89 -5.41 57.60
CA LEU A 630 -23.88 -6.18 56.89
C LEU A 630 -23.41 -7.38 57.68
N LEU A 631 -23.08 -7.19 58.97
CA LEU A 631 -22.48 -8.26 59.75
C LEU A 631 -23.35 -9.51 59.88
N PRO A 632 -24.65 -9.42 60.22
CA PRO A 632 -25.43 -10.66 60.34
C PRO A 632 -25.59 -11.41 59.03
N SER A 633 -25.67 -10.72 57.89
CA SER A 633 -25.89 -11.40 56.62
C SER A 633 -24.61 -12.11 56.15
N VAL A 634 -23.48 -11.42 56.22
CA VAL A 634 -22.24 -11.98 55.70
C VAL A 634 -21.43 -12.73 56.76
N GLY A 635 -21.62 -12.39 58.04
CA GLY A 635 -20.79 -12.98 59.08
C GLY A 635 -21.17 -14.42 59.41
N THR A 636 -20.17 -15.17 59.86
CA THR A 636 -20.32 -16.55 60.32
C THR A 636 -19.87 -16.65 61.78
N LYS A 637 -20.00 -17.86 62.34
CA LYS A 637 -19.65 -18.04 63.75
C LYS A 637 -18.15 -17.90 63.98
N GLU A 638 -17.33 -18.42 63.07
CA GLU A 638 -15.87 -18.29 63.16
C GLU A 638 -15.35 -17.91 61.78
N ALA A 639 -15.21 -16.61 61.55
CA ALA A 639 -14.80 -16.07 60.26
C ALA A 639 -13.30 -15.85 60.20
N ILE A 640 -12.75 -16.03 59.00
CA ILE A 640 -11.32 -15.89 58.77
C ILE A 640 -10.99 -14.87 57.69
N VAL A 641 -11.98 -14.34 56.98
CA VAL A 641 -11.76 -13.38 55.91
C VAL A 641 -11.81 -11.98 56.50
N PRO A 642 -10.73 -11.20 56.45
CA PRO A 642 -10.77 -9.84 56.97
C PRO A 642 -11.76 -9.00 56.17
N MET A 643 -12.39 -8.04 56.85
CA MET A 643 -13.32 -7.14 56.17
C MET A 643 -12.58 -6.12 55.31
N GLU A 644 -11.29 -5.92 55.54
CA GLU A 644 -10.51 -4.94 54.80
C GLU A 644 -10.32 -5.33 53.34
N VAL A 645 -10.77 -6.52 52.92
CA VAL A 645 -10.65 -6.93 51.53
C VAL A 645 -11.70 -6.26 50.64
N TRP A 646 -12.86 -5.93 51.19
CA TRP A 646 -13.92 -5.31 50.41
C TRP A 646 -13.89 -3.79 50.46
N THR A 647 -13.08 -3.21 51.34
CA THR A 647 -12.96 -1.75 51.41
C THR A 647 -11.86 -1.27 50.45
N ASP B 28 -1.20 -55.37 -6.23
CA ASP B 28 -0.05 -55.33 -7.13
C ASP B 28 -0.21 -54.22 -8.18
N HIS B 29 -0.96 -53.19 -7.82
CA HIS B 29 -1.13 -51.98 -8.60
C HIS B 29 -0.87 -50.78 -7.71
N ARG B 30 -1.07 -49.59 -8.25
CA ARG B 30 -0.97 -48.39 -7.43
C ARG B 30 -2.01 -48.46 -6.33
N PHE B 31 -1.64 -47.97 -5.14
CA PHE B 31 -2.46 -48.02 -3.93
C PHE B 31 -2.80 -49.43 -3.50
N GLY B 32 -2.17 -50.44 -4.10
CA GLY B 32 -2.56 -51.81 -3.82
C GLY B 32 -3.92 -52.18 -4.36
N SER B 33 -4.40 -51.48 -5.37
CA SER B 33 -5.73 -51.71 -5.91
C SER B 33 -5.77 -52.98 -6.78
N TYR B 34 -6.98 -53.51 -6.95
CA TYR B 34 -7.19 -54.64 -7.85
C TYR B 34 -7.24 -54.22 -9.31
N ALA B 35 -7.43 -52.94 -9.58
CA ALA B 35 -7.56 -52.42 -10.93
C ALA B 35 -6.39 -51.49 -11.24
N ALA B 36 -6.08 -51.37 -12.53
CA ALA B 36 -4.95 -50.58 -12.99
C ALA B 36 -5.41 -49.15 -13.34
N ILE B 37 -4.45 -48.34 -13.76
CA ILE B 37 -4.68 -46.93 -14.08
C ILE B 37 -5.11 -46.84 -15.53
N GLN B 38 -6.42 -46.68 -15.77
CA GLN B 38 -6.96 -46.58 -17.11
C GLN B 38 -6.71 -45.16 -17.61
N GLU B 39 -5.68 -45.00 -18.43
CA GLU B 39 -5.27 -43.68 -18.91
C GLU B 39 -6.17 -43.18 -20.03
N ASN B 40 -6.57 -41.91 -19.93
CA ASN B 40 -7.46 -41.25 -20.89
C ASN B 40 -8.74 -42.07 -21.10
N ALA B 41 -9.57 -42.08 -20.06
CA ALA B 41 -10.87 -42.73 -20.10
C ALA B 41 -11.96 -41.67 -19.98
N LEU B 42 -13.17 -42.05 -20.37
CA LEU B 42 -14.31 -41.14 -20.33
C LEU B 42 -14.95 -41.20 -18.95
N ALA B 43 -15.02 -40.04 -18.28
CA ALA B 43 -15.52 -39.98 -16.92
C ALA B 43 -16.42 -38.77 -16.74
N LYS B 44 -17.42 -38.91 -15.88
CA LYS B 44 -18.33 -37.83 -15.53
C LYS B 44 -18.59 -37.84 -14.03
N TRP B 45 -18.87 -36.66 -13.48
CA TRP B 45 -19.25 -36.48 -12.09
C TRP B 45 -20.68 -35.97 -12.00
N TYR B 46 -21.34 -36.27 -10.89
CA TYR B 46 -22.72 -35.82 -10.66
C TYR B 46 -22.84 -35.19 -9.28
N VAL B 47 -23.51 -34.04 -9.23
CA VAL B 47 -23.88 -33.38 -7.99
C VAL B 47 -25.38 -33.53 -7.83
N ASN B 48 -25.79 -34.23 -6.77
CA ASN B 48 -27.18 -34.58 -6.48
C ASN B 48 -27.70 -35.64 -7.46
N ALA B 49 -28.75 -36.36 -7.06
CA ALA B 49 -29.17 -37.57 -7.73
C ALA B 49 -29.94 -37.32 -9.03
N LYS B 50 -30.46 -36.10 -9.24
CA LYS B 50 -31.32 -35.84 -10.38
C LYS B 50 -30.61 -36.16 -11.70
N GLY B 51 -29.41 -35.63 -11.90
CA GLY B 51 -28.65 -35.97 -13.09
C GLY B 51 -28.17 -37.41 -13.10
N TYR B 52 -27.87 -37.96 -11.92
CA TYR B 52 -27.40 -39.34 -11.83
C TYR B 52 -28.52 -40.33 -12.20
N PHE B 53 -29.71 -40.12 -11.64
CA PHE B 53 -30.83 -41.02 -11.98
C PHE B 53 -31.24 -40.86 -13.43
N GLU B 54 -31.06 -39.68 -14.01
CA GLU B 54 -31.45 -39.45 -15.39
C GLU B 54 -30.50 -40.14 -16.35
N ASP B 55 -29.19 -40.06 -16.09
CA ASP B 55 -28.22 -40.70 -16.97
C ASP B 55 -28.24 -42.22 -16.83
N VAL B 56 -28.49 -42.73 -15.61
CA VAL B 56 -28.55 -44.18 -15.45
C VAL B 56 -29.76 -44.73 -16.19
N ALA B 57 -30.83 -43.95 -16.31
CA ALA B 57 -31.99 -44.39 -17.07
C ALA B 57 -31.69 -44.40 -18.56
N ASN B 58 -31.03 -43.35 -19.06
CA ASN B 58 -30.67 -43.30 -20.47
C ASN B 58 -29.68 -44.40 -20.84
N ALA B 59 -28.76 -44.73 -19.94
CA ALA B 59 -27.77 -45.76 -20.24
C ALA B 59 -28.39 -47.14 -20.19
N MET B 60 -29.27 -47.39 -19.20
CA MET B 60 -29.94 -48.68 -19.11
C MET B 60 -30.90 -48.90 -20.28
N GLU B 61 -31.55 -47.84 -20.77
CA GLU B 61 -32.47 -47.97 -21.89
C GLU B 61 -31.75 -48.44 -23.14
N GLU B 62 -30.51 -47.98 -23.33
CA GLU B 62 -29.72 -48.34 -24.50
C GLU B 62 -28.89 -49.59 -24.28
N ALA B 63 -29.18 -50.37 -23.25
CA ALA B 63 -28.46 -51.61 -23.01
C ALA B 63 -28.76 -52.63 -24.11
N ASN B 64 -27.78 -53.49 -24.37
CA ASN B 64 -27.89 -54.54 -25.37
C ASN B 64 -27.68 -55.93 -24.80
N GLU B 65 -26.67 -56.12 -23.95
CA GLU B 65 -26.32 -57.43 -23.42
C GLU B 65 -26.70 -57.61 -21.96
N GLU B 66 -26.14 -56.81 -21.05
CA GLU B 66 -26.26 -57.05 -19.62
C GLU B 66 -26.43 -55.75 -18.87
N ILE B 67 -27.05 -55.84 -17.69
CA ILE B 67 -27.17 -54.73 -16.75
C ILE B 67 -26.83 -55.26 -15.36
N PHE B 68 -25.80 -54.70 -14.75
CA PHE B 68 -25.34 -55.11 -13.42
C PHE B 68 -25.74 -54.05 -12.40
N ILE B 69 -26.37 -54.47 -11.31
CA ILE B 69 -26.81 -53.58 -10.24
C ILE B 69 -26.40 -54.17 -8.91
N THR B 70 -25.92 -53.31 -7.99
CA THR B 70 -25.70 -53.69 -6.61
C THR B 70 -26.00 -52.49 -5.71
N ASP B 71 -26.77 -52.74 -4.65
CA ASP B 71 -27.28 -51.70 -3.78
C ASP B 71 -27.30 -52.15 -2.33
N TRP B 72 -27.02 -51.22 -1.42
CA TRP B 72 -27.27 -51.47 0.00
C TRP B 72 -28.77 -51.50 0.28
N TRP B 73 -29.51 -50.59 -0.34
CA TRP B 73 -30.97 -50.54 -0.27
C TRP B 73 -31.51 -50.24 -1.67
N LEU B 74 -32.52 -50.99 -2.11
CA LEU B 74 -33.10 -50.80 -3.42
C LEU B 74 -34.62 -50.66 -3.29
N SER B 75 -35.17 -49.65 -3.95
CA SER B 75 -36.62 -49.43 -3.99
C SER B 75 -37.11 -49.58 -5.42
N PRO B 76 -37.81 -50.66 -5.76
CA PRO B 76 -38.08 -50.94 -7.18
C PRO B 76 -38.97 -49.92 -7.88
N GLU B 77 -39.93 -49.31 -7.19
CA GLU B 77 -40.92 -48.45 -7.85
C GLU B 77 -40.63 -46.97 -7.66
N ILE B 78 -39.41 -46.53 -7.98
CA ILE B 78 -39.07 -45.12 -7.95
C ILE B 78 -38.88 -44.64 -9.38
N PHE B 79 -39.07 -43.34 -9.58
CA PHE B 79 -38.94 -42.74 -10.90
C PHE B 79 -37.54 -42.17 -11.03
N LEU B 80 -36.84 -42.54 -12.10
CA LEU B 80 -35.50 -42.04 -12.33
C LEU B 80 -35.50 -40.70 -13.05
N LYS B 81 -36.60 -40.33 -13.71
CA LYS B 81 -36.75 -39.04 -14.36
C LYS B 81 -37.94 -38.33 -13.77
N ARG B 82 -37.69 -37.20 -13.10
CA ARG B 82 -38.74 -36.44 -12.44
C ARG B 82 -38.72 -35.00 -12.93
N PRO B 83 -39.91 -34.36 -13.01
CA PRO B 83 -41.25 -34.86 -12.67
C PRO B 83 -41.67 -36.00 -13.59
N VAL B 84 -42.59 -36.85 -13.13
CA VAL B 84 -42.98 -38.04 -13.88
C VAL B 84 -43.38 -37.65 -15.29
N VAL B 85 -42.60 -38.10 -16.28
CA VAL B 85 -42.68 -37.60 -17.65
C VAL B 85 -43.74 -38.36 -18.43
N GLU B 86 -43.42 -39.59 -18.84
CA GLU B 86 -44.24 -40.36 -19.77
C GLU B 86 -44.88 -41.56 -19.09
N GLY B 87 -45.45 -41.35 -17.90
CA GLY B 87 -46.00 -42.44 -17.13
C GLY B 87 -44.95 -43.19 -16.36
N ASN B 88 -45.05 -44.52 -16.34
CA ASN B 88 -44.06 -45.36 -15.67
C ASN B 88 -42.94 -45.81 -16.59
N ARG B 89 -42.74 -45.12 -17.72
CA ARG B 89 -41.71 -45.54 -18.67
C ARG B 89 -40.31 -45.39 -18.09
N TRP B 90 -40.13 -44.51 -17.10
CA TRP B 90 -38.83 -44.32 -16.46
C TRP B 90 -38.86 -44.73 -14.99
N ARG B 91 -39.89 -45.45 -14.57
CA ARG B 91 -39.91 -46.08 -13.26
C ARG B 91 -38.88 -47.21 -13.23
N LEU B 92 -38.21 -47.37 -12.08
CA LEU B 92 -37.07 -48.27 -12.02
C LEU B 92 -37.45 -49.71 -12.38
N ASP B 93 -38.53 -50.23 -11.80
CA ASP B 93 -38.91 -51.61 -12.09
C ASP B 93 -39.34 -51.79 -13.53
N CYS B 94 -39.94 -50.77 -14.13
CA CYS B 94 -40.39 -50.88 -15.52
C CYS B 94 -39.21 -50.83 -16.49
N ILE B 95 -38.18 -50.04 -16.18
CA ILE B 95 -36.99 -50.01 -17.04
C ILE B 95 -36.34 -51.39 -17.10
N LEU B 96 -36.24 -52.06 -15.95
CA LEU B 96 -35.66 -53.40 -15.93
C LEU B 96 -36.53 -54.40 -16.68
N LYS B 97 -37.85 -54.35 -16.47
CA LYS B 97 -38.76 -55.26 -17.17
C LYS B 97 -38.68 -55.04 -18.67
N ARG B 98 -38.68 -53.78 -19.11
CA ARG B 98 -38.62 -53.49 -20.54
C ARG B 98 -37.33 -54.01 -21.16
N LYS B 99 -36.19 -53.79 -20.48
CA LYS B 99 -34.93 -54.26 -21.05
C LYS B 99 -34.80 -55.76 -20.96
N ALA B 100 -35.30 -56.37 -19.88
CA ALA B 100 -35.24 -57.83 -19.78
C ALA B 100 -36.14 -58.49 -20.83
N GLN B 101 -37.19 -57.79 -21.27
CA GLN B 101 -38.05 -58.29 -22.32
C GLN B 101 -37.42 -58.18 -23.71
N GLN B 102 -36.33 -57.43 -23.86
CA GLN B 102 -35.62 -57.34 -25.12
C GLN B 102 -34.42 -58.28 -25.18
N GLY B 103 -34.36 -59.27 -24.28
CA GLY B 103 -33.26 -60.21 -24.26
C GLY B 103 -32.07 -59.81 -23.43
N VAL B 104 -32.14 -58.70 -22.71
CA VAL B 104 -31.03 -58.24 -21.89
C VAL B 104 -31.05 -58.98 -20.56
N ARG B 105 -29.90 -59.51 -20.15
CA ARG B 105 -29.79 -60.26 -18.91
C ARG B 105 -29.35 -59.32 -17.80
N ILE B 106 -30.23 -59.10 -16.83
CA ILE B 106 -29.99 -58.19 -15.72
C ILE B 106 -29.70 -59.00 -14.47
N PHE B 107 -28.62 -58.64 -13.77
CA PHE B 107 -28.21 -59.31 -12.54
C PHE B 107 -28.05 -58.29 -11.44
N ILE B 108 -28.75 -58.53 -10.32
CA ILE B 108 -28.77 -57.61 -9.19
C ILE B 108 -28.28 -58.35 -7.94
N MET B 109 -27.40 -57.70 -7.18
CA MET B 109 -26.84 -58.26 -5.95
C MET B 109 -27.13 -57.30 -4.82
N LEU B 110 -28.03 -57.69 -3.91
CA LEU B 110 -28.47 -56.85 -2.81
C LEU B 110 -27.83 -57.27 -1.50
N TYR B 111 -27.88 -56.35 -0.53
CA TYR B 111 -27.36 -56.60 0.80
C TYR B 111 -28.46 -57.20 1.68
N LYS B 112 -28.16 -58.32 2.31
CA LYS B 112 -29.11 -58.98 3.20
C LYS B 112 -29.13 -58.26 4.54
N GLU B 113 -30.21 -57.57 4.84
CA GLU B 113 -30.26 -56.83 6.09
C GLU B 113 -30.25 -57.79 7.27
N VAL B 114 -29.89 -57.26 8.44
CA VAL B 114 -29.93 -58.05 9.65
C VAL B 114 -31.39 -58.37 9.99
N GLU B 115 -31.59 -59.49 10.68
CA GLU B 115 -32.94 -59.93 11.02
C GLU B 115 -33.69 -58.88 11.84
N LEU B 116 -32.99 -58.13 12.68
CA LEU B 116 -33.61 -57.09 13.49
C LEU B 116 -33.81 -55.79 12.74
N ALA B 117 -33.35 -55.68 11.49
CA ALA B 117 -33.54 -54.48 10.68
C ALA B 117 -34.95 -54.47 10.13
N LEU B 118 -35.83 -53.68 10.76
CA LEU B 118 -37.23 -53.67 10.38
C LEU B 118 -37.48 -52.83 9.12
N GLY B 119 -36.66 -51.82 8.87
CA GLY B 119 -36.93 -50.90 7.78
C GLY B 119 -36.65 -51.43 6.39
N ILE B 120 -35.58 -52.22 6.25
CA ILE B 120 -35.21 -52.81 4.97
C ILE B 120 -35.74 -54.23 4.92
N ASN B 121 -36.37 -54.59 3.81
CA ASN B 121 -36.87 -55.95 3.59
C ASN B 121 -36.40 -56.38 2.20
N SER B 122 -35.13 -56.80 2.11
CA SER B 122 -34.58 -57.24 0.83
C SER B 122 -35.25 -58.50 0.31
N GLU B 123 -35.95 -59.24 1.17
CA GLU B 123 -36.66 -60.43 0.71
C GLU B 123 -37.83 -60.05 -0.19
N TYR B 124 -38.51 -58.94 0.12
CA TYR B 124 -39.60 -58.47 -0.72
C TYR B 124 -39.09 -58.04 -2.10
N THR B 125 -38.09 -57.15 -2.12
CA THR B 125 -37.58 -56.65 -3.40
C THR B 125 -36.92 -57.75 -4.22
N LYS B 126 -36.39 -58.79 -3.58
CA LYS B 126 -35.85 -59.93 -4.31
C LYS B 126 -36.95 -60.67 -5.05
N ARG B 127 -38.05 -60.97 -4.36
CA ARG B 127 -39.18 -61.63 -5.01
C ARG B 127 -39.86 -60.69 -6.00
N THR B 128 -40.01 -59.41 -5.62
CA THR B 128 -40.66 -58.44 -6.51
C THR B 128 -39.91 -58.32 -7.84
N LEU B 129 -38.59 -58.19 -7.78
CA LEU B 129 -37.81 -57.99 -8.99
C LEU B 129 -37.77 -59.25 -9.86
N MET B 130 -37.63 -60.41 -9.24
CA MET B 130 -37.52 -61.65 -10.02
C MET B 130 -38.85 -62.06 -10.65
N ARG B 131 -39.97 -61.58 -10.10
CA ARG B 131 -41.29 -61.85 -10.67
C ARG B 131 -41.61 -60.96 -11.86
N LEU B 132 -40.75 -60.00 -12.20
CA LEU B 132 -41.01 -59.15 -13.35
C LEU B 132 -40.78 -59.91 -14.66
N HIS B 133 -39.60 -60.52 -14.80
CA HIS B 133 -39.20 -61.24 -15.99
C HIS B 133 -38.17 -62.28 -15.57
N PRO B 134 -38.15 -63.44 -16.21
CA PRO B 134 -37.16 -64.47 -15.84
C PRO B 134 -35.72 -64.06 -16.18
N ASN B 135 -35.54 -63.08 -17.04
CA ASN B 135 -34.21 -62.59 -17.38
C ASN B 135 -33.59 -61.74 -16.29
N ILE B 136 -34.31 -61.53 -15.18
CA ILE B 136 -33.86 -60.73 -14.05
C ILE B 136 -33.53 -61.68 -12.92
N LYS B 137 -32.26 -61.68 -12.49
CA LYS B 137 -31.78 -62.58 -11.44
C LYS B 137 -31.22 -61.75 -10.29
N VAL B 138 -31.66 -62.03 -9.07
CA VAL B 138 -31.27 -61.28 -7.88
C VAL B 138 -30.68 -62.23 -6.85
N MET B 139 -29.58 -61.81 -6.22
CA MET B 139 -28.93 -62.55 -5.15
C MET B 139 -28.67 -61.63 -3.97
N ARG B 140 -28.83 -62.15 -2.75
CA ARG B 140 -28.62 -61.39 -1.52
C ARG B 140 -27.47 -62.00 -0.72
N HIS B 141 -26.54 -61.15 -0.30
CA HIS B 141 -25.44 -61.52 0.57
C HIS B 141 -25.37 -60.48 1.68
N PRO B 142 -25.01 -60.87 2.92
CA PRO B 142 -24.55 -62.15 3.48
C PRO B 142 -25.54 -63.30 3.45
N ASP B 143 -25.08 -64.47 3.90
CA ASP B 143 -25.89 -65.68 3.88
C ASP B 143 -26.72 -65.76 5.16
N HIS B 144 -28.02 -65.99 4.99
CA HIS B 144 -28.93 -66.05 6.13
C HIS B 144 -28.79 -67.36 6.90
N VAL B 145 -28.61 -68.48 6.19
CA VAL B 145 -28.55 -69.80 6.82
C VAL B 145 -27.18 -70.14 7.37
N SER B 146 -26.18 -69.28 7.17
CA SER B 146 -24.83 -69.62 7.56
C SER B 146 -24.66 -69.60 9.09
N SER B 147 -23.88 -70.56 9.59
CA SER B 147 -23.53 -70.60 11.00
C SER B 147 -22.63 -69.43 11.39
N THR B 148 -21.99 -68.80 10.41
CA THR B 148 -21.12 -67.68 10.67
C THR B 148 -21.94 -66.44 10.99
N VAL B 149 -21.35 -65.54 11.75
CA VAL B 149 -21.98 -64.29 12.17
C VAL B 149 -21.33 -63.15 11.42
N TYR B 150 -22.16 -62.34 10.74
CA TYR B 150 -21.68 -61.25 9.91
C TYR B 150 -21.98 -59.92 10.59
N LEU B 151 -20.94 -59.15 10.88
CA LEU B 151 -21.14 -57.82 11.44
C LEU B 151 -21.26 -56.74 10.39
N TRP B 152 -20.61 -56.94 9.24
CA TRP B 152 -20.42 -55.88 8.25
C TRP B 152 -21.38 -56.07 7.08
N ALA B 153 -21.44 -55.05 6.21
CA ALA B 153 -22.47 -54.95 5.18
C ALA B 153 -21.85 -54.72 3.80
N HIS B 154 -22.71 -54.82 2.77
CA HIS B 154 -22.36 -54.55 1.38
C HIS B 154 -22.88 -53.17 1.02
N HIS B 155 -22.03 -52.16 1.15
CA HIS B 155 -22.46 -50.77 1.03
C HIS B 155 -22.18 -50.14 -0.35
N GLU B 156 -21.51 -50.85 -1.26
CA GLU B 156 -21.19 -50.25 -2.54
C GLU B 156 -22.43 -50.12 -3.42
N LYS B 157 -22.44 -49.08 -4.25
CA LYS B 157 -23.55 -48.78 -5.16
C LYS B 157 -22.98 -48.67 -6.57
N LEU B 158 -23.27 -49.66 -7.42
CA LEU B 158 -22.76 -49.68 -8.78
C LEU B 158 -23.86 -50.07 -9.75
N VAL B 159 -23.94 -49.36 -10.87
CA VAL B 159 -24.79 -49.74 -11.99
C VAL B 159 -23.91 -49.85 -13.22
N ILE B 160 -23.85 -51.04 -13.81
CA ILE B 160 -23.02 -51.32 -14.98
C ILE B 160 -23.92 -51.79 -16.11
N ILE B 161 -23.76 -51.18 -17.28
CA ILE B 161 -24.55 -51.49 -18.46
C ILE B 161 -23.61 -52.01 -19.55
N ASP B 162 -23.80 -53.26 -19.95
CA ASP B 162 -23.04 -53.91 -21.03
C ASP B 162 -21.55 -53.92 -20.76
N GLN B 163 -21.14 -53.79 -19.49
CA GLN B 163 -19.73 -53.76 -19.09
C GLN B 163 -18.92 -52.70 -19.84
N SER B 164 -19.62 -51.72 -20.41
CA SER B 164 -19.01 -50.60 -21.10
C SER B 164 -19.26 -49.26 -20.41
N VAL B 165 -20.37 -49.13 -19.71
CA VAL B 165 -20.70 -47.95 -18.91
C VAL B 165 -20.93 -48.39 -17.47
N ALA B 166 -20.31 -47.68 -16.53
CA ALA B 166 -20.41 -48.05 -15.12
C ALA B 166 -20.56 -46.78 -14.29
N PHE B 167 -21.38 -46.87 -13.23
CA PHE B 167 -21.70 -45.75 -12.37
C PHE B 167 -21.25 -46.06 -10.95
N VAL B 168 -20.43 -45.17 -10.38
CA VAL B 168 -19.92 -45.30 -9.02
C VAL B 168 -20.25 -44.04 -8.24
N GLY B 169 -20.63 -44.22 -6.97
CA GLY B 169 -20.93 -43.08 -6.11
C GLY B 169 -21.48 -43.57 -4.79
N GLY B 170 -22.09 -42.65 -4.05
CA GLY B 170 -22.73 -42.97 -2.78
C GLY B 170 -24.24 -42.91 -2.85
N ILE B 171 -24.82 -42.88 -4.05
CA ILE B 171 -26.25 -42.75 -4.26
C ILE B 171 -26.82 -44.13 -4.55
N ASP B 172 -27.72 -44.59 -3.68
CA ASP B 172 -28.46 -45.83 -3.88
C ASP B 172 -29.72 -45.59 -4.70
N LEU B 173 -30.21 -46.67 -5.32
CA LEU B 173 -31.50 -46.64 -6.00
C LEU B 173 -32.59 -46.92 -4.97
N ALA B 174 -32.75 -45.98 -4.04
CA ALA B 174 -33.59 -46.18 -2.87
C ALA B 174 -34.41 -44.93 -2.59
N TYR B 175 -35.35 -45.06 -1.65
CA TYR B 175 -36.22 -43.95 -1.27
C TYR B 175 -35.45 -42.80 -0.64
N GLY B 176 -35.80 -41.58 -1.03
CA GLY B 176 -35.26 -40.39 -0.40
C GLY B 176 -33.95 -39.88 -0.96
N ARG B 177 -33.35 -40.60 -1.91
CA ARG B 177 -32.07 -40.16 -2.45
C ARG B 177 -32.22 -39.08 -3.53
N TRP B 178 -33.29 -39.14 -4.32
CA TRP B 178 -33.41 -38.21 -5.44
C TRP B 178 -33.58 -36.78 -4.93
N ASP B 179 -32.79 -35.87 -5.50
CA ASP B 179 -32.88 -34.45 -5.20
C ASP B 179 -32.10 -33.68 -6.25
N ASP B 180 -32.44 -32.41 -6.39
CA ASP B 180 -31.75 -31.49 -7.27
C ASP B 180 -30.95 -30.49 -6.45
N ASN B 181 -30.50 -29.42 -7.10
CA ASN B 181 -29.67 -28.43 -6.41
C ASN B 181 -30.50 -27.43 -5.60
N GLU B 182 -31.83 -27.54 -5.62
CA GLU B 182 -32.65 -26.65 -4.80
C GLU B 182 -32.87 -27.17 -3.39
N HIS B 183 -32.84 -28.49 -3.20
CA HIS B 183 -33.01 -29.11 -1.89
C HIS B 183 -34.31 -28.66 -1.22
N ARG B 184 -35.42 -28.98 -1.88
CA ARG B 184 -36.74 -28.56 -1.42
C ARG B 184 -37.13 -29.29 -0.14
N LEU B 185 -37.86 -28.58 0.72
CA LEU B 185 -38.39 -29.17 1.94
C LEU B 185 -39.87 -29.50 1.87
N THR B 186 -40.58 -29.00 0.87
CA THR B 186 -42.03 -29.17 0.76
C THR B 186 -42.37 -29.85 -0.55
N ASP B 187 -43.49 -30.57 -0.56
CA ASP B 187 -43.94 -31.22 -1.78
C ASP B 187 -45.44 -31.46 -1.75
N VAL B 188 -46.20 -30.38 -1.55
CA VAL B 188 -47.64 -30.47 -1.48
C VAL B 188 -48.33 -29.79 -2.68
N GLY B 189 -47.67 -28.84 -3.32
CA GLY B 189 -48.25 -28.10 -4.42
C GLY B 189 -48.11 -26.60 -4.26
N THR B 214 -46.59 -29.86 -9.09
CA THR B 214 -46.24 -31.25 -9.33
C THR B 214 -45.72 -31.90 -8.06
N ARG B 215 -45.86 -33.23 -7.97
CA ARG B 215 -45.35 -33.99 -6.83
C ARG B 215 -44.05 -34.67 -7.24
N PHE B 216 -42.96 -34.30 -6.56
CA PHE B 216 -41.64 -34.86 -6.86
C PHE B 216 -41.39 -36.17 -6.13
N TRP B 217 -41.57 -36.17 -4.80
CA TRP B 217 -41.34 -37.35 -3.97
C TRP B 217 -42.69 -38.00 -3.69
N HIS B 218 -43.02 -39.00 -4.50
CA HIS B 218 -44.30 -39.70 -4.38
C HIS B 218 -44.25 -40.72 -3.26
N GLY B 219 -45.29 -40.75 -2.43
CA GLY B 219 -45.42 -41.82 -1.47
C GLY B 219 -44.27 -41.87 -0.50
N LYS B 220 -43.66 -43.05 -0.40
CA LYS B 220 -42.57 -43.30 0.55
C LYS B 220 -41.26 -42.64 0.14
N ASP B 221 -41.17 -42.02 -1.04
CA ASP B 221 -39.97 -41.31 -1.44
C ASP B 221 -39.78 -40.02 -0.64
N TYR B 222 -40.83 -39.54 0.01
CA TYR B 222 -40.80 -38.35 0.86
C TYR B 222 -40.38 -38.81 2.25
N CYS B 223 -39.12 -38.54 2.64
CA CYS B 223 -38.61 -39.07 3.89
C CYS B 223 -37.83 -38.02 4.66
N ASN B 224 -37.70 -38.26 5.96
CA ASN B 224 -36.92 -37.42 6.87
C ASN B 224 -36.40 -38.37 7.94
N PHE B 225 -35.10 -38.68 7.89
CA PHE B 225 -34.53 -39.74 8.72
C PHE B 225 -34.00 -39.24 10.05
N VAL B 226 -34.49 -38.11 10.56
CA VAL B 226 -34.10 -37.65 11.88
C VAL B 226 -35.31 -37.24 12.69
N ASP B 239 -46.09 -46.55 10.57
CA ASP B 239 -45.84 -45.14 10.87
C ASP B 239 -45.34 -44.40 9.63
N PHE B 240 -45.95 -43.26 9.32
CA PHE B 240 -45.58 -42.47 8.15
C PHE B 240 -45.47 -41.00 8.54
N ILE B 241 -44.87 -40.23 7.64
CA ILE B 241 -44.58 -38.82 7.86
C ILE B 241 -45.68 -37.98 7.23
N ASP B 242 -46.02 -36.86 7.87
CA ASP B 242 -47.07 -35.99 7.37
C ASP B 242 -46.47 -35.05 6.33
N ARG B 243 -46.95 -35.16 5.09
CA ARG B 243 -46.42 -34.35 4.00
C ARG B 243 -46.77 -32.87 4.16
N TYR B 244 -47.85 -32.55 4.86
CA TYR B 244 -48.33 -31.18 4.97
C TYR B 244 -47.95 -30.50 6.28
N SER B 245 -47.37 -31.24 7.23
CA SER B 245 -46.94 -30.65 8.50
C SER B 245 -45.45 -30.72 8.76
N THR B 246 -44.75 -31.71 8.22
CA THR B 246 -43.33 -31.86 8.47
C THR B 246 -42.55 -31.89 7.16
N PRO B 247 -41.43 -31.18 7.08
CA PRO B 247 -40.65 -31.17 5.85
C PRO B 247 -39.86 -32.46 5.67
N ARG B 248 -39.42 -32.66 4.43
CA ARG B 248 -38.60 -33.82 4.10
C ARG B 248 -37.14 -33.46 4.32
N MET B 249 -36.31 -34.51 4.42
CA MET B 249 -34.88 -34.32 4.59
C MET B 249 -34.22 -34.35 3.23
N PRO B 250 -33.73 -33.22 2.72
CA PRO B 250 -33.09 -33.24 1.39
C PRO B 250 -31.86 -34.12 1.39
N TRP B 251 -31.51 -34.62 0.21
CA TRP B 251 -30.44 -35.60 0.06
C TRP B 251 -29.34 -34.98 -0.78
N HIS B 252 -28.20 -34.72 -0.16
CA HIS B 252 -27.03 -34.18 -0.84
C HIS B 252 -26.02 -35.31 -1.00
N ASP B 253 -25.75 -35.68 -2.24
CA ASP B 253 -24.90 -36.84 -2.53
C ASP B 253 -24.15 -36.59 -3.83
N ILE B 254 -23.14 -37.41 -4.06
CA ILE B 254 -22.25 -37.30 -5.22
C ILE B 254 -22.09 -38.68 -5.86
N ALA B 255 -22.12 -38.73 -7.19
CA ALA B 255 -21.88 -39.95 -7.93
C ALA B 255 -21.01 -39.63 -9.15
N SER B 256 -20.64 -40.66 -9.90
CA SER B 256 -19.77 -40.51 -11.06
C SER B 256 -20.02 -41.64 -12.04
N ALA B 257 -19.45 -41.49 -13.24
CA ALA B 257 -19.59 -42.49 -14.30
C ALA B 257 -18.26 -42.69 -15.01
N VAL B 258 -18.03 -43.92 -15.48
CA VAL B 258 -16.81 -44.26 -16.20
C VAL B 258 -17.18 -45.12 -17.41
N HIS B 259 -16.30 -45.08 -18.42
CA HIS B 259 -16.51 -45.79 -19.67
C HIS B 259 -15.27 -46.61 -20.03
N GLY B 260 -15.38 -47.38 -21.11
CA GLY B 260 -14.22 -48.05 -21.67
C GLY B 260 -13.69 -49.14 -20.76
N LYS B 261 -12.36 -49.22 -20.69
CA LYS B 261 -11.73 -50.27 -19.88
C LYS B 261 -12.01 -50.08 -18.40
N ALA B 262 -12.30 -48.85 -17.97
CA ALA B 262 -12.59 -48.59 -16.57
C ALA B 262 -13.93 -49.19 -16.15
N ALA B 263 -14.91 -49.24 -17.06
CA ALA B 263 -16.18 -49.87 -16.73
C ALA B 263 -16.02 -51.37 -16.60
N ARG B 264 -15.07 -51.96 -17.33
CA ARG B 264 -14.76 -53.37 -17.15
C ARG B 264 -14.13 -53.63 -15.80
N ASP B 265 -13.40 -52.64 -15.26
CA ASP B 265 -12.86 -52.76 -13.91
C ASP B 265 -13.98 -52.81 -12.89
N VAL B 266 -14.98 -51.93 -13.04
CA VAL B 266 -16.14 -51.95 -12.16
C VAL B 266 -16.93 -53.23 -12.37
N ALA B 267 -16.98 -53.73 -13.62
CA ALA B 267 -17.68 -54.97 -13.90
C ALA B 267 -16.99 -56.18 -13.28
N ARG B 268 -15.65 -56.22 -13.30
CA ARG B 268 -14.93 -57.35 -12.72
C ARG B 268 -15.19 -57.48 -11.23
N HIS B 269 -15.32 -56.36 -10.52
CA HIS B 269 -15.64 -56.44 -9.09
C HIS B 269 -16.98 -57.11 -8.86
N PHE B 270 -17.97 -56.79 -9.69
CA PHE B 270 -19.29 -57.41 -9.55
C PHE B 270 -19.21 -58.91 -9.79
N ILE B 271 -18.50 -59.33 -10.84
CA ILE B 271 -18.42 -60.74 -11.18
C ILE B 271 -17.70 -61.53 -10.09
N GLN B 272 -16.64 -60.96 -9.53
CA GLN B 272 -15.93 -61.64 -8.44
C GLN B 272 -16.85 -61.87 -7.25
N ARG B 273 -17.68 -60.87 -6.92
CA ARG B 273 -18.61 -61.02 -5.82
C ARG B 273 -19.77 -61.94 -6.18
N TRP B 274 -20.21 -61.91 -7.45
CA TRP B 274 -21.36 -62.73 -7.85
C TRP B 274 -21.03 -64.22 -7.81
N ASN B 275 -19.92 -64.62 -8.44
CA ASN B 275 -19.55 -66.04 -8.42
C ASN B 275 -19.20 -66.50 -7.02
N PHE B 276 -18.59 -65.62 -6.22
CA PHE B 276 -18.27 -65.98 -4.84
C PHE B 276 -19.52 -66.25 -4.03
N THR B 277 -20.54 -65.39 -4.17
CA THR B 277 -21.77 -65.58 -3.42
C THR B 277 -22.51 -66.85 -3.85
N LYS B 278 -22.46 -67.19 -5.14
CA LYS B 278 -23.08 -68.42 -5.59
C LYS B 278 -22.41 -69.64 -4.98
N ILE B 279 -21.08 -69.65 -4.91
CA ILE B 279 -20.36 -70.78 -4.33
C ILE B 279 -20.67 -70.91 -2.85
N MET B 280 -20.59 -69.80 -2.12
CA MET B 280 -20.85 -69.84 -0.68
C MET B 280 -22.30 -70.21 -0.40
N LYS B 281 -23.23 -69.78 -1.26
CA LYS B 281 -24.63 -70.15 -1.06
C LYS B 281 -24.82 -71.66 -1.20
N SER B 282 -24.00 -72.31 -2.01
CA SER B 282 -24.07 -73.76 -2.21
C SER B 282 -23.54 -74.55 -1.02
N LYS B 283 -22.88 -73.90 -0.06
CA LYS B 283 -22.38 -74.60 1.13
C LYS B 283 -23.51 -75.19 1.97
N TYR B 284 -24.76 -74.78 1.72
CA TYR B 284 -25.91 -75.37 2.39
C TYR B 284 -27.10 -75.61 1.45
N ARG B 285 -27.22 -74.89 0.34
CA ARG B 285 -28.33 -75.08 -0.59
C ARG B 285 -27.87 -74.67 -1.98
N SER B 286 -27.95 -75.59 -2.94
CA SER B 286 -27.54 -75.30 -4.30
C SER B 286 -28.36 -74.17 -4.90
N LEU B 287 -27.80 -73.52 -5.92
CA LEU B 287 -28.39 -72.36 -6.54
C LEU B 287 -28.64 -72.61 -8.02
N SER B 288 -29.71 -72.01 -8.54
CA SER B 288 -30.04 -72.09 -9.96
C SER B 288 -29.50 -70.93 -10.76
N TYR B 289 -28.79 -70.00 -10.13
CA TYR B 289 -28.22 -68.85 -10.83
C TYR B 289 -27.01 -69.28 -11.65
N PRO B 290 -26.59 -68.45 -12.62
CA PRO B 290 -25.40 -68.78 -13.39
C PRO B 290 -24.15 -68.04 -12.92
N PHE B 291 -22.99 -68.43 -13.43
CA PHE B 291 -21.74 -67.72 -13.19
C PHE B 291 -21.56 -66.61 -14.21
N LEU B 292 -20.98 -65.50 -13.77
CA LEU B 292 -20.71 -64.36 -14.64
C LEU B 292 -19.28 -64.40 -15.15
N LEU B 293 -19.08 -63.84 -16.34
CA LEU B 293 -17.81 -63.85 -17.04
C LEU B 293 -17.42 -62.43 -17.41
N PRO B 294 -16.14 -62.08 -17.31
CA PRO B 294 -15.70 -60.76 -17.78
C PRO B 294 -15.78 -60.71 -19.30
N LYS B 295 -16.16 -59.56 -19.82
CA LYS B 295 -16.29 -59.39 -21.26
C LYS B 295 -14.95 -59.12 -21.92
N ARG B 304 -19.23 -48.26 -27.14
CA ARG B 304 -20.38 -48.15 -28.02
C ARG B 304 -21.33 -47.04 -27.56
N TYR B 305 -21.52 -46.97 -26.24
CA TYR B 305 -22.35 -45.94 -25.62
C TYR B 305 -21.50 -45.06 -24.71
N GLN B 306 -21.82 -43.77 -24.70
CA GLN B 306 -21.15 -42.80 -23.85
C GLN B 306 -22.19 -41.86 -23.26
N VAL B 307 -21.98 -41.46 -22.01
CA VAL B 307 -22.86 -40.54 -21.30
C VAL B 307 -22.53 -39.11 -21.73
N PRO B 308 -23.52 -38.27 -21.98
CA PRO B 308 -23.22 -36.90 -22.41
C PRO B 308 -22.59 -36.10 -21.29
N GLY B 309 -21.58 -35.31 -21.65
CA GLY B 309 -20.90 -34.46 -20.71
C GLY B 309 -19.64 -35.04 -20.09
N SER B 310 -19.19 -36.19 -20.56
CA SER B 310 -18.00 -36.81 -20.00
C SER B 310 -16.75 -36.10 -20.49
N VAL B 311 -15.65 -36.30 -19.76
CA VAL B 311 -14.36 -35.70 -20.06
C VAL B 311 -13.28 -36.75 -19.95
N HIS B 312 -12.17 -36.49 -20.63
CA HIS B 312 -11.02 -37.39 -20.61
C HIS B 312 -10.17 -37.13 -19.38
N ALA B 313 -9.79 -38.20 -18.69
CA ALA B 313 -8.95 -38.11 -17.51
C ALA B 313 -8.43 -39.50 -17.20
N ASN B 314 -7.48 -39.56 -16.27
CA ASN B 314 -6.94 -40.83 -15.81
C ASN B 314 -7.84 -41.39 -14.72
N VAL B 315 -8.32 -42.61 -14.92
CA VAL B 315 -9.31 -43.23 -14.04
C VAL B 315 -8.69 -44.49 -13.44
N GLN B 316 -8.86 -44.66 -12.14
CA GLN B 316 -8.45 -45.88 -11.44
C GLN B 316 -9.53 -46.25 -10.44
N LEU B 317 -9.83 -47.54 -10.37
CA LEU B 317 -10.88 -48.03 -9.48
C LEU B 317 -10.29 -48.43 -8.13
N LEU B 318 -11.03 -48.13 -7.06
CA LEU B 318 -10.62 -48.44 -5.70
C LEU B 318 -11.75 -49.20 -5.03
N ARG B 319 -11.40 -49.95 -3.99
CA ARG B 319 -12.41 -50.74 -3.30
C ARG B 319 -11.89 -51.15 -1.92
N SER B 320 -12.84 -51.52 -1.07
CA SER B 320 -12.57 -52.10 0.25
C SER B 320 -13.23 -53.47 0.27
N ALA B 321 -12.43 -54.53 0.13
CA ALA B 321 -12.96 -55.89 0.06
C ALA B 321 -12.10 -56.82 0.90
N ALA B 322 -12.71 -57.90 1.38
CA ALA B 322 -12.04 -58.89 2.22
C ALA B 322 -12.51 -60.28 1.82
N ASP B 323 -12.19 -61.26 2.66
CA ASP B 323 -12.57 -62.64 2.37
C ASP B 323 -14.08 -62.86 2.48
N TRP B 324 -14.72 -62.25 3.48
CA TRP B 324 -16.14 -62.47 3.68
C TRP B 324 -16.97 -61.87 2.56
N SER B 325 -16.45 -60.84 1.89
CA SER B 325 -17.19 -60.11 0.87
C SER B 325 -16.89 -60.59 -0.54
N ALA B 326 -15.61 -60.65 -0.92
CA ALA B 326 -15.21 -61.02 -2.27
C ALA B 326 -14.44 -62.34 -2.33
N GLY B 327 -14.23 -63.00 -1.20
CA GLY B 327 -13.44 -64.22 -1.19
C GLY B 327 -11.97 -64.03 -1.49
N ILE B 328 -11.40 -62.91 -1.07
CA ILE B 328 -10.00 -62.61 -1.32
C ILE B 328 -9.17 -63.07 -0.14
N LYS B 329 -7.94 -63.54 -0.42
CA LYS B 329 -7.08 -64.04 0.65
C LYS B 329 -6.69 -62.90 1.61
N TYR B 330 -6.13 -61.83 1.08
CA TYR B 330 -5.69 -60.69 1.89
C TYR B 330 -6.59 -59.49 1.61
N HIS B 331 -7.14 -58.92 2.69
CA HIS B 331 -8.10 -57.82 2.54
C HIS B 331 -7.49 -56.65 1.77
N GLU B 332 -8.35 -55.85 1.16
CA GLU B 332 -7.95 -54.71 0.34
C GLU B 332 -8.57 -53.44 0.90
N GLU B 333 -7.74 -52.39 0.99
CA GLU B 333 -8.17 -51.07 1.44
C GLU B 333 -7.63 -49.99 0.51
N SER B 334 -7.90 -50.15 -0.79
CA SER B 334 -7.37 -49.20 -1.77
C SER B 334 -7.95 -47.81 -1.62
N ILE B 335 -9.22 -47.70 -1.21
CA ILE B 335 -9.81 -46.40 -0.95
C ILE B 335 -9.07 -45.70 0.18
N HIS B 336 -8.75 -46.42 1.24
CA HIS B 336 -8.06 -45.82 2.38
C HIS B 336 -6.69 -45.30 1.98
N ALA B 337 -5.91 -46.11 1.26
CA ALA B 337 -4.57 -45.68 0.86
C ALA B 337 -4.63 -44.48 -0.07
N ALA B 338 -5.64 -44.41 -0.92
CA ALA B 338 -5.75 -43.27 -1.83
C ALA B 338 -6.11 -41.99 -1.08
N TYR B 339 -7.01 -42.08 -0.10
CA TYR B 339 -7.37 -40.92 0.70
C TYR B 339 -6.15 -40.35 1.40
N VAL B 340 -5.35 -41.21 2.03
CA VAL B 340 -4.17 -40.73 2.76
C VAL B 340 -3.16 -40.13 1.80
N HIS B 341 -2.96 -40.76 0.63
CA HIS B 341 -1.96 -40.28 -0.31
C HIS B 341 -2.34 -38.92 -0.89
N VAL B 342 -3.60 -38.75 -1.28
CA VAL B 342 -4.02 -37.48 -1.90
C VAL B 342 -3.96 -36.34 -0.90
N ILE B 343 -4.29 -36.61 0.37
CA ILE B 343 -4.23 -35.58 1.39
C ILE B 343 -2.79 -35.16 1.64
N GLU B 344 -1.90 -36.14 1.77
CA GLU B 344 -0.51 -35.85 2.09
C GLU B 344 0.20 -35.13 0.94
N ASN B 345 -0.14 -35.46 -0.31
CA ASN B 345 0.47 -34.83 -1.47
C ASN B 345 -0.36 -33.69 -2.04
N SER B 346 -1.29 -33.13 -1.25
CA SER B 346 -2.05 -31.97 -1.68
C SER B 346 -1.21 -30.71 -1.50
N ARG B 347 -1.18 -29.87 -2.53
CA ARG B 347 -0.37 -28.66 -2.50
C ARG B 347 -1.11 -27.41 -2.06
N HIS B 348 -2.43 -27.35 -2.25
CA HIS B 348 -3.14 -26.09 -2.03
C HIS B 348 -4.33 -26.24 -1.09
N TYR B 349 -5.27 -27.11 -1.44
CA TYR B 349 -6.46 -27.27 -0.63
C TYR B 349 -6.91 -28.72 -0.66
N ILE B 350 -7.75 -29.06 0.31
CA ILE B 350 -8.43 -30.34 0.35
C ILE B 350 -9.90 -30.04 0.59
N TYR B 351 -10.78 -30.75 -0.10
CA TYR B 351 -12.21 -30.53 0.00
C TYR B 351 -12.89 -31.85 0.33
N ILE B 352 -13.53 -31.91 1.50
CA ILE B 352 -14.16 -33.13 1.98
C ILE B 352 -15.66 -32.89 2.12
N GLU B 353 -16.44 -33.85 1.67
CA GLU B 353 -17.90 -33.81 1.73
C GLU B 353 -18.32 -35.24 2.08
N ASN B 354 -18.60 -35.49 3.35
CA ASN B 354 -18.74 -36.86 3.81
C ASN B 354 -19.88 -36.98 4.81
N GLN B 355 -20.43 -38.19 4.89
CA GLN B 355 -21.52 -38.49 5.83
C GLN B 355 -21.01 -38.65 7.26
N PHE B 356 -19.79 -39.13 7.43
CA PHE B 356 -19.25 -39.41 8.76
C PHE B 356 -17.80 -38.95 8.79
N PHE B 357 -17.37 -38.43 9.95
CA PHE B 357 -15.99 -37.95 10.14
C PHE B 357 -15.45 -38.61 11.41
N ILE B 358 -15.04 -39.87 11.28
CA ILE B 358 -14.55 -40.66 12.40
C ILE B 358 -13.13 -41.10 12.07
N SER B 359 -12.15 -40.37 12.58
CA SER B 359 -10.75 -40.75 12.35
C SER B 359 -9.88 -40.36 13.54
N CYS B 360 -8.64 -39.93 13.27
CA CYS B 360 -7.66 -39.64 14.31
C CYS B 360 -7.42 -40.87 15.18
N ALA B 361 -6.61 -41.78 14.67
CA ALA B 361 -6.47 -43.11 15.26
C ALA B 361 -5.76 -43.06 16.61
N ASP B 362 -6.20 -43.91 17.52
CA ASP B 362 -5.50 -44.18 18.76
C ASP B 362 -5.00 -45.62 18.86
N ASP B 363 -5.20 -46.41 17.81
CA ASP B 363 -4.75 -47.81 17.73
C ASP B 363 -5.40 -48.70 18.80
N LYS B 364 -6.51 -48.25 19.38
CA LYS B 364 -7.32 -49.07 20.29
C LYS B 364 -8.72 -49.30 19.76
N VAL B 365 -9.40 -48.25 19.29
CA VAL B 365 -10.73 -48.36 18.72
C VAL B 365 -10.79 -47.83 17.28
N VAL B 366 -10.10 -46.72 17.01
CA VAL B 366 -10.03 -46.14 15.66
C VAL B 366 -8.64 -46.42 15.09
N PHE B 367 -8.57 -46.71 13.79
CA PHE B 367 -7.31 -47.11 13.17
C PHE B 367 -6.96 -46.40 11.87
N ASN B 368 -7.92 -45.80 11.17
CA ASN B 368 -7.63 -45.21 9.87
C ASN B 368 -6.83 -43.92 10.01
N LYS B 369 -6.05 -43.61 8.98
CA LYS B 369 -5.02 -42.57 9.05
C LYS B 369 -5.45 -41.27 8.37
N ILE B 370 -6.74 -41.09 8.08
CA ILE B 370 -7.18 -39.92 7.34
C ILE B 370 -7.17 -38.67 8.21
N GLY B 371 -7.74 -38.75 9.41
CA GLY B 371 -7.79 -37.58 10.27
C GLY B 371 -6.42 -37.15 10.74
N ASP B 372 -5.53 -38.12 10.99
CA ASP B 372 -4.16 -37.78 11.34
C ASP B 372 -3.44 -37.14 10.16
N ALA B 373 -3.74 -37.60 8.94
CA ALA B 373 -3.10 -37.03 7.76
C ALA B 373 -3.53 -35.58 7.53
N ILE B 374 -4.78 -35.26 7.85
CA ILE B 374 -5.26 -33.89 7.69
C ILE B 374 -4.53 -32.97 8.66
N ALA B 375 -4.42 -33.38 9.92
CA ALA B 375 -3.76 -32.54 10.92
C ALA B 375 -2.27 -32.38 10.61
N GLN B 376 -1.61 -33.48 10.25
CA GLN B 376 -0.18 -33.41 9.94
C GLN B 376 0.08 -32.60 8.67
N ARG B 377 -0.83 -32.65 7.71
CA ARG B 377 -0.63 -31.88 6.48
C ARG B 377 -0.82 -30.38 6.73
N ILE B 378 -1.75 -30.02 7.61
CA ILE B 378 -1.92 -28.62 7.97
C ILE B 378 -0.68 -28.12 8.70
N LEU B 379 -0.14 -28.96 9.60
CA LEU B 379 1.07 -28.59 10.33
C LEU B 379 2.23 -28.36 9.38
N LYS B 380 2.26 -29.11 8.27
CA LYS B 380 3.29 -28.90 7.25
C LYS B 380 3.18 -27.53 6.60
N ALA B 381 1.94 -27.09 6.33
CA ALA B 381 1.76 -25.76 5.74
C ALA B 381 2.15 -24.66 6.72
N HIS B 382 1.77 -24.81 7.99
CA HIS B 382 2.19 -23.85 9.00
C HIS B 382 3.70 -23.85 9.15
N ARG B 383 4.33 -25.01 8.96
CA ARG B 383 5.78 -25.10 9.11
C ARG B 383 6.49 -24.38 7.96
N GLU B 384 6.04 -24.62 6.73
CA GLU B 384 6.68 -24.06 5.54
C GLU B 384 6.03 -22.74 5.09
N ASN B 385 5.15 -22.17 5.91
CA ASN B 385 4.51 -20.88 5.64
C ASN B 385 3.78 -20.88 4.30
N GLN B 386 2.84 -21.82 4.16
CA GLN B 386 2.08 -22.00 2.94
C GLN B 386 0.61 -21.67 3.19
N LYS B 387 -0.11 -21.37 2.10
CA LYS B 387 -1.53 -21.01 2.18
C LYS B 387 -2.33 -22.26 1.84
N TYR B 388 -2.61 -23.06 2.86
CA TYR B 388 -3.34 -24.30 2.74
C TYR B 388 -4.72 -24.14 3.35
N ARG B 389 -5.71 -24.80 2.74
CA ARG B 389 -7.09 -24.74 3.21
C ARG B 389 -7.68 -26.14 3.23
N VAL B 390 -8.45 -26.42 4.27
CA VAL B 390 -9.24 -27.65 4.36
C VAL B 390 -10.71 -27.26 4.44
N TYR B 391 -11.57 -28.08 3.87
CA TYR B 391 -13.01 -27.85 3.87
C TYR B 391 -13.68 -29.18 4.22
N VAL B 392 -14.31 -29.24 5.39
CA VAL B 392 -14.96 -30.47 5.84
C VAL B 392 -16.44 -30.18 5.97
N VAL B 393 -17.25 -30.91 5.23
CA VAL B 393 -18.70 -30.73 5.21
C VAL B 393 -19.34 -32.07 5.56
N ILE B 394 -20.10 -32.08 6.65
CA ILE B 394 -20.73 -33.30 7.15
C ILE B 394 -22.15 -32.97 7.61
N PRO B 395 -23.02 -33.97 7.69
CA PRO B 395 -24.38 -33.71 8.16
C PRO B 395 -24.38 -33.18 9.59
N LEU B 396 -25.34 -32.31 9.88
CA LEU B 396 -25.45 -31.75 11.22
C LEU B 396 -25.78 -32.83 12.25
N LEU B 397 -26.41 -33.91 11.82
CA LEU B 397 -26.71 -35.04 12.68
C LEU B 397 -26.64 -36.31 11.85
N PRO B 398 -26.25 -37.43 12.45
CA PRO B 398 -26.29 -38.70 11.73
C PRO B 398 -27.72 -39.14 11.43
N GLY B 399 -27.86 -39.95 10.38
CA GLY B 399 -29.17 -40.40 9.95
C GLY B 399 -29.66 -41.61 10.68
N PHE B 400 -30.08 -41.41 11.93
CA PHE B 400 -30.65 -42.46 12.77
C PHE B 400 -31.83 -41.87 13.51
N GLU B 401 -32.95 -42.57 13.52
CA GLU B 401 -34.14 -42.07 14.20
C GLU B 401 -34.28 -42.71 15.58
N GLY B 409 -31.06 -43.05 21.44
CA GLY B 409 -30.41 -43.66 20.30
C GLY B 409 -28.97 -44.04 20.60
N ASN B 410 -28.68 -45.34 20.51
CA ASN B 410 -27.33 -45.83 20.81
C ASN B 410 -26.37 -45.56 19.66
N ALA B 411 -26.84 -45.69 18.42
CA ALA B 411 -26.00 -45.42 17.27
C ALA B 411 -25.84 -43.93 17.01
N LEU B 412 -26.85 -43.13 17.37
CA LEU B 412 -26.75 -41.68 17.21
C LEU B 412 -25.71 -41.11 18.15
N GLN B 413 -25.76 -41.48 19.43
CA GLN B 413 -24.81 -40.94 20.39
C GLN B 413 -23.40 -41.43 20.10
N ALA B 414 -23.26 -42.69 19.67
CA ALA B 414 -21.94 -43.23 19.38
C ALA B 414 -21.32 -42.54 18.17
N ILE B 415 -22.10 -42.28 17.14
CA ILE B 415 -21.53 -41.64 15.95
C ILE B 415 -21.35 -40.14 16.18
N MET B 416 -22.18 -39.53 17.02
CA MET B 416 -21.97 -38.13 17.38
C MET B 416 -20.69 -37.95 18.18
N HIS B 417 -20.39 -38.90 19.08
CA HIS B 417 -19.19 -38.80 19.89
C HIS B 417 -17.93 -38.94 19.04
N PHE B 418 -17.87 -39.99 18.21
CA PHE B 418 -16.65 -40.24 17.44
C PHE B 418 -16.43 -39.19 16.36
N ASN B 419 -17.48 -38.51 15.92
CA ASN B 419 -17.30 -37.38 15.00
C ASN B 419 -16.66 -36.21 15.71
N TYR B 420 -17.20 -35.83 16.87
CA TYR B 420 -16.64 -34.74 17.65
C TYR B 420 -15.25 -35.10 18.16
N ARG B 421 -15.04 -36.37 18.50
CA ARG B 421 -13.73 -36.81 18.96
C ARG B 421 -12.67 -36.62 17.88
N THR B 422 -13.05 -36.81 16.62
CA THR B 422 -12.11 -36.60 15.52
C THR B 422 -11.86 -35.11 15.28
N MET B 423 -12.87 -34.28 15.51
CA MET B 423 -12.83 -32.89 15.06
C MET B 423 -12.10 -32.00 16.06
N CYS B 424 -12.54 -32.00 17.32
CA CYS B 424 -12.05 -31.03 18.29
C CYS B 424 -11.93 -31.56 19.71
N ARG B 425 -12.73 -32.56 20.11
CA ARG B 425 -12.86 -32.96 21.50
C ARG B 425 -11.79 -33.99 21.81
N GLY B 426 -10.79 -33.60 22.60
CA GLY B 426 -9.72 -34.49 23.00
C GLY B 426 -8.36 -33.92 22.66
N GLU B 427 -7.33 -34.69 23.00
CA GLU B 427 -5.95 -34.29 22.74
C GLU B 427 -5.50 -34.69 21.34
N ASN B 428 -5.85 -35.90 20.91
CA ASN B 428 -5.44 -36.41 19.60
C ASN B 428 -6.39 -36.00 18.48
N SER B 429 -7.36 -35.13 18.78
CA SER B 429 -8.27 -34.64 17.74
C SER B 429 -7.49 -33.78 16.74
N ILE B 430 -8.15 -33.48 15.63
CA ILE B 430 -7.53 -32.59 14.64
C ILE B 430 -7.26 -31.22 15.26
N LEU B 431 -8.26 -30.65 15.91
CA LEU B 431 -8.06 -29.38 16.59
C LEU B 431 -7.13 -29.53 17.79
N GLY B 432 -7.14 -30.71 18.44
CA GLY B 432 -6.20 -30.93 19.52
C GLY B 432 -4.76 -30.92 19.04
N GLN B 433 -4.49 -31.58 17.91
CA GLN B 433 -3.15 -31.61 17.35
C GLN B 433 -2.72 -30.24 16.83
N LEU B 434 -3.67 -29.45 16.32
CA LEU B 434 -3.33 -28.15 15.74
C LEU B 434 -3.12 -27.08 16.81
N LYS B 435 -3.93 -27.09 17.87
CA LYS B 435 -3.81 -26.06 18.90
C LYS B 435 -2.45 -26.09 19.59
N ALA B 436 -1.82 -27.26 19.66
CA ALA B 436 -0.56 -27.36 20.39
C ALA B 436 0.56 -26.56 19.73
N GLU B 437 0.48 -26.36 18.41
CA GLU B 437 1.56 -25.71 17.68
C GLU B 437 1.20 -24.34 17.13
N LEU B 438 -0.07 -24.09 16.79
CA LEU B 438 -0.47 -22.80 16.25
C LEU B 438 -1.60 -22.15 17.04
N GLY B 439 -2.09 -22.77 18.11
CA GLY B 439 -3.07 -22.12 18.96
C GLY B 439 -4.40 -21.93 18.26
N ASN B 440 -5.06 -20.80 18.55
CA ASN B 440 -6.38 -20.51 18.00
C ASN B 440 -6.34 -20.12 16.53
N GLN B 441 -5.17 -20.16 15.88
CA GLN B 441 -5.06 -19.76 14.48
C GLN B 441 -5.24 -20.93 13.53
N TRP B 442 -5.85 -22.03 13.98
CA TRP B 442 -6.28 -23.08 13.07
C TRP B 442 -7.41 -22.64 12.16
N ILE B 443 -8.07 -21.52 12.47
CA ILE B 443 -9.20 -21.05 11.67
C ILE B 443 -8.77 -20.70 10.25
N ASN B 444 -7.52 -20.30 10.06
CA ASN B 444 -7.02 -19.93 8.74
C ASN B 444 -6.71 -21.14 7.87
N TYR B 445 -6.84 -22.35 8.40
CA TYR B 445 -6.44 -23.57 7.68
C TYR B 445 -7.58 -24.56 7.47
N ILE B 446 -8.41 -24.79 8.48
CA ILE B 446 -9.44 -25.82 8.41
C ILE B 446 -10.80 -25.17 8.65
N SER B 447 -11.84 -25.78 8.08
CA SER B 447 -13.21 -25.29 8.23
C SER B 447 -14.16 -26.46 8.27
N PHE B 448 -14.99 -26.51 9.30
CA PHE B 448 -15.98 -27.56 9.48
C PHE B 448 -17.37 -26.97 9.27
N CYS B 449 -18.17 -27.60 8.41
CA CYS B 449 -19.47 -27.04 8.05
C CYS B 449 -20.52 -28.14 7.93
N GLY B 450 -21.77 -27.69 7.89
CA GLY B 450 -22.91 -28.54 7.60
C GLY B 450 -23.85 -27.82 6.65
N LEU B 451 -24.92 -28.51 6.28
CA LEU B 451 -25.92 -27.97 5.36
C LEU B 451 -27.26 -27.82 6.06
N ARG B 452 -27.98 -26.75 5.71
CA ARG B 452 -29.33 -26.50 6.21
C ARG B 452 -30.03 -25.54 5.25
N THR B 453 -31.35 -25.67 5.18
CA THR B 453 -32.19 -24.84 4.32
C THR B 453 -33.50 -24.57 5.03
N HIS B 454 -34.30 -23.67 4.48
CA HIS B 454 -35.57 -23.27 5.07
C HIS B 454 -36.63 -23.22 3.98
N ALA B 455 -37.89 -23.18 4.41
CA ALA B 455 -39.02 -23.10 3.50
C ALA B 455 -40.26 -22.76 4.29
N GLU B 456 -41.34 -22.46 3.58
CA GLU B 456 -42.64 -22.19 4.16
C GLU B 456 -43.56 -23.34 3.78
N LEU B 457 -44.08 -24.05 4.79
CA LEU B 457 -44.90 -25.24 4.58
C LEU B 457 -46.28 -25.01 5.17
N GLU B 458 -47.26 -24.81 4.29
CA GLU B 458 -48.64 -24.57 4.66
C GLU B 458 -48.75 -23.43 5.66
N GLY B 459 -48.11 -22.30 5.31
CA GLY B 459 -48.22 -21.09 6.10
C GLY B 459 -47.32 -21.01 7.31
N ASN B 460 -46.50 -22.02 7.58
CA ASN B 460 -45.60 -22.02 8.73
C ASN B 460 -44.17 -22.18 8.25
N LEU B 461 -43.27 -21.38 8.84
CA LEU B 461 -41.85 -21.44 8.49
C LEU B 461 -41.25 -22.68 9.14
N VAL B 462 -40.63 -23.54 8.34
CA VAL B 462 -40.02 -24.76 8.84
C VAL B 462 -38.58 -24.83 8.35
N THR B 463 -37.77 -25.63 9.04
CA THR B 463 -36.38 -25.84 8.70
C THR B 463 -36.01 -27.30 8.94
N GLU B 464 -35.06 -27.78 8.14
CA GLU B 464 -34.51 -29.12 8.31
C GLU B 464 -33.10 -29.14 7.74
N LEU B 465 -32.25 -29.99 8.32
CA LEU B 465 -30.90 -30.13 7.81
C LEU B 465 -30.89 -30.88 6.49
N ILE B 466 -29.86 -30.62 5.69
CA ILE B 466 -29.64 -31.33 4.43
C ILE B 466 -28.65 -32.45 4.72
N TYR B 467 -29.06 -33.68 4.46
CA TYR B 467 -28.21 -34.83 4.75
C TYR B 467 -27.08 -34.93 3.74
N VAL B 468 -25.85 -34.80 4.23
CA VAL B 468 -24.67 -34.95 3.41
C VAL B 468 -24.36 -36.44 3.36
N HIS B 469 -24.77 -37.10 2.28
CA HIS B 469 -24.46 -38.50 2.07
C HIS B 469 -23.30 -38.69 1.11
N SER B 470 -22.73 -37.60 0.60
CA SER B 470 -21.63 -37.69 -0.35
C SER B 470 -20.41 -38.31 0.31
N LYS B 471 -19.64 -39.04 -0.49
CA LYS B 471 -18.33 -39.55 -0.09
C LYS B 471 -17.34 -39.00 -1.12
N LEU B 472 -16.88 -37.78 -0.91
CA LEU B 472 -16.11 -37.07 -1.92
C LEU B 472 -14.86 -36.45 -1.31
N LEU B 473 -13.79 -36.45 -2.10
CA LEU B 473 -12.54 -35.78 -1.76
C LEU B 473 -12.01 -35.10 -3.01
N ILE B 474 -11.62 -33.82 -2.88
CA ILE B 474 -11.03 -33.07 -3.98
C ILE B 474 -9.75 -32.40 -3.47
N ALA B 475 -8.76 -32.33 -4.36
CA ALA B 475 -7.47 -31.75 -4.00
C ALA B 475 -6.88 -31.00 -5.20
N ASP B 476 -6.49 -29.74 -4.97
CA ASP B 476 -5.69 -28.94 -5.90
C ASP B 476 -6.34 -28.75 -7.26
N ASP B 477 -7.63 -29.03 -7.39
CA ASP B 477 -8.33 -28.97 -8.68
C ASP B 477 -7.71 -29.93 -9.70
N ASN B 478 -7.13 -31.04 -9.21
CA ASN B 478 -6.55 -32.07 -10.06
C ASN B 478 -7.04 -33.46 -9.71
N THR B 479 -7.22 -33.76 -8.43
CA THR B 479 -7.56 -35.10 -7.99
C THR B 479 -8.94 -35.11 -7.35
N VAL B 480 -9.72 -36.13 -7.71
CA VAL B 480 -11.07 -36.32 -7.17
C VAL B 480 -11.26 -37.79 -6.84
N ILE B 481 -11.87 -38.06 -5.68
CA ILE B 481 -12.23 -39.41 -5.28
C ILE B 481 -13.72 -39.44 -5.01
N ILE B 482 -14.44 -40.24 -5.79
CA ILE B 482 -15.89 -40.37 -5.66
C ILE B 482 -16.20 -41.84 -5.38
N GLY B 483 -17.03 -42.09 -4.38
CA GLY B 483 -17.35 -43.46 -4.05
C GLY B 483 -18.46 -43.55 -3.04
N SER B 484 -18.52 -44.71 -2.38
CA SER B 484 -19.49 -45.00 -1.36
C SER B 484 -18.89 -45.10 0.04
N ALA B 485 -17.57 -44.89 0.17
CA ALA B 485 -16.85 -45.13 1.41
C ALA B 485 -16.94 -43.92 2.34
N ASN B 486 -17.48 -44.12 3.53
CA ASN B 486 -17.47 -43.08 4.56
C ASN B 486 -16.08 -42.95 5.17
N ILE B 487 -15.88 -41.88 5.93
CA ILE B 487 -14.64 -41.71 6.70
C ILE B 487 -14.88 -42.37 8.05
N ASN B 488 -14.69 -43.68 8.09
CA ASN B 488 -14.76 -44.45 9.32
C ASN B 488 -14.02 -45.76 9.11
N ASP B 489 -13.77 -46.46 10.21
CA ASP B 489 -13.09 -47.76 10.13
C ASP B 489 -13.94 -48.78 9.38
N ARG B 490 -15.27 -48.66 9.49
CA ARG B 490 -16.18 -49.57 8.79
C ARG B 490 -15.96 -49.54 7.28
N SER B 491 -15.74 -48.35 6.72
CA SER B 491 -15.58 -48.22 5.28
C SER B 491 -14.12 -48.24 4.83
N MET B 492 -13.18 -47.78 5.67
CA MET B 492 -11.81 -47.58 5.22
C MET B 492 -10.88 -48.76 5.50
N LEU B 493 -11.11 -49.50 6.58
CA LEU B 493 -10.19 -50.58 6.95
C LEU B 493 -10.20 -51.72 5.94
N GLY B 494 -11.29 -51.89 5.19
CA GLY B 494 -11.37 -52.89 4.14
C GLY B 494 -11.93 -54.23 4.56
N LYS B 495 -11.50 -54.76 5.71
CA LYS B 495 -12.03 -56.02 6.19
C LYS B 495 -13.42 -55.89 6.79
N ARG B 496 -13.92 -54.66 6.92
CA ARG B 496 -15.22 -54.42 7.52
C ARG B 496 -16.27 -54.35 6.41
N ASP B 497 -16.86 -53.17 6.19
CA ASP B 497 -17.83 -53.03 5.11
C ASP B 497 -17.14 -53.12 3.76
N SER B 498 -17.86 -53.64 2.77
CA SER B 498 -17.38 -53.69 1.41
C SER B 498 -17.80 -52.41 0.70
N GLU B 499 -16.81 -51.65 0.23
CA GLU B 499 -17.06 -50.35 -0.38
C GLU B 499 -16.36 -50.29 -1.73
N MET B 500 -16.70 -49.26 -2.51
CA MET B 500 -16.07 -49.04 -3.80
C MET B 500 -16.01 -47.55 -4.08
N ALA B 501 -14.88 -47.11 -4.63
CA ALA B 501 -14.68 -45.70 -4.97
C ALA B 501 -13.85 -45.63 -6.23
N VAL B 502 -13.71 -44.41 -6.77
CA VAL B 502 -12.91 -44.16 -7.96
C VAL B 502 -12.15 -42.85 -7.76
N ILE B 503 -10.88 -42.85 -8.16
CA ILE B 503 -10.03 -41.65 -8.10
C ILE B 503 -9.82 -41.17 -9.52
N VAL B 504 -9.95 -39.86 -9.71
CA VAL B 504 -9.88 -39.25 -11.03
C VAL B 504 -8.75 -38.23 -11.02
N GLN B 505 -7.72 -38.49 -11.82
CA GLN B 505 -6.64 -37.53 -12.04
C GLN B 505 -6.82 -36.88 -13.41
N ASP B 506 -6.66 -35.57 -13.45
CA ASP B 506 -7.03 -34.81 -14.64
C ASP B 506 -5.85 -34.68 -15.59
N THR B 507 -6.14 -34.82 -16.88
CA THR B 507 -5.16 -34.66 -17.94
C THR B 507 -5.42 -33.44 -18.82
N GLU B 508 -6.69 -33.14 -19.11
CA GLU B 508 -7.05 -31.93 -19.84
C GLU B 508 -7.17 -30.77 -18.86
N THR B 509 -6.47 -29.68 -19.14
CA THR B 509 -6.39 -28.55 -18.24
C THR B 509 -7.21 -27.36 -18.73
N VAL B 510 -7.67 -26.57 -17.77
CA VAL B 510 -8.41 -25.34 -18.04
C VAL B 510 -7.75 -24.21 -17.27
N PRO B 511 -7.63 -23.01 -17.83
CA PRO B 511 -6.99 -21.92 -17.10
C PRO B 511 -7.79 -21.56 -15.86
N SER B 512 -7.10 -21.44 -14.73
CA SER B 512 -7.75 -21.16 -13.46
C SER B 512 -6.82 -20.29 -12.62
N VAL B 513 -7.28 -19.96 -11.41
CA VAL B 513 -6.55 -19.13 -10.46
C VAL B 513 -6.35 -19.94 -9.18
N MET B 514 -5.19 -19.76 -8.55
CA MET B 514 -4.91 -20.40 -7.27
C MET B 514 -3.98 -19.50 -6.47
N ASP B 515 -4.43 -19.11 -5.28
CA ASP B 515 -3.70 -18.17 -4.42
C ASP B 515 -3.44 -16.85 -5.15
N GLY B 516 -4.35 -16.47 -6.05
CA GLY B 516 -4.25 -15.21 -6.76
C GLY B 516 -3.44 -15.25 -8.05
N LYS B 517 -2.67 -16.30 -8.29
CA LYS B 517 -1.83 -16.41 -9.47
C LYS B 517 -2.53 -17.24 -10.55
N GLU B 518 -1.83 -17.41 -11.68
CA GLU B 518 -2.32 -18.24 -12.77
C GLU B 518 -2.08 -19.70 -12.44
N TYR B 519 -3.12 -20.52 -12.62
CA TYR B 519 -3.06 -21.93 -12.24
C TYR B 519 -3.64 -22.79 -13.34
N GLN B 520 -3.05 -23.97 -13.52
CA GLN B 520 -3.54 -24.96 -14.49
C GLN B 520 -4.36 -26.01 -13.76
N ALA B 521 -5.65 -26.08 -14.09
CA ALA B 521 -6.62 -26.87 -13.35
C ALA B 521 -7.41 -27.73 -14.33
N GLY B 522 -7.44 -29.03 -14.09
CA GLY B 522 -8.15 -29.93 -14.97
C GLY B 522 -9.65 -29.67 -14.98
N ARG B 523 -10.30 -30.18 -16.05
CA ARG B 523 -11.72 -29.90 -16.25
C ARG B 523 -12.60 -30.70 -15.30
N PHE B 524 -12.25 -31.95 -15.03
CA PHE B 524 -13.11 -32.77 -14.18
C PHE B 524 -13.15 -32.23 -12.75
N ALA B 525 -11.99 -31.94 -12.19
CA ALA B 525 -11.92 -31.55 -10.78
C ALA B 525 -12.40 -30.12 -10.56
N ARG B 526 -11.87 -29.17 -11.34
CA ARG B 526 -12.30 -27.77 -11.20
C ARG B 526 -13.78 -27.61 -11.52
N GLY B 527 -14.28 -28.37 -12.49
CA GLY B 527 -15.69 -28.34 -12.79
C GLY B 527 -16.55 -28.86 -11.65
N LEU B 528 -16.07 -29.91 -10.97
CA LEU B 528 -16.81 -30.48 -9.85
C LEU B 528 -16.76 -29.57 -8.63
N ARG B 529 -15.59 -28.97 -8.35
CA ARG B 529 -15.49 -28.05 -7.22
C ARG B 529 -16.38 -26.84 -7.40
N LEU B 530 -16.39 -26.27 -8.61
CA LEU B 530 -17.24 -25.11 -8.88
C LEU B 530 -18.70 -25.44 -8.59
N GLN B 531 -19.20 -26.55 -9.15
CA GLN B 531 -20.59 -26.92 -8.95
C GLN B 531 -20.88 -27.21 -7.48
N CYS B 532 -19.94 -27.88 -6.79
CA CYS B 532 -20.10 -28.09 -5.36
C CYS B 532 -20.15 -26.77 -4.61
N PHE B 533 -19.26 -25.84 -4.95
CA PHE B 533 -19.27 -24.54 -4.31
C PHE B 533 -20.57 -23.79 -4.58
N ARG B 534 -21.08 -23.86 -5.80
CA ARG B 534 -22.28 -23.11 -6.15
C ARG B 534 -23.48 -23.56 -5.31
N VAL B 535 -23.63 -24.88 -5.12
CA VAL B 535 -24.78 -25.38 -4.39
C VAL B 535 -24.71 -24.95 -2.93
N VAL B 536 -23.57 -25.18 -2.27
CA VAL B 536 -23.50 -24.92 -0.83
C VAL B 536 -23.41 -23.41 -0.56
N LEU B 537 -22.84 -22.65 -1.49
CA LEU B 537 -22.67 -21.21 -1.28
C LEU B 537 -23.75 -20.37 -1.95
N GLY B 538 -24.63 -20.99 -2.74
CA GLY B 538 -25.70 -20.24 -3.38
C GLY B 538 -25.28 -19.39 -4.56
N TYR B 539 -24.23 -19.78 -5.27
CA TYR B 539 -23.78 -19.05 -6.45
C TYR B 539 -24.26 -19.70 -7.73
N LEU B 540 -25.36 -20.45 -7.67
CA LEU B 540 -25.88 -21.17 -8.83
C LEU B 540 -26.42 -20.18 -9.86
N ASP B 541 -25.92 -20.30 -11.09
CA ASP B 541 -26.26 -19.38 -12.18
C ASP B 541 -25.96 -17.93 -11.80
N ASP B 542 -24.79 -17.72 -11.21
CA ASP B 542 -24.14 -16.43 -11.03
C ASP B 542 -22.82 -16.45 -11.79
N PRO B 543 -22.29 -15.28 -12.17
CA PRO B 543 -21.09 -15.25 -13.02
C PRO B 543 -19.90 -16.05 -12.48
N SER B 544 -20.00 -16.57 -11.25
CA SER B 544 -18.97 -17.42 -10.65
C SER B 544 -17.61 -16.72 -10.64
N GLU B 545 -17.59 -15.50 -10.09
CA GLU B 545 -16.39 -14.68 -10.07
C GLU B 545 -15.67 -14.71 -8.74
N ASP B 546 -16.39 -14.83 -7.63
CA ASP B 546 -15.76 -14.89 -6.32
C ASP B 546 -15.24 -16.28 -6.00
N ILE B 547 -15.84 -17.31 -6.60
CA ILE B 547 -15.54 -18.70 -6.27
C ILE B 547 -14.44 -19.27 -7.13
N GLN B 548 -13.81 -18.44 -7.97
CA GLN B 548 -12.74 -18.94 -8.83
C GLN B 548 -11.53 -19.37 -8.02
N ASP B 549 -11.15 -18.59 -7.00
CA ASP B 549 -9.97 -18.88 -6.21
C ASP B 549 -10.37 -19.67 -4.97
N PRO B 550 -9.89 -20.91 -4.81
CA PRO B 550 -10.31 -21.72 -3.65
C PRO B 550 -9.44 -21.58 -2.41
N VAL B 551 -8.29 -20.90 -2.49
CA VAL B 551 -7.38 -20.82 -1.34
C VAL B 551 -7.01 -19.37 -1.04
N SER B 552 -7.76 -18.42 -1.58
CA SER B 552 -7.46 -17.02 -1.35
C SER B 552 -7.96 -16.57 0.00
N ASP B 553 -7.23 -15.64 0.62
CA ASP B 553 -7.72 -15.05 1.86
C ASP B 553 -9.02 -14.31 1.64
N LYS B 554 -9.21 -13.76 0.43
CA LYS B 554 -10.46 -13.09 0.13
C LYS B 554 -11.61 -14.09 0.04
N PHE B 555 -11.38 -15.25 -0.58
CA PHE B 555 -12.45 -16.22 -0.70
C PHE B 555 -12.70 -16.99 0.60
N PHE B 556 -11.63 -17.44 1.26
CA PHE B 556 -11.80 -18.32 2.41
C PHE B 556 -12.56 -17.62 3.53
N LYS B 557 -12.08 -16.47 3.98
CA LYS B 557 -12.72 -15.84 5.13
C LYS B 557 -13.92 -14.99 4.73
N GLU B 558 -13.85 -14.30 3.60
CA GLU B 558 -14.91 -13.35 3.23
C GLU B 558 -16.06 -14.00 2.47
N VAL B 559 -15.88 -15.21 1.94
CA VAL B 559 -16.96 -15.86 1.20
C VAL B 559 -17.39 -17.13 1.93
N TRP B 560 -16.45 -18.06 2.12
CA TRP B 560 -16.80 -19.35 2.70
C TRP B 560 -17.13 -19.25 4.18
N VAL B 561 -16.18 -18.79 4.99
CA VAL B 561 -16.38 -18.76 6.44
C VAL B 561 -17.46 -17.76 6.82
N SER B 562 -17.60 -16.67 6.07
CA SER B 562 -18.63 -15.69 6.36
C SER B 562 -20.02 -16.25 6.03
N THR B 563 -20.15 -16.93 4.88
CA THR B 563 -21.44 -17.53 4.54
C THR B 563 -21.82 -18.61 5.54
N ALA B 564 -20.84 -19.39 6.00
CA ALA B 564 -21.13 -20.42 7.00
C ALA B 564 -21.51 -19.80 8.33
N ALA B 565 -20.84 -18.71 8.71
CA ALA B 565 -21.14 -18.07 9.98
C ALA B 565 -22.46 -17.31 9.94
N ARG B 566 -22.73 -16.59 8.85
CA ARG B 566 -23.96 -15.81 8.75
C ARG B 566 -25.20 -16.71 8.77
N ASN B 567 -25.18 -17.77 7.95
CA ASN B 567 -26.35 -18.63 7.87
C ASN B 567 -26.62 -19.33 9.19
N ALA B 568 -25.57 -19.77 9.87
CA ALA B 568 -25.74 -20.48 11.14
C ALA B 568 -26.39 -19.59 12.18
N THR B 569 -26.05 -18.30 12.20
CA THR B 569 -26.64 -17.39 13.18
C THR B 569 -28.10 -17.06 12.85
N ILE B 570 -28.42 -16.93 11.55
CA ILE B 570 -29.80 -16.61 11.16
C ILE B 570 -30.73 -17.76 11.51
N TYR B 571 -30.32 -19.00 11.20
CA TYR B 571 -31.16 -20.15 11.50
C TYR B 571 -31.37 -20.34 12.99
N ASP B 572 -30.32 -20.11 13.79
CA ASP B 572 -30.46 -20.25 15.23
C ASP B 572 -31.33 -19.14 15.83
N LYS B 573 -31.35 -17.97 15.21
CA LYS B 573 -32.17 -16.89 15.76
C LYS B 573 -33.62 -17.03 15.34
N VAL B 574 -33.85 -17.40 14.08
CA VAL B 574 -35.21 -17.54 13.58
C VAL B 574 -35.84 -18.82 14.09
N PHE B 575 -35.15 -19.95 13.96
CA PHE B 575 -35.73 -21.25 14.26
C PHE B 575 -35.29 -21.86 15.57
N ARG B 576 -34.19 -21.39 16.17
CA ARG B 576 -33.68 -21.95 17.43
C ARG B 576 -33.46 -23.45 17.30
N CYS B 577 -32.86 -23.85 16.18
CA CYS B 577 -32.76 -25.25 15.80
C CYS B 577 -31.59 -25.94 16.49
N LEU B 578 -31.58 -27.27 16.38
CA LEU B 578 -30.63 -28.22 16.92
C LEU B 578 -29.97 -28.98 15.78
N PRO B 579 -28.64 -29.15 15.80
CA PRO B 579 -27.78 -28.88 16.96
C PRO B 579 -27.44 -27.41 17.22
N ASN B 580 -26.62 -27.19 18.25
CA ASN B 580 -26.46 -25.85 18.81
C ASN B 580 -25.19 -25.84 19.65
N ASP B 581 -24.54 -24.67 19.69
CA ASP B 581 -23.40 -24.49 20.59
C ASP B 581 -23.83 -24.09 22.00
N GLU B 582 -25.11 -23.80 22.20
CA GLU B 582 -25.61 -23.39 23.51
C GLU B 582 -26.26 -24.53 24.28
N VAL B 583 -26.37 -25.71 23.70
CA VAL B 583 -26.98 -26.87 24.36
C VAL B 583 -25.85 -27.86 24.64
N HIS B 584 -25.50 -28.01 25.92
CA HIS B 584 -24.39 -28.85 26.34
C HIS B 584 -24.82 -30.08 27.11
N ASN B 585 -26.11 -30.21 27.41
CA ASN B 585 -26.58 -31.26 28.29
C ASN B 585 -27.98 -31.68 27.86
N LEU B 586 -28.36 -32.91 28.24
CA LEU B 586 -29.71 -33.36 28.01
C LEU B 586 -30.72 -32.56 28.83
N ILE B 587 -30.32 -32.10 30.02
CA ILE B 587 -31.19 -31.25 30.82
C ILE B 587 -31.39 -29.89 30.16
N GLN B 588 -30.32 -29.32 29.58
CA GLN B 588 -30.45 -28.05 28.89
C GLN B 588 -31.33 -28.17 27.63
N LEU B 589 -31.35 -29.34 27.00
CA LEU B 589 -32.14 -29.51 25.79
C LEU B 589 -33.63 -29.47 26.08
N ARG B 590 -34.06 -30.10 27.17
CA ARG B 590 -35.49 -30.15 27.48
C ARG B 590 -36.04 -28.75 27.75
N ASP B 591 -35.23 -27.90 28.37
CA ASP B 591 -35.62 -26.51 28.58
C ASP B 591 -35.49 -25.68 27.31
N PHE B 592 -34.51 -25.98 26.47
CA PHE B 592 -34.22 -25.17 25.30
C PHE B 592 -35.35 -25.23 24.27
N ILE B 593 -35.99 -26.41 24.14
CA ILE B 593 -37.01 -26.57 23.10
C ILE B 593 -38.38 -26.08 23.54
N ASN B 594 -38.60 -25.92 24.85
CA ASN B 594 -39.85 -25.34 25.33
C ASN B 594 -39.81 -23.82 25.34
N LYS B 595 -38.76 -23.22 24.77
CA LYS B 595 -38.63 -21.78 24.63
C LYS B 595 -39.17 -21.34 23.28
N PRO B 596 -39.75 -20.14 23.21
CA PRO B 596 -40.32 -19.65 21.94
C PRO B 596 -39.26 -19.40 20.89
N VAL B 597 -39.61 -19.69 19.64
CA VAL B 597 -38.75 -19.44 18.48
C VAL B 597 -39.26 -18.19 17.78
N LEU B 598 -38.32 -17.42 17.23
CA LEU B 598 -38.70 -16.19 16.55
C LEU B 598 -39.50 -16.48 15.28
N ALA B 599 -39.31 -17.65 14.66
CA ALA B 599 -40.01 -17.96 13.42
C ALA B 599 -41.50 -18.12 13.64
N LYS B 600 -41.93 -18.48 14.84
CA LYS B 600 -43.34 -18.66 15.16
C LYS B 600 -43.99 -17.43 15.76
N GLU B 601 -43.26 -16.69 16.61
CA GLU B 601 -43.88 -15.59 17.34
C GLU B 601 -43.99 -14.33 16.50
N ASP B 602 -43.07 -14.12 15.54
CA ASP B 602 -43.09 -12.95 14.68
C ASP B 602 -42.72 -13.40 13.27
N PRO B 603 -43.68 -13.99 12.53
CA PRO B 603 -43.36 -14.52 11.21
C PRO B 603 -42.90 -13.46 10.22
N ILE B 604 -43.44 -12.25 10.29
CA ILE B 604 -43.03 -11.19 9.36
C ILE B 604 -41.57 -10.82 9.58
N ARG B 605 -41.17 -10.66 10.85
CA ARG B 605 -39.77 -10.38 11.16
C ARG B 605 -38.88 -11.56 10.83
N ALA B 606 -39.37 -12.78 11.05
CA ALA B 606 -38.58 -13.98 10.75
C ALA B 606 -38.39 -14.15 9.25
N GLU B 607 -39.47 -14.02 8.48
CA GLU B 607 -39.37 -14.20 7.03
C GLU B 607 -38.43 -13.17 6.41
N GLU B 608 -38.47 -11.93 6.91
CA GLU B 608 -37.54 -10.93 6.41
C GLU B 608 -36.10 -11.26 6.79
N GLU B 609 -35.89 -11.85 7.97
CA GLU B 609 -34.55 -12.23 8.37
C GLU B 609 -34.02 -13.42 7.55
N LEU B 610 -34.91 -14.36 7.21
CA LEU B 610 -34.49 -15.51 6.42
C LEU B 610 -34.08 -15.14 5.01
N LYS B 611 -34.52 -13.99 4.51
CA LYS B 611 -34.12 -13.54 3.18
C LYS B 611 -32.63 -13.22 3.09
N LYS B 612 -31.97 -13.03 4.23
CA LYS B 612 -30.54 -12.73 4.26
C LYS B 612 -29.66 -13.96 4.06
N ILE B 613 -30.27 -15.15 4.02
CA ILE B 613 -29.51 -16.40 3.89
C ILE B 613 -29.06 -16.58 2.44
N ARG B 614 -27.79 -16.99 2.28
CA ARG B 614 -27.20 -17.29 0.98
C ARG B 614 -26.72 -18.73 0.99
N GLY B 615 -27.33 -19.58 0.17
CA GLY B 615 -26.92 -20.97 0.06
C GLY B 615 -27.40 -21.81 1.22
N PHE B 616 -26.75 -22.97 1.38
CA PHE B 616 -27.07 -23.91 2.43
C PHE B 616 -25.94 -24.08 3.45
N LEU B 617 -24.80 -23.43 3.23
CA LEU B 617 -23.64 -23.65 4.08
C LEU B 617 -23.86 -23.06 5.47
N VAL B 618 -23.67 -23.88 6.50
CA VAL B 618 -23.74 -23.43 7.89
C VAL B 618 -22.52 -23.95 8.64
N GLN B 619 -22.20 -23.26 9.73
CA GLN B 619 -21.03 -23.57 10.52
C GLN B 619 -21.34 -24.66 11.53
N PHE B 620 -20.40 -25.59 11.70
CA PHE B 620 -20.67 -26.77 12.51
C PHE B 620 -20.52 -26.44 13.99
N PRO B 621 -21.53 -26.70 14.81
CA PRO B 621 -21.41 -26.46 16.25
C PRO B 621 -20.48 -27.47 16.90
N PHE B 622 -19.49 -26.98 17.64
CA PHE B 622 -18.50 -27.83 18.28
C PHE B 622 -18.90 -28.30 19.67
N TYR B 623 -19.86 -27.63 20.32
CA TYR B 623 -20.13 -27.85 21.74
C TYR B 623 -21.52 -28.44 21.99
N PHE B 624 -22.15 -29.01 20.98
CA PHE B 624 -23.45 -29.64 21.17
C PHE B 624 -23.30 -30.89 22.03
N LEU B 625 -24.02 -30.92 23.15
CA LEU B 625 -23.94 -32.03 24.12
C LEU B 625 -22.50 -32.27 24.56
N SER B 626 -21.79 -31.18 24.83
CA SER B 626 -20.37 -31.27 25.18
C SER B 626 -20.17 -31.96 26.52
N GLU B 627 -21.06 -31.71 27.48
CA GLU B 627 -20.92 -32.29 28.81
C GLU B 627 -21.51 -33.69 28.90
N GLU B 628 -22.08 -34.20 27.82
CA GLU B 628 -22.61 -35.56 27.79
C GLU B 628 -21.53 -36.51 27.29
N SER B 629 -21.44 -37.66 27.94
CA SER B 629 -20.42 -38.66 27.64
C SER B 629 -21.05 -39.89 26.99
N LEU B 630 -20.25 -40.60 26.20
CA LEU B 630 -20.76 -41.74 25.46
C LEU B 630 -20.86 -42.99 26.34
N LEU B 631 -19.79 -43.32 27.05
CA LEU B 631 -19.75 -44.57 27.81
C LEU B 631 -20.81 -44.64 28.91
N PRO B 632 -20.96 -43.64 29.79
CA PRO B 632 -22.02 -43.76 30.82
C PRO B 632 -23.42 -43.78 30.25
N SER B 633 -23.67 -43.08 29.14
CA SER B 633 -25.01 -43.01 28.58
C SER B 633 -25.38 -44.30 27.86
N VAL B 634 -24.46 -44.81 27.03
CA VAL B 634 -24.75 -45.98 26.21
C VAL B 634 -24.34 -47.29 26.87
N GLY B 635 -23.34 -47.26 27.74
CA GLY B 635 -22.81 -48.49 28.30
C GLY B 635 -23.71 -49.09 29.36
N THR B 636 -23.63 -50.42 29.48
CA THR B 636 -24.30 -51.21 30.50
C THR B 636 -23.23 -51.90 31.35
N LYS B 637 -23.68 -52.64 32.37
CA LYS B 637 -22.72 -53.30 33.26
C LYS B 637 -21.98 -54.44 32.55
N GLU B 638 -22.67 -55.20 31.70
CA GLU B 638 -22.05 -56.26 30.93
C GLU B 638 -22.51 -56.15 29.48
N ALA B 639 -21.76 -55.43 28.67
CA ALA B 639 -22.11 -55.26 27.27
C ALA B 639 -21.35 -56.29 26.45
N ILE B 640 -21.98 -56.75 25.37
CA ILE B 640 -21.41 -57.79 24.53
C ILE B 640 -21.23 -57.35 23.09
N VAL B 641 -21.75 -56.19 22.73
CA VAL B 641 -21.62 -55.66 21.37
C VAL B 641 -20.35 -54.83 21.33
N PRO B 642 -19.39 -55.13 20.46
CA PRO B 642 -18.16 -54.34 20.43
C PRO B 642 -18.45 -52.89 20.08
N MET B 643 -17.62 -51.99 20.62
CA MET B 643 -17.79 -50.59 20.29
C MET B 643 -17.31 -50.28 18.89
N GLU B 644 -16.50 -51.18 18.31
CA GLU B 644 -15.99 -51.00 16.96
C GLU B 644 -17.07 -51.12 15.90
N VAL B 645 -18.32 -51.42 16.29
CA VAL B 645 -19.41 -51.49 15.34
C VAL B 645 -19.85 -50.09 14.91
N TRP B 646 -19.72 -49.10 15.78
CA TRP B 646 -20.11 -47.73 15.48
C TRP B 646 -18.97 -46.87 14.96
N THR B 647 -17.73 -47.36 15.01
CA THR B 647 -16.59 -46.60 14.50
C THR B 647 -16.38 -46.87 13.02
N ASP C 28 -17.25 -27.55 -54.34
CA ASP C 28 -16.88 -28.96 -54.30
C ASP C 28 -17.17 -29.57 -52.93
N HIS C 29 -18.16 -29.01 -52.23
CA HIS C 29 -18.62 -29.55 -50.96
C HIS C 29 -20.13 -29.70 -50.99
N ARG C 30 -20.68 -30.22 -49.88
CA ARG C 30 -22.12 -30.32 -49.72
C ARG C 30 -22.74 -28.93 -49.66
N PHE C 31 -23.93 -28.78 -50.24
CA PHE C 31 -24.67 -27.53 -50.29
C PHE C 31 -23.95 -26.43 -51.08
N GLY C 32 -22.90 -26.78 -51.81
CA GLY C 32 -22.11 -25.75 -52.46
C GLY C 32 -21.32 -24.88 -51.50
N SER C 33 -21.04 -25.40 -50.30
CA SER C 33 -20.36 -24.62 -49.27
C SER C 33 -18.87 -24.52 -49.55
N TYR C 34 -18.26 -23.51 -48.95
CA TYR C 34 -16.81 -23.36 -48.96
C TYR C 34 -16.11 -24.24 -47.95
N ALA C 35 -16.85 -24.80 -47.00
CA ALA C 35 -16.29 -25.63 -45.94
C ALA C 35 -16.82 -27.05 -46.08
N ALA C 36 -16.15 -27.97 -45.38
CA ALA C 36 -16.50 -29.38 -45.39
C ALA C 36 -17.22 -29.77 -44.10
N ILE C 37 -17.94 -30.88 -44.16
CA ILE C 37 -18.66 -31.40 -43.00
C ILE C 37 -17.65 -31.93 -41.99
N GLN C 38 -17.37 -31.14 -40.95
CA GLN C 38 -16.42 -31.53 -39.92
C GLN C 38 -17.12 -32.50 -38.96
N GLU C 39 -16.70 -33.76 -38.96
CA GLU C 39 -17.42 -34.80 -38.25
C GLU C 39 -17.00 -34.86 -36.79
N ASN C 40 -17.98 -35.20 -35.94
CA ASN C 40 -17.82 -35.29 -34.49
C ASN C 40 -17.05 -34.08 -33.95
N ALA C 41 -17.67 -32.90 -34.01
CA ALA C 41 -17.08 -31.67 -33.51
C ALA C 41 -17.89 -31.14 -32.35
N LEU C 42 -17.30 -30.22 -31.60
CA LEU C 42 -17.95 -29.63 -30.43
C LEU C 42 -18.79 -28.43 -30.89
N ALA C 43 -20.07 -28.46 -30.55
CA ALA C 43 -20.98 -27.37 -30.85
C ALA C 43 -21.85 -27.09 -29.63
N LYS C 44 -22.30 -25.84 -29.52
CA LYS C 44 -23.19 -25.43 -28.45
C LYS C 44 -24.17 -24.41 -29.02
N TRP C 45 -25.36 -24.35 -28.42
CA TRP C 45 -26.41 -23.44 -28.85
C TRP C 45 -26.76 -22.48 -27.72
N TYR C 46 -27.22 -21.29 -28.09
CA TYR C 46 -27.60 -20.27 -27.13
C TYR C 46 -29.00 -19.76 -27.46
N VAL C 47 -29.83 -19.63 -26.43
CA VAL C 47 -31.14 -19.00 -26.54
C VAL C 47 -31.05 -17.67 -25.82
N ASN C 48 -31.21 -16.57 -26.57
CA ASN C 48 -31.08 -15.20 -26.08
C ASN C 48 -29.62 -14.88 -25.73
N ALA C 49 -29.29 -13.59 -25.70
CA ALA C 49 -27.91 -13.16 -25.70
C ALA C 49 -27.19 -13.33 -24.36
N LYS C 50 -27.92 -13.51 -23.25
CA LYS C 50 -27.27 -13.52 -21.94
C LYS C 50 -26.19 -14.60 -21.86
N GLY C 51 -26.55 -15.84 -22.19
CA GLY C 51 -25.55 -16.90 -22.17
C GLY C 51 -24.52 -16.75 -23.27
N TYR C 52 -24.91 -16.20 -24.41
CA TYR C 52 -23.97 -16.01 -25.51
C TYR C 52 -22.94 -14.95 -25.17
N PHE C 53 -23.38 -13.82 -24.59
CA PHE C 53 -22.44 -12.78 -24.20
C PHE C 53 -21.55 -13.22 -23.03
N GLU C 54 -22.04 -14.11 -22.17
CA GLU C 54 -21.21 -14.56 -21.05
C GLU C 54 -20.09 -15.49 -21.52
N ASP C 55 -20.41 -16.43 -22.40
CA ASP C 55 -19.40 -17.37 -22.88
C ASP C 55 -18.41 -16.70 -23.83
N VAL C 56 -18.86 -15.74 -24.63
CA VAL C 56 -17.93 -15.05 -25.53
C VAL C 56 -16.94 -14.20 -24.74
N ALA C 57 -17.33 -13.71 -23.56
CA ALA C 57 -16.41 -12.94 -22.74
C ALA C 57 -15.33 -13.84 -22.13
N ASN C 58 -15.73 -15.00 -21.62
CA ASN C 58 -14.76 -15.92 -21.03
C ASN C 58 -13.76 -16.44 -22.06
N ALA C 59 -14.20 -16.61 -23.31
CA ALA C 59 -13.28 -17.11 -24.32
C ALA C 59 -12.24 -16.07 -24.70
N MET C 60 -12.65 -14.80 -24.78
CA MET C 60 -11.71 -13.73 -25.10
C MET C 60 -10.70 -13.54 -23.98
N GLU C 61 -11.12 -13.72 -22.72
CA GLU C 61 -10.23 -13.51 -21.58
C GLU C 61 -9.07 -14.49 -21.60
N GLU C 62 -9.29 -15.70 -22.13
CA GLU C 62 -8.24 -16.70 -22.22
C GLU C 62 -7.63 -16.77 -23.61
N ALA C 63 -7.74 -15.70 -24.39
CA ALA C 63 -7.08 -15.66 -25.70
C ALA C 63 -5.58 -15.58 -25.53
N ASN C 64 -4.86 -16.13 -26.51
CA ASN C 64 -3.40 -16.12 -26.50
C ASN C 64 -2.82 -15.43 -27.71
N GLU C 65 -3.35 -15.71 -28.90
CA GLU C 65 -2.83 -15.18 -30.14
C GLU C 65 -3.72 -14.13 -30.78
N GLU C 66 -4.96 -14.49 -31.14
CA GLU C 66 -5.78 -13.65 -32.00
C GLU C 66 -7.24 -13.64 -31.54
N ILE C 67 -7.94 -12.56 -31.90
CA ILE C 67 -9.38 -12.44 -31.73
C ILE C 67 -9.97 -11.84 -33.00
N PHE C 68 -10.85 -12.58 -33.65
CA PHE C 68 -11.52 -12.12 -34.87
C PHE C 68 -12.96 -11.74 -34.54
N ILE C 69 -13.37 -10.55 -34.97
CA ILE C 69 -14.72 -10.03 -34.76
C ILE C 69 -15.22 -9.46 -36.07
N THR C 70 -16.49 -9.72 -36.39
CA THR C 70 -17.17 -9.06 -37.49
C THR C 70 -18.61 -8.83 -37.07
N ASP C 71 -19.11 -7.60 -37.29
CA ASP C 71 -20.40 -7.18 -36.79
C ASP C 71 -21.09 -6.27 -37.78
N TRP C 72 -22.42 -6.38 -37.87
CA TRP C 72 -23.19 -5.38 -38.61
C TRP C 72 -23.22 -4.06 -37.85
N TRP C 73 -23.37 -4.13 -36.54
CA TRP C 73 -23.33 -2.97 -35.66
C TRP C 73 -22.55 -3.35 -34.41
N LEU C 74 -21.64 -2.48 -33.98
CA LEU C 74 -20.84 -2.73 -32.79
C LEU C 74 -20.97 -1.55 -31.85
N SER C 75 -21.24 -1.84 -30.58
CA SER C 75 -21.33 -0.81 -29.55
C SER C 75 -20.25 -1.10 -28.51
N PRO C 76 -19.18 -0.30 -28.47
CA PRO C 76 -18.04 -0.67 -27.61
C PRO C 76 -18.35 -0.69 -26.13
N GLU C 77 -19.28 0.15 -25.67
CA GLU C 77 -19.51 0.32 -24.24
C GLU C 77 -20.70 -0.50 -23.74
N ILE C 78 -20.74 -1.79 -24.09
CA ILE C 78 -21.76 -2.71 -23.59
C ILE C 78 -21.10 -3.71 -22.67
N PHE C 79 -21.88 -4.24 -21.73
CA PHE C 79 -21.40 -5.21 -20.76
C PHE C 79 -21.75 -6.62 -21.22
N LEU C 80 -20.74 -7.50 -21.26
CA LEU C 80 -20.93 -8.89 -21.65
C LEU C 80 -21.35 -9.78 -20.50
N LYS C 81 -21.13 -9.36 -19.25
CA LYS C 81 -21.54 -10.13 -18.07
C LYS C 81 -22.43 -9.26 -17.20
N ARG C 82 -23.69 -9.69 -17.02
CA ARG C 82 -24.65 -8.97 -16.23
C ARG C 82 -25.23 -9.88 -15.15
N PRO C 83 -25.54 -9.37 -13.95
CA PRO C 83 -25.40 -7.98 -13.47
C PRO C 83 -23.93 -7.56 -13.40
N VAL C 84 -23.66 -6.26 -13.44
CA VAL C 84 -22.30 -5.75 -13.53
C VAL C 84 -21.45 -6.34 -12.41
N VAL C 85 -20.50 -7.20 -12.79
CA VAL C 85 -19.70 -7.97 -11.84
C VAL C 85 -18.75 -7.05 -11.09
N GLU C 86 -17.62 -6.73 -11.72
CA GLU C 86 -16.55 -5.96 -11.07
C GLU C 86 -16.19 -4.78 -11.96
N GLY C 87 -16.94 -3.68 -11.82
CA GLY C 87 -16.64 -2.48 -12.57
C GLY C 87 -16.79 -2.70 -14.06
N ASN C 88 -15.83 -2.16 -14.82
CA ASN C 88 -15.80 -2.33 -16.27
C ASN C 88 -15.02 -3.56 -16.70
N ARG C 89 -14.80 -4.52 -15.78
CA ARG C 89 -13.98 -5.68 -16.11
C ARG C 89 -14.57 -6.52 -17.24
N TRP C 90 -15.88 -6.40 -17.47
CA TRP C 90 -16.55 -7.17 -18.51
C TRP C 90 -17.27 -6.29 -19.53
N ARG C 91 -17.02 -4.99 -19.52
CA ARG C 91 -17.50 -4.14 -20.61
C ARG C 91 -16.68 -4.44 -21.86
N LEU C 92 -17.35 -4.44 -23.02
CA LEU C 92 -16.74 -4.95 -24.24
C LEU C 92 -15.46 -4.22 -24.60
N ASP C 93 -15.49 -2.88 -24.60
CA ASP C 93 -14.31 -2.13 -25.00
C ASP C 93 -13.14 -2.35 -24.04
N CYS C 94 -13.43 -2.58 -22.76
CA CYS C 94 -12.35 -2.79 -21.79
C CYS C 94 -11.73 -4.18 -21.95
N ILE C 95 -12.53 -5.19 -22.30
CA ILE C 95 -11.98 -6.54 -22.50
C ILE C 95 -10.98 -6.52 -23.65
N LEU C 96 -11.31 -5.82 -24.74
CA LEU C 96 -10.38 -5.74 -25.87
C LEU C 96 -9.10 -5.01 -25.48
N LYS C 97 -9.22 -3.91 -24.73
CA LYS C 97 -8.04 -3.21 -24.25
C LYS C 97 -7.18 -4.11 -23.36
N ARG C 98 -7.83 -4.84 -22.45
CA ARG C 98 -7.11 -5.71 -21.52
C ARG C 98 -6.33 -6.79 -22.27
N LYS C 99 -6.95 -7.44 -23.25
CA LYS C 99 -6.27 -8.51 -23.99
C LYS C 99 -5.22 -7.95 -24.95
N ALA C 100 -5.49 -6.79 -25.55
CA ALA C 100 -4.51 -6.20 -26.45
C ALA C 100 -3.26 -5.75 -25.69
N GLN C 101 -3.40 -5.43 -24.40
CA GLN C 101 -2.25 -5.10 -23.58
C GLN C 101 -1.44 -6.32 -23.18
N GLN C 102 -1.99 -7.52 -23.38
CA GLN C 102 -1.29 -8.78 -23.10
C GLN C 102 -0.69 -9.40 -24.35
N GLY C 103 -0.58 -8.66 -25.44
CA GLY C 103 0.01 -9.16 -26.66
C GLY C 103 -0.94 -9.83 -27.63
N VAL C 104 -2.23 -9.81 -27.37
CA VAL C 104 -3.19 -10.44 -28.27
C VAL C 104 -3.55 -9.48 -29.38
N ARG C 105 -3.51 -9.97 -30.63
CA ARG C 105 -3.82 -9.15 -31.79
C ARG C 105 -5.30 -9.31 -32.13
N ILE C 106 -6.06 -8.24 -32.00
CA ILE C 106 -7.50 -8.23 -32.25
C ILE C 106 -7.78 -7.55 -33.58
N PHE C 107 -8.61 -8.20 -34.41
CA PHE C 107 -8.99 -7.68 -35.71
C PHE C 107 -10.50 -7.63 -35.81
N ILE C 108 -11.04 -6.46 -36.12
CA ILE C 108 -12.47 -6.22 -36.17
C ILE C 108 -12.83 -5.73 -37.57
N MET C 109 -13.91 -6.28 -38.13
CA MET C 109 -14.40 -5.91 -39.45
C MET C 109 -15.86 -5.48 -39.34
N LEU C 110 -16.11 -4.20 -39.49
CA LEU C 110 -17.45 -3.62 -39.34
C LEU C 110 -18.05 -3.29 -40.70
N TYR C 111 -19.38 -3.17 -40.72
CA TYR C 111 -20.10 -2.78 -41.92
C TYR C 111 -20.22 -1.27 -41.97
N LYS C 112 -19.84 -0.69 -43.10
CA LYS C 112 -19.93 0.76 -43.30
C LYS C 112 -21.37 1.12 -43.66
N GLU C 113 -22.08 1.74 -42.72
CA GLU C 113 -23.47 2.10 -42.94
C GLU C 113 -23.58 3.16 -44.03
N VAL C 114 -24.79 3.29 -44.56
CA VAL C 114 -25.07 4.31 -45.58
C VAL C 114 -24.93 5.70 -44.98
N GLU C 115 -24.61 6.68 -45.84
CA GLU C 115 -24.37 8.04 -45.38
C GLU C 115 -25.58 8.63 -44.65
N LEU C 116 -26.79 8.34 -45.13
CA LEU C 116 -28.00 8.86 -44.49
C LEU C 116 -28.49 8.01 -43.32
N ALA C 117 -27.82 6.90 -43.01
CA ALA C 117 -28.18 6.08 -41.86
C ALA C 117 -27.62 6.77 -40.62
N LEU C 118 -28.48 7.50 -39.91
CA LEU C 118 -28.06 8.31 -38.78
C LEU C 118 -27.79 7.52 -37.51
N GLY C 119 -28.41 6.36 -37.34
CA GLY C 119 -28.30 5.64 -36.08
C GLY C 119 -26.95 4.99 -35.87
N ILE C 120 -26.34 4.49 -36.94
CA ILE C 120 -25.03 3.84 -36.87
C ILE C 120 -23.95 4.83 -37.26
N ASN C 121 -22.87 4.85 -36.48
CA ASN C 121 -21.69 5.71 -36.73
C ASN C 121 -20.45 4.81 -36.66
N SER C 122 -20.16 4.13 -37.77
CA SER C 122 -19.01 3.22 -37.81
C SER C 122 -17.69 3.95 -37.65
N GLU C 123 -17.63 5.24 -38.03
CA GLU C 123 -16.37 5.96 -37.96
C GLU C 123 -15.96 6.24 -36.52
N TYR C 124 -16.91 6.58 -35.66
CA TYR C 124 -16.61 6.84 -34.25
C TYR C 124 -16.15 5.57 -33.55
N THR C 125 -16.93 4.49 -33.68
CA THR C 125 -16.57 3.24 -33.02
C THR C 125 -15.27 2.67 -33.58
N LYS C 126 -14.95 2.98 -34.85
CA LYS C 126 -13.63 2.60 -35.37
C LYS C 126 -12.53 3.37 -34.64
N ARG C 127 -12.73 4.68 -34.48
CA ARG C 127 -11.76 5.48 -33.73
C ARG C 127 -11.73 5.08 -32.27
N THR C 128 -12.90 4.82 -31.69
CA THR C 128 -12.97 4.43 -30.28
C THR C 128 -12.19 3.15 -30.02
N LEU C 129 -12.36 2.15 -30.89
CA LEU C 129 -11.72 0.85 -30.67
C LEU C 129 -10.21 0.92 -30.90
N MET C 130 -9.77 1.61 -31.97
CA MET C 130 -8.35 1.65 -32.27
C MET C 130 -7.55 2.56 -31.34
N ARG C 131 -8.20 3.53 -30.69
CA ARG C 131 -7.51 4.36 -29.71
C ARG C 131 -7.32 3.65 -28.38
N LEU C 132 -7.86 2.43 -28.24
CA LEU C 132 -7.67 1.68 -27.01
C LEU C 132 -6.25 1.15 -26.91
N HIS C 133 -5.80 0.45 -27.95
CA HIS C 133 -4.48 -0.15 -27.98
C HIS C 133 -4.04 -0.29 -29.43
N PRO C 134 -2.75 -0.16 -29.72
CA PRO C 134 -2.29 -0.31 -31.10
C PRO C 134 -2.48 -1.71 -31.66
N ASN C 135 -2.67 -2.71 -30.82
CA ASN C 135 -2.92 -4.09 -31.26
C ASN C 135 -4.33 -4.32 -31.78
N ILE C 136 -5.20 -3.31 -31.74
CA ILE C 136 -6.58 -3.43 -32.21
C ILE C 136 -6.69 -2.70 -33.54
N LYS C 137 -7.02 -3.44 -34.59
CA LYS C 137 -7.13 -2.88 -35.93
C LYS C 137 -8.52 -3.16 -36.48
N VAL C 138 -9.17 -2.12 -37.00
CA VAL C 138 -10.54 -2.19 -37.49
C VAL C 138 -10.57 -1.77 -38.95
N MET C 139 -11.34 -2.51 -39.75
CA MET C 139 -11.54 -2.19 -41.16
C MET C 139 -13.03 -2.21 -41.47
N ARG C 140 -13.47 -1.27 -42.32
CA ARG C 140 -14.88 -1.13 -42.66
C ARG C 140 -15.08 -1.36 -44.16
N HIS C 141 -16.06 -2.19 -44.49
CA HIS C 141 -16.47 -2.44 -45.87
C HIS C 141 -17.98 -2.31 -45.96
N PRO C 142 -18.52 -1.78 -47.07
CA PRO C 142 -17.89 -1.32 -48.31
C PRO C 142 -16.96 -0.12 -48.16
N ASP C 143 -16.29 0.25 -49.24
CA ASP C 143 -15.34 1.36 -49.22
C ASP C 143 -16.09 2.65 -49.53
N HIS C 144 -15.88 3.66 -48.68
CA HIS C 144 -16.54 4.94 -48.91
C HIS C 144 -15.91 5.69 -50.07
N VAL C 145 -14.59 5.55 -50.25
CA VAL C 145 -13.91 6.29 -51.31
C VAL C 145 -14.07 5.66 -52.68
N SER C 146 -14.70 4.49 -52.78
CA SER C 146 -14.88 3.83 -54.07
C SER C 146 -15.98 4.52 -54.85
N SER C 147 -15.77 4.63 -56.17
CA SER C 147 -16.81 5.19 -57.04
C SER C 147 -18.02 4.27 -57.15
N THR C 148 -17.87 2.99 -56.78
CA THR C 148 -18.98 2.06 -56.90
C THR C 148 -20.02 2.30 -55.81
N VAL C 149 -21.27 1.95 -56.13
CA VAL C 149 -22.40 2.11 -55.23
C VAL C 149 -22.82 0.72 -54.74
N TYR C 150 -22.85 0.55 -53.42
CA TYR C 150 -23.16 -0.73 -52.80
C TYR C 150 -24.54 -0.66 -52.15
N LEU C 151 -25.44 -1.57 -52.56
CA LEU C 151 -26.75 -1.66 -51.95
C LEU C 151 -26.77 -2.57 -50.74
N TRP C 152 -25.89 -3.55 -50.70
CA TRP C 152 -25.98 -4.64 -49.74
C TRP C 152 -24.99 -4.42 -48.60
N ALA C 153 -25.15 -5.23 -47.56
CA ALA C 153 -24.45 -5.04 -46.31
C ALA C 153 -23.74 -6.32 -45.90
N HIS C 154 -22.90 -6.18 -44.87
CA HIS C 154 -22.17 -7.29 -44.26
C HIS C 154 -22.90 -7.64 -42.97
N HIS C 155 -23.83 -8.58 -43.05
CA HIS C 155 -24.74 -8.85 -41.94
C HIS C 155 -24.27 -10.00 -41.05
N GLU C 156 -23.20 -10.69 -41.40
CA GLU C 156 -22.75 -11.81 -40.59
C GLU C 156 -22.17 -11.32 -39.27
N LYS C 157 -22.37 -12.12 -38.22
CA LYS C 157 -21.89 -11.82 -36.88
C LYS C 157 -21.09 -13.01 -36.39
N LEU C 158 -19.76 -12.85 -36.32
CA LEU C 158 -18.86 -13.93 -35.93
C LEU C 158 -17.81 -13.42 -34.95
N VAL C 159 -17.56 -14.21 -33.90
CA VAL C 159 -16.45 -13.97 -32.97
C VAL C 159 -15.58 -15.22 -32.95
N ILE C 160 -14.31 -15.06 -33.32
CA ILE C 160 -13.37 -16.17 -33.39
C ILE C 160 -12.18 -15.87 -32.47
N ILE C 161 -11.85 -16.82 -31.60
CA ILE C 161 -10.77 -16.67 -30.63
C ILE C 161 -9.69 -17.71 -30.93
N ASP C 162 -8.49 -17.22 -31.25
CA ASP C 162 -7.32 -18.07 -31.52
C ASP C 162 -7.58 -19.08 -32.62
N GLN C 163 -8.57 -18.82 -33.48
CA GLN C 163 -8.97 -19.73 -34.55
C GLN C 163 -9.30 -21.13 -34.03
N SER C 164 -9.57 -21.24 -32.72
CA SER C 164 -9.96 -22.49 -32.09
C SER C 164 -11.37 -22.49 -31.53
N VAL C 165 -11.87 -21.34 -31.08
CA VAL C 165 -13.25 -21.19 -30.62
C VAL C 165 -13.90 -20.08 -31.42
N ALA C 166 -15.09 -20.35 -31.96
CA ALA C 166 -15.76 -19.38 -32.81
C ALA C 166 -17.25 -19.40 -32.54
N PHE C 167 -17.88 -18.22 -32.63
CA PHE C 167 -19.28 -18.06 -32.31
C PHE C 167 -20.03 -17.57 -33.54
N VAL C 168 -21.08 -18.29 -33.92
CA VAL C 168 -21.91 -17.95 -35.07
C VAL C 168 -23.34 -17.81 -34.61
N GLY C 169 -24.03 -16.80 -35.14
CA GLY C 169 -25.43 -16.59 -34.79
C GLY C 169 -25.93 -15.28 -35.36
N GLY C 170 -27.07 -14.83 -34.83
CA GLY C 170 -27.66 -13.57 -35.24
C GLY C 170 -27.57 -12.46 -34.22
N ILE C 171 -26.74 -12.59 -33.19
CA ILE C 171 -26.64 -11.61 -32.12
C ILE C 171 -25.43 -10.73 -32.38
N ASP C 172 -25.65 -9.44 -32.55
CA ASP C 172 -24.56 -8.49 -32.69
C ASP C 172 -24.09 -8.04 -31.30
N LEU C 173 -22.84 -7.59 -31.24
CA LEU C 173 -22.31 -6.97 -30.02
C LEU C 173 -22.72 -5.50 -30.02
N ALA C 174 -24.03 -5.29 -29.90
CA ALA C 174 -24.61 -3.97 -30.10
C ALA C 174 -25.67 -3.69 -29.04
N TYR C 175 -26.13 -2.44 -29.03
CA TYR C 175 -27.14 -2.01 -28.08
C TYR C 175 -28.45 -2.75 -28.29
N GLY C 176 -29.08 -3.17 -27.18
CA GLY C 176 -30.39 -3.77 -27.24
C GLY C 176 -30.43 -5.25 -27.49
N ARG C 177 -29.28 -5.89 -27.75
CA ARG C 177 -29.26 -7.32 -28.02
C ARG C 177 -29.32 -8.17 -26.76
N TRP C 178 -28.73 -7.71 -25.66
CA TRP C 178 -28.69 -8.53 -24.45
C TRP C 178 -30.08 -8.74 -23.88
N ASP C 179 -30.40 -9.98 -23.57
CA ASP C 179 -31.66 -10.34 -22.93
C ASP C 179 -31.54 -11.76 -22.40
N ASP C 180 -32.36 -12.07 -21.40
CA ASP C 180 -32.45 -13.41 -20.86
C ASP C 180 -33.82 -13.98 -21.22
N ASN C 181 -34.18 -15.08 -20.57
CA ASN C 181 -35.44 -15.75 -20.87
C ASN C 181 -36.65 -15.12 -20.22
N GLU C 182 -36.47 -14.05 -19.44
CA GLU C 182 -37.60 -13.37 -18.82
C GLU C 182 -38.20 -12.30 -19.71
N HIS C 183 -37.40 -11.70 -20.60
CA HIS C 183 -37.85 -10.70 -21.55
C HIS C 183 -38.57 -9.56 -20.83
N ARG C 184 -37.87 -8.91 -19.92
CA ARG C 184 -38.45 -7.84 -19.13
C ARG C 184 -38.71 -6.60 -19.99
N LEU C 185 -39.76 -5.87 -19.63
CA LEU C 185 -40.10 -4.61 -20.27
C LEU C 185 -39.66 -3.41 -19.45
N THR C 186 -39.29 -3.62 -18.19
CA THR C 186 -38.96 -2.56 -17.25
C THR C 186 -37.54 -2.74 -16.74
N ASP C 187 -36.91 -1.63 -16.37
CA ASP C 187 -35.55 -1.64 -15.84
C ASP C 187 -35.31 -0.40 -14.98
N VAL C 188 -36.09 -0.25 -13.91
CA VAL C 188 -36.02 0.94 -13.07
C VAL C 188 -35.29 0.66 -11.76
N GLY C 189 -34.45 -0.38 -11.72
CA GLY C 189 -33.66 -0.66 -10.55
C GLY C 189 -32.66 0.44 -10.24
N SER C 190 -32.09 0.34 -9.03
CA SER C 190 -31.19 1.37 -8.48
C SER C 190 -31.85 2.75 -8.44
N GLU C 213 -34.05 -3.07 -7.22
CA GLU C 213 -33.20 -4.19 -7.63
C GLU C 213 -31.96 -3.69 -8.37
N THR C 214 -31.59 -4.40 -9.44
CA THR C 214 -30.43 -4.04 -10.25
C THR C 214 -30.88 -3.51 -11.60
N ARG C 215 -30.01 -2.71 -12.21
CA ARG C 215 -30.25 -2.15 -13.53
C ARG C 215 -29.48 -2.95 -14.57
N PHE C 216 -30.18 -3.43 -15.59
CA PHE C 216 -29.61 -4.31 -16.60
C PHE C 216 -29.14 -3.55 -17.85
N TRP C 217 -30.02 -2.75 -18.44
CA TRP C 217 -29.74 -2.02 -19.67
C TRP C 217 -29.41 -0.56 -19.35
N HIS C 218 -28.11 -0.26 -19.27
CA HIS C 218 -27.66 1.10 -18.96
C HIS C 218 -27.73 1.97 -20.20
N GLY C 219 -28.24 3.18 -20.04
CA GLY C 219 -28.14 4.17 -21.10
C GLY C 219 -28.83 3.73 -22.39
N LYS C 220 -28.08 3.79 -23.48
CA LYS C 220 -28.61 3.48 -24.80
C LYS C 220 -28.83 1.99 -25.01
N ASP C 221 -28.42 1.13 -24.08
CA ASP C 221 -28.73 -0.29 -24.17
C ASP C 221 -30.20 -0.56 -23.92
N TYR C 222 -30.90 0.39 -23.27
CA TYR C 222 -32.35 0.31 -23.09
C TYR C 222 -32.98 1.01 -24.28
N CYS C 223 -33.48 0.23 -25.24
CA CYS C 223 -34.00 0.80 -26.48
C CYS C 223 -35.27 0.08 -26.89
N ASN C 224 -36.02 0.73 -27.78
CA ASN C 224 -37.28 0.20 -28.29
C ASN C 224 -37.38 0.65 -29.74
N PHE C 225 -37.20 -0.29 -30.68
CA PHE C 225 -37.11 0.05 -32.09
C PHE C 225 -38.45 0.02 -32.81
N VAL C 226 -39.56 0.17 -32.08
CA VAL C 226 -40.89 0.28 -32.66
C VAL C 226 -41.61 1.44 -31.98
N PHE C 227 -42.81 1.72 -32.47
CA PHE C 227 -43.61 2.86 -32.00
C PHE C 227 -44.12 2.63 -30.59
N PHE C 240 -33.33 10.26 -25.04
CA PHE C 240 -34.03 9.93 -26.28
C PHE C 240 -35.29 9.12 -26.00
N ILE C 241 -35.17 8.13 -25.11
CA ILE C 241 -36.29 7.31 -24.70
C ILE C 241 -36.39 7.36 -23.17
N ASP C 242 -37.63 7.41 -22.66
CA ASP C 242 -37.87 7.53 -21.24
C ASP C 242 -37.90 6.15 -20.60
N ARG C 243 -37.00 5.93 -19.64
CA ARG C 243 -36.92 4.65 -18.96
C ARG C 243 -38.13 4.40 -18.07
N TYR C 244 -38.76 5.46 -17.58
CA TYR C 244 -39.85 5.36 -16.62
C TYR C 244 -41.23 5.57 -17.23
N SER C 245 -41.31 5.91 -18.52
CA SER C 245 -42.58 6.06 -19.21
C SER C 245 -42.77 5.11 -20.38
N THR C 246 -41.69 4.60 -20.98
CA THR C 246 -41.77 3.77 -22.17
C THR C 246 -41.10 2.43 -21.90
N PRO C 247 -41.73 1.32 -22.29
CA PRO C 247 -41.10 0.01 -22.08
C PRO C 247 -40.03 -0.26 -23.13
N ARG C 248 -39.17 -1.22 -22.82
CA ARG C 248 -38.13 -1.64 -23.74
C ARG C 248 -38.63 -2.81 -24.59
N MET C 249 -37.98 -3.00 -25.74
CA MET C 249 -38.32 -4.10 -26.62
C MET C 249 -37.39 -5.27 -26.37
N PRO C 250 -37.86 -6.37 -25.79
CA PRO C 250 -36.96 -7.51 -25.55
C PRO C 250 -36.42 -8.07 -26.86
N TRP C 251 -35.27 -8.72 -26.75
CA TRP C 251 -34.54 -9.23 -27.91
C TRP C 251 -34.48 -10.75 -27.80
N HIS C 252 -35.18 -11.43 -28.72
CA HIS C 252 -35.15 -12.88 -28.79
C HIS C 252 -34.30 -13.29 -29.99
N ASP C 253 -33.18 -13.97 -29.71
CA ASP C 253 -32.20 -14.28 -30.73
C ASP C 253 -31.56 -15.62 -30.40
N ILE C 254 -30.87 -16.19 -31.39
CA ILE C 254 -30.24 -17.49 -31.28
C ILE C 254 -28.83 -17.40 -31.84
N ALA C 255 -27.86 -18.00 -31.15
CA ALA C 255 -26.49 -18.06 -31.59
C ALA C 255 -25.94 -19.45 -31.30
N SER C 256 -24.68 -19.67 -31.67
CA SER C 256 -24.06 -20.97 -31.48
C SER C 256 -22.54 -20.79 -31.34
N ALA C 257 -21.87 -21.88 -30.96
CA ALA C 257 -20.42 -21.90 -30.81
C ALA C 257 -19.87 -23.22 -31.36
N VAL C 258 -18.69 -23.16 -31.97
CA VAL C 258 -18.03 -24.33 -32.53
C VAL C 258 -16.53 -24.28 -32.19
N HIS C 259 -15.90 -25.46 -32.21
CA HIS C 259 -14.48 -25.62 -31.88
C HIS C 259 -13.78 -26.39 -32.99
N GLY C 260 -12.45 -26.51 -32.85
CA GLY C 260 -11.69 -27.43 -33.68
C GLY C 260 -11.64 -27.01 -35.15
N LYS C 261 -11.75 -28.01 -36.03
CA LYS C 261 -11.64 -27.75 -37.46
C LYS C 261 -12.78 -26.87 -37.95
N ALA C 262 -13.93 -26.88 -37.27
CA ALA C 262 -15.02 -25.99 -37.64
C ALA C 262 -14.69 -24.54 -37.34
N ALA C 263 -13.91 -24.29 -36.28
CA ALA C 263 -13.49 -22.92 -35.96
C ALA C 263 -12.51 -22.38 -36.98
N ARG C 264 -11.70 -23.24 -37.60
CA ARG C 264 -10.82 -22.80 -38.66
C ARG C 264 -11.60 -22.46 -39.94
N ASP C 265 -12.72 -23.14 -40.18
CA ASP C 265 -13.54 -22.86 -41.35
C ASP C 265 -14.14 -21.45 -41.29
N VAL C 266 -14.73 -21.09 -40.15
CA VAL C 266 -15.25 -19.74 -39.98
C VAL C 266 -14.12 -18.73 -39.96
N ALA C 267 -12.95 -19.11 -39.43
CA ALA C 267 -11.79 -18.22 -39.47
C ALA C 267 -11.32 -17.99 -40.90
N ARG C 268 -11.36 -19.03 -41.74
CA ARG C 268 -10.96 -18.87 -43.14
C ARG C 268 -11.84 -17.84 -43.85
N HIS C 269 -13.15 -17.83 -43.53
CA HIS C 269 -14.04 -16.82 -44.10
C HIS C 269 -13.63 -15.41 -43.69
N PHE C 270 -13.24 -15.24 -42.42
CA PHE C 270 -12.82 -13.92 -41.96
C PHE C 270 -11.56 -13.47 -42.70
N ILE C 271 -10.59 -14.37 -42.83
CA ILE C 271 -9.33 -14.02 -43.47
C ILE C 271 -9.56 -13.66 -44.93
N GLN C 272 -10.43 -14.40 -45.62
CA GLN C 272 -10.69 -14.09 -47.03
C GLN C 272 -11.24 -12.69 -47.19
N ARG C 273 -12.18 -12.28 -46.34
CA ARG C 273 -12.72 -10.93 -46.46
C ARG C 273 -11.72 -9.89 -45.99
N TRP C 274 -10.92 -10.22 -44.97
CA TRP C 274 -9.96 -9.25 -44.44
C TRP C 274 -8.89 -8.94 -45.48
N ASN C 275 -8.27 -9.96 -46.05
CA ASN C 275 -7.25 -9.72 -47.09
C ASN C 275 -7.89 -9.09 -48.33
N PHE C 276 -9.12 -9.49 -48.65
CA PHE C 276 -9.81 -8.90 -49.79
C PHE C 276 -10.11 -7.42 -49.55
N THR C 277 -10.64 -7.10 -48.36
CA THR C 277 -10.96 -5.71 -48.07
C THR C 277 -9.71 -4.86 -47.94
N LYS C 278 -8.62 -5.44 -47.45
CA LYS C 278 -7.36 -4.70 -47.39
C LYS C 278 -6.89 -4.31 -48.78
N ILE C 279 -7.03 -5.23 -49.75
CA ILE C 279 -6.64 -4.93 -51.13
C ILE C 279 -7.55 -3.83 -51.70
N MET C 280 -8.86 -3.97 -51.52
CA MET C 280 -9.80 -2.98 -52.04
C MET C 280 -9.62 -1.62 -51.38
N LYS C 281 -9.33 -1.61 -50.08
CA LYS C 281 -9.06 -0.35 -49.40
C LYS C 281 -7.77 0.30 -49.88
N SER C 282 -6.85 -0.47 -50.45
CA SER C 282 -5.56 0.03 -50.89
C SER C 282 -5.58 0.48 -52.35
N LYS C 283 -6.71 0.39 -53.04
CA LYS C 283 -6.79 0.85 -54.42
C LYS C 283 -6.58 2.36 -54.52
N TYR C 284 -6.88 3.10 -53.46
CA TYR C 284 -6.67 4.55 -53.44
C TYR C 284 -5.64 4.99 -52.41
N ARG C 285 -5.67 4.41 -51.20
CA ARG C 285 -4.77 4.79 -50.11
C ARG C 285 -4.11 3.55 -49.54
N SER C 286 -2.78 3.57 -49.46
CA SER C 286 -2.05 2.46 -48.88
C SER C 286 -2.35 2.31 -47.39
N LEU C 287 -2.40 1.06 -46.93
CA LEU C 287 -2.76 0.75 -45.56
C LEU C 287 -1.58 0.13 -44.81
N SER C 288 -1.60 0.30 -43.48
CA SER C 288 -0.61 -0.32 -42.60
C SER C 288 -1.12 -1.60 -41.96
N TYR C 289 -2.33 -2.03 -42.30
CA TYR C 289 -2.85 -3.28 -41.77
C TYR C 289 -2.10 -4.45 -42.39
N PRO C 290 -1.86 -5.52 -41.64
CA PRO C 290 -1.17 -6.69 -42.18
C PRO C 290 -2.14 -7.65 -42.85
N PHE C 291 -1.57 -8.63 -43.54
CA PHE C 291 -2.35 -9.74 -44.09
C PHE C 291 -2.47 -10.82 -43.02
N LEU C 292 -3.63 -11.47 -42.98
CA LEU C 292 -3.85 -12.54 -42.03
C LEU C 292 -3.60 -13.89 -42.68
N LEU C 293 -3.21 -14.86 -41.84
CA LEU C 293 -2.83 -16.19 -42.28
C LEU C 293 -3.64 -17.22 -41.51
N PRO C 294 -4.12 -18.27 -42.18
CA PRO C 294 -4.84 -19.33 -41.47
C PRO C 294 -3.90 -20.14 -40.59
N LYS C 295 -4.39 -20.54 -39.42
CA LYS C 295 -3.61 -21.35 -38.49
C LYS C 295 -3.69 -22.82 -38.88
N ARG C 304 -7.77 -26.88 -26.92
CA ARG C 304 -7.14 -26.38 -25.69
C ARG C 304 -8.17 -25.67 -24.83
N TYR C 305 -9.04 -24.88 -25.46
CA TYR C 305 -10.14 -24.22 -24.78
C TYR C 305 -11.46 -24.74 -25.33
N GLN C 306 -12.42 -24.94 -24.43
CA GLN C 306 -13.74 -25.41 -24.78
C GLN C 306 -14.75 -24.66 -23.92
N VAL C 307 -15.88 -24.30 -24.50
CA VAL C 307 -16.93 -23.66 -23.73
C VAL C 307 -17.70 -24.75 -23.01
N PRO C 308 -18.05 -24.57 -21.74
CA PRO C 308 -18.75 -25.63 -21.02
C PRO C 308 -20.16 -25.83 -21.57
N GLY C 309 -20.56 -27.10 -21.68
CA GLY C 309 -21.88 -27.45 -22.15
C GLY C 309 -21.99 -27.80 -23.61
N SER C 310 -20.88 -27.88 -24.34
CA SER C 310 -20.94 -28.24 -25.74
C SER C 310 -21.15 -29.75 -25.88
N VAL C 311 -21.59 -30.16 -27.08
CA VAL C 311 -21.91 -31.55 -27.37
C VAL C 311 -21.31 -31.94 -28.71
N HIS C 312 -21.12 -33.25 -28.88
CA HIS C 312 -20.54 -33.79 -30.10
C HIS C 312 -21.59 -33.92 -31.18
N ALA C 313 -21.28 -33.44 -32.39
CA ALA C 313 -22.19 -33.53 -33.52
C ALA C 313 -21.43 -33.20 -34.78
N ASN C 314 -22.09 -33.42 -35.92
CA ASN C 314 -21.53 -33.12 -37.23
C ASN C 314 -21.80 -31.66 -37.58
N VAL C 315 -20.75 -30.91 -37.89
CA VAL C 315 -20.84 -29.47 -38.07
C VAL C 315 -20.35 -29.10 -39.47
N GLN C 316 -21.10 -28.24 -40.15
CA GLN C 316 -20.67 -27.66 -41.41
C GLN C 316 -21.05 -26.18 -41.46
N LEU C 317 -20.14 -25.35 -41.97
CA LEU C 317 -20.37 -23.91 -42.05
C LEU C 317 -20.96 -23.54 -43.41
N LEU C 318 -21.87 -22.58 -43.41
CA LEU C 318 -22.54 -22.11 -44.61
C LEU C 318 -22.44 -20.59 -44.68
N ARG C 319 -22.61 -20.06 -45.88
CA ARG C 319 -22.52 -18.61 -46.04
C ARG C 319 -23.20 -18.18 -47.33
N SER C 320 -23.51 -16.89 -47.38
CA SER C 320 -24.00 -16.21 -48.57
C SER C 320 -22.99 -15.11 -48.87
N ALA C 321 -22.11 -15.36 -49.84
CA ALA C 321 -21.04 -14.43 -50.18
C ALA C 321 -20.92 -14.33 -51.69
N ALA C 322 -20.41 -13.20 -52.17
CA ALA C 322 -20.28 -12.96 -53.59
C ALA C 322 -18.97 -12.25 -53.87
N ASP C 323 -18.85 -11.73 -55.09
CA ASP C 323 -17.64 -11.03 -55.50
C ASP C 323 -17.47 -9.71 -54.76
N TRP C 324 -18.57 -8.98 -54.54
CA TRP C 324 -18.46 -7.67 -53.89
C TRP C 324 -18.07 -7.79 -52.42
N SER C 325 -18.39 -8.93 -51.78
CA SER C 325 -18.19 -9.09 -50.35
C SER C 325 -16.88 -9.80 -50.00
N ALA C 326 -16.65 -10.98 -50.58
CA ALA C 326 -15.48 -11.79 -50.27
C ALA C 326 -14.50 -11.91 -51.43
N GLY C 327 -14.82 -11.32 -52.58
CA GLY C 327 -13.97 -11.43 -53.75
C GLY C 327 -13.90 -12.81 -54.39
N ILE C 328 -14.99 -13.56 -54.37
CA ILE C 328 -15.02 -14.90 -54.98
C ILE C 328 -15.53 -14.75 -56.40
N LYS C 329 -15.05 -15.62 -57.29
CA LYS C 329 -15.42 -15.53 -58.70
C LYS C 329 -16.91 -15.76 -58.90
N TYR C 330 -17.46 -16.79 -58.27
CA TYR C 330 -18.89 -17.08 -58.35
C TYR C 330 -19.48 -17.14 -56.95
N HIS C 331 -20.64 -16.50 -56.79
CA HIS C 331 -21.27 -16.33 -55.48
C HIS C 331 -21.65 -17.68 -54.88
N GLU C 332 -21.79 -17.66 -53.55
CA GLU C 332 -22.10 -18.85 -52.75
C GLU C 332 -23.41 -18.61 -52.01
N GLU C 333 -24.31 -19.59 -52.06
CA GLU C 333 -25.58 -19.53 -51.33
C GLU C 333 -25.84 -20.87 -50.63
N SER C 334 -24.87 -21.30 -49.83
CA SER C 334 -25.00 -22.57 -49.13
C SER C 334 -26.09 -22.54 -48.06
N ILE C 335 -26.31 -21.40 -47.41
CA ILE C 335 -27.39 -21.29 -46.44
C ILE C 335 -28.73 -21.55 -47.13
N HIS C 336 -28.91 -20.96 -48.31
CA HIS C 336 -30.16 -21.13 -49.05
C HIS C 336 -30.37 -22.59 -49.45
N ALA C 337 -29.33 -23.23 -49.97
CA ALA C 337 -29.45 -24.63 -50.40
C ALA C 337 -29.73 -25.55 -49.22
N ALA C 338 -29.13 -25.26 -48.06
CA ALA C 338 -29.35 -26.10 -46.89
C ALA C 338 -30.76 -25.93 -46.35
N TYR C 339 -31.26 -24.69 -46.34
CA TYR C 339 -32.61 -24.43 -45.85
C TYR C 339 -33.63 -25.26 -46.62
N VAL C 340 -33.56 -25.23 -47.95
CA VAL C 340 -34.49 -25.99 -48.78
C VAL C 340 -34.28 -27.49 -48.58
N HIS C 341 -33.02 -27.92 -48.51
CA HIS C 341 -32.73 -29.34 -48.41
C HIS C 341 -33.22 -29.93 -47.08
N VAL C 342 -33.00 -29.21 -45.98
CA VAL C 342 -33.45 -29.69 -44.68
C VAL C 342 -34.97 -29.74 -44.62
N ILE C 343 -35.63 -28.76 -45.24
CA ILE C 343 -37.09 -28.74 -45.25
C ILE C 343 -37.64 -29.88 -46.11
N GLU C 344 -37.02 -30.11 -47.29
CA GLU C 344 -37.51 -31.16 -48.19
C GLU C 344 -37.33 -32.54 -47.57
N ASN C 345 -36.24 -32.75 -46.83
CA ASN C 345 -35.92 -34.03 -46.23
C ASN C 345 -36.36 -34.12 -44.77
N SER C 346 -37.31 -33.28 -44.37
CA SER C 346 -37.87 -33.35 -43.04
C SER C 346 -38.91 -34.47 -42.97
N ARG C 347 -38.81 -35.31 -41.95
CA ARG C 347 -39.72 -36.44 -41.79
C ARG C 347 -40.88 -36.16 -40.86
N HIS C 348 -40.71 -35.25 -39.92
CA HIS C 348 -41.75 -35.04 -38.89
C HIS C 348 -42.15 -33.57 -38.76
N TYR C 349 -41.19 -32.70 -38.43
CA TYR C 349 -41.54 -31.29 -38.25
C TYR C 349 -40.36 -30.41 -38.64
N ILE C 350 -40.65 -29.13 -38.89
CA ILE C 350 -39.65 -28.09 -39.02
C ILE C 350 -40.08 -26.92 -38.16
N TYR C 351 -39.12 -26.33 -37.45
CA TYR C 351 -39.39 -25.24 -36.52
C TYR C 351 -38.62 -24.01 -37.00
N ILE C 352 -39.36 -22.99 -37.44
CA ILE C 352 -38.77 -21.77 -37.99
C ILE C 352 -38.88 -20.65 -36.97
N GLU C 353 -37.80 -19.90 -36.83
CA GLU C 353 -37.73 -18.75 -35.92
C GLU C 353 -36.86 -17.71 -36.63
N ASN C 354 -37.50 -16.72 -37.25
CA ASN C 354 -36.81 -15.83 -38.18
C ASN C 354 -37.30 -14.40 -38.03
N GLN C 355 -36.41 -13.46 -38.40
CA GLN C 355 -36.74 -12.04 -38.36
C GLN C 355 -37.66 -11.63 -39.51
N PHE C 356 -37.57 -12.32 -40.64
CA PHE C 356 -38.32 -11.95 -41.84
C PHE C 356 -38.85 -13.22 -42.49
N PHE C 357 -40.04 -13.11 -43.09
CA PHE C 357 -40.66 -14.22 -43.81
C PHE C 357 -41.01 -13.71 -45.21
N ILE C 358 -39.99 -13.60 -46.06
CA ILE C 358 -40.14 -13.10 -47.42
C ILE C 358 -39.64 -14.18 -48.36
N SER C 359 -40.57 -14.97 -48.91
CA SER C 359 -40.20 -16.03 -49.83
C SER C 359 -41.32 -16.22 -50.85
N CYS C 360 -41.54 -17.47 -51.28
CA CYS C 360 -42.51 -17.79 -52.32
C CYS C 360 -42.17 -17.02 -53.60
N ALA C 361 -41.22 -17.54 -54.37
CA ALA C 361 -40.67 -16.82 -55.50
C ALA C 361 -41.69 -16.66 -56.62
N ASP C 362 -41.66 -15.50 -57.28
CA ASP C 362 -42.38 -15.28 -58.52
C ASP C 362 -41.45 -15.03 -59.70
N ASP C 363 -40.13 -15.11 -59.49
CA ASP C 363 -39.12 -14.92 -60.52
C ASP C 363 -39.18 -13.52 -61.14
N LYS C 364 -39.85 -12.58 -60.48
CA LYS C 364 -39.85 -11.18 -60.87
C LYS C 364 -39.26 -10.28 -59.79
N VAL C 365 -39.71 -10.44 -58.54
CA VAL C 365 -39.18 -9.67 -57.42
C VAL C 365 -38.59 -10.56 -56.33
N VAL C 366 -39.24 -11.69 -56.03
CA VAL C 366 -38.75 -12.65 -55.05
C VAL C 366 -38.23 -13.88 -55.78
N PHE C 367 -37.13 -14.46 -55.27
CA PHE C 367 -36.47 -15.57 -55.95
C PHE C 367 -36.10 -16.75 -55.05
N ASN C 368 -36.04 -16.60 -53.73
CA ASN C 368 -35.62 -17.71 -52.88
C ASN C 368 -36.74 -18.76 -52.79
N LYS C 369 -36.33 -20.01 -52.57
CA LYS C 369 -37.21 -21.17 -52.66
C LYS C 369 -37.63 -21.71 -51.30
N ILE C 370 -37.48 -20.93 -50.22
CA ILE C 370 -37.77 -21.46 -48.89
C ILE C 370 -39.27 -21.60 -48.69
N GLY C 371 -40.04 -20.56 -49.03
CA GLY C 371 -41.47 -20.63 -48.83
C GLY C 371 -42.14 -21.68 -49.70
N ASP C 372 -41.63 -21.86 -50.93
CA ASP C 372 -42.15 -22.90 -51.79
C ASP C 372 -41.85 -24.29 -51.24
N ALA C 373 -40.69 -24.45 -50.60
CA ALA C 373 -40.35 -25.75 -50.04
C ALA C 373 -41.28 -26.14 -48.89
N ILE C 374 -41.70 -25.17 -48.09
CA ILE C 374 -42.59 -25.46 -46.97
C ILE C 374 -43.96 -25.89 -47.47
N ALA C 375 -44.50 -25.18 -48.47
CA ALA C 375 -45.83 -25.52 -48.98
C ALA C 375 -45.84 -26.87 -49.67
N GLN C 376 -44.82 -27.16 -50.48
CA GLN C 376 -44.75 -28.45 -51.15
C GLN C 376 -44.53 -29.59 -50.17
N ARG C 377 -43.83 -29.32 -49.06
CA ARG C 377 -43.58 -30.37 -48.07
C ARG C 377 -44.85 -30.72 -47.29
N ILE C 378 -45.69 -29.71 -47.01
CA ILE C 378 -46.96 -29.99 -46.35
C ILE C 378 -47.86 -30.80 -47.27
N LEU C 379 -47.87 -30.46 -48.56
CA LEU C 379 -48.69 -31.19 -49.51
C LEU C 379 -48.28 -32.66 -49.59
N LYS C 380 -46.98 -32.94 -49.45
CA LYS C 380 -46.53 -34.32 -49.43
C LYS C 380 -47.02 -35.04 -48.18
N ALA C 381 -47.02 -34.36 -47.03
CA ALA C 381 -47.51 -34.96 -45.80
C ALA C 381 -49.00 -35.25 -45.87
N HIS C 382 -49.77 -34.32 -46.43
CA HIS C 382 -51.20 -34.57 -46.64
C HIS C 382 -51.43 -35.72 -47.59
N ARG C 383 -50.53 -35.90 -48.56
CA ARG C 383 -50.67 -36.96 -49.55
C ARG C 383 -50.41 -38.34 -48.94
N GLU C 384 -49.34 -38.47 -48.16
CA GLU C 384 -48.91 -39.74 -47.60
C GLU C 384 -49.53 -40.04 -46.25
N ASN C 385 -50.55 -39.29 -45.85
CA ASN C 385 -51.29 -39.55 -44.61
C ASN C 385 -50.37 -39.54 -43.39
N GLN C 386 -49.33 -38.72 -43.44
CA GLN C 386 -48.41 -38.56 -42.33
C GLN C 386 -48.80 -37.36 -41.47
N LYS C 387 -48.30 -37.34 -40.25
CA LYS C 387 -48.56 -36.26 -39.30
C LYS C 387 -47.32 -35.36 -39.25
N TYR C 388 -47.46 -34.13 -39.74
CA TYR C 388 -46.33 -33.25 -39.95
C TYR C 388 -46.71 -31.85 -39.53
N ARG C 389 -45.83 -31.17 -38.80
CA ARG C 389 -46.12 -29.84 -38.26
C ARG C 389 -45.06 -28.84 -38.70
N VAL C 390 -45.50 -27.61 -38.94
CA VAL C 390 -44.59 -26.48 -39.13
C VAL C 390 -44.88 -25.44 -38.04
N TYR C 391 -43.82 -24.74 -37.64
CA TYR C 391 -43.91 -23.70 -36.62
C TYR C 391 -43.13 -22.49 -37.12
N VAL C 392 -43.84 -21.39 -37.41
CA VAL C 392 -43.22 -20.17 -37.92
C VAL C 392 -43.48 -19.09 -36.89
N VAL C 393 -42.39 -18.52 -36.35
CA VAL C 393 -42.46 -17.47 -35.34
C VAL C 393 -41.69 -16.28 -35.86
N ILE C 394 -42.38 -15.15 -36.04
CA ILE C 394 -41.78 -13.93 -36.59
C ILE C 394 -42.29 -12.74 -35.80
N PRO C 395 -41.56 -11.61 -35.84
CA PRO C 395 -42.01 -10.43 -35.09
C PRO C 395 -43.35 -9.93 -35.61
N LEU C 396 -44.16 -9.40 -34.67
CA LEU C 396 -45.45 -8.85 -35.04
C LEU C 396 -45.32 -7.64 -35.95
N LEU C 397 -44.19 -6.95 -35.90
CA LEU C 397 -43.90 -5.82 -36.77
C LEU C 397 -42.41 -5.82 -37.08
N PRO C 398 -42.02 -5.34 -38.26
CA PRO C 398 -40.58 -5.19 -38.54
C PRO C 398 -39.97 -4.10 -37.67
N GLY C 399 -38.67 -4.22 -37.45
CA GLY C 399 -37.96 -3.28 -36.60
C GLY C 399 -37.52 -2.02 -37.30
N PHE C 400 -38.45 -1.11 -37.56
CA PHE C 400 -38.14 0.16 -38.20
C PHE C 400 -38.90 1.28 -37.52
N GLU C 401 -38.42 2.50 -37.73
CA GLU C 401 -39.04 3.71 -37.22
C GLU C 401 -39.25 3.64 -35.70
N GLY C 408 -46.76 5.28 -42.51
CA GLY C 408 -45.43 5.87 -42.65
C GLY C 408 -44.33 4.84 -42.73
N GLY C 409 -43.08 5.31 -42.87
CA GLY C 409 -41.93 4.44 -42.95
C GLY C 409 -41.93 3.55 -44.18
N ASN C 410 -41.17 3.94 -45.21
CA ASN C 410 -41.22 3.22 -46.48
C ASN C 410 -40.71 1.78 -46.34
N ALA C 411 -39.70 1.56 -45.49
CA ALA C 411 -39.16 0.22 -45.33
C ALA C 411 -40.07 -0.67 -44.50
N LEU C 412 -40.81 -0.10 -43.55
CA LEU C 412 -41.74 -0.90 -42.77
C LEU C 412 -42.87 -1.43 -43.65
N GLN C 413 -43.46 -0.55 -44.47
CA GLN C 413 -44.58 -0.95 -45.31
C GLN C 413 -44.16 -1.98 -46.36
N ALA C 414 -42.96 -1.85 -46.91
CA ALA C 414 -42.50 -2.77 -47.93
C ALA C 414 -42.24 -4.15 -47.35
N ILE C 415 -41.53 -4.22 -46.22
CA ILE C 415 -41.22 -5.52 -45.62
C ILE C 415 -42.49 -6.16 -45.08
N MET C 416 -43.36 -5.37 -44.45
CA MET C 416 -44.64 -5.89 -43.97
C MET C 416 -45.45 -6.48 -45.11
N HIS C 417 -45.39 -5.86 -46.29
CA HIS C 417 -46.13 -6.35 -47.45
C HIS C 417 -45.63 -7.71 -47.90
N PHE C 418 -44.31 -7.83 -48.10
CA PHE C 418 -43.75 -9.08 -48.59
C PHE C 418 -43.82 -10.20 -47.57
N ASN C 419 -43.95 -9.88 -46.28
CA ASN C 419 -44.20 -10.91 -45.28
C ASN C 419 -45.59 -11.51 -45.45
N TYR C 420 -46.61 -10.65 -45.55
CA TYR C 420 -47.97 -11.14 -45.77
C TYR C 420 -48.10 -11.81 -47.13
N ARG C 421 -47.38 -11.29 -48.14
CA ARG C 421 -47.38 -11.92 -49.46
C ARG C 421 -46.85 -13.35 -49.39
N THR C 422 -45.83 -13.57 -48.56
CA THR C 422 -45.31 -14.92 -48.39
C THR C 422 -46.27 -15.78 -47.56
N MET C 423 -46.97 -15.16 -46.61
CA MET C 423 -47.71 -15.88 -45.59
C MET C 423 -49.12 -16.30 -46.04
N CYS C 424 -49.92 -15.33 -46.51
CA CYS C 424 -51.32 -15.60 -46.77
C CYS C 424 -51.85 -14.83 -47.98
N ARG C 425 -51.45 -13.57 -48.13
CA ARG C 425 -52.01 -12.70 -49.15
C ARG C 425 -51.43 -13.05 -50.52
N GLY C 426 -52.32 -13.37 -51.46
CA GLY C 426 -51.93 -13.77 -52.79
C GLY C 426 -52.27 -15.24 -53.06
N GLU C 427 -52.38 -15.56 -54.35
CA GLU C 427 -52.62 -16.94 -54.74
C GLU C 427 -51.36 -17.79 -54.71
N ASN C 428 -50.19 -17.15 -54.69
CA ASN C 428 -48.90 -17.85 -54.69
C ASN C 428 -48.35 -18.05 -53.28
N SER C 429 -49.10 -17.69 -52.25
CA SER C 429 -48.62 -17.73 -50.88
C SER C 429 -48.69 -19.15 -50.32
N ILE C 430 -48.08 -19.34 -49.15
CA ILE C 430 -48.10 -20.63 -48.47
C ILE C 430 -49.54 -21.06 -48.20
N LEU C 431 -50.32 -20.20 -47.53
CA LEU C 431 -51.74 -20.50 -47.34
C LEU C 431 -52.48 -20.52 -48.67
N GLY C 432 -52.14 -19.62 -49.58
CA GLY C 432 -52.75 -19.64 -50.91
C GLY C 432 -52.51 -20.93 -51.65
N GLN C 433 -51.29 -21.47 -51.57
CA GLN C 433 -51.01 -22.75 -52.19
C GLN C 433 -51.72 -23.88 -51.48
N LEU C 434 -51.77 -23.83 -50.15
CA LEU C 434 -52.33 -24.95 -49.39
C LEU C 434 -53.83 -25.04 -49.57
N LYS C 435 -54.52 -23.89 -49.58
CA LYS C 435 -55.97 -23.89 -49.72
C LYS C 435 -56.41 -24.45 -51.07
N ALA C 436 -55.51 -24.45 -52.07
CA ALA C 436 -55.89 -24.86 -53.41
C ALA C 436 -56.00 -26.37 -53.56
N GLU C 437 -55.36 -27.16 -52.69
CA GLU C 437 -55.38 -28.60 -52.79
C GLU C 437 -55.96 -29.31 -51.58
N LEU C 438 -55.83 -28.74 -50.38
CA LEU C 438 -56.39 -29.36 -49.19
C LEU C 438 -57.31 -28.42 -48.41
N GLY C 439 -57.52 -27.20 -48.90
CA GLY C 439 -58.45 -26.27 -48.30
C GLY C 439 -57.95 -25.80 -46.94
N ASN C 440 -58.91 -25.58 -46.03
CA ASN C 440 -58.60 -25.09 -44.69
C ASN C 440 -58.00 -26.16 -43.78
N GLN C 441 -57.65 -27.32 -44.33
CA GLN C 441 -56.97 -28.37 -43.57
C GLN C 441 -55.56 -27.99 -43.18
N TRP C 442 -55.09 -26.79 -43.53
CA TRP C 442 -53.74 -26.36 -43.18
C TRP C 442 -53.58 -26.13 -41.69
N ILE C 443 -54.68 -26.03 -40.94
CA ILE C 443 -54.59 -25.79 -39.50
C ILE C 443 -53.85 -26.93 -38.82
N ASN C 444 -53.97 -28.15 -39.38
CA ASN C 444 -53.30 -29.32 -38.84
C ASN C 444 -51.83 -29.38 -39.24
N TYR C 445 -51.34 -28.45 -40.04
CA TYR C 445 -49.99 -28.57 -40.58
C TYR C 445 -49.08 -27.40 -40.25
N ILE C 446 -49.53 -26.16 -40.42
CA ILE C 446 -48.68 -24.99 -40.23
C ILE C 446 -49.32 -24.02 -39.25
N SER C 447 -48.48 -23.27 -38.55
CA SER C 447 -48.97 -22.29 -37.57
C SER C 447 -48.04 -21.09 -37.56
N PHE C 448 -48.61 -19.90 -37.67
CA PHE C 448 -47.87 -18.64 -37.65
C PHE C 448 -48.12 -17.93 -36.33
N CYS C 449 -47.04 -17.52 -35.66
CA CYS C 449 -47.16 -16.92 -34.34
C CYS C 449 -46.19 -15.76 -34.18
N GLY C 450 -46.41 -14.98 -33.11
CA GLY C 450 -45.49 -13.94 -32.69
C GLY C 450 -45.32 -13.98 -31.18
N LEU C 451 -44.47 -13.08 -30.69
CA LEU C 451 -44.20 -12.97 -29.26
C LEU C 451 -44.70 -11.64 -28.72
N ARG C 452 -45.22 -11.67 -27.49
CA ARG C 452 -45.67 -10.47 -26.81
C ARG C 452 -45.72 -10.74 -25.32
N THR C 453 -45.46 -9.70 -24.54
CA THR C 453 -45.45 -9.80 -23.09
C THR C 453 -45.97 -8.49 -22.50
N HIS C 454 -46.20 -8.52 -21.18
CA HIS C 454 -46.75 -7.37 -20.47
C HIS C 454 -45.96 -7.16 -19.19
N ALA C 455 -46.14 -5.97 -18.60
CA ALA C 455 -45.49 -5.63 -17.35
C ALA C 455 -46.17 -4.38 -16.79
N GLU C 456 -45.82 -4.06 -15.55
CA GLU C 456 -46.30 -2.86 -14.87
C GLU C 456 -45.11 -1.93 -14.68
N LEU C 457 -45.17 -0.75 -15.30
CA LEU C 457 -44.08 0.22 -15.27
C LEU C 457 -44.61 1.51 -14.65
N GLU C 458 -44.15 1.82 -13.45
CA GLU C 458 -44.59 3.00 -12.71
C GLU C 458 -46.11 3.06 -12.62
N GLY C 459 -46.69 1.99 -12.08
CA GLY C 459 -48.10 1.95 -11.80
C GLY C 459 -49.01 1.82 -13.00
N ASN C 460 -48.47 1.68 -14.20
CA ASN C 460 -49.26 1.56 -15.41
C ASN C 460 -48.99 0.24 -16.11
N LEU C 461 -50.05 -0.42 -16.55
CA LEU C 461 -49.92 -1.66 -17.31
C LEU C 461 -49.50 -1.32 -18.73
N VAL C 462 -48.38 -1.89 -19.17
CA VAL C 462 -47.86 -1.66 -20.51
C VAL C 462 -47.55 -2.99 -21.17
N THR C 463 -47.49 -2.96 -22.49
CA THR C 463 -47.17 -4.13 -23.29
C THR C 463 -46.31 -3.74 -24.46
N GLU C 464 -45.47 -4.68 -24.89
CA GLU C 464 -44.68 -4.49 -26.09
C GLU C 464 -44.37 -5.86 -26.69
N LEU C 465 -44.26 -5.90 -28.02
CA LEU C 465 -43.91 -7.14 -28.68
C LEU C 465 -42.43 -7.46 -28.44
N ILE C 466 -42.12 -8.75 -28.45
CA ILE C 466 -40.75 -9.22 -28.30
C ILE C 466 -40.21 -9.48 -29.69
N TYR C 467 -39.14 -8.78 -30.05
CA TYR C 467 -38.58 -8.89 -31.39
C TYR C 467 -37.80 -10.20 -31.49
N VAL C 468 -38.30 -11.13 -32.28
CA VAL C 468 -37.59 -12.37 -32.55
C VAL C 468 -36.70 -12.08 -33.75
N HIS C 469 -35.42 -11.82 -33.47
CA HIS C 469 -34.41 -11.55 -34.48
C HIS C 469 -33.57 -12.78 -34.80
N SER C 470 -33.85 -13.91 -34.14
CA SER C 470 -33.12 -15.13 -34.40
C SER C 470 -33.37 -15.61 -35.82
N LYS C 471 -32.36 -16.27 -36.39
CA LYS C 471 -32.46 -16.94 -37.68
C LYS C 471 -32.15 -18.41 -37.41
N LEU C 472 -33.20 -19.16 -37.10
CA LEU C 472 -33.07 -20.52 -36.59
C LEU C 472 -33.98 -21.45 -37.37
N LEU C 473 -33.49 -22.67 -37.62
CA LEU C 473 -34.26 -23.74 -38.24
C LEU C 473 -33.93 -25.03 -37.51
N ILE C 474 -34.96 -25.78 -37.12
CA ILE C 474 -34.82 -27.08 -36.49
C ILE C 474 -35.71 -28.05 -37.23
N ALA C 475 -35.26 -29.31 -37.33
CA ALA C 475 -36.00 -30.34 -38.03
C ALA C 475 -35.81 -31.69 -37.37
N ASP C 476 -36.92 -32.36 -37.07
CA ASP C 476 -36.98 -33.76 -36.65
C ASP C 476 -36.18 -34.03 -35.37
N ASP C 477 -35.86 -33.00 -34.59
CA ASP C 477 -35.04 -33.13 -33.39
C ASP C 477 -33.67 -33.73 -33.69
N ASN C 478 -33.17 -33.52 -34.90
CA ASN C 478 -31.84 -33.99 -35.25
C ASN C 478 -30.99 -32.93 -35.96
N THR C 479 -31.59 -32.10 -36.80
CA THR C 479 -30.87 -31.14 -37.61
C THR C 479 -31.22 -29.72 -37.18
N VAL C 480 -30.20 -28.87 -37.06
CA VAL C 480 -30.37 -27.48 -36.65
C VAL C 480 -29.48 -26.60 -37.52
N ILE C 481 -30.02 -25.45 -37.94
CA ILE C 481 -29.26 -24.43 -38.66
C ILE C 481 -29.39 -23.12 -37.90
N ILE C 482 -28.26 -22.58 -37.44
CA ILE C 482 -28.21 -21.33 -36.69
C ILE C 482 -27.32 -20.37 -37.46
N GLY C 483 -27.80 -19.15 -37.65
CA GLY C 483 -27.00 -18.19 -38.38
C GLY C 483 -27.58 -16.79 -38.33
N SER C 484 -27.15 -15.96 -39.27
CA SER C 484 -27.57 -14.57 -39.35
C SER C 484 -28.44 -14.28 -40.58
N ALA C 485 -28.74 -15.28 -41.40
CA ALA C 485 -29.45 -15.06 -42.65
C ALA C 485 -30.95 -15.08 -42.41
N ASN C 486 -31.61 -13.96 -42.76
CA ASN C 486 -33.07 -13.90 -42.71
C ASN C 486 -33.68 -14.71 -43.85
N ILE C 487 -34.99 -14.93 -43.76
CA ILE C 487 -35.73 -15.56 -44.87
C ILE C 487 -36.15 -14.41 -45.78
N ASN C 488 -35.22 -14.01 -46.64
CA ASN C 488 -35.49 -13.03 -47.69
C ASN C 488 -34.40 -13.18 -48.74
N ASP C 489 -34.63 -12.54 -49.90
CA ASP C 489 -33.67 -12.62 -50.98
C ASP C 489 -32.36 -11.92 -50.62
N ARG C 490 -32.43 -10.88 -49.79
CA ARG C 490 -31.23 -10.15 -49.40
C ARG C 490 -30.21 -11.06 -48.73
N SER C 491 -30.66 -11.97 -47.88
CA SER C 491 -29.75 -12.82 -47.13
C SER C 491 -29.51 -14.17 -47.80
N MET C 492 -30.48 -14.67 -48.55
CA MET C 492 -30.41 -16.03 -49.07
C MET C 492 -29.82 -16.12 -50.47
N LEU C 493 -30.01 -15.10 -51.31
CA LEU C 493 -29.56 -15.20 -52.70
C LEU C 493 -28.04 -15.30 -52.82
N GLY C 494 -27.31 -14.79 -51.84
CA GLY C 494 -25.86 -14.88 -51.81
C GLY C 494 -25.11 -13.72 -52.46
N LYS C 495 -25.59 -13.28 -53.62
CA LYS C 495 -24.98 -12.15 -54.32
C LYS C 495 -25.31 -10.81 -53.68
N ARG C 496 -26.24 -10.79 -52.73
CA ARG C 496 -26.64 -9.56 -52.07
C ARG C 496 -25.92 -9.42 -50.73
N ASP C 497 -26.66 -9.51 -49.62
CA ASP C 497 -26.02 -9.39 -48.31
C ASP C 497 -25.12 -10.59 -48.03
N SER C 498 -24.05 -10.33 -47.29
CA SER C 498 -23.12 -11.38 -46.87
C SER C 498 -23.59 -11.90 -45.52
N GLU C 499 -23.83 -13.21 -45.44
CA GLU C 499 -24.36 -13.84 -44.23
C GLU C 499 -23.50 -15.04 -43.85
N MET C 500 -23.75 -15.58 -42.68
CA MET C 500 -23.04 -16.74 -42.18
C MET C 500 -23.97 -17.61 -41.34
N ALA C 501 -23.88 -18.92 -41.52
CA ALA C 501 -24.71 -19.85 -40.78
C ALA C 501 -23.92 -21.12 -40.50
N VAL C 502 -24.50 -21.98 -39.68
CA VAL C 502 -23.90 -23.26 -39.34
C VAL C 502 -25.01 -24.30 -39.28
N ILE C 503 -24.76 -25.48 -39.84
CA ILE C 503 -25.70 -26.59 -39.80
C ILE C 503 -25.11 -27.68 -38.91
N VAL C 504 -25.91 -28.18 -37.99
CA VAL C 504 -25.48 -29.16 -37.00
C VAL C 504 -26.37 -30.39 -37.13
N GLN C 505 -25.77 -31.52 -37.52
CA GLN C 505 -26.46 -32.81 -37.54
C GLN C 505 -25.96 -33.66 -36.37
N ASP C 506 -26.88 -34.31 -35.68
CA ASP C 506 -26.57 -34.97 -34.42
C ASP C 506 -26.17 -36.43 -34.64
N THR C 507 -25.17 -36.87 -33.86
CA THR C 507 -24.72 -38.26 -33.90
C THR C 507 -25.04 -39.02 -32.62
N GLU C 508 -25.27 -38.33 -31.51
CA GLU C 508 -25.59 -38.96 -30.24
C GLU C 508 -27.09 -38.82 -29.99
N THR C 509 -27.75 -39.92 -29.64
CA THR C 509 -29.20 -39.96 -29.50
C THR C 509 -29.62 -40.03 -28.05
N VAL C 510 -30.80 -39.49 -27.78
CA VAL C 510 -31.43 -39.52 -26.46
C VAL C 510 -32.85 -40.04 -26.62
N PRO C 511 -33.36 -40.84 -25.67
CA PRO C 511 -34.74 -41.35 -25.80
C PRO C 511 -35.77 -40.23 -25.71
N SER C 512 -36.70 -40.22 -26.66
CA SER C 512 -37.73 -39.19 -26.72
C SER C 512 -39.00 -39.82 -27.30
N VAL C 513 -40.03 -38.99 -27.42
CA VAL C 513 -41.32 -39.41 -27.96
C VAL C 513 -41.63 -38.57 -29.19
N MET C 514 -42.28 -39.20 -30.18
CA MET C 514 -42.73 -38.50 -31.37
C MET C 514 -43.97 -39.21 -31.92
N ASP C 515 -45.08 -38.48 -31.99
CA ASP C 515 -46.37 -39.02 -32.43
C ASP C 515 -46.79 -40.21 -31.58
N GLY C 516 -46.41 -40.19 -30.29
CA GLY C 516 -46.74 -41.26 -29.37
C GLY C 516 -45.78 -42.43 -29.38
N LYS C 517 -44.96 -42.56 -30.41
CA LYS C 517 -44.04 -43.69 -30.52
C LYS C 517 -42.65 -43.33 -30.01
N GLU C 518 -41.84 -44.35 -29.77
CA GLU C 518 -40.47 -44.13 -29.31
C GLU C 518 -39.62 -43.58 -30.44
N TYR C 519 -38.76 -42.62 -30.12
CA TYR C 519 -37.96 -41.92 -31.11
C TYR C 519 -36.59 -41.64 -30.55
N GLN C 520 -35.56 -41.86 -31.38
CA GLN C 520 -34.17 -41.60 -31.00
C GLN C 520 -33.82 -40.19 -31.47
N ALA C 521 -33.89 -39.23 -30.56
CA ALA C 521 -33.68 -37.82 -30.87
C ALA C 521 -32.26 -37.41 -30.50
N GLY C 522 -31.69 -36.51 -31.30
CA GLY C 522 -30.36 -36.03 -31.05
C GLY C 522 -30.28 -35.16 -29.81
N ARG C 523 -29.08 -35.10 -29.25
CA ARG C 523 -28.86 -34.34 -28.02
C ARG C 523 -28.80 -32.84 -28.27
N PHE C 524 -28.16 -32.43 -29.37
CA PHE C 524 -28.03 -31.01 -29.68
C PHE C 524 -29.40 -30.39 -30.01
N ALA C 525 -30.16 -31.04 -30.89
CA ALA C 525 -31.40 -30.45 -31.39
C ALA C 525 -32.53 -30.51 -30.37
N ARG C 526 -32.76 -31.68 -29.76
CA ARG C 526 -33.85 -31.80 -28.80
C ARG C 526 -33.65 -30.88 -27.60
N GLY C 527 -32.41 -30.70 -27.17
CA GLY C 527 -32.14 -29.74 -26.11
C GLY C 527 -32.46 -28.33 -26.53
N LEU C 528 -32.16 -27.98 -27.78
CA LEU C 528 -32.50 -26.65 -28.29
C LEU C 528 -33.99 -26.51 -28.53
N ARG C 529 -34.64 -27.54 -29.08
CA ARG C 529 -36.07 -27.46 -29.36
C ARG C 529 -36.86 -27.31 -28.08
N LEU C 530 -36.51 -28.08 -27.05
CA LEU C 530 -37.20 -27.98 -25.76
C LEU C 530 -37.05 -26.60 -25.15
N GLN C 531 -35.82 -26.06 -25.14
CA GLN C 531 -35.59 -24.74 -24.55
C GLN C 531 -36.36 -23.65 -25.30
N CYS C 532 -36.40 -23.75 -26.64
CA CYS C 532 -37.22 -22.80 -27.40
C CYS C 532 -38.69 -22.91 -26.99
N PHE C 533 -39.19 -24.13 -26.83
CA PHE C 533 -40.57 -24.31 -26.41
C PHE C 533 -40.81 -23.73 -25.02
N ARG C 534 -39.87 -23.93 -24.11
CA ARG C 534 -40.04 -23.45 -22.74
C ARG C 534 -40.13 -21.93 -22.68
N VAL C 535 -39.31 -21.25 -23.48
CA VAL C 535 -39.30 -19.79 -23.43
C VAL C 535 -40.63 -19.22 -23.89
N VAL C 536 -41.12 -19.67 -25.05
CA VAL C 536 -42.31 -19.07 -25.65
C VAL C 536 -43.60 -19.54 -24.95
N LEU C 537 -43.62 -20.74 -24.38
CA LEU C 537 -44.84 -21.29 -23.79
C LEU C 537 -44.93 -21.07 -22.29
N GLY C 538 -43.90 -20.53 -21.65
CA GLY C 538 -43.96 -20.32 -20.21
C GLY C 538 -43.81 -21.59 -19.42
N TYR C 539 -43.08 -22.58 -19.94
CA TYR C 539 -42.84 -23.84 -19.26
C TYR C 539 -41.47 -23.88 -18.59
N LEU C 540 -40.81 -22.73 -18.44
CA LEU C 540 -39.52 -22.69 -17.77
C LEU C 540 -39.69 -22.93 -16.28
N ASP C 541 -38.85 -23.79 -15.72
CA ASP C 541 -38.92 -24.21 -14.32
C ASP C 541 -40.24 -24.89 -13.99
N ASP C 542 -40.94 -25.39 -15.00
CA ASP C 542 -42.25 -26.01 -14.87
C ASP C 542 -42.14 -27.49 -15.23
N PRO C 543 -43.22 -28.29 -15.11
CA PRO C 543 -43.09 -29.74 -15.40
C PRO C 543 -42.36 -30.09 -16.69
N SER C 544 -42.61 -29.34 -17.78
CA SER C 544 -41.98 -29.62 -19.07
C SER C 544 -42.28 -31.04 -19.56
N GLU C 545 -43.37 -31.63 -19.05
CA GLU C 545 -43.79 -32.97 -19.44
C GLU C 545 -44.75 -32.96 -20.61
N ASP C 546 -45.53 -31.88 -20.77
CA ASP C 546 -46.50 -31.80 -21.84
C ASP C 546 -45.85 -31.47 -23.18
N ILE C 547 -44.69 -30.83 -23.16
CA ILE C 547 -44.03 -30.32 -24.36
C ILE C 547 -43.02 -31.32 -24.92
N GLN C 548 -42.99 -32.53 -24.35
CA GLN C 548 -42.00 -33.51 -24.79
C GLN C 548 -42.24 -33.95 -26.23
N ASP C 549 -43.49 -34.18 -26.61
CA ASP C 549 -43.81 -34.61 -27.97
C ASP C 549 -44.21 -33.39 -28.79
N PRO C 550 -43.44 -33.01 -29.81
CA PRO C 550 -43.70 -31.77 -30.56
C PRO C 550 -44.64 -31.90 -31.76
N VAL C 551 -45.11 -33.10 -32.08
CA VAL C 551 -45.99 -33.32 -33.23
C VAL C 551 -47.34 -33.92 -32.87
N SER C 552 -47.57 -34.30 -31.61
CA SER C 552 -48.82 -34.92 -31.23
C SER C 552 -50.01 -33.96 -31.37
N ASP C 553 -51.18 -34.53 -31.67
CA ASP C 553 -52.40 -33.73 -31.71
C ASP C 553 -52.70 -33.11 -30.35
N LYS C 554 -52.23 -33.75 -29.28
CA LYS C 554 -52.40 -33.18 -27.94
C LYS C 554 -51.53 -31.94 -27.77
N PHE C 555 -50.28 -31.97 -28.23
CA PHE C 555 -49.43 -30.79 -28.08
C PHE C 555 -49.76 -29.71 -29.10
N PHE C 556 -49.90 -30.09 -30.37
CA PHE C 556 -50.10 -29.07 -31.41
C PHE C 556 -51.40 -28.32 -31.21
N LYS C 557 -52.51 -29.04 -31.07
CA LYS C 557 -53.81 -28.38 -31.01
C LYS C 557 -54.13 -27.87 -29.61
N GLU C 558 -53.84 -28.65 -28.57
CA GLU C 558 -54.26 -28.29 -27.23
C GLU C 558 -53.22 -27.49 -26.45
N VAL C 559 -51.96 -27.47 -26.89
CA VAL C 559 -50.89 -26.76 -26.19
C VAL C 559 -50.34 -25.60 -27.02
N TRP C 560 -49.87 -25.87 -28.24
CA TRP C 560 -49.25 -24.82 -29.04
C TRP C 560 -50.29 -23.83 -29.54
N VAL C 561 -51.27 -24.30 -30.30
CA VAL C 561 -52.25 -23.40 -30.90
C VAL C 561 -53.14 -22.79 -29.83
N SER C 562 -53.38 -23.52 -28.73
CA SER C 562 -54.23 -22.97 -27.67
C SER C 562 -53.54 -21.82 -26.96
N THR C 563 -52.26 -21.99 -26.62
CA THR C 563 -51.52 -20.93 -25.95
C THR C 563 -51.38 -19.69 -26.83
N ALA C 564 -51.12 -19.90 -28.13
CA ALA C 564 -50.99 -18.77 -29.04
C ALA C 564 -52.34 -18.07 -29.24
N ALA C 565 -53.43 -18.85 -29.34
CA ALA C 565 -54.74 -18.25 -29.53
C ALA C 565 -55.23 -17.59 -28.25
N ARG C 566 -55.00 -18.23 -27.10
CA ARG C 566 -55.49 -17.69 -25.84
C ARG C 566 -54.82 -16.35 -25.50
N ASN C 567 -53.49 -16.30 -25.62
CA ASN C 567 -52.78 -15.07 -25.27
C ASN C 567 -53.13 -13.93 -26.20
N ALA C 568 -53.30 -14.22 -27.49
CA ALA C 568 -53.61 -13.17 -28.46
C ALA C 568 -54.95 -12.51 -28.15
N THR C 569 -55.92 -13.30 -27.70
CA THR C 569 -57.22 -12.75 -27.35
C THR C 569 -57.16 -11.96 -26.05
N ILE C 570 -56.35 -12.41 -25.10
CA ILE C 570 -56.24 -11.72 -23.82
C ILE C 570 -55.60 -10.35 -24.00
N TYR C 571 -54.52 -10.28 -24.79
CA TYR C 571 -53.86 -8.99 -25.02
C TYR C 571 -54.76 -8.02 -25.77
N ASP C 572 -55.49 -8.51 -26.77
CA ASP C 572 -56.38 -7.63 -27.52
C ASP C 572 -57.58 -7.18 -26.69
N LYS C 573 -58.05 -8.03 -25.78
CA LYS C 573 -59.16 -7.63 -24.91
C LYS C 573 -58.72 -6.60 -23.88
N VAL C 574 -57.48 -6.68 -23.43
CA VAL C 574 -56.99 -5.82 -22.37
C VAL C 574 -56.35 -4.56 -22.94
N PHE C 575 -55.33 -4.73 -23.76
CA PHE C 575 -54.53 -3.59 -24.21
C PHE C 575 -55.00 -3.00 -25.53
N ARG C 576 -55.80 -3.74 -26.31
CA ARG C 576 -56.30 -3.26 -27.60
C ARG C 576 -55.13 -2.86 -28.51
N CYS C 577 -54.09 -3.68 -28.52
CA CYS C 577 -52.80 -3.39 -29.13
C CYS C 577 -52.78 -3.70 -30.62
N LEU C 578 -51.71 -3.24 -31.28
CA LEU C 578 -51.47 -3.40 -32.70
C LEU C 578 -50.21 -4.22 -32.92
N PRO C 579 -50.19 -5.18 -33.86
CA PRO C 579 -51.22 -5.41 -34.89
C PRO C 579 -52.45 -6.17 -34.42
N ASN C 580 -53.58 -5.89 -35.09
CA ASN C 580 -54.85 -6.50 -34.78
C ASN C 580 -55.49 -7.02 -36.06
N ASP C 581 -56.31 -8.07 -35.92
CA ASP C 581 -57.00 -8.66 -37.06
C ASP C 581 -58.28 -7.93 -37.45
N GLU C 582 -58.75 -6.99 -36.65
CA GLU C 582 -59.95 -6.23 -36.99
C GLU C 582 -59.65 -4.90 -37.65
N VAL C 583 -58.37 -4.54 -37.80
CA VAL C 583 -57.96 -3.28 -38.40
C VAL C 583 -57.37 -3.57 -39.76
N HIS C 584 -58.06 -3.13 -40.81
CA HIS C 584 -57.64 -3.38 -42.18
C HIS C 584 -57.27 -2.13 -42.95
N ASN C 585 -57.54 -0.94 -42.39
CA ASN C 585 -57.27 0.31 -43.08
C ASN C 585 -56.49 1.25 -42.15
N LEU C 586 -55.76 2.18 -42.78
CA LEU C 586 -55.12 3.22 -42.00
C LEU C 586 -56.15 4.15 -41.36
N ILE C 587 -57.27 4.39 -42.04
CA ILE C 587 -58.35 5.17 -41.43
C ILE C 587 -58.98 4.41 -40.29
N GLN C 588 -59.16 3.09 -40.45
CA GLN C 588 -59.70 2.26 -39.38
C GLN C 588 -58.76 2.20 -38.18
N LEU C 589 -57.46 2.37 -38.41
CA LEU C 589 -56.50 2.37 -37.31
C LEU C 589 -56.72 3.55 -36.39
N ARG C 590 -57.03 4.71 -36.97
CA ARG C 590 -57.24 5.91 -36.14
C ARG C 590 -58.46 5.75 -35.24
N ASP C 591 -59.50 5.03 -35.69
CA ASP C 591 -60.64 4.79 -34.82
C ASP C 591 -60.27 3.79 -33.73
N PHE C 592 -59.44 2.80 -34.07
CA PHE C 592 -59.14 1.73 -33.13
C PHE C 592 -58.31 2.22 -31.96
N ILE C 593 -57.37 3.14 -32.20
CA ILE C 593 -56.46 3.59 -31.17
C ILE C 593 -57.01 4.75 -30.33
N ASN C 594 -58.01 5.47 -30.83
CA ASN C 594 -58.61 6.56 -30.07
C ASN C 594 -59.72 6.08 -29.12
N LYS C 595 -59.94 4.76 -29.02
CA LYS C 595 -60.87 4.24 -28.03
C LYS C 595 -60.15 3.88 -26.74
N PRO C 596 -60.82 4.03 -25.59
CA PRO C 596 -60.17 3.69 -24.32
C PRO C 596 -59.87 2.21 -24.23
N VAL C 597 -58.74 1.90 -23.59
CA VAL C 597 -58.29 0.52 -23.40
C VAL C 597 -58.61 0.08 -21.99
N LEU C 598 -58.93 -1.21 -21.84
CA LEU C 598 -59.29 -1.74 -20.53
C LEU C 598 -58.13 -1.65 -19.55
N ALA C 599 -56.89 -1.73 -20.04
CA ALA C 599 -55.75 -1.69 -19.14
C ALA C 599 -55.61 -0.33 -18.45
N LYS C 600 -56.17 0.72 -19.04
CA LYS C 600 -56.13 2.06 -18.46
C LYS C 600 -57.39 2.35 -17.64
N GLU C 601 -58.55 1.89 -18.11
CA GLU C 601 -59.81 2.24 -17.45
C GLU C 601 -60.12 1.34 -16.27
N ASP C 602 -59.67 0.09 -16.29
CA ASP C 602 -59.93 -0.86 -15.20
C ASP C 602 -58.66 -1.67 -14.93
N PRO C 603 -57.68 -1.08 -14.25
CA PRO C 603 -56.42 -1.81 -14.02
C PRO C 603 -56.57 -3.04 -13.14
N ILE C 604 -57.46 -3.02 -12.16
CA ILE C 604 -57.60 -4.18 -11.28
C ILE C 604 -58.15 -5.38 -12.05
N ARG C 605 -59.19 -5.16 -12.86
CA ARG C 605 -59.74 -6.24 -13.67
C ARG C 605 -58.76 -6.68 -14.75
N ALA C 606 -58.03 -5.72 -15.34
CA ALA C 606 -57.08 -6.07 -16.39
C ALA C 606 -55.95 -6.92 -15.84
N GLU C 607 -55.40 -6.54 -14.69
CA GLU C 607 -54.32 -7.31 -14.09
C GLU C 607 -54.79 -8.73 -13.77
N GLU C 608 -56.04 -8.87 -13.31
CA GLU C 608 -56.59 -10.20 -13.09
C GLU C 608 -56.79 -10.95 -14.40
N GLU C 609 -57.14 -10.23 -15.47
CA GLU C 609 -57.29 -10.86 -16.78
C GLU C 609 -55.95 -11.29 -17.36
N LEU C 610 -54.90 -10.50 -17.13
CA LEU C 610 -53.57 -10.83 -17.63
C LEU C 610 -53.00 -12.09 -16.96
N LYS C 611 -53.53 -12.47 -15.81
CA LYS C 611 -53.03 -13.66 -15.10
C LYS C 611 -53.28 -14.95 -15.87
N LYS C 612 -54.18 -14.95 -16.86
CA LYS C 612 -54.46 -16.14 -17.65
C LYS C 612 -53.43 -16.42 -18.74
N ILE C 613 -52.47 -15.52 -18.96
CA ILE C 613 -51.50 -15.68 -20.04
C ILE C 613 -50.41 -16.66 -19.64
N ARG C 614 -50.03 -17.52 -20.58
CA ARG C 614 -48.94 -18.48 -20.41
C ARG C 614 -47.91 -18.24 -21.50
N GLY C 615 -46.71 -17.81 -21.11
CA GLY C 615 -45.64 -17.61 -22.07
C GLY C 615 -45.80 -16.33 -22.88
N PHE C 616 -45.11 -16.29 -24.02
CA PHE C 616 -45.15 -15.13 -24.91
C PHE C 616 -45.80 -15.42 -26.25
N LEU C 617 -46.16 -16.67 -26.53
CA LEU C 617 -46.64 -17.02 -27.86
C LEU C 617 -48.03 -16.47 -28.11
N VAL C 618 -48.19 -15.72 -29.21
CA VAL C 618 -49.48 -15.21 -29.64
C VAL C 618 -49.66 -15.51 -31.12
N GLN C 619 -50.93 -15.73 -31.50
CA GLN C 619 -51.25 -16.00 -32.90
C GLN C 619 -50.92 -14.77 -33.75
N PHE C 620 -50.40 -15.02 -34.95
CA PHE C 620 -50.03 -13.92 -35.82
C PHE C 620 -51.25 -13.41 -36.57
N PRO C 621 -51.54 -12.11 -36.55
CA PRO C 621 -52.69 -11.58 -37.29
C PRO C 621 -52.45 -11.61 -38.79
N PHE C 622 -53.38 -12.20 -39.52
CA PHE C 622 -53.24 -12.34 -40.97
C PHE C 622 -53.84 -11.18 -41.75
N TYR C 623 -54.76 -10.41 -41.16
CA TYR C 623 -55.52 -9.41 -41.90
C TYR C 623 -55.25 -7.99 -41.40
N PHE C 624 -54.15 -7.78 -40.68
CA PHE C 624 -53.82 -6.44 -40.23
C PHE C 624 -53.43 -5.59 -41.44
N LEU C 625 -54.15 -4.48 -41.63
CA LEU C 625 -53.94 -3.60 -42.78
C LEU C 625 -54.04 -4.39 -44.08
N SER C 626 -55.04 -5.27 -44.15
CA SER C 626 -55.21 -6.11 -45.33
C SER C 626 -55.62 -5.30 -46.55
N GLU C 627 -56.42 -4.26 -46.35
CA GLU C 627 -56.97 -3.45 -47.43
C GLU C 627 -56.03 -2.34 -47.89
N GLU C 628 -54.87 -2.17 -47.26
CA GLU C 628 -53.90 -1.17 -47.69
C GLU C 628 -52.90 -1.78 -48.66
N SER C 629 -52.57 -1.03 -49.70
CA SER C 629 -51.68 -1.51 -50.76
C SER C 629 -50.32 -0.81 -50.69
N LEU C 630 -49.30 -1.52 -51.17
CA LEU C 630 -47.92 -1.02 -51.09
C LEU C 630 -47.62 0.00 -52.19
N LEU C 631 -47.95 -0.34 -53.44
CA LEU C 631 -47.56 0.50 -54.56
C LEU C 631 -48.15 1.90 -54.48
N PRO C 632 -49.45 2.10 -54.22
CA PRO C 632 -49.96 3.48 -54.15
C PRO C 632 -49.42 4.29 -52.99
N SER C 633 -49.13 3.66 -51.84
CA SER C 633 -48.75 4.41 -50.65
C SER C 633 -47.32 4.95 -50.73
N VAL C 634 -46.36 4.10 -51.12
CA VAL C 634 -44.96 4.51 -51.09
C VAL C 634 -44.47 5.05 -52.43
N GLY C 635 -45.09 4.67 -53.54
CA GLY C 635 -44.56 5.04 -54.85
C GLY C 635 -44.76 6.50 -55.16
N THR C 636 -43.86 7.05 -55.97
CA THR C 636 -43.91 8.42 -56.43
C THR C 636 -44.01 8.47 -57.96
N LYS C 637 -44.15 9.68 -58.49
CA LYS C 637 -44.29 9.86 -59.93
C LYS C 637 -43.00 9.57 -60.67
N GLU C 638 -41.84 9.90 -60.06
CA GLU C 638 -40.51 9.71 -60.65
C GLU C 638 -39.70 8.99 -59.58
N ALA C 639 -39.82 7.66 -59.55
CA ALA C 639 -39.20 6.82 -58.54
C ALA C 639 -37.89 6.21 -59.05
N ILE C 640 -36.93 6.04 -58.13
CA ILE C 640 -35.62 5.52 -58.52
C ILE C 640 -35.18 4.31 -57.70
N VAL C 641 -35.91 4.01 -56.63
CA VAL C 641 -35.53 2.94 -55.70
C VAL C 641 -36.17 1.62 -56.17
N PRO C 642 -35.37 0.62 -56.52
CA PRO C 642 -35.94 -0.68 -56.90
C PRO C 642 -36.65 -1.34 -55.72
N MET C 643 -37.65 -2.16 -56.04
CA MET C 643 -38.38 -2.88 -54.99
C MET C 643 -37.56 -4.02 -54.41
N GLU C 644 -36.52 -4.48 -55.13
CA GLU C 644 -35.69 -5.59 -54.66
C GLU C 644 -34.82 -5.22 -53.47
N VAL C 645 -34.87 -3.97 -53.00
CA VAL C 645 -34.08 -3.58 -51.85
C VAL C 645 -34.70 -4.07 -50.55
N TRP C 646 -36.02 -4.15 -50.47
CA TRP C 646 -36.70 -4.59 -49.26
C TRP C 646 -37.07 -6.07 -49.27
N THR C 647 -36.94 -6.75 -50.40
CA THR C 647 -37.29 -8.17 -50.47
C THR C 647 -36.10 -9.05 -50.08
N ASP D 28 10.85 37.60 -6.76
CA ASP D 28 12.15 37.02 -6.43
C ASP D 28 12.01 35.93 -5.38
N HIS D 29 10.84 35.28 -5.35
CA HIS D 29 10.58 34.14 -4.49
C HIS D 29 10.02 33.00 -5.34
N ARG D 30 9.74 31.88 -4.68
CA ARG D 30 9.10 30.77 -5.38
C ARG D 30 7.71 31.18 -5.85
N PHE D 31 7.34 30.71 -7.04
CA PHE D 31 6.08 31.04 -7.71
C PHE D 31 5.95 32.52 -8.04
N GLY D 32 7.02 33.30 -7.86
CA GLY D 32 6.92 34.73 -8.05
C GLY D 32 6.10 35.43 -6.99
N SER D 33 5.93 34.80 -5.83
CA SER D 33 5.07 35.34 -4.79
C SER D 33 5.77 36.48 -4.05
N TYR D 34 4.96 37.30 -3.38
CA TYR D 34 5.47 38.35 -2.53
C TYR D 34 5.95 37.84 -1.18
N ALA D 35 5.59 36.61 -0.82
CA ALA D 35 5.93 36.03 0.47
C ALA D 35 6.84 34.83 0.25
N ALA D 36 7.78 34.63 1.19
CA ALA D 36 8.75 33.56 1.09
C ALA D 36 8.20 32.28 1.72
N ILE D 37 8.93 31.18 1.50
CA ILE D 37 8.53 29.86 1.98
C ILE D 37 8.88 29.79 3.46
N GLN D 38 7.88 29.97 4.32
CA GLN D 38 8.09 29.92 5.77
C GLN D 38 8.14 28.46 6.20
N GLU D 39 9.32 28.00 6.61
CA GLU D 39 9.51 26.59 6.95
C GLU D 39 8.92 26.29 8.33
N ASN D 40 8.06 25.28 8.38
CA ASN D 40 7.53 24.71 9.63
C ASN D 40 6.79 25.77 10.46
N ALA D 41 5.62 26.12 9.95
CA ALA D 41 4.70 27.02 10.64
C ALA D 41 3.44 26.24 10.99
N LEU D 42 2.66 26.79 11.91
CA LEU D 42 1.43 26.13 12.34
C LEU D 42 0.28 26.50 11.41
N ALA D 43 -0.41 25.48 10.91
CA ALA D 43 -1.50 25.66 9.98
C ALA D 43 -2.67 24.78 10.40
N LYS D 44 -3.85 25.08 9.84
CA LYS D 44 -5.06 24.34 10.14
C LYS D 44 -6.07 24.53 9.02
N TRP D 45 -6.69 23.44 8.59
CA TRP D 45 -7.69 23.50 7.53
C TRP D 45 -9.09 23.37 8.11
N TYR D 46 -10.06 23.93 7.40
CA TYR D 46 -11.46 23.88 7.78
C TYR D 46 -12.29 23.40 6.60
N VAL D 47 -13.18 22.46 6.85
CA VAL D 47 -14.15 22.00 5.86
C VAL D 47 -15.51 22.56 6.29
N ASN D 48 -16.08 23.43 5.45
CA ASN D 48 -17.33 24.14 5.73
C ASN D 48 -17.14 25.17 6.84
N ALA D 49 -18.03 26.16 6.90
CA ALA D 49 -17.81 27.34 7.71
C ALA D 49 -18.02 27.13 9.21
N LYS D 50 -18.72 26.06 9.62
CA LYS D 50 -19.08 25.89 11.03
C LYS D 50 -17.85 25.92 11.93
N GLY D 51 -16.85 25.09 11.63
CA GLY D 51 -15.61 25.14 12.38
C GLY D 51 -14.83 26.41 12.12
N TYR D 52 -14.94 26.95 10.91
CA TYR D 52 -14.21 28.17 10.56
C TYR D 52 -14.73 29.37 11.34
N PHE D 53 -16.04 29.54 11.41
CA PHE D 53 -16.60 30.68 12.16
C PHE D 53 -16.35 30.56 13.67
N GLU D 54 -16.29 29.33 14.19
CA GLU D 54 -16.10 29.17 15.63
C GLU D 54 -14.68 29.50 16.05
N ASP D 55 -13.68 29.04 15.29
CA ASP D 55 -12.29 29.36 15.64
C ASP D 55 -11.97 30.82 15.36
N VAL D 56 -12.58 31.41 14.32
CA VAL D 56 -12.37 32.83 14.08
C VAL D 56 -12.99 33.67 15.18
N ALA D 57 -14.06 33.18 15.81
CA ALA D 57 -14.66 33.89 16.92
C ALA D 57 -13.78 33.83 18.16
N ASN D 58 -13.23 32.65 18.47
CA ASN D 58 -12.36 32.51 19.62
C ASN D 58 -11.08 33.34 19.47
N ALA D 59 -10.57 33.46 18.24
CA ALA D 59 -9.36 34.23 18.03
C ALA D 59 -9.61 35.72 18.17
N MET D 60 -10.75 36.19 17.66
CA MET D 60 -11.10 37.60 17.86
C MET D 60 -11.38 37.88 19.32
N GLU D 61 -11.99 36.91 20.02
CA GLU D 61 -12.31 37.10 21.43
C GLU D 61 -11.04 37.25 22.27
N GLU D 62 -10.00 36.50 21.93
CA GLU D 62 -8.72 36.60 22.62
C GLU D 62 -7.73 37.49 21.89
N ALA D 63 -8.22 38.51 21.19
CA ALA D 63 -7.36 39.51 20.57
C ALA D 63 -7.00 40.59 21.56
N ASN D 64 -5.83 41.19 21.37
CA ASN D 64 -5.36 42.24 22.26
C ASN D 64 -5.06 43.56 21.57
N GLU D 65 -4.45 43.53 20.38
CA GLU D 65 -4.04 44.76 19.70
C GLU D 65 -4.91 45.11 18.51
N GLU D 66 -4.96 44.24 17.49
CA GLU D 66 -5.55 44.60 16.20
C GLU D 66 -6.40 43.45 15.66
N ILE D 67 -7.36 43.82 14.81
CA ILE D 67 -8.20 42.87 14.07
C ILE D 67 -8.32 43.35 12.63
N PHE D 68 -7.87 42.53 11.68
CA PHE D 68 -7.98 42.83 10.25
C PHE D 68 -9.05 41.96 9.61
N ILE D 69 -9.96 42.58 8.86
CA ILE D 69 -11.02 41.88 8.15
C ILE D 69 -11.09 42.42 6.73
N THR D 70 -11.28 41.52 5.76
CA THR D 70 -11.58 41.93 4.39
C THR D 70 -12.55 40.93 3.78
N ASP D 71 -13.57 41.46 3.10
CA ASP D 71 -14.66 40.66 2.56
C ASP D 71 -15.10 41.20 1.22
N TRP D 72 -15.48 40.29 0.32
CA TRP D 72 -16.18 40.69 -0.90
C TRP D 72 -17.60 41.14 -0.56
N TRP D 73 -18.25 40.42 0.35
CA TRP D 73 -19.55 40.75 0.89
C TRP D 73 -19.53 40.49 2.39
N LEU D 74 -20.06 41.44 3.16
CA LEU D 74 -20.10 41.32 4.61
C LEU D 74 -21.52 41.53 5.10
N SER D 75 -21.97 40.64 5.98
CA SER D 75 -23.29 40.73 6.61
C SER D 75 -23.08 40.93 8.10
N PRO D 76 -23.31 42.13 8.63
CA PRO D 76 -22.88 42.42 10.00
C PRO D 76 -23.59 41.60 11.07
N GLU D 77 -24.84 41.24 10.88
CA GLU D 77 -25.65 40.61 11.92
C GLU D 77 -25.76 39.10 11.72
N ILE D 78 -24.63 38.42 11.57
CA ILE D 78 -24.57 36.97 11.45
C ILE D 78 -23.96 36.41 12.73
N PHE D 79 -24.30 35.17 13.05
CA PHE D 79 -23.80 34.51 14.24
C PHE D 79 -22.62 33.62 13.87
N LEU D 80 -21.50 33.80 14.58
CA LEU D 80 -20.33 32.97 14.34
C LEU D 80 -20.39 31.66 15.12
N LYS D 81 -21.22 31.59 16.16
CA LYS D 81 -21.42 30.36 16.93
C LYS D 81 -22.89 30.01 16.91
N ARG D 82 -23.21 28.85 16.36
CA ARG D 82 -24.58 28.36 16.25
C ARG D 82 -24.70 27.00 16.92
N PRO D 83 -25.85 26.69 17.54
CA PRO D 83 -27.08 27.48 17.64
C PRO D 83 -26.92 28.75 18.48
N VAL D 84 -27.76 29.74 18.18
CA VAL D 84 -27.69 31.03 18.84
C VAL D 84 -27.85 30.89 20.35
N GLU D 86 -27.12 31.47 23.25
CA GLU D 86 -26.25 32.15 24.19
C GLU D 86 -26.25 33.66 23.91
N GLY D 87 -27.43 34.18 23.56
CA GLY D 87 -27.61 35.60 23.29
C GLY D 87 -26.92 36.05 22.01
N ASN D 88 -26.63 37.35 21.98
CA ASN D 88 -25.87 37.96 20.89
C ASN D 88 -24.39 38.07 21.20
N ARG D 89 -23.91 37.35 22.22
CA ARG D 89 -22.49 37.33 22.53
C ARG D 89 -21.65 37.02 21.30
N TRP D 90 -22.14 36.14 20.43
CA TRP D 90 -21.35 35.65 19.31
C TRP D 90 -21.83 36.17 17.96
N ARG D 91 -22.67 37.22 17.97
CA ARG D 91 -22.98 37.91 16.72
C ARG D 91 -21.74 38.64 16.21
N LEU D 92 -21.56 38.65 14.89
CA LEU D 92 -20.33 39.19 14.32
C LEU D 92 -20.17 40.66 14.69
N ASP D 93 -21.23 41.46 14.49
CA ASP D 93 -21.14 42.87 14.82
C ASP D 93 -20.97 43.10 16.31
N CYS D 94 -21.57 42.22 17.14
CA CYS D 94 -21.45 42.37 18.59
C CYS D 94 -20.06 41.99 19.07
N ILE D 95 -19.43 41.00 18.42
CA ILE D 95 -18.06 40.64 18.76
C ILE D 95 -17.13 41.82 18.50
N LEU D 96 -17.34 42.51 17.38
CA LEU D 96 -16.54 43.69 17.05
C LEU D 96 -16.78 44.81 18.05
N LYS D 97 -18.03 45.05 18.44
CA LYS D 97 -18.33 46.09 19.42
C LYS D 97 -17.66 45.81 20.75
N ARG D 98 -17.75 44.55 21.23
CA ARG D 98 -17.15 44.21 22.51
C ARG D 98 -15.64 44.38 22.48
N LYS D 99 -14.98 43.94 21.41
CA LYS D 99 -13.52 44.03 21.34
C LYS D 99 -13.05 45.45 21.10
N ALA D 100 -13.80 46.26 20.35
CA ALA D 100 -13.39 47.64 20.12
C ALA D 100 -13.45 48.45 21.41
N GLN D 101 -14.31 48.07 22.34
CA GLN D 101 -14.38 48.71 23.65
C GLN D 101 -13.26 48.31 24.58
N GLN D 102 -12.50 47.26 24.26
CA GLN D 102 -11.37 46.83 25.07
C GLN D 102 -10.03 47.37 24.57
N GLY D 103 -10.05 48.39 23.71
CA GLY D 103 -8.83 48.99 23.21
C GLY D 103 -8.27 48.37 21.95
N VAL D 104 -8.98 47.42 21.35
CA VAL D 104 -8.50 46.76 20.14
C VAL D 104 -8.84 47.62 18.94
N ARG D 105 -7.86 47.83 18.06
CA ARG D 105 -8.05 48.63 16.86
C ARG D 105 -8.46 47.68 15.74
N ILE D 106 -9.69 47.85 15.24
CA ILE D 106 -10.25 46.99 14.20
C ILE D 106 -10.25 47.75 12.89
N PHE D 107 -9.75 47.11 11.83
CA PHE D 107 -9.69 47.70 10.50
C PHE D 107 -10.36 46.74 9.52
N ILE D 108 -11.36 47.23 8.79
CA ILE D 108 -12.14 46.42 7.87
C ILE D 108 -12.05 47.04 6.48
N MET D 109 -11.84 46.21 5.48
CA MET D 109 -11.72 46.67 4.10
C MET D 109 -12.74 45.92 3.25
N LEU D 110 -13.76 46.62 2.78
CA LEU D 110 -14.83 46.01 2.00
C LEU D 110 -14.67 46.35 0.52
N TYR D 111 -15.31 45.53 -0.31
CA TYR D 111 -15.31 45.76 -1.75
C TYR D 111 -16.51 46.61 -2.12
N LYS D 112 -16.26 47.71 -2.83
CA LYS D 112 -17.33 48.62 -3.27
C LYS D 112 -17.98 48.06 -4.52
N GLU D 113 -19.21 47.57 -4.39
CA GLU D 113 -19.95 46.96 -5.49
C GLU D 113 -20.30 48.01 -6.55
N VAL D 114 -20.64 47.50 -7.74
CA VAL D 114 -21.10 48.36 -8.82
C VAL D 114 -22.46 48.93 -8.47
N GLU D 115 -22.77 50.11 -9.05
CA GLU D 115 -24.04 50.78 -8.79
C GLU D 115 -25.23 49.90 -9.14
N LEU D 116 -25.09 49.03 -10.14
CA LEU D 116 -26.18 48.15 -10.54
C LEU D 116 -26.31 46.92 -9.67
N ALA D 117 -25.42 46.73 -8.70
CA ALA D 117 -25.51 45.60 -7.77
C ALA D 117 -26.56 45.94 -6.72
N LEU D 118 -27.77 45.41 -6.89
CA LEU D 118 -28.85 45.74 -5.96
C LEU D 118 -28.75 44.96 -4.66
N GLY D 119 -28.17 43.77 -4.68
CA GLY D 119 -28.14 42.91 -3.52
C GLY D 119 -27.13 43.30 -2.46
N ILE D 120 -25.96 43.79 -2.88
CA ILE D 120 -24.90 44.18 -1.97
C ILE D 120 -24.98 45.69 -1.75
N ASN D 121 -24.92 46.10 -0.48
CA ASN D 121 -24.91 47.52 -0.12
C ASN D 121 -23.77 47.72 0.88
N SER D 122 -22.54 47.83 0.37
CA SER D 122 -21.39 48.01 1.25
C SER D 122 -21.42 49.35 1.96
N GLU D 123 -22.16 50.33 1.44
CA GLU D 123 -22.27 51.63 2.12
C GLU D 123 -23.10 51.51 3.39
N TYR D 124 -24.16 50.70 3.35
CA TYR D 124 -24.93 50.45 4.57
C TYR D 124 -24.07 49.78 5.63
N THR D 125 -23.40 48.69 5.27
CA THR D 125 -22.57 47.97 6.23
C THR D 125 -21.39 48.80 6.70
N LYS D 126 -20.93 49.75 5.87
CA LYS D 126 -19.86 50.65 6.29
C LYS D 126 -20.32 51.59 7.40
N ARG D 127 -21.48 52.23 7.22
CA ARG D 127 -21.99 53.13 8.25
C ARG D 127 -22.41 52.37 9.50
N THR D 128 -23.06 51.22 9.33
CA THR D 128 -23.52 50.44 10.47
C THR D 128 -22.37 50.03 11.37
N LEU D 129 -21.26 49.58 10.78
CA LEU D 129 -20.14 49.09 11.57
C LEU D 129 -19.42 50.21 12.31
N MET D 130 -19.20 51.35 11.66
CA MET D 130 -18.43 52.42 12.27
C MET D 130 -19.20 53.18 13.34
N ARG D 131 -20.52 53.16 13.31
CA ARG D 131 -21.30 53.78 14.37
C ARG D 131 -21.37 52.94 15.64
N LEU D 132 -20.81 51.72 15.60
CA LEU D 132 -20.79 50.90 16.81
C LEU D 132 -19.78 51.44 17.81
N HIS D 133 -18.54 51.66 17.35
CA HIS D 133 -17.45 52.13 18.18
C HIS D 133 -16.45 52.87 17.30
N PRO D 134 -15.80 53.92 17.81
CA PRO D 134 -14.82 54.66 16.99
C PRO D 134 -13.59 53.86 16.63
N ASN D 135 -13.29 52.76 17.32
CA ASN D 135 -12.12 51.95 17.01
C ASN D 135 -12.28 51.10 15.76
N ILE D 136 -13.43 51.14 15.10
CA ILE D 136 -13.68 50.36 13.89
C ILE D 136 -13.66 51.31 12.69
N LYS D 137 -12.73 51.07 11.78
CA LYS D 137 -12.55 51.89 10.58
C LYS D 137 -12.72 51.01 9.35
N VAL D 138 -13.55 51.46 8.41
CA VAL D 138 -13.89 50.70 7.22
C VAL D 138 -13.54 51.50 5.97
N MET D 139 -12.97 50.84 4.97
CA MET D 139 -12.64 51.44 3.69
C MET D 139 -13.18 50.58 2.56
N ARG D 140 -13.68 51.23 1.51
CA ARG D 140 -14.24 50.53 0.36
C ARG D 140 -13.42 50.86 -0.89
N HIS D 141 -13.02 49.83 -1.62
CA HIS D 141 -12.32 49.98 -2.89
C HIS D 141 -12.92 49.04 -3.93
N PRO D 142 -13.00 49.45 -5.21
CA PRO D 142 -12.60 50.76 -5.75
C PRO D 142 -13.55 51.89 -5.36
N ASP D 143 -13.15 53.13 -5.61
CA ASP D 143 -13.97 54.30 -5.32
C ASP D 143 -14.73 54.73 -6.56
N HIS D 144 -16.03 55.03 -6.38
CA HIS D 144 -16.86 55.49 -7.49
C HIS D 144 -16.48 56.88 -7.96
N VAL D 145 -15.89 57.71 -7.09
CA VAL D 145 -15.61 59.11 -7.42
C VAL D 145 -14.43 59.27 -8.37
N SER D 146 -13.71 58.20 -8.67
CA SER D 146 -12.60 58.27 -9.62
C SER D 146 -13.14 58.31 -11.06
N SER D 147 -12.45 59.07 -11.91
CA SER D 147 -12.82 59.09 -13.32
C SER D 147 -12.54 57.78 -14.03
N THR D 148 -11.68 56.93 -13.45
CA THR D 148 -11.36 55.64 -14.04
C THR D 148 -12.48 54.64 -13.80
N VAL D 149 -12.55 53.64 -14.69
CA VAL D 149 -13.56 52.60 -14.65
C VAL D 149 -12.92 51.30 -14.19
N TYR D 150 -13.49 50.69 -13.15
CA TYR D 150 -12.98 49.46 -12.58
C TYR D 150 -13.92 48.31 -12.94
N LEU D 151 -13.38 47.29 -13.61
CA LEU D 151 -14.15 46.10 -13.95
C LEU D 151 -14.07 45.02 -12.89
N TRP D 152 -12.98 44.95 -12.13
CA TRP D 152 -12.69 43.83 -11.26
C TRP D 152 -12.97 44.17 -9.79
N ALA D 153 -12.93 43.14 -8.95
CA ALA D 153 -13.39 43.23 -7.57
C ALA D 153 -12.33 42.73 -6.59
N HIS D 154 -12.58 42.95 -5.31
CA HIS D 154 -11.74 42.48 -4.21
C HIS D 154 -12.41 41.24 -3.61
N HIS D 155 -12.02 40.06 -4.09
CA HIS D 155 -12.71 38.84 -3.73
C HIS D 155 -12.02 38.07 -2.61
N GLU D 156 -10.84 38.50 -2.17
CA GLU D 156 -10.14 37.76 -1.12
C GLU D 156 -10.86 37.91 0.22
N LYS D 157 -10.78 36.85 1.03
CA LYS D 157 -11.44 36.79 2.33
C LYS D 157 -10.38 36.48 3.38
N LEU D 158 -10.05 37.47 4.20
CA LEU D 158 -9.03 37.30 5.23
C LEU D 158 -9.48 37.91 6.54
N VAL D 159 -9.23 37.18 7.63
CA VAL D 159 -9.39 37.69 8.99
C VAL D 159 -8.06 37.53 9.69
N ILE D 160 -7.49 38.64 10.15
CA ILE D 160 -6.18 38.66 10.80
C ILE D 160 -6.35 39.19 12.21
N ILE D 161 -5.83 38.47 13.19
CA ILE D 161 -5.94 38.83 14.60
C ILE D 161 -4.54 39.08 15.14
N ASP D 162 -4.28 40.32 15.56
CA ASP D 162 -3.03 40.73 16.17
C ASP D 162 -1.82 40.43 15.29
N GLN D 163 -2.03 40.28 13.99
CA GLN D 163 -0.96 39.95 13.03
C GLN D 163 -0.20 38.68 13.43
N SER D 164 -0.80 37.87 14.31
CA SER D 164 -0.24 36.59 14.73
C SER D 164 -1.07 35.38 14.32
N VAL D 165 -2.40 35.51 14.23
CA VAL D 165 -3.28 34.46 13.74
C VAL D 165 -4.09 35.02 12.59
N ALA D 166 -4.13 34.29 11.47
CA ALA D 166 -4.80 34.78 10.27
C ALA D 166 -5.51 33.63 9.55
N PHE D 167 -6.64 33.96 8.92
CA PHE D 167 -7.50 32.99 8.26
C PHE D 167 -7.60 33.32 6.77
N VAL D 168 -7.31 32.32 5.93
CA VAL D 168 -7.39 32.45 4.47
C VAL D 168 -8.32 31.37 3.94
N GLY D 169 -9.14 31.73 2.96
CA GLY D 169 -10.04 30.76 2.35
C GLY D 169 -11.00 31.43 1.40
N GLY D 170 -12.06 30.69 1.05
CA GLY D 170 -13.10 31.21 0.19
C GLY D 170 -14.42 31.47 0.88
N ILE D 171 -14.46 31.50 2.21
CA ILE D 171 -15.69 31.66 2.97
C ILE D 171 -15.78 33.12 3.41
N ASP D 172 -16.82 33.82 2.97
CA ASP D 172 -17.06 35.18 3.41
C ASP D 172 -17.85 35.20 4.72
N LEU D 173 -17.70 36.30 5.45
CA LEU D 173 -18.51 36.56 6.64
C LEU D 173 -19.83 37.21 6.22
N ALA D 174 -20.63 36.42 5.48
CA ALA D 174 -21.83 36.90 4.81
C ALA D 174 -22.96 35.90 4.97
N TYR D 175 -24.15 36.33 4.55
CA TYR D 175 -25.33 35.48 4.63
C TYR D 175 -25.19 34.23 3.77
N GLY D 176 -25.61 33.10 4.31
CA GLY D 176 -25.68 31.86 3.57
C GLY D 176 -24.41 31.02 3.54
N ARG D 177 -23.31 31.53 4.08
CA ARG D 177 -22.07 30.77 4.06
C ARG D 177 -22.03 29.71 5.16
N TRP D 178 -22.63 29.99 6.32
CA TRP D 178 -22.52 29.05 7.43
C TRP D 178 -23.23 27.75 7.08
N ASP D 179 -22.51 26.65 7.28
CA ASP D 179 -23.05 25.31 7.07
C ASP D 179 -22.09 24.32 7.71
N ASP D 180 -22.63 23.17 8.08
CA ASP D 180 -21.86 22.09 8.66
C ASP D 180 -21.80 20.93 7.66
N ASN D 181 -21.40 19.76 8.16
CA ASN D 181 -21.23 18.59 7.30
C ASN D 181 -22.55 17.88 7.02
N GLU D 182 -23.67 18.37 7.55
CA GLU D 182 -24.97 17.78 7.24
C GLU D 182 -25.60 18.38 5.99
N HIS D 183 -25.33 19.65 5.69
CA HIS D 183 -25.86 20.34 4.53
C HIS D 183 -27.39 20.23 4.49
N ARG D 184 -28.01 20.73 5.55
CA ARG D 184 -29.45 20.63 5.70
C ARG D 184 -30.19 21.52 4.70
N LEU D 185 -31.36 21.04 4.27
CA LEU D 185 -32.23 21.80 3.38
C LEU D 185 -33.40 22.44 4.11
N THR D 186 -33.64 22.08 5.37
CA THR D 186 -34.78 22.53 6.14
C THR D 186 -34.30 23.27 7.39
N ASP D 187 -35.14 24.17 7.87
CA ASP D 187 -34.81 24.95 9.06
C ASP D 187 -36.10 25.40 9.75
N VAL D 188 -36.94 24.41 10.10
CA VAL D 188 -38.20 24.70 10.77
C VAL D 188 -38.14 24.18 12.20
N ARG D 215 -33.44 27.06 15.27
CA ARG D 215 -33.35 27.78 14.02
C ARG D 215 -31.92 28.23 13.77
N PHE D 216 -31.31 27.70 12.70
CA PHE D 216 -29.90 27.96 12.43
C PHE D 216 -29.69 29.22 11.58
N TRP D 217 -30.37 29.31 10.44
CA TRP D 217 -30.21 30.44 9.52
C TRP D 217 -31.37 31.39 9.77
N HIS D 218 -31.12 32.41 10.60
CA HIS D 218 -32.13 33.38 10.95
C HIS D 218 -32.26 34.44 9.86
N GLY D 219 -33.51 34.76 9.52
CA GLY D 219 -33.76 35.88 8.63
C GLY D 219 -33.15 35.66 7.26
N LYS D 220 -32.37 36.65 6.81
CA LYS D 220 -31.78 36.62 5.48
C LYS D 220 -30.63 35.62 5.36
N ASP D 221 -30.21 34.99 6.47
CA ASP D 221 -29.17 33.97 6.38
C ASP D 221 -29.67 32.69 5.72
N TYR D 222 -30.99 32.49 5.67
CA TYR D 222 -31.60 31.35 4.97
C TYR D 222 -31.88 31.80 3.54
N CYS D 223 -31.03 31.40 2.60
CA CYS D 223 -31.13 31.89 1.23
C CYS D 223 -30.84 30.78 0.23
N ASN D 224 -31.24 31.02 -1.01
CA ASN D 224 -31.04 30.07 -2.10
C ASN D 224 -30.80 30.90 -3.37
N PHE D 225 -29.56 30.88 -3.86
CA PHE D 225 -29.15 31.77 -4.94
C PHE D 225 -29.35 31.17 -6.34
N VAL D 226 -30.24 30.20 -6.50
CA VAL D 226 -30.60 29.69 -7.80
C VAL D 226 -32.12 29.59 -7.87
N PHE D 227 -32.70 30.06 -8.98
CA PHE D 227 -34.14 30.03 -9.21
C PHE D 227 -34.83 28.75 -8.76
N ILE D 241 -39.03 35.53 0.63
CA ILE D 241 -39.03 34.11 0.27
C ILE D 241 -39.61 33.28 1.42
N ASP D 242 -40.32 32.21 1.06
CA ASP D 242 -41.00 31.35 2.02
C ASP D 242 -40.03 30.30 2.56
N ARG D 243 -39.78 30.32 3.86
CA ARG D 243 -38.92 29.33 4.50
C ARG D 243 -39.57 27.96 4.54
N TYR D 244 -40.90 27.91 4.46
CA TYR D 244 -41.66 26.67 4.57
C TYR D 244 -42.06 26.11 3.22
N SER D 245 -41.76 26.81 2.13
CA SER D 245 -42.07 26.34 0.79
C SER D 245 -40.85 26.06 -0.06
N THR D 246 -39.72 26.70 0.21
CA THR D 246 -38.53 26.53 -0.61
C THR D 246 -37.36 26.06 0.25
N PRO D 247 -36.58 25.08 -0.22
CA PRO D 247 -35.42 24.65 0.56
C PRO D 247 -34.28 25.65 0.41
N ARG D 248 -33.33 25.56 1.34
CA ARG D 248 -32.18 26.45 1.28
C ARG D 248 -31.06 25.79 0.47
N MET D 249 -30.13 26.62 0.01
CA MET D 249 -28.98 26.14 -0.74
C MET D 249 -27.80 25.92 0.21
N PRO D 250 -27.39 24.68 0.46
CA PRO D 250 -26.26 24.45 1.35
C PRO D 250 -24.98 25.08 0.80
N TRP D 251 -24.06 25.38 1.71
CA TRP D 251 -22.82 26.06 1.38
C TRP D 251 -21.66 25.13 1.71
N HIS D 252 -20.98 24.65 0.68
CA HIS D 252 -19.79 23.82 0.83
C HIS D 252 -18.58 24.67 0.46
N ASP D 253 -17.71 24.90 1.43
CA ASP D 253 -16.59 25.82 1.24
C ASP D 253 -15.41 25.32 2.07
N ILE D 254 -14.23 25.86 1.79
CA ILE D 254 -12.98 25.48 2.45
C ILE D 254 -12.23 26.73 2.87
N ALA D 255 -11.66 26.70 4.08
CA ALA D 255 -10.83 27.79 4.58
C ALA D 255 -9.63 27.18 5.29
N SER D 256 -8.74 28.04 5.79
CA SER D 256 -7.53 27.59 6.46
C SER D 256 -7.06 28.66 7.44
N ALA D 257 -6.07 28.29 8.26
CA ALA D 257 -5.48 29.18 9.24
C ALA D 257 -3.97 29.00 9.26
N VAL D 258 -3.25 30.09 9.51
CA VAL D 258 -1.78 30.06 9.58
C VAL D 258 -1.31 30.87 10.79
N HIS D 259 -0.11 30.55 11.25
CA HIS D 259 0.47 31.18 12.43
C HIS D 259 1.89 31.66 12.12
N GLY D 260 2.46 32.36 13.10
CA GLY D 260 3.87 32.73 13.04
C GLY D 260 4.17 33.73 11.94
N LYS D 261 5.30 33.53 11.27
CA LYS D 261 5.72 34.45 10.21
C LYS D 261 4.78 34.41 9.02
N ALA D 262 4.06 33.31 8.82
CA ALA D 262 3.10 33.23 7.73
C ALA D 262 1.92 34.16 7.99
N ALA D 263 1.56 34.36 9.26
CA ALA D 263 0.49 35.30 9.57
C ALA D 263 0.92 36.74 9.32
N ARG D 264 2.22 37.03 9.46
CA ARG D 264 2.71 38.37 9.14
C ARG D 264 2.69 38.63 7.64
N ASP D 265 2.87 37.59 6.81
CA ASP D 265 2.84 37.79 5.36
C ASP D 265 1.45 38.16 4.87
N VAL D 266 0.41 37.47 5.34
CA VAL D 266 -0.95 37.82 4.94
C VAL D 266 -1.34 39.18 5.51
N ALA D 267 -0.85 39.53 6.70
CA ALA D 267 -1.08 40.86 7.25
C ALA D 267 -0.36 41.90 6.40
N ARG D 268 0.82 41.55 5.89
CA ARG D 268 1.58 42.47 5.04
C ARG D 268 0.76 42.85 3.81
N HIS D 269 0.03 41.89 3.25
CA HIS D 269 -0.85 42.19 2.11
C HIS D 269 -1.97 43.15 2.51
N PHE D 270 -2.54 42.98 3.70
CA PHE D 270 -3.61 43.86 4.16
C PHE D 270 -3.11 45.29 4.31
N ILE D 271 -1.95 45.47 4.95
CA ILE D 271 -1.41 46.81 5.16
C ILE D 271 -1.08 47.45 3.82
N GLN D 272 -0.53 46.68 2.89
CA GLN D 272 -0.21 47.23 1.58
C GLN D 272 -1.47 47.75 0.88
N ARG D 273 -2.56 46.99 0.95
CA ARG D 273 -3.80 47.44 0.30
C ARG D 273 -4.46 48.57 1.08
N TRP D 274 -4.37 48.54 2.42
CA TRP D 274 -5.00 49.58 3.21
C TRP D 274 -4.32 50.93 2.98
N ASN D 275 -2.99 50.96 3.09
CA ASN D 275 -2.27 52.22 2.87
C ASN D 275 -2.41 52.69 1.42
N PHE D 276 -2.52 51.77 0.47
CA PHE D 276 -2.69 52.14 -0.93
C PHE D 276 -4.02 52.86 -1.15
N THR D 277 -5.09 52.37 -0.53
CA THR D 277 -6.40 52.99 -0.71
C THR D 277 -6.44 54.39 -0.10
N LYS D 278 -5.69 54.61 1.00
CA LYS D 278 -5.66 55.93 1.62
C LYS D 278 -5.13 56.99 0.66
N ILE D 279 -4.07 56.67 -0.08
CA ILE D 279 -3.48 57.66 -0.99
C ILE D 279 -4.46 58.02 -2.10
N MET D 280 -5.04 57.01 -2.75
CA MET D 280 -6.00 57.27 -3.82
C MET D 280 -7.27 57.93 -3.29
N LYS D 281 -7.74 57.52 -2.10
CA LYS D 281 -8.93 58.13 -1.53
C LYS D 281 -8.71 59.60 -1.19
N SER D 282 -7.53 59.94 -0.65
CA SER D 282 -7.24 61.32 -0.34
C SER D 282 -7.30 62.20 -1.57
N LYS D 283 -6.50 61.84 -2.60
CA LYS D 283 -6.53 62.52 -3.90
C LYS D 283 -6.35 64.03 -3.79
N TYR D 289 -8.61 58.39 8.25
CA TYR D 289 -8.01 57.07 8.47
C TYR D 289 -6.50 57.19 8.63
N PRO D 290 -5.91 56.27 9.40
CA PRO D 290 -4.45 56.27 9.57
C PRO D 290 -3.75 55.25 8.67
N PHE D 291 -2.43 55.31 8.61
CA PHE D 291 -1.62 54.28 7.95
C PHE D 291 -1.35 53.15 8.92
N LEU D 292 -1.30 51.93 8.40
CA LEU D 292 -1.04 50.76 9.23
C LEU D 292 0.45 50.45 9.21
N LEU D 293 0.92 49.82 10.29
CA LEU D 293 2.34 49.58 10.49
C LEU D 293 2.60 48.09 10.67
N PRO D 294 3.70 47.57 10.10
CA PRO D 294 4.01 46.15 10.26
C PRO D 294 4.43 45.80 11.68
N LYS D 295 4.04 44.62 12.11
CA LYS D 295 4.43 44.11 13.41
C LYS D 295 5.79 43.44 13.32
N SER D 296 6.60 43.58 14.36
CA SER D 296 7.93 43.00 14.41
C SER D 296 7.96 41.91 15.48
N GLN D 297 8.39 40.71 15.08
CA GLN D 297 8.47 39.58 16.00
C GLN D 297 9.65 39.72 16.95
N ARG D 304 1.51 33.79 21.38
CA ARG D 304 0.84 33.53 22.64
C ARG D 304 -0.60 33.06 22.42
N TYR D 305 -0.87 32.53 21.23
CA TYR D 305 -2.17 31.98 20.92
C TYR D 305 -2.07 31.02 19.74
N GLN D 306 -2.81 29.91 19.84
CA GLN D 306 -2.89 28.90 18.80
C GLN D 306 -4.32 28.40 18.72
N VAL D 307 -4.78 28.13 17.50
CA VAL D 307 -6.11 27.54 17.31
C VAL D 307 -5.97 26.04 17.52
N PRO D 308 -6.93 25.39 18.17
CA PRO D 308 -6.78 23.95 18.45
C PRO D 308 -6.81 23.12 17.18
N GLY D 309 -5.94 22.11 17.14
CA GLY D 309 -5.88 21.18 16.03
C GLY D 309 -4.85 21.47 14.97
N SER D 310 -3.95 22.42 15.19
CA SER D 310 -2.96 22.79 14.19
C SER D 310 -1.83 21.77 14.10
N VAL D 311 -1.12 21.80 12.96
CA VAL D 311 0.01 20.92 12.70
C VAL D 311 1.11 21.73 12.04
N HIS D 312 2.35 21.26 12.19
CA HIS D 312 3.51 21.91 11.61
C HIS D 312 3.71 21.44 10.16
N ALA D 313 3.96 22.38 9.25
CA ALA D 313 4.19 22.08 7.84
C ALA D 313 4.76 23.32 7.16
N ASN D 314 5.19 23.15 5.91
CA ASN D 314 5.68 24.28 5.13
C ASN D 314 4.52 25.03 4.50
N VAL D 315 4.43 26.32 4.80
CA VAL D 315 3.32 27.18 4.37
C VAL D 315 3.91 28.34 3.57
N GLN D 316 3.27 28.67 2.45
CA GLN D 316 3.64 29.83 1.66
C GLN D 316 2.40 30.56 1.20
N LEU D 317 2.44 31.89 1.27
CA LEU D 317 1.29 32.71 0.92
C LEU D 317 1.36 33.09 -0.55
N LEU D 318 0.20 33.10 -1.20
CA LEU D 318 0.07 33.40 -2.61
C LEU D 318 -1.00 34.47 -2.78
N ARG D 319 -0.95 35.17 -3.90
CA ARG D 319 -1.94 36.22 -4.14
C ARG D 319 -1.99 36.56 -5.63
N SER D 320 -3.08 37.22 -6.01
CA SER D 320 -3.27 37.80 -7.34
C SER D 320 -3.47 39.29 -7.14
N ALA D 321 -2.43 40.08 -7.41
CA ALA D 321 -2.48 41.52 -7.19
C ALA D 321 -1.86 42.24 -8.38
N ALA D 322 -2.31 43.48 -8.60
CA ALA D 322 -1.86 44.29 -9.72
C ALA D 322 -1.72 45.73 -9.26
N ASP D 323 -1.57 46.64 -10.23
CA ASP D 323 -1.42 48.05 -9.89
C ASP D 323 -2.71 48.64 -9.34
N TRP D 324 -3.86 48.27 -9.91
CA TRP D 324 -5.12 48.86 -9.47
C TRP D 324 -5.50 48.40 -8.07
N SER D 325 -5.03 47.23 -7.65
CA SER D 325 -5.45 46.64 -6.39
C SER D 325 -4.49 46.95 -5.24
N ALA D 326 -3.20 46.71 -5.44
CA ALA D 326 -2.19 46.89 -4.40
C ALA D 326 -1.21 48.01 -4.69
N GLY D 327 -1.37 48.72 -5.81
CA GLY D 327 -0.39 49.73 -6.18
C GLY D 327 0.95 49.16 -6.53
N ILE D 328 0.96 47.99 -7.14
CA ILE D 328 2.19 47.29 -7.50
C ILE D 328 2.56 47.64 -8.93
N LYS D 329 3.87 47.76 -9.20
CA LYS D 329 4.30 48.06 -10.56
C LYS D 329 4.00 46.89 -11.48
N TYR D 330 4.54 45.71 -11.17
CA TYR D 330 4.43 44.52 -12.00
C TYR D 330 3.48 43.54 -11.33
N HIS D 331 2.36 43.26 -12.01
CA HIS D 331 1.29 42.42 -11.45
C HIS D 331 1.81 41.06 -10.98
N GLU D 332 1.09 40.46 -10.05
CA GLU D 332 1.46 39.20 -9.42
C GLU D 332 0.35 38.18 -9.62
N GLU D 333 0.72 36.97 -10.04
CA GLU D 333 -0.21 35.84 -10.16
C GLU D 333 0.40 34.59 -9.54
N SER D 334 0.79 34.71 -8.27
CA SER D 334 1.45 33.61 -7.58
C SER D 334 0.53 32.41 -7.37
N ILE D 335 -0.78 32.65 -7.18
CA ILE D 335 -1.72 31.54 -7.03
C ILE D 335 -1.75 30.71 -8.31
N HIS D 336 -1.76 31.37 -9.47
CA HIS D 336 -1.81 30.67 -10.74
C HIS D 336 -0.56 29.82 -10.96
N ALA D 337 0.61 30.41 -10.69
CA ALA D 337 1.86 29.69 -10.89
C ALA D 337 1.95 28.45 -10.00
N ALA D 338 1.40 28.54 -8.78
CA ALA D 338 1.43 27.39 -7.87
C ALA D 338 0.47 26.30 -8.35
N TYR D 339 -0.71 26.68 -8.83
CA TYR D 339 -1.68 25.71 -9.32
C TYR D 339 -1.08 24.85 -10.42
N VAL D 340 -0.45 25.49 -11.41
CA VAL D 340 0.13 24.76 -12.53
C VAL D 340 1.30 23.90 -12.06
N HIS D 341 2.12 24.42 -11.16
CA HIS D 341 3.30 23.70 -10.71
C HIS D 341 2.93 22.44 -9.94
N VAL D 342 1.95 22.54 -9.04
CA VAL D 342 1.54 21.38 -8.25
C VAL D 342 0.88 20.33 -9.15
N ILE D 343 0.13 20.77 -10.16
CA ILE D 343 -0.52 19.85 -11.08
C ILE D 343 0.52 19.12 -11.92
N GLU D 344 1.51 19.85 -12.44
CA GLU D 344 2.52 19.24 -13.30
C GLU D 344 3.41 18.28 -12.51
N ASN D 345 3.71 18.61 -11.25
CA ASN D 345 4.59 17.80 -10.43
C ASN D 345 3.82 16.85 -9.51
N SER D 346 2.57 16.57 -9.82
CA SER D 346 1.80 15.59 -9.05
C SER D 346 2.21 14.19 -9.45
N ARG D 347 2.48 13.34 -8.46
CA ARG D 347 2.95 11.98 -8.72
C ARG D 347 1.83 10.95 -8.73
N HIS D 348 0.71 11.20 -8.04
CA HIS D 348 -0.29 10.16 -7.89
C HIS D 348 -1.69 10.64 -8.27
N TYR D 349 -2.19 11.68 -7.61
CA TYR D 349 -3.53 12.16 -7.88
C TYR D 349 -3.58 13.67 -7.68
N ILE D 350 -4.62 14.27 -8.24
CA ILE D 350 -4.93 15.68 -8.01
C ILE D 350 -6.42 15.75 -7.66
N TYR D 351 -6.75 16.57 -6.67
CA TYR D 351 -8.11 16.68 -6.15
C TYR D 351 -8.51 18.14 -6.11
N ILE D 352 -9.39 18.55 -7.01
CA ILE D 352 -9.82 19.94 -7.13
C ILE D 352 -11.27 20.06 -6.69
N GLU D 353 -11.57 21.16 -5.99
CA GLU D 353 -12.91 21.44 -5.49
C GLU D 353 -13.10 22.94 -5.69
N ASN D 354 -13.82 23.33 -6.73
CA ASN D 354 -13.84 24.73 -7.17
C ASN D 354 -15.23 25.15 -7.62
N GLN D 355 -15.47 26.46 -7.53
CA GLN D 355 -16.75 27.05 -7.96
C GLN D 355 -16.89 27.13 -9.46
N PHE D 356 -15.78 27.30 -10.18
CA PHE D 356 -15.81 27.52 -11.63
C PHE D 356 -14.70 26.72 -12.29
N PHE D 357 -14.98 26.25 -13.51
CA PHE D 357 -14.02 25.48 -14.30
C PHE D 357 -13.88 26.19 -15.64
N ILE D 358 -13.13 27.28 -15.65
CA ILE D 358 -12.94 28.07 -16.86
C ILE D 358 -11.45 28.07 -17.14
N SER D 359 -11.00 27.16 -17.99
CA SER D 359 -9.59 27.10 -18.34
C SER D 359 -9.42 26.61 -19.76
N CYS D 360 -8.36 25.84 -20.01
CA CYS D 360 -8.01 25.38 -21.35
C CYS D 360 -7.82 26.59 -22.26
N ALA D 361 -6.65 27.21 -22.20
CA ALA D 361 -6.45 28.49 -22.84
C ALA D 361 -6.50 28.38 -24.36
N ASP D 362 -7.10 29.39 -24.99
CA ASP D 362 -7.08 29.56 -26.43
C ASP D 362 -6.37 30.84 -26.87
N ASP D 363 -5.82 31.60 -25.93
CA ASP D 363 -5.07 32.84 -26.17
C ASP D 363 -5.92 33.93 -26.82
N LYS D 364 -7.24 33.80 -26.80
CA LYS D 364 -8.13 34.86 -27.27
C LYS D 364 -9.06 35.35 -26.17
N VAL D 365 -9.73 34.43 -25.46
CA VAL D 365 -10.63 34.78 -24.37
C VAL D 365 -10.21 34.12 -23.06
N VAL D 366 -9.75 32.88 -23.12
CA VAL D 366 -9.25 32.16 -21.95
C VAL D 366 -7.73 32.10 -22.02
N PHE D 367 -7.07 32.26 -20.88
CA PHE D 367 -5.61 32.35 -20.84
C PHE D 367 -4.93 31.53 -19.74
N ASN D 368 -5.63 31.15 -18.67
CA ASN D 368 -4.94 30.48 -17.58
C ASN D 368 -4.60 29.05 -17.97
N LYS D 369 -3.53 28.53 -17.36
CA LYS D 369 -2.90 27.29 -17.78
C LYS D 369 -3.25 26.10 -16.90
N ILE D 370 -4.32 26.20 -16.11
CA ILE D 370 -4.67 25.10 -15.21
C ILE D 370 -5.28 23.94 -16.00
N GLY D 371 -6.24 24.24 -16.88
CA GLY D 371 -6.90 23.18 -17.62
C GLY D 371 -5.97 22.46 -18.59
N ASP D 372 -5.05 23.19 -19.22
CA ASP D 372 -4.06 22.56 -20.08
C ASP D 372 -3.10 21.69 -19.27
N ALA D 373 -2.77 22.11 -18.04
CA ALA D 373 -1.85 21.35 -17.21
C ALA D 373 -2.43 20.00 -16.82
N ILE D 374 -3.75 19.94 -16.56
CA ILE D 374 -4.37 18.69 -16.17
C ILE D 374 -4.35 17.70 -17.33
N ALA D 375 -4.70 18.16 -18.53
CA ALA D 375 -4.73 17.26 -19.68
C ALA D 375 -3.34 16.75 -20.01
N GLN D 376 -2.34 17.64 -19.99
CA GLN D 376 -0.97 17.21 -20.26
C GLN D 376 -0.47 16.28 -19.16
N ARG D 377 -0.96 16.45 -17.93
CA ARG D 377 -0.56 15.58 -16.84
C ARG D 377 -1.19 14.19 -16.97
N ILE D 378 -2.44 14.11 -17.42
CA ILE D 378 -3.07 12.82 -17.63
C ILE D 378 -2.41 12.08 -18.79
N LEU D 379 -2.13 12.79 -19.89
CA LEU D 379 -1.52 12.16 -21.05
C LEU D 379 -0.16 11.58 -20.72
N LYS D 380 0.59 12.23 -19.83
CA LYS D 380 1.87 11.70 -19.39
C LYS D 380 1.66 10.40 -18.62
N ALA D 381 0.59 10.33 -17.81
CA ALA D 381 0.30 9.09 -17.11
C ALA D 381 -0.10 7.98 -18.07
N HIS D 382 -0.94 8.30 -19.06
CA HIS D 382 -1.30 7.31 -20.09
C HIS D 382 -0.09 6.89 -20.90
N ARG D 383 0.85 7.81 -21.15
CA ARG D 383 2.03 7.48 -21.95
C ARG D 383 2.98 6.57 -21.18
N GLU D 384 3.26 6.91 -19.93
CA GLU D 384 4.21 6.15 -19.13
C GLU D 384 3.55 5.05 -18.30
N ASN D 385 2.27 4.78 -18.53
CA ASN D 385 1.50 3.78 -17.79
C ASN D 385 1.62 4.00 -16.28
N GLN D 386 1.00 5.10 -15.84
CA GLN D 386 0.85 5.41 -14.44
C GLN D 386 -0.61 5.29 -14.05
N LYS D 387 -0.84 5.24 -12.75
CA LYS D 387 -2.19 5.24 -12.18
C LYS D 387 -2.43 6.64 -11.61
N TYR D 388 -2.84 7.55 -12.47
CA TYR D 388 -3.08 8.94 -12.11
C TYR D 388 -4.58 9.23 -12.19
N ARG D 389 -5.09 9.90 -11.16
CA ARG D 389 -6.52 10.15 -11.05
C ARG D 389 -6.81 11.60 -10.69
N VAL D 390 -7.70 12.22 -11.45
CA VAL D 390 -8.19 13.57 -11.19
C VAL D 390 -9.57 13.49 -10.56
N TYR D 391 -9.88 14.47 -9.72
CA TYR D 391 -11.17 14.56 -9.05
C TYR D 391 -11.62 16.01 -9.14
N VAL D 392 -12.69 16.26 -9.89
CA VAL D 392 -13.20 17.59 -10.13
C VAL D 392 -14.59 17.68 -9.50
N VAL D 393 -14.75 18.60 -8.56
CA VAL D 393 -16.01 18.78 -7.83
C VAL D 393 -16.46 20.23 -8.05
N ILE D 394 -17.61 20.39 -8.67
CA ILE D 394 -18.11 21.71 -9.08
C ILE D 394 -19.60 21.78 -8.84
N PRO D 395 -20.13 22.99 -8.61
CA PRO D 395 -21.58 23.13 -8.45
C PRO D 395 -22.32 22.73 -9.72
N LEU D 396 -23.50 22.14 -9.53
CA LEU D 396 -24.30 21.71 -10.67
C LEU D 396 -24.75 22.89 -11.52
N LEU D 397 -24.87 24.07 -10.92
CA LEU D 397 -25.22 25.27 -11.67
C LEU D 397 -24.49 26.43 -11.03
N PRO D 398 -24.12 27.45 -11.80
CA PRO D 398 -23.54 28.65 -11.19
C PRO D 398 -24.56 29.39 -10.36
N GLY D 399 -24.05 30.14 -9.38
CA GLY D 399 -24.90 30.85 -8.45
C GLY D 399 -25.38 32.21 -8.94
N PHE D 400 -26.34 32.22 -9.85
CA PHE D 400 -26.95 33.44 -10.35
C PHE D 400 -28.45 33.24 -10.46
N GLU D 401 -29.17 34.35 -10.62
CA GLU D 401 -30.62 34.31 -10.61
C GLU D 401 -31.20 34.71 -11.96
N GLY D 407 -34.47 33.26 -21.73
CA GLY D 407 -34.46 31.83 -21.48
C GLY D 407 -33.61 31.46 -20.28
N GLY D 408 -32.78 32.40 -19.85
CA GLY D 408 -31.94 32.17 -18.70
C GLY D 408 -31.03 33.36 -18.46
N GLY D 409 -30.46 33.38 -17.27
CA GLY D 409 -29.59 34.48 -16.87
C GLY D 409 -28.38 34.62 -17.78
N ASN D 410 -28.12 35.86 -18.22
CA ASN D 410 -26.98 36.10 -19.11
C ASN D 410 -25.67 35.73 -18.43
N ALA D 411 -25.55 35.99 -17.12
CA ALA D 411 -24.32 35.63 -16.42
C ALA D 411 -24.25 34.13 -16.15
N LEU D 412 -25.41 33.50 -15.94
CA LEU D 412 -25.44 32.06 -15.74
C LEU D 412 -25.06 31.32 -17.01
N GLN D 413 -25.63 31.75 -18.15
CA GLN D 413 -25.36 31.10 -19.42
C GLN D 413 -23.91 31.25 -19.84
N ALA D 414 -23.31 32.41 -19.54
CA ALA D 414 -21.90 32.61 -19.90
C ALA D 414 -20.99 31.72 -19.07
N ILE D 415 -21.18 31.70 -17.76
CA ILE D 415 -20.39 30.82 -16.91
C ILE D 415 -20.63 29.36 -17.29
N MET D 416 -21.89 29.01 -17.59
CA MET D 416 -22.22 27.63 -17.95
C MET D 416 -21.46 27.17 -19.20
N HIS D 417 -21.32 28.07 -20.18
CA HIS D 417 -20.63 27.71 -21.41
C HIS D 417 -19.16 27.45 -21.16
N PHE D 418 -18.48 28.39 -20.49
CA PHE D 418 -17.04 28.25 -20.30
C PHE D 418 -16.69 27.10 -19.37
N ASN D 419 -17.62 26.68 -18.52
CA ASN D 419 -17.38 25.47 -17.72
C ASN D 419 -17.45 24.22 -18.59
N TYR D 420 -18.50 24.09 -19.41
CA TYR D 420 -18.60 22.94 -20.30
C TYR D 420 -17.48 22.95 -21.34
N ARG D 421 -17.11 24.14 -21.81
CA ARG D 421 -16.01 24.26 -22.77
C ARG D 421 -14.70 23.78 -22.18
N THR D 422 -14.49 23.98 -20.88
CA THR D 422 -13.26 23.51 -20.25
C THR D 422 -13.27 21.99 -20.09
N MET D 423 -14.44 21.39 -19.82
CA MET D 423 -14.48 19.98 -19.46
C MET D 423 -14.51 19.05 -20.68
N CYS D 424 -15.50 19.25 -21.55
CA CYS D 424 -15.77 18.29 -22.61
C CYS D 424 -16.28 18.90 -23.91
N ARG D 425 -16.91 20.08 -23.89
CA ARG D 425 -17.59 20.64 -25.06
C ARG D 425 -16.58 21.42 -25.90
N GLY D 426 -15.82 20.69 -26.69
CA GLY D 426 -14.83 21.29 -27.56
C GLY D 426 -13.69 20.34 -27.82
N GLU D 427 -12.82 20.75 -28.77
CA GLU D 427 -11.62 20.00 -29.11
C GLU D 427 -10.41 20.45 -28.30
N ASN D 428 -10.44 21.66 -27.73
CA ASN D 428 -9.43 22.10 -26.80
C ASN D 428 -9.78 21.78 -25.35
N SER D 429 -10.88 21.06 -25.13
CA SER D 429 -11.32 20.71 -23.78
C SER D 429 -10.47 19.56 -23.24
N ILE D 430 -10.57 19.36 -21.92
CA ILE D 430 -9.77 18.33 -21.25
C ILE D 430 -10.09 16.97 -21.84
N LEU D 431 -11.38 16.61 -21.90
CA LEU D 431 -11.77 15.38 -22.56
C LEU D 431 -11.48 15.43 -24.06
N GLY D 432 -11.66 16.58 -24.68
CA GLY D 432 -11.29 16.71 -26.09
C GLY D 432 -9.82 16.46 -26.33
N GLN D 433 -8.97 17.01 -25.46
CA GLN D 433 -7.54 16.73 -25.56
C GLN D 433 -7.21 15.29 -25.20
N LEU D 434 -8.00 14.67 -24.32
CA LEU D 434 -7.77 13.28 -23.95
C LEU D 434 -8.28 12.32 -25.01
N LYS D 435 -9.46 12.58 -25.59
CA LYS D 435 -10.05 11.65 -26.54
C LYS D 435 -9.20 11.45 -27.79
N ALA D 436 -8.20 12.30 -28.02
CA ALA D 436 -7.37 12.17 -29.22
C ALA D 436 -6.21 11.20 -29.03
N GLU D 437 -5.96 10.71 -27.82
CA GLU D 437 -4.78 9.91 -27.57
C GLU D 437 -5.16 8.59 -26.89
N LEU D 438 -6.23 8.61 -26.10
CA LEU D 438 -6.68 7.40 -25.41
C LEU D 438 -8.14 7.05 -25.69
N GLY D 439 -8.85 7.84 -26.49
CA GLY D 439 -10.21 7.48 -26.86
C GLY D 439 -11.15 7.59 -25.67
N ASN D 440 -12.10 6.66 -25.59
CA ASN D 440 -13.11 6.67 -24.55
C ASN D 440 -12.57 6.25 -23.18
N GLN D 441 -11.28 5.93 -23.06
CA GLN D 441 -10.70 5.45 -21.81
C GLN D 441 -10.20 6.57 -20.91
N TRP D 442 -10.71 7.80 -21.09
CA TRP D 442 -10.40 8.85 -20.15
C TRP D 442 -11.07 8.66 -18.80
N ILE D 443 -12.06 7.77 -18.72
CA ILE D 443 -12.80 7.54 -17.49
C ILE D 443 -11.88 7.00 -16.40
N ASN D 444 -10.80 6.33 -16.78
CA ASN D 444 -9.85 5.77 -15.83
C ASN D 444 -8.94 6.83 -15.21
N TYR D 445 -9.06 8.08 -15.63
CA TYR D 445 -8.15 9.14 -15.20
C TYR D 445 -8.85 10.32 -14.55
N ILE D 446 -9.96 10.78 -15.12
CA ILE D 446 -10.61 11.98 -14.63
C ILE D 446 -12.06 11.66 -14.30
N SER D 447 -12.61 12.42 -13.35
CA SER D 447 -14.01 12.26 -12.96
C SER D 447 -14.57 13.62 -12.60
N PHE D 448 -15.69 13.99 -13.22
CA PHE D 448 -16.36 15.25 -12.96
C PHE D 448 -17.65 14.98 -12.20
N CYS D 449 -17.82 15.65 -11.07
CA CYS D 449 -18.96 15.40 -10.21
C CYS D 449 -19.47 16.72 -9.65
N GLY D 450 -20.67 16.65 -9.07
CA GLY D 450 -21.26 17.75 -8.34
C GLY D 450 -21.87 17.24 -7.05
N LEU D 451 -22.39 18.17 -6.26
CA LEU D 451 -23.00 17.84 -4.98
C LEU D 451 -24.49 18.13 -5.02
N ARG D 452 -25.26 17.26 -4.37
CA ARG D 452 -26.71 17.40 -4.28
C ARG D 452 -27.20 16.60 -3.07
N THR D 453 -28.28 17.08 -2.48
CA THR D 453 -28.86 16.42 -1.32
C THR D 453 -30.38 16.56 -1.37
N HIS D 454 -31.06 15.87 -0.48
CA HIS D 454 -32.51 15.84 -0.44
C HIS D 454 -32.98 16.02 1.00
N ALA D 455 -34.26 16.31 1.14
CA ALA D 455 -34.88 16.47 2.47
C ALA D 455 -36.38 16.45 2.29
N GLU D 456 -37.08 16.36 3.42
CA GLU D 456 -38.53 16.44 3.47
C GLU D 456 -38.90 17.74 4.16
N LEU D 457 -39.56 18.64 3.44
CA LEU D 457 -39.91 19.96 3.93
C LEU D 457 -41.42 20.12 3.89
N GLU D 458 -42.03 20.25 5.07
CA GLU D 458 -43.49 20.37 5.21
C GLU D 458 -44.21 19.16 4.62
N GLY D 459 -43.77 17.97 5.02
CA GLY D 459 -44.36 16.76 4.50
C GLY D 459 -44.12 16.49 3.02
N ASN D 460 -43.35 17.32 2.33
CA ASN D 460 -43.09 17.15 0.91
C ASN D 460 -41.61 16.97 0.67
N LEU D 461 -41.27 16.01 -0.20
CA LEU D 461 -39.87 15.74 -0.51
C LEU D 461 -39.29 16.84 -1.40
N VAL D 462 -38.16 17.40 -0.98
CA VAL D 462 -37.53 18.50 -1.70
C VAL D 462 -36.09 18.15 -2.00
N THR D 463 -35.54 18.84 -3.00
CA THR D 463 -34.15 18.65 -3.40
C THR D 463 -33.54 19.99 -3.75
N GLU D 464 -32.25 20.11 -3.49
CA GLU D 464 -31.50 21.28 -3.91
C GLU D 464 -30.04 20.88 -4.05
N LEU D 465 -29.35 21.51 -4.98
CA LEU D 465 -27.93 21.24 -5.15
C LEU D 465 -27.14 21.86 -4.01
N ILE D 466 -25.98 21.28 -3.73
CA ILE D 466 -25.05 21.81 -2.75
C ILE D 466 -24.03 22.65 -3.49
N TYR D 467 -23.98 23.95 -3.17
CA TYR D 467 -23.11 24.87 -3.88
C TYR D 467 -21.67 24.69 -3.42
N VAL D 468 -20.82 24.26 -4.35
CA VAL D 468 -19.40 24.11 -4.06
C VAL D 468 -18.76 25.48 -4.33
N HIS D 469 -18.56 26.24 -3.25
CA HIS D 469 -17.87 27.51 -3.31
C HIS D 469 -16.42 27.39 -2.89
N SER D 470 -15.99 26.19 -2.51
CA SER D 470 -14.61 25.99 -2.11
C SER D 470 -13.68 26.24 -3.29
N LYS D 471 -12.48 26.72 -2.98
CA LYS D 471 -11.39 26.86 -3.93
C LYS D 471 -10.25 26.03 -3.38
N LEU D 472 -10.24 24.74 -3.72
CA LEU D 472 -9.35 23.79 -3.09
C LEU D 472 -8.61 22.95 -4.11
N LEU D 473 -7.34 22.65 -3.82
CA LEU D 473 -6.53 21.74 -4.61
C LEU D 473 -5.71 20.90 -3.64
N ILE D 474 -5.71 19.59 -3.83
CA ILE D 474 -4.91 18.66 -3.03
C ILE D 474 -4.12 17.76 -3.97
N ALA D 475 -2.91 17.39 -3.54
CA ALA D 475 -2.05 16.57 -4.38
C ALA D 475 -1.25 15.59 -3.52
N ASP D 476 -1.31 14.32 -3.88
CA ASP D 476 -0.42 13.27 -3.38
C ASP D 476 -0.46 13.13 -1.86
N ASP D 477 -1.49 13.66 -1.20
CA ASP D 477 -1.60 13.64 0.26
C ASP D 477 -0.42 14.33 0.93
N ASN D 478 0.21 15.27 0.25
CA ASN D 478 1.31 16.04 0.82
C ASN D 478 1.15 17.53 0.60
N THR D 479 0.60 17.96 -0.53
CA THR D 479 0.50 19.36 -0.90
C THR D 479 -0.97 19.78 -0.94
N VAL D 480 -1.27 20.94 -0.37
CA VAL D 480 -2.63 21.47 -0.31
C VAL D 480 -2.57 22.96 -0.62
N ILE D 481 -3.52 23.43 -1.45
CA ILE D 481 -3.68 24.86 -1.75
C ILE D 481 -5.11 25.26 -1.42
N ILE D 482 -5.27 26.19 -0.48
CA ILE D 482 -6.57 26.70 -0.06
C ILE D 482 -6.57 28.21 -0.27
N GLY D 483 -7.63 28.72 -0.87
CA GLY D 483 -7.69 30.15 -1.10
C GLY D 483 -9.06 30.60 -1.55
N SER D 484 -9.07 31.80 -2.16
CA SER D 484 -10.31 32.40 -2.65
C SER D 484 -10.36 32.49 -4.17
N ALA D 485 -9.34 32.01 -4.87
CA ALA D 485 -9.25 32.16 -6.31
C ALA D 485 -10.00 31.02 -7.00
N ASN D 486 -10.97 31.37 -7.85
CA ASN D 486 -11.63 30.38 -8.67
C ASN D 486 -10.70 29.95 -9.81
N ILE D 487 -11.07 28.87 -10.49
CA ILE D 487 -10.34 28.43 -11.69
C ILE D 487 -10.97 29.17 -12.87
N ASN D 488 -10.52 30.42 -13.05
CA ASN D 488 -10.90 31.23 -14.20
C ASN D 488 -9.86 32.34 -14.35
N ASP D 489 -9.92 33.03 -15.49
CA ASP D 489 -8.97 34.10 -15.76
C ASP D 489 -9.12 35.27 -14.78
N ARG D 490 -10.34 35.52 -14.31
CA ARG D 490 -10.58 36.62 -13.38
C ARG D 490 -9.74 36.49 -12.11
N SER D 491 -9.62 35.27 -11.58
CA SER D 491 -8.91 35.06 -10.32
C SER D 491 -7.46 34.67 -10.51
N MET D 492 -7.12 34.01 -11.61
CA MET D 492 -5.78 33.45 -11.76
C MET D 492 -4.80 34.37 -12.47
N LEU D 493 -5.26 35.20 -13.41
CA LEU D 493 -4.36 36.03 -14.19
C LEU D 493 -3.64 37.07 -13.35
N GLY D 494 -4.22 37.46 -12.23
CA GLY D 494 -3.61 38.40 -11.30
C GLY D 494 -3.96 39.85 -11.54
N LYS D 495 -3.97 40.28 -12.81
CA LYS D 495 -4.33 41.65 -13.12
C LYS D 495 -5.84 41.91 -13.07
N ARG D 496 -6.66 40.88 -12.92
CA ARG D 496 -8.11 41.07 -12.87
C ARG D 496 -8.58 41.12 -11.42
N ASP D 497 -9.34 40.13 -10.96
CA ASP D 497 -9.75 40.15 -9.55
C ASP D 497 -8.57 39.91 -8.64
N SER D 498 -8.61 40.53 -7.47
CA SER D 498 -7.58 40.36 -6.45
C SER D 498 -7.93 39.19 -5.55
N GLU D 499 -7.05 38.19 -5.50
CA GLU D 499 -7.31 37.00 -4.74
C GLU D 499 -6.13 36.71 -3.82
N MET D 500 -6.35 35.78 -2.89
CA MET D 500 -5.30 35.35 -1.99
C MET D 500 -5.50 33.87 -1.66
N ALA D 501 -4.39 33.13 -1.63
CA ALA D 501 -4.42 31.70 -1.35
C ALA D 501 -3.16 31.36 -0.56
N VAL D 502 -3.12 30.12 -0.08
CA VAL D 502 -1.98 29.60 0.67
C VAL D 502 -1.76 28.16 0.24
N ILE D 503 -0.49 27.81 0.02
CA ILE D 503 -0.10 26.44 -0.31
C ILE D 503 0.62 25.86 0.89
N VAL D 504 0.24 24.64 1.27
CA VAL D 504 0.75 23.99 2.47
C VAL D 504 1.40 22.69 2.04
N GLN D 505 2.72 22.60 2.23
CA GLN D 505 3.48 21.38 1.99
C GLN D 505 3.84 20.77 3.34
N ASP D 506 3.66 19.46 3.46
CA ASP D 506 3.77 18.77 4.74
C ASP D 506 5.16 18.21 5.00
N THR D 507 5.58 18.29 6.27
CA THR D 507 6.81 17.67 6.75
C THR D 507 6.54 16.52 7.71
N GLU D 508 5.58 16.67 8.62
CA GLU D 508 5.16 15.56 9.44
C GLU D 508 4.45 14.52 8.58
N THR D 509 4.86 13.26 8.71
CA THR D 509 4.34 12.19 7.89
C THR D 509 3.42 11.30 8.71
N VAL D 510 2.42 10.74 8.04
CA VAL D 510 1.50 9.78 8.66
C VAL D 510 1.44 8.56 7.76
N PRO D 511 1.37 7.35 8.31
CA PRO D 511 1.28 6.15 7.47
C PRO D 511 -0.04 6.10 6.71
N SER D 512 0.04 5.84 5.41
CA SER D 512 -1.13 5.79 4.55
C SER D 512 -0.92 4.73 3.48
N VAL D 513 -1.92 4.57 2.62
CA VAL D 513 -1.87 3.60 1.53
C VAL D 513 -2.03 4.35 0.21
N MET D 514 -1.33 3.88 -0.82
CA MET D 514 -1.50 4.42 -2.16
C MET D 514 -1.16 3.32 -3.15
N ASP D 515 -2.14 2.97 -3.99
CA ASP D 515 -2.03 1.85 -4.94
C ASP D 515 -1.67 0.55 -4.23
N GLY D 516 -2.11 0.41 -2.98
CA GLY D 516 -1.84 -0.77 -2.19
C GLY D 516 -0.46 -0.84 -1.57
N LYS D 517 0.40 0.14 -1.81
CA LYS D 517 1.77 0.14 -1.31
C LYS D 517 1.92 1.09 -0.13
N GLU D 518 3.00 0.87 0.64
CA GLU D 518 3.27 1.69 1.81
C GLU D 518 3.72 3.08 1.38
N TYR D 519 2.95 4.10 1.77
CA TYR D 519 3.19 5.47 1.37
C TYR D 519 3.05 6.37 2.59
N GLN D 520 4.04 7.25 2.79
CA GLN D 520 4.06 8.15 3.94
C GLN D 520 3.43 9.47 3.53
N ALA D 521 2.21 9.71 3.99
CA ALA D 521 1.46 10.91 3.66
C ALA D 521 1.54 11.94 4.79
N GLY D 522 1.47 13.21 4.41
CA GLY D 522 1.51 14.25 5.41
C GLY D 522 0.25 14.28 6.26
N ARG D 523 0.39 14.89 7.44
CA ARG D 523 -0.74 14.97 8.37
C ARG D 523 -1.75 16.02 7.94
N PHE D 524 -1.27 17.16 7.42
CA PHE D 524 -2.18 18.23 7.03
C PHE D 524 -3.01 17.83 5.83
N ALA D 525 -2.37 17.30 4.78
CA ALA D 525 -3.05 17.06 3.51
C ALA D 525 -3.95 15.83 3.56
N ARG D 526 -3.44 14.70 4.04
CA ARG D 526 -4.24 13.48 4.09
C ARG D 526 -5.46 13.66 4.98
N GLY D 527 -5.31 14.42 6.07
CA GLY D 527 -6.47 14.69 6.92
C GLY D 527 -7.54 15.49 6.21
N LEU D 528 -7.13 16.45 5.38
CA LEU D 528 -8.10 17.25 4.63
C LEU D 528 -8.75 16.43 3.53
N ARG D 529 -7.94 15.62 2.82
CA ARG D 529 -8.50 14.79 1.75
C ARG D 529 -9.44 13.73 2.33
N LEU D 530 -9.04 13.09 3.43
CA LEU D 530 -9.91 12.13 4.09
C LEU D 530 -11.22 12.78 4.50
N GLN D 531 -11.14 13.94 5.16
CA GLN D 531 -12.35 14.63 5.57
C GLN D 531 -13.19 15.05 4.37
N CYS D 532 -12.55 15.52 3.30
CA CYS D 532 -13.28 15.83 2.08
C CYS D 532 -13.98 14.60 1.54
N PHE D 533 -13.29 13.46 1.52
CA PHE D 533 -13.90 12.22 1.06
C PHE D 533 -15.07 11.82 1.93
N ARG D 534 -14.95 12.00 3.25
CA ARG D 534 -16.01 11.58 4.16
C ARG D 534 -17.29 12.38 3.93
N VAL D 535 -17.18 13.69 3.70
CA VAL D 535 -18.37 14.51 3.56
C VAL D 535 -19.13 14.15 2.29
N VAL D 536 -18.44 14.12 1.15
CA VAL D 536 -19.13 13.95 -0.12
C VAL D 536 -19.55 12.49 -0.36
N LEU D 537 -18.81 11.54 0.20
CA LEU D 537 -19.06 10.12 -0.05
C LEU D 537 -19.92 9.46 1.02
N GLY D 538 -20.27 10.17 2.08
CA GLY D 538 -21.09 9.60 3.13
C GLY D 538 -20.37 8.65 4.06
N TYR D 539 -19.07 8.83 4.24
CA TYR D 539 -18.27 8.04 5.17
C TYR D 539 -18.02 8.78 6.46
N LEU D 540 -18.87 9.76 6.79
CA LEU D 540 -18.65 10.62 7.94
C LEU D 540 -18.97 9.85 9.23
N ASP D 541 -17.98 9.76 10.11
CA ASP D 541 -18.08 9.00 11.34
C ASP D 541 -18.48 7.54 11.06
N ASP D 542 -17.76 6.95 10.12
CA ASP D 542 -17.92 5.56 9.70
C ASP D 542 -16.55 4.90 9.69
N PRO D 543 -16.49 3.57 9.51
CA PRO D 543 -15.17 2.89 9.58
C PRO D 543 -14.04 3.57 8.82
N SER D 544 -14.32 4.17 7.65
CA SER D 544 -13.32 4.91 6.88
C SER D 544 -12.10 4.05 6.56
N GLU D 545 -12.33 2.75 6.35
CA GLU D 545 -11.25 1.84 5.97
C GLU D 545 -11.14 1.68 4.47
N ASP D 546 -12.24 1.84 3.74
CA ASP D 546 -12.22 1.66 2.29
C ASP D 546 -11.68 2.87 1.54
N ILE D 547 -11.81 4.07 2.11
CA ILE D 547 -11.45 5.30 1.40
C ILE D 547 -10.04 5.72 1.75
N GLN D 548 -9.31 4.86 2.46
CA GLN D 548 -7.95 5.20 2.86
C GLN D 548 -7.05 5.39 1.65
N ASP D 549 -7.20 4.54 0.63
CA ASP D 549 -6.39 4.66 -0.57
C ASP D 549 -7.16 5.46 -1.61
N PRO D 550 -6.67 6.63 -2.02
CA PRO D 550 -7.44 7.48 -2.94
C PRO D 550 -7.18 7.20 -4.42
N VAL D 551 -6.23 6.33 -4.76
CA VAL D 551 -5.85 6.09 -6.15
C VAL D 551 -6.18 4.69 -6.62
N SER D 552 -6.47 3.76 -5.71
CA SER D 552 -6.74 2.38 -6.12
C SER D 552 -7.93 2.34 -7.07
N ASP D 553 -7.86 1.41 -8.03
CA ASP D 553 -8.97 1.21 -8.95
C ASP D 553 -10.23 0.75 -8.24
N LYS D 554 -10.08 0.09 -7.08
CA LYS D 554 -11.24 -0.30 -6.30
C LYS D 554 -11.94 0.93 -5.72
N PHE D 555 -11.17 1.91 -5.27
CA PHE D 555 -11.78 3.12 -4.70
C PHE D 555 -12.38 3.99 -5.80
N PHE D 556 -11.63 4.18 -6.89
CA PHE D 556 -12.12 5.04 -7.96
C PHE D 556 -13.38 4.47 -8.60
N LYS D 557 -13.34 3.19 -8.99
CA LYS D 557 -14.46 2.61 -9.73
C LYS D 557 -15.60 2.15 -8.82
N GLU D 558 -15.29 1.52 -7.68
CA GLU D 558 -16.35 0.97 -6.86
C GLU D 558 -16.86 1.93 -5.79
N VAL D 559 -16.11 2.99 -5.47
CA VAL D 559 -16.56 3.90 -4.43
C VAL D 559 -16.87 5.28 -5.01
N TRP D 560 -15.90 5.90 -5.67
CA TRP D 560 -16.09 7.27 -6.13
C TRP D 560 -17.09 7.35 -7.28
N VAL D 561 -16.75 6.74 -8.42
CA VAL D 561 -17.66 6.87 -9.56
C VAL D 561 -18.95 6.12 -9.32
N SER D 562 -18.90 5.06 -8.50
CA SER D 562 -20.12 4.30 -8.21
C SER D 562 -21.09 5.13 -7.35
N THR D 563 -20.57 5.80 -6.32
CA THR D 563 -21.43 6.64 -5.49
C THR D 563 -22.01 7.80 -6.31
N ALA D 564 -21.19 8.37 -7.19
CA ALA D 564 -21.66 9.45 -8.04
C ALA D 564 -22.71 8.95 -9.04
N ALA D 565 -22.52 7.73 -9.56
CA ALA D 565 -23.45 7.20 -10.54
C ALA D 565 -24.78 6.82 -9.90
N ARG D 566 -24.76 6.16 -8.74
CA ARG D 566 -26.02 5.75 -8.12
C ARG D 566 -26.84 6.96 -7.69
N ASN D 567 -26.20 7.94 -7.03
CA ASN D 567 -26.95 9.09 -6.56
C ASN D 567 -27.53 9.89 -7.71
N ALA D 568 -26.78 10.06 -8.79
CA ALA D 568 -27.26 10.84 -9.92
C ALA D 568 -28.49 10.20 -10.56
N THR D 569 -28.48 8.87 -10.67
CA THR D 569 -29.63 8.18 -11.24
C THR D 569 -30.81 8.16 -10.26
N ILE D 570 -30.52 8.02 -8.96
CA ILE D 570 -31.60 8.01 -7.97
C ILE D 570 -32.28 9.38 -7.93
N TYR D 571 -31.49 10.45 -7.91
CA TYR D 571 -32.08 11.78 -7.89
C TYR D 571 -32.84 12.05 -9.17
N ASP D 572 -32.32 11.59 -10.31
CA ASP D 572 -33.02 11.77 -11.58
C ASP D 572 -34.28 10.90 -11.65
N LYS D 573 -34.23 9.72 -11.02
CA LYS D 573 -35.40 8.84 -11.00
C LYS D 573 -36.52 9.42 -10.15
N VAL D 574 -36.17 10.02 -9.01
CA VAL D 574 -37.17 10.40 -8.02
C VAL D 574 -37.68 11.82 -8.23
N PHE D 575 -36.79 12.75 -8.59
CA PHE D 575 -37.16 14.16 -8.65
C PHE D 575 -37.13 14.75 -10.06
N ARG D 576 -36.46 14.11 -11.02
CA ARG D 576 -36.36 14.60 -12.40
C ARG D 576 -35.78 16.01 -12.42
N CYS D 577 -34.72 16.23 -11.64
CA CYS D 577 -34.15 17.53 -11.38
C CYS D 577 -33.23 17.98 -12.51
N LEU D 578 -32.85 19.26 -12.44
CA LEU D 578 -32.00 19.96 -13.40
C LEU D 578 -30.72 20.40 -12.71
N PRO D 579 -29.54 20.18 -13.32
CA PRO D 579 -29.35 19.76 -14.71
C PRO D 579 -29.51 18.26 -14.95
N ASN D 580 -29.89 17.93 -16.18
CA ASN D 580 -30.17 16.57 -16.60
C ASN D 580 -29.43 16.31 -17.89
N ASP D 581 -28.81 15.12 -18.00
CA ASP D 581 -28.13 14.74 -19.22
C ASP D 581 -29.09 14.53 -20.38
N GLU D 582 -30.39 14.48 -20.12
CA GLU D 582 -31.40 14.22 -21.15
C GLU D 582 -32.06 15.49 -21.68
N VAL D 583 -31.69 16.66 -21.15
CA VAL D 583 -32.29 17.92 -21.60
C VAL D 583 -31.25 18.69 -22.40
N HIS D 584 -31.29 18.52 -23.72
CA HIS D 584 -30.31 19.11 -24.62
C HIS D 584 -30.73 20.45 -25.17
N ASN D 585 -32.00 20.84 -24.99
CA ASN D 585 -32.55 22.02 -25.63
C ASN D 585 -33.43 22.78 -24.65
N LEU D 586 -33.58 24.07 -24.90
CA LEU D 586 -34.53 24.88 -24.13
C LEU D 586 -35.96 24.44 -24.39
N ILE D 587 -36.26 24.01 -25.61
CA ILE D 587 -37.59 23.47 -25.90
C ILE D 587 -37.80 22.16 -25.14
N GLN D 588 -36.76 21.32 -25.10
CA GLN D 588 -36.85 20.10 -24.31
C GLN D 588 -36.94 20.42 -22.82
N LEU D 589 -36.38 21.56 -22.39
CA LEU D 589 -36.42 21.93 -20.97
C LEU D 589 -37.82 22.31 -20.51
N ARG D 590 -38.55 23.09 -21.32
CA ARG D 590 -39.86 23.57 -20.89
C ARG D 590 -40.88 22.43 -20.79
N ASP D 591 -40.80 21.45 -21.68
CA ASP D 591 -41.67 20.29 -21.61
C ASP D 591 -41.23 19.31 -20.52
N PHE D 592 -39.94 19.24 -20.25
CA PHE D 592 -39.42 18.25 -19.31
C PHE D 592 -39.94 18.47 -17.89
N ILE D 593 -40.15 19.74 -17.50
CA ILE D 593 -40.51 20.05 -16.13
C ILE D 593 -42.01 19.96 -15.83
N ASN D 594 -42.88 19.97 -16.85
CA ASN D 594 -44.32 19.82 -16.62
C ASN D 594 -44.76 18.37 -16.54
N LYS D 595 -43.81 17.42 -16.54
CA LYS D 595 -44.16 16.01 -16.39
C LYS D 595 -44.16 15.63 -14.91
N PRO D 596 -45.03 14.69 -14.52
CA PRO D 596 -45.11 14.30 -13.11
C PRO D 596 -43.82 13.66 -12.62
N VAL D 597 -43.49 13.95 -11.37
CA VAL D 597 -42.30 13.41 -10.70
C VAL D 597 -42.70 12.29 -9.77
N LEU D 598 -41.81 11.31 -9.63
CA LEU D 598 -42.09 10.18 -8.74
C LEU D 598 -42.20 10.62 -7.29
N ALA D 599 -41.52 11.71 -6.92
CA ALA D 599 -41.51 12.16 -5.53
C ALA D 599 -42.87 12.66 -5.05
N LYS D 600 -43.73 13.11 -5.98
CA LYS D 600 -45.06 13.59 -5.60
C LYS D 600 -46.12 12.52 -5.71
N GLU D 601 -46.03 11.65 -6.72
CA GLU D 601 -47.09 10.68 -6.98
C GLU D 601 -46.99 9.46 -6.08
N ASP D 602 -45.80 9.09 -5.67
CA ASP D 602 -45.60 7.93 -4.80
C ASP D 602 -44.56 8.28 -3.75
N PRO D 603 -44.95 9.07 -2.73
CA PRO D 603 -43.96 9.49 -1.74
C PRO D 603 -43.39 8.33 -0.95
N ILE D 604 -44.20 7.31 -0.64
CA ILE D 604 -43.71 6.17 0.11
C ILE D 604 -42.66 5.40 -0.71
N ARG D 605 -42.94 5.21 -2.00
CA ARG D 605 -41.97 4.56 -2.88
C ARG D 605 -40.72 5.43 -3.06
N ALA D 606 -40.90 6.75 -3.12
CA ALA D 606 -39.75 7.64 -3.30
C ALA D 606 -38.85 7.62 -2.07
N GLU D 607 -39.44 7.64 -0.87
CA GLU D 607 -38.67 7.63 0.36
C GLU D 607 -37.81 6.37 0.48
N GLU D 608 -38.35 5.22 0.05
CA GLU D 608 -37.57 3.98 0.10
C GLU D 608 -36.40 4.01 -0.88
N GLU D 609 -36.58 4.65 -2.04
CA GLU D 609 -35.49 4.74 -3.01
C GLU D 609 -34.40 5.68 -2.50
N LEU D 610 -34.78 6.76 -1.82
CA LEU D 610 -33.82 7.72 -1.30
C LEU D 610 -32.97 7.14 -0.17
N LYS D 611 -33.43 6.09 0.50
CA LYS D 611 -32.63 5.50 1.56
C LYS D 611 -31.36 4.83 1.04
N LYS D 612 -31.31 4.52 -0.25
CA LYS D 612 -30.12 3.93 -0.86
C LYS D 612 -29.04 4.97 -1.15
N ILE D 613 -29.34 6.25 -0.96
CA ILE D 613 -28.39 7.32 -1.27
C ILE D 613 -27.34 7.39 -0.18
N ARG D 614 -26.07 7.48 -0.57
CA ARG D 614 -24.97 7.62 0.36
C ARG D 614 -24.17 8.86 -0.01
N GLY D 615 -24.16 9.85 0.88
CA GLY D 615 -23.41 11.08 0.65
C GLY D 615 -24.10 12.02 -0.32
N PHE D 616 -23.32 12.96 -0.86
CA PHE D 616 -23.85 13.98 -1.75
C PHE D 616 -23.29 13.91 -3.17
N LEU D 617 -22.33 13.03 -3.43
CA LEU D 617 -21.66 13.02 -4.72
C LEU D 617 -22.58 12.51 -5.81
N VAL D 618 -22.72 13.30 -6.88
CA VAL D 618 -23.50 12.90 -8.06
C VAL D 618 -22.65 13.16 -9.30
N GLN D 619 -22.86 12.32 -10.32
CA GLN D 619 -22.12 12.48 -11.57
C GLN D 619 -22.58 13.75 -12.28
N PHE D 620 -21.65 14.37 -13.00
CA PHE D 620 -21.94 15.66 -13.62
C PHE D 620 -22.51 15.46 -15.02
N PRO D 621 -23.66 16.08 -15.34
CA PRO D 621 -24.22 15.94 -16.69
C PRO D 621 -23.39 16.71 -17.71
N PHE D 622 -22.99 16.02 -18.78
CA PHE D 622 -22.15 16.63 -19.79
C PHE D 622 -22.94 17.30 -20.91
N TYR D 623 -24.20 16.92 -21.10
CA TYR D 623 -24.97 17.35 -22.27
C TYR D 623 -26.20 18.19 -21.92
N PHE D 624 -26.24 18.77 -20.72
CA PHE D 624 -27.37 19.62 -20.34
C PHE D 624 -27.34 20.91 -21.16
N LEU D 625 -28.42 21.19 -21.87
CA LEU D 625 -28.51 22.34 -22.77
C LEU D 625 -27.36 22.33 -23.77
N SER D 626 -27.08 21.15 -24.33
CA SER D 626 -25.95 20.99 -25.23
C SER D 626 -26.18 21.70 -26.55
N GLU D 627 -27.41 21.73 -27.04
CA GLU D 627 -27.72 22.29 -28.35
C GLU D 627 -27.89 23.80 -28.34
N GLU D 628 -27.77 24.45 -27.18
CA GLU D 628 -27.85 25.90 -27.11
C GLU D 628 -26.46 26.52 -27.17
N SER D 629 -26.36 27.64 -27.88
CA SER D 629 -25.11 28.35 -28.09
C SER D 629 -25.12 29.65 -27.30
N LEU D 630 -23.92 30.12 -26.95
CA LEU D 630 -23.81 31.30 -26.09
C LEU D 630 -24.05 32.58 -26.88
N LEU D 631 -23.39 32.72 -28.03
CA LEU D 631 -23.48 33.97 -28.79
C LEU D 631 -24.90 34.31 -29.21
N PRO D 632 -25.69 33.39 -29.79
CA PRO D 632 -27.06 33.78 -30.18
C PRO D 632 -27.96 34.12 -29.00
N SER D 633 -27.79 33.46 -27.86
CA SER D 633 -28.69 33.72 -26.73
C SER D 633 -28.34 35.02 -26.01
N VAL D 634 -27.06 35.22 -25.68
CA VAL D 634 -26.65 36.38 -24.87
C VAL D 634 -26.20 37.54 -25.75
N GLY D 635 -25.72 37.23 -26.96
CA GLY D 635 -25.14 38.26 -27.79
C GLY D 635 -26.18 39.17 -28.41
N THR D 636 -25.78 40.40 -28.70
CA THR D 636 -26.59 41.41 -29.37
C THR D 636 -25.92 41.77 -30.70
N LYS D 637 -26.58 42.64 -31.47
CA LYS D 637 -26.04 42.99 -32.78
C LYS D 637 -24.78 43.85 -32.65
N GLU D 638 -24.76 44.76 -31.68
CA GLU D 638 -23.58 45.60 -31.41
C GLU D 638 -23.34 45.61 -29.91
N ALA D 639 -22.52 44.69 -29.44
CA ALA D 639 -22.23 44.55 -28.02
C ALA D 639 -20.97 45.34 -27.68
N ILE D 640 -20.94 45.89 -26.47
CA ILE D 640 -19.83 46.70 -26.00
C ILE D 640 -19.21 46.15 -24.73
N VAL D 641 -19.83 45.16 -24.09
CA VAL D 641 -19.31 44.55 -22.89
C VAL D 641 -18.41 43.39 -23.30
N PRO D 642 -17.12 43.40 -22.96
CA PRO D 642 -16.26 42.29 -23.35
C PRO D 642 -16.72 40.99 -22.71
N MET D 643 -16.51 39.90 -23.44
CA MET D 643 -16.86 38.58 -22.90
C MET D 643 -15.86 38.12 -21.84
N GLU D 644 -14.68 38.75 -21.79
CA GLU D 644 -13.65 38.39 -20.82
C GLU D 644 -14.04 38.74 -19.39
N VAL D 645 -15.19 39.38 -19.19
CA VAL D 645 -15.67 39.66 -17.84
C VAL D 645 -16.26 38.40 -17.21
N TRP D 646 -16.80 37.49 -18.03
CA TRP D 646 -17.40 36.26 -17.55
C TRP D 646 -16.43 35.09 -17.53
N THR D 647 -15.24 35.26 -18.11
CA THR D 647 -14.24 34.20 -18.11
C THR D 647 -13.38 34.26 -16.85
N ASP E 28 22.11 2.46 35.08
CA ASP E 28 20.86 3.18 34.89
C ASP E 28 20.94 4.11 33.69
N HIS E 29 21.76 3.75 32.71
CA HIS E 29 21.89 4.45 31.43
C HIS E 29 21.71 3.44 30.32
N ARG E 30 21.78 3.91 29.06
CA ARG E 30 21.69 2.96 27.95
C ARG E 30 22.91 2.04 27.99
N PHE E 31 22.68 0.77 27.67
CA PHE E 31 23.70 -0.29 27.71
C PHE E 31 24.26 -0.49 29.10
N GLY E 32 23.67 0.13 30.13
CA GLY E 32 24.29 0.12 31.44
C GLY E 32 25.54 0.95 31.51
N SER E 33 25.70 1.91 30.61
CA SER E 33 26.91 2.72 30.48
C SER E 33 26.99 3.76 31.59
N TYR E 34 28.22 4.24 31.80
CA TYR E 34 28.44 5.34 32.72
C TYR E 34 28.14 6.70 32.10
N ALA E 35 28.06 6.78 30.78
CA ALA E 35 27.86 8.04 30.07
C ALA E 35 26.52 8.01 29.34
N ALA E 36 26.15 9.18 28.80
CA ALA E 36 24.87 9.36 28.15
C ALA E 36 25.05 9.56 26.64
N ILE E 37 23.97 9.29 25.90
CA ILE E 37 23.98 9.45 24.45
C ILE E 37 23.90 10.93 24.11
N GLN E 38 25.05 11.52 23.75
CA GLN E 38 25.13 12.92 23.38
C GLN E 38 24.62 13.07 21.94
N GLU E 39 23.35 13.42 21.81
CA GLU E 39 22.71 13.51 20.50
C GLU E 39 23.36 14.60 19.65
N ASN E 40 23.64 14.26 18.39
CA ASN E 40 24.19 15.18 17.39
C ASN E 40 25.50 15.82 17.89
N ALA E 41 26.54 14.98 17.92
CA ALA E 41 27.87 15.40 18.32
C ALA E 41 28.85 15.26 17.15
N LEU E 42 29.98 15.94 17.26
CA LEU E 42 31.02 15.91 16.24
C LEU E 42 31.96 14.74 16.52
N ALA E 43 32.16 13.88 15.53
CA ALA E 43 33.06 12.74 15.66
C ALA E 43 33.74 12.48 14.33
N LYS E 44 34.72 11.57 14.36
CA LYS E 44 35.49 11.24 13.16
C LYS E 44 36.20 9.91 13.38
N TRP E 45 36.42 9.19 12.28
CA TRP E 45 37.07 7.89 12.30
C TRP E 45 38.43 7.96 11.62
N TYR E 46 39.34 7.09 12.06
CA TYR E 46 40.70 7.01 11.55
C TYR E 46 41.01 5.57 11.17
N VAL E 47 41.63 5.38 10.00
CA VAL E 47 42.12 4.08 9.56
C VAL E 47 43.65 4.08 9.63
N ASN E 48 44.20 3.19 10.48
CA ASN E 48 45.63 3.07 10.74
C ASN E 48 46.20 4.28 11.47
N ALA E 49 47.35 4.10 12.11
CA ALA E 49 47.83 5.06 13.10
C ALA E 49 48.41 6.33 12.48
N LYS E 50 48.78 6.30 11.20
CA LYS E 50 49.44 7.46 10.59
C LYS E 50 48.56 8.70 10.66
N GLY E 51 47.31 8.59 10.18
CA GLY E 51 46.39 9.71 10.26
C GLY E 51 45.97 10.04 11.68
N TYR E 52 45.92 9.02 12.55
CA TYR E 52 45.56 9.24 13.94
C TYR E 52 46.65 10.04 14.66
N PHE E 53 47.92 9.69 14.43
CA PHE E 53 49.03 10.41 15.07
C PHE E 53 49.14 11.85 14.58
N GLU E 54 48.76 12.12 13.32
CA GLU E 54 48.88 13.46 12.79
C GLU E 54 47.83 14.39 13.41
N ASP E 55 46.59 13.92 13.54
CA ASP E 55 45.53 14.74 14.12
C ASP E 55 45.74 14.93 15.62
N VAL E 56 46.32 13.94 16.31
CA VAL E 56 46.63 14.10 17.72
C VAL E 56 47.69 15.18 17.90
N ALA E 57 48.59 15.32 16.91
CA ALA E 57 49.59 16.37 16.97
C ALA E 57 48.98 17.74 16.75
N ASN E 58 48.06 17.87 15.78
CA ASN E 58 47.44 19.16 15.52
C ASN E 58 46.63 19.65 16.71
N ALA E 59 45.96 18.73 17.42
CA ALA E 59 45.18 19.12 18.58
C ALA E 59 46.06 19.43 19.78
N MET E 60 47.13 18.64 19.96
CA MET E 60 48.03 18.85 21.09
C MET E 60 48.76 20.19 21.00
N GLU E 61 49.11 20.60 19.78
CA GLU E 61 49.81 21.86 19.58
C GLU E 61 48.93 23.04 19.98
N ALA E 63 47.04 22.62 22.62
CA ALA E 63 46.40 22.39 23.91
C ALA E 63 46.36 23.67 24.72
N ASN E 64 45.34 23.82 25.57
CA ASN E 64 45.19 25.03 26.37
C ASN E 64 45.14 24.76 27.86
N GLU E 65 44.34 23.79 28.31
CA GLU E 65 44.11 23.57 29.73
C GLU E 65 44.81 22.31 30.23
N GLU E 66 44.46 21.16 29.69
CA GLU E 66 44.97 19.89 30.16
C GLU E 66 45.20 19.01 28.96
N ILE E 67 46.11 18.05 29.10
CA ILE E 67 46.30 17.02 28.10
C ILE E 67 46.35 15.70 28.88
N PHE E 68 45.36 14.86 28.65
CA PHE E 68 45.25 13.58 29.31
C PHE E 68 45.58 12.47 28.33
N ILE E 69 46.48 11.59 28.73
CA ILE E 69 46.90 10.44 27.93
C ILE E 69 46.88 9.23 28.83
N THR E 70 46.40 8.10 28.29
CA THR E 70 46.49 6.83 28.99
C THR E 70 46.79 5.74 27.98
N ASP E 71 47.77 4.91 28.31
CA ASP E 71 48.26 3.91 27.38
C ASP E 71 48.67 2.67 28.16
N TRP E 72 48.49 1.51 27.53
CA TRP E 72 49.03 0.27 28.08
C TRP E 72 50.55 0.27 28.04
N TRP E 73 51.13 0.77 26.95
CA TRP E 73 52.57 0.92 26.80
C TRP E 73 52.85 2.26 26.14
N LEU E 74 53.86 2.97 26.63
CA LEU E 74 54.20 4.30 26.12
C LEU E 74 55.67 4.33 25.70
N SER E 75 55.91 4.85 24.49
CA SER E 75 57.26 5.00 23.95
C SER E 75 57.55 6.48 23.72
N PRO E 76 58.42 7.10 24.53
CA PRO E 76 58.56 8.56 24.46
C PRO E 76 59.10 9.10 23.15
N GLU E 77 59.96 8.35 22.46
CA GLU E 77 60.69 8.89 21.30
C GLU E 77 60.04 8.46 19.98
N ILE E 78 58.74 8.67 19.83
CA ILE E 78 58.06 8.38 18.57
C ILE E 78 57.62 9.69 17.92
N PHE E 79 57.53 9.67 16.60
CA PHE E 79 57.12 10.83 15.81
C PHE E 79 55.65 10.72 15.44
N LEU E 80 54.90 11.78 15.72
CA LEU E 80 53.47 11.80 15.40
C LEU E 80 53.18 12.23 13.97
N LYS E 81 54.13 12.92 13.31
CA LYS E 81 53.99 13.32 11.92
C LYS E 81 55.19 12.79 11.16
N ARG E 82 54.94 11.91 10.19
CA ARG E 82 55.97 11.26 9.40
C ARG E 82 55.75 11.51 7.91
N PRO E 83 56.83 11.59 7.11
CA PRO E 83 58.24 11.43 7.45
C PRO E 83 58.86 12.52 8.33
N VAL E 84 59.93 12.17 9.05
CA VAL E 84 60.59 13.09 9.97
C VAL E 84 61.06 14.35 9.27
N ASN E 88 62.40 16.49 15.02
CA ASN E 88 62.00 16.30 16.41
C ASN E 88 60.89 17.26 16.80
N ARG E 89 60.37 18.00 15.81
CA ARG E 89 59.22 18.86 16.04
C ARG E 89 57.98 18.06 16.42
N TRP E 90 57.95 16.76 16.10
CA TRP E 90 56.79 15.91 16.34
C TRP E 90 57.13 14.66 17.15
N ARG E 91 58.29 14.62 17.79
CA ARG E 91 58.58 13.53 18.71
C ARG E 91 57.68 13.64 19.93
N LEU E 92 57.22 12.48 20.42
CA LEU E 92 56.22 12.47 21.48
C LEU E 92 56.73 13.20 22.72
N ASP E 93 57.97 12.90 23.13
CA ASP E 93 58.53 13.56 24.31
C ASP E 93 58.73 15.05 24.07
N CYS E 94 59.10 15.43 22.84
CA CYS E 94 59.29 16.85 22.56
C CYS E 94 57.98 17.60 22.41
N ILE E 95 56.98 16.96 21.79
CA ILE E 95 55.67 17.59 21.63
C ILE E 95 55.03 17.88 22.98
N LEU E 96 55.12 16.93 23.92
CA LEU E 96 54.56 17.15 25.25
C LEU E 96 55.32 18.26 25.98
N LYS E 97 56.66 18.26 25.89
CA LYS E 97 57.45 19.31 26.53
C LYS E 97 57.11 20.69 25.98
N ARG E 98 56.98 20.82 24.66
CA ARG E 98 56.69 22.13 24.07
C ARG E 98 55.37 22.68 24.59
N LYS E 99 54.33 21.86 24.64
CA LYS E 99 53.05 22.37 25.13
C LYS E 99 53.08 22.53 26.65
N ALA E 100 53.68 21.57 27.35
CA ALA E 100 53.77 21.64 28.81
C ALA E 100 54.66 22.78 29.29
N GLN E 101 55.60 23.22 28.46
CA GLN E 101 56.45 24.36 28.81
C GLN E 101 55.70 25.68 28.80
N GLN E 102 54.46 25.68 28.30
CA GLN E 102 53.62 26.87 28.30
C GLN E 102 52.71 26.93 29.52
N GLY E 103 53.01 26.14 30.55
CA GLY E 103 52.28 26.13 31.80
C GLY E 103 51.10 25.17 31.87
N VAL E 104 50.86 24.36 30.84
CA VAL E 104 49.75 23.42 30.86
C VAL E 104 50.19 22.15 31.57
N ARG E 105 49.35 21.65 32.46
CA ARG E 105 49.64 20.44 33.21
C ARG E 105 49.06 19.24 32.47
N ILE E 106 49.94 18.36 31.99
CA ILE E 106 49.56 17.17 31.24
C ILE E 106 49.68 15.97 32.16
N PHE E 107 48.68 15.09 32.13
CA PHE E 107 48.63 13.93 33.01
C PHE E 107 48.56 12.65 32.19
N ILE E 108 49.49 11.73 32.46
CA ILE E 108 49.61 10.47 31.74
C ILE E 108 49.50 9.34 32.75
N MET E 109 48.71 8.31 32.40
CA MET E 109 48.45 7.16 33.27
C MET E 109 48.83 5.87 32.55
N LEU E 110 49.89 5.22 33.01
CA LEU E 110 50.40 4.00 32.41
C LEU E 110 50.06 2.78 33.26
N TYR E 111 50.12 1.62 32.63
CA TYR E 111 49.94 0.34 33.30
C TYR E 111 51.28 -0.19 33.78
N LYS E 112 51.35 -0.54 35.07
CA LYS E 112 52.57 -1.09 35.65
C LYS E 112 52.65 -2.57 35.30
N GLU E 113 53.57 -2.93 34.41
CA GLU E 113 53.69 -4.30 33.93
C GLU E 113 54.12 -5.23 35.06
N VAL E 114 53.93 -6.53 34.82
CA VAL E 114 54.34 -7.56 35.77
C VAL E 114 55.87 -7.57 35.88
N GLU E 115 56.37 -8.02 37.04
CA GLU E 115 57.81 -8.01 37.28
C GLU E 115 58.56 -8.84 36.23
N LEU E 116 57.95 -9.93 35.76
CA LEU E 116 58.57 -10.79 34.76
C LEU E 116 58.39 -10.28 33.34
N ALA E 117 57.64 -9.20 33.14
CA ALA E 117 57.45 -8.62 31.81
C ALA E 117 58.70 -7.83 31.45
N LEU E 118 59.56 -8.43 30.64
CA LEU E 118 60.85 -7.80 30.33
C LEU E 118 60.70 -6.65 29.33
N GLY E 119 59.67 -6.67 28.49
CA GLY E 119 59.56 -5.67 27.44
C GLY E 119 59.13 -4.31 27.95
N ILE E 120 58.27 -4.28 28.97
CA ILE E 120 57.76 -3.04 29.53
C ILE E 120 58.56 -2.66 30.76
N ASN E 121 58.93 -1.38 30.85
CA ASN E 121 59.62 -0.80 32.00
C ASN E 121 58.80 0.42 32.37
N SER E 122 57.70 0.19 33.09
CA SER E 122 56.79 1.27 33.46
C SER E 122 57.42 2.28 34.39
N GLU E 123 58.53 1.94 35.05
CA GLU E 123 59.25 2.90 35.87
C GLU E 123 60.15 3.79 35.04
N TYR E 124 60.67 3.29 33.92
CA TYR E 124 61.56 4.08 33.08
C TYR E 124 60.80 5.16 32.33
N THR E 125 59.75 4.77 31.60
CA THR E 125 59.00 5.74 30.82
C THR E 125 58.25 6.73 31.72
N LYS E 126 57.89 6.32 32.94
CA LYS E 126 57.26 7.26 33.88
C LYS E 126 58.25 8.33 34.34
N ARG E 127 59.46 7.92 34.72
CA ARG E 127 60.47 8.88 35.16
C ARG E 127 60.93 9.77 34.01
N THR E 128 61.10 9.20 32.82
CA THR E 128 61.58 9.97 31.67
C THR E 128 60.64 11.14 31.37
N LEU E 129 59.34 10.90 31.39
CA LEU E 129 58.38 11.96 31.06
C LEU E 129 58.35 13.03 32.14
N MET E 130 58.37 12.61 33.41
CA MET E 130 58.26 13.57 34.51
C MET E 130 59.53 14.39 34.71
N ARG E 131 60.69 13.87 34.28
CA ARG E 131 61.92 14.64 34.38
C ARG E 131 62.06 15.70 33.29
N LEU E 132 61.14 15.72 32.33
CA LEU E 132 61.16 16.74 31.27
C LEU E 132 60.66 18.08 31.79
N HIS E 133 59.49 18.09 32.45
CA HIS E 133 58.86 19.29 32.93
C HIS E 133 58.04 18.94 34.16
N PRO E 134 58.00 19.83 35.17
CA PRO E 134 57.23 19.51 36.39
C PRO E 134 55.73 19.49 36.19
N ASN E 135 55.18 20.09 35.13
CA ASN E 135 53.74 20.06 34.93
C ASN E 135 53.25 18.73 34.38
N ILE E 136 54.15 17.80 34.05
CA ILE E 136 53.79 16.48 33.54
C ILE E 136 54.11 15.46 34.62
N LYS E 137 53.08 14.78 35.13
CA LYS E 137 53.22 13.80 36.19
C LYS E 137 52.65 12.47 35.72
N VAL E 138 53.39 11.39 35.96
CA VAL E 138 53.03 10.06 35.48
C VAL E 138 52.84 9.14 36.67
N MET E 139 51.81 8.32 36.60
CA MET E 139 51.49 7.33 37.62
C MET E 139 51.30 5.96 36.98
N ARG E 140 51.76 4.92 37.66
CA ARG E 140 51.69 3.55 37.17
C ARG E 140 50.81 2.73 38.11
N HIS E 141 49.87 1.98 37.52
CA HIS E 141 49.00 1.07 38.26
C HIS E 141 49.04 -0.27 37.57
N PRO E 142 49.02 -1.39 38.32
CA PRO E 142 48.93 -1.58 39.77
C PRO E 142 50.15 -1.11 40.57
N ASP E 143 50.02 -1.15 41.89
CA ASP E 143 51.08 -0.73 42.80
C ASP E 143 51.98 -1.91 43.14
N HIS E 144 53.29 -1.70 43.03
CA HIS E 144 54.23 -2.78 43.34
C HIS E 144 54.30 -3.06 44.83
N VAL E 145 54.16 -2.04 45.67
CA VAL E 145 54.31 -2.23 47.12
C VAL E 145 53.07 -2.83 47.76
N SER E 146 51.98 -3.00 47.01
CA SER E 146 50.77 -3.56 47.57
C SER E 146 50.89 -5.06 47.73
N SER E 147 50.36 -5.59 48.84
CA SER E 147 50.29 -7.03 49.03
C SER E 147 49.27 -7.68 48.10
N THR E 148 48.36 -6.90 47.54
CA THR E 148 47.34 -7.46 46.65
C THR E 148 47.96 -7.85 45.31
N VAL E 149 47.37 -8.87 44.68
CA VAL E 149 47.85 -9.40 43.41
C VAL E 149 46.87 -9.01 42.32
N TYR E 150 47.37 -8.35 41.29
CA TYR E 150 46.56 -7.89 40.16
C TYR E 150 46.93 -8.71 38.94
N LEU E 151 45.94 -9.39 38.35
CA LEU E 151 46.17 -10.16 37.13
C LEU E 151 45.96 -9.35 35.87
N TRP E 152 45.14 -8.31 35.92
CA TRP E 152 44.70 -7.61 34.73
C TRP E 152 45.48 -6.32 34.57
N ALA E 153 45.29 -5.69 33.42
CA ALA E 153 46.09 -4.54 33.00
C ALA E 153 45.15 -3.39 32.65
N HIS E 154 45.74 -2.22 32.47
CA HIS E 154 45.00 -1.03 32.07
C HIS E 154 45.24 -0.88 30.57
N HIS E 155 44.34 -1.47 29.79
CA HIS E 155 44.54 -1.65 28.36
C HIS E 155 43.88 -0.55 27.52
N GLU E 156 43.13 0.35 28.13
CA GLU E 156 42.47 1.39 27.35
C GLU E 156 43.47 2.41 26.84
N LYS E 157 43.21 2.92 25.64
CA LYS E 157 44.07 3.93 25.01
C LYS E 157 43.19 5.11 24.64
N LEU E 158 43.29 6.19 25.42
CA LEU E 158 42.51 7.38 25.19
C LEU E 158 43.40 8.60 25.39
N VAL E 159 43.29 9.56 24.48
CA VAL E 159 43.97 10.84 24.60
C VAL E 159 42.92 11.94 24.57
N ILE E 160 42.87 12.73 25.63
CA ILE E 160 41.90 13.81 25.78
C ILE E 160 42.66 15.12 25.90
N ILE E 161 42.27 16.11 25.08
CA ILE E 161 42.92 17.41 25.03
C ILE E 161 41.91 18.45 25.47
N ASP E 162 42.20 19.13 26.58
CA ASP E 162 41.40 20.23 27.12
C ASP E 162 39.95 19.81 27.39
N GLN E 163 39.69 18.52 27.52
CA GLN E 163 38.35 17.98 27.77
C GLN E 163 37.33 18.44 26.73
N SER E 164 37.79 18.94 25.59
CA SER E 164 36.91 19.31 24.48
C SER E 164 37.12 18.48 23.24
N VAL E 165 38.35 18.01 22.98
CA VAL E 165 38.64 17.09 21.90
C VAL E 165 39.35 15.88 22.52
N ALA E 166 38.89 14.68 22.16
CA ALA E 166 39.43 13.48 22.76
C ALA E 166 39.58 12.39 21.70
N PHE E 167 40.62 11.57 21.86
CA PHE E 167 40.95 10.52 20.90
C PHE E 167 40.83 9.18 21.61
N VAL E 168 40.00 8.30 21.05
CA VAL E 168 39.78 6.96 21.58
C VAL E 168 39.99 5.94 20.49
N GLY E 169 40.59 4.80 20.85
CA GLY E 169 40.81 3.75 19.87
C GLY E 169 41.63 2.63 20.47
N GLY E 170 42.18 1.80 19.59
CA GLY E 170 43.01 0.68 19.99
C GLY E 170 44.47 0.91 19.69
N ILE E 171 44.84 2.15 19.41
CA ILE E 171 46.20 2.52 19.02
C ILE E 171 46.92 3.06 20.24
N ASP E 172 48.01 2.39 20.61
CA ASP E 172 48.85 2.84 21.71
C ASP E 172 49.87 3.88 21.23
N LEU E 173 50.33 4.70 22.17
CA LEU E 173 51.44 5.61 21.92
C LEU E 173 52.77 4.89 22.18
N ALA E 174 53.03 3.85 21.38
CA ALA E 174 54.13 2.94 21.65
C ALA E 174 54.85 2.59 20.35
N TYR E 175 55.99 1.92 20.50
CA TYR E 175 56.79 1.50 19.36
C TYR E 175 56.03 0.49 18.52
N GLY E 176 56.10 0.62 17.20
CA GLY E 176 55.51 -0.34 16.30
C GLY E 176 54.06 -0.08 15.92
N ARG E 177 53.43 0.95 16.48
CA ARG E 177 52.02 1.22 16.22
C ARG E 177 51.80 1.94 14.90
N TRP E 178 52.70 2.84 14.53
CA TRP E 178 52.51 3.69 13.35
C TRP E 178 52.56 2.88 12.06
N ASP E 179 51.58 3.10 11.18
CA ASP E 179 51.53 2.48 9.86
C ASP E 179 50.52 3.24 9.01
N ASP E 180 50.67 3.13 7.69
CA ASP E 180 49.77 3.74 6.72
C ASP E 180 48.95 2.67 6.00
N ASN E 181 48.28 3.07 4.91
CA ASN E 181 47.40 2.18 4.16
C ASN E 181 48.13 1.29 3.17
N GLU E 182 49.44 1.41 3.05
CA GLU E 182 50.20 0.53 2.17
C GLU E 182 50.65 -0.73 2.87
N HIS E 183 50.83 -0.68 4.19
CA HIS E 183 51.28 -1.83 4.98
C HIS E 183 52.58 -2.39 4.43
N ARG E 184 53.59 -1.51 4.38
CA ARG E 184 54.87 -1.89 3.82
C ARG E 184 55.59 -2.86 4.74
N LEU E 185 56.35 -3.77 4.14
CA LEU E 185 57.18 -4.71 4.88
C LEU E 185 58.65 -4.30 4.90
N THR E 186 59.02 -3.30 4.12
CA THR E 186 60.40 -2.89 3.95
C THR E 186 60.59 -1.44 4.38
N ASP E 187 61.81 -1.13 4.83
CA ASP E 187 62.19 0.21 5.28
C ASP E 187 63.69 0.43 5.13
N VAL E 188 64.19 0.29 3.90
CA VAL E 188 65.62 0.42 3.62
C VAL E 188 65.91 1.72 2.88
N PHE E 216 61.06 5.93 7.69
CA PHE E 216 59.71 6.03 8.24
C PHE E 216 59.67 5.52 9.67
N TRP E 217 60.13 4.29 9.88
CA TRP E 217 60.14 3.66 11.19
C TRP E 217 61.56 3.76 11.75
N HIS E 218 61.79 4.82 12.54
CA HIS E 218 63.10 5.07 13.11
C HIS E 218 63.32 4.22 14.36
N GLY E 219 64.51 3.64 14.46
CA GLY E 219 64.92 2.97 15.68
C GLY E 219 64.05 1.79 16.04
N LYS E 220 63.58 1.78 17.29
CA LYS E 220 62.80 0.67 17.83
C LYS E 220 61.36 0.63 17.31
N ASP E 221 60.92 1.64 16.54
CA ASP E 221 59.57 1.61 15.98
C ASP E 221 59.43 0.55 14.89
N TYR E 222 60.55 0.06 14.35
CA TYR E 222 60.57 -1.02 13.36
C TYR E 222 60.62 -2.34 14.10
N CYS E 223 59.48 -3.02 14.21
CA CYS E 223 59.38 -4.23 15.01
C CYS E 223 58.52 -5.29 14.31
N ASN E 224 58.68 -6.53 14.76
CA ASN E 224 57.92 -7.67 14.24
C ASN E 224 57.71 -8.65 15.39
N PHE E 225 56.48 -8.73 15.89
CA PHE E 225 56.16 -9.49 17.08
C PHE E 225 55.74 -10.93 16.79
N VAL E 226 56.16 -11.50 15.66
CA VAL E 226 55.86 -12.89 15.33
C VAL E 226 57.15 -13.57 14.90
N PHE E 227 57.50 -14.68 15.55
CA PHE E 227 58.69 -15.42 15.20
C PHE E 227 58.52 -16.13 13.86
N PHE E 240 68.95 -9.71 19.22
CA PHE E 240 69.61 -9.51 17.94
C PHE E 240 68.68 -9.81 16.77
N ILE E 241 68.11 -8.75 16.18
CA ILE E 241 67.24 -8.85 15.02
C ILE E 241 67.86 -8.05 13.88
N ASP E 242 67.75 -8.59 12.66
CA ASP E 242 68.33 -7.98 11.47
C ASP E 242 67.33 -7.00 10.85
N ARG E 243 67.70 -5.72 10.79
CA ARG E 243 66.83 -4.73 10.16
C ARG E 243 66.85 -4.87 8.64
N TYR E 244 67.93 -5.41 8.08
CA TYR E 244 68.11 -5.52 6.65
C TYR E 244 67.83 -6.92 6.10
N SER E 245 67.55 -7.89 6.98
CA SER E 245 67.26 -9.25 6.55
C SER E 245 65.84 -9.71 6.88
N THR E 246 65.17 -9.08 7.84
CA THR E 246 63.86 -9.51 8.28
C THR E 246 62.85 -8.39 8.04
N PRO E 247 61.67 -8.70 7.50
CA PRO E 247 60.68 -7.66 7.24
C PRO E 247 59.95 -7.23 8.50
N ARG E 248 59.27 -6.09 8.40
CA ARG E 248 58.50 -5.57 9.50
C ARG E 248 57.08 -6.14 9.47
N MET E 249 56.44 -6.15 10.63
CA MET E 249 55.08 -6.63 10.73
C MET E 249 54.14 -5.44 10.66
N PRO E 250 53.38 -5.26 9.57
CA PRO E 250 52.49 -4.10 9.48
C PRO E 250 51.45 -4.10 10.58
N TRP E 251 50.97 -2.90 10.90
CA TRP E 251 50.04 -2.67 12.00
C TRP E 251 48.74 -2.14 11.42
N HIS E 252 47.68 -2.94 11.49
CA HIS E 252 46.36 -2.52 11.05
C HIS E 252 45.53 -2.22 12.30
N ASP E 253 45.15 -0.95 12.47
CA ASP E 253 44.49 -0.53 13.70
C ASP E 253 43.48 0.56 13.38
N ILE E 254 42.58 0.81 14.32
CA ILE E 254 41.51 1.80 14.17
C ILE E 254 41.37 2.61 15.46
N ALA E 255 41.19 3.92 15.31
CA ALA E 255 40.93 4.83 16.43
C ALA E 255 39.85 5.82 15.99
N SER E 256 39.43 6.68 16.92
CA SER E 256 38.37 7.64 16.65
C SER E 256 38.53 8.85 17.54
N ALA E 257 37.75 9.89 17.25
CA ALA E 257 37.76 11.14 18.01
C ALA E 257 36.34 11.65 18.18
N VAL E 258 36.09 12.30 19.33
CA VAL E 258 34.78 12.88 19.62
C VAL E 258 34.96 14.27 20.21
N HIS E 259 33.93 15.09 20.06
CA HIS E 259 33.93 16.48 20.54
C HIS E 259 32.67 16.76 21.34
N GLY E 260 32.60 17.98 21.87
CA GLY E 260 31.38 18.46 22.50
C GLY E 260 31.09 17.74 23.81
N LYS E 261 29.80 17.46 24.03
CA LYS E 261 29.39 16.84 25.29
C LYS E 261 29.95 15.43 25.43
N ALA E 262 30.24 14.76 24.32
CA ALA E 262 30.85 13.44 24.38
C ALA E 262 32.31 13.52 24.83
N ALA E 263 33.01 14.61 24.49
CA ALA E 263 34.41 14.74 24.89
C ALA E 263 34.59 14.89 26.40
N ARG E 264 33.63 15.51 27.08
CA ARG E 264 33.72 15.60 28.54
C ARG E 264 33.48 14.26 29.22
N ASP E 265 32.66 13.40 28.61
CA ASP E 265 32.40 12.09 29.20
C ASP E 265 33.65 11.21 29.19
N VAL E 266 34.36 11.17 28.06
CA VAL E 266 35.60 10.40 28.00
C VAL E 266 36.67 11.02 28.88
N ALA E 267 36.69 12.35 29.00
CA ALA E 267 37.66 12.99 29.88
C ALA E 267 37.36 12.66 31.35
N ARG E 268 36.08 12.58 31.71
CA ARG E 268 35.70 12.25 33.08
C ARG E 268 36.24 10.88 33.50
N HIS E 269 36.27 9.92 32.56
CA HIS E 269 36.79 8.59 32.89
C HIS E 269 38.25 8.65 33.32
N PHE E 270 39.06 9.47 32.66
CA PHE E 270 40.47 9.59 33.04
C PHE E 270 40.62 10.15 34.44
N ILE E 271 39.86 11.21 34.75
CA ILE E 271 39.98 11.87 36.04
C ILE E 271 39.56 10.94 37.17
N GLN E 272 38.50 10.15 36.97
CA GLN E 272 38.03 9.24 38.01
C GLN E 272 39.11 8.23 38.38
N ARG E 273 39.80 7.66 37.38
CA ARG E 273 40.84 6.68 37.69
C ARG E 273 42.07 7.32 38.29
N TRP E 274 42.39 8.56 37.89
CA TRP E 274 43.59 9.23 38.40
C TRP E 274 43.47 9.50 39.89
N ASN E 275 42.35 10.11 40.30
CA ASN E 275 42.12 10.38 41.72
C ASN E 275 42.02 9.09 42.53
N PHE E 276 41.50 8.02 41.90
CA PHE E 276 41.41 6.74 42.59
C PHE E 276 42.78 6.19 42.95
N THR E 277 43.74 6.31 42.04
CA THR E 277 45.09 5.81 42.31
C THR E 277 45.74 6.58 43.45
N LYS E 278 45.42 7.87 43.57
CA LYS E 278 46.00 8.69 44.62
C LYS E 278 45.66 8.16 46.01
N ILE E 279 44.40 7.75 46.22
CA ILE E 279 44.00 7.28 47.54
C ILE E 279 44.77 6.04 47.94
N MET E 280 44.86 5.06 47.04
CA MET E 280 45.60 3.84 47.34
C MET E 280 47.09 4.14 47.51
N LYS E 281 47.63 5.05 46.71
CA LYS E 281 49.03 5.45 46.83
C LYS E 281 49.30 6.17 48.14
N SER E 286 54.75 8.73 48.69
CA SER E 286 53.41 9.07 49.16
C SER E 286 52.62 9.82 48.09
N LEU E 287 51.74 10.72 48.54
CA LEU E 287 50.86 11.45 47.65
C LEU E 287 51.37 12.87 47.45
N SER E 288 51.74 13.18 46.21
CA SER E 288 52.06 14.54 45.81
C SER E 288 51.19 15.03 44.66
N TYR E 289 50.46 14.14 44.00
CA TYR E 289 49.70 14.46 42.81
C TYR E 289 48.32 15.01 43.19
N PRO E 290 47.79 15.95 42.42
CA PRO E 290 46.50 16.56 42.78
C PRO E 290 45.31 15.75 42.27
N PHE E 291 44.13 16.14 42.75
CA PHE E 291 42.88 15.58 42.27
C PHE E 291 42.37 16.37 41.07
N LEU E 292 41.76 15.66 40.12
CA LEU E 292 41.20 16.27 38.93
C LEU E 292 39.70 16.52 39.08
N LEU E 293 39.21 17.53 38.36
CA LEU E 293 37.82 17.95 38.44
C LEU E 293 37.21 18.00 37.04
N PRO E 294 35.97 17.54 36.88
CA PRO E 294 35.34 17.62 35.56
C PRO E 294 34.96 19.04 35.18
N LYS E 295 35.15 19.37 33.91
CA LYS E 295 34.78 20.67 33.38
C LYS E 295 33.31 20.68 32.96
N SER E 296 32.66 21.83 33.12
CA SER E 296 31.27 21.97 32.71
C SER E 296 31.04 23.28 31.98
N ARG E 304 36.43 25.47 21.55
CA ARG E 304 36.66 26.17 20.31
C ARG E 304 37.82 25.58 19.52
N TYR E 305 38.24 24.37 19.90
CA TYR E 305 39.29 23.65 19.20
C TYR E 305 38.68 22.42 18.55
N GLN E 306 39.06 22.18 17.30
CA GLN E 306 38.49 21.08 16.53
C GLN E 306 39.54 20.46 15.62
N VAL E 307 39.47 19.14 15.46
CA VAL E 307 40.33 18.45 14.50
C VAL E 307 39.65 18.53 13.14
N PRO E 308 40.41 18.77 12.06
CA PRO E 308 39.78 18.90 10.75
C PRO E 308 39.19 17.59 10.26
N GLY E 309 38.03 17.67 9.62
CA GLY E 309 37.40 16.50 9.04
C GLY E 309 36.31 15.84 9.86
N SER E 310 35.84 16.46 10.94
CA SER E 310 34.84 15.83 11.77
C SER E 310 33.47 15.87 11.09
N VAL E 311 32.57 15.00 11.56
CA VAL E 311 31.23 14.86 10.99
C VAL E 311 30.22 14.81 12.14
N HIS E 312 28.98 15.20 11.85
CA HIS E 312 27.92 15.18 12.84
C HIS E 312 27.32 13.78 12.95
N ALA E 313 27.17 13.29 14.18
CA ALA E 313 26.58 11.98 14.42
C ALA E 313 26.27 11.87 15.91
N ASN E 314 25.52 10.82 16.26
CA ASN E 314 25.18 10.52 17.65
C ASN E 314 26.28 9.68 18.28
N VAL E 315 26.84 10.15 19.40
CA VAL E 315 27.98 9.53 20.05
C VAL E 315 27.60 9.16 21.48
N GLN E 316 27.97 7.95 21.89
CA GLN E 316 27.83 7.51 23.28
C GLN E 316 29.08 6.73 23.68
N LEU E 317 29.58 6.99 24.87
CA LEU E 317 30.81 6.40 25.36
C LEU E 317 30.57 5.15 26.20
N LEU E 318 31.47 4.17 26.06
CA LEU E 318 31.40 2.90 26.76
C LEU E 318 32.74 2.61 27.42
N ARG E 319 32.72 1.71 28.40
CA ARG E 319 33.95 1.35 29.11
C ARG E 319 33.76 0.02 29.80
N SER E 320 34.89 -0.60 30.16
CA SER E 320 34.93 -1.80 30.99
C SER E 320 35.76 -1.48 32.23
N ALA E 321 35.09 -1.27 33.37
CA ALA E 321 35.77 -0.88 34.60
C ALA E 321 35.18 -1.64 35.78
N ALA E 322 35.98 -1.79 36.83
CA ALA E 322 35.58 -2.54 38.01
C ALA E 322 36.06 -1.81 39.25
N ASP E 323 35.99 -2.51 40.40
CA ASP E 323 36.40 -1.92 41.67
C ASP E 323 37.91 -1.74 41.73
N TRP E 324 38.67 -2.71 41.22
CA TRP E 324 40.12 -2.64 41.32
C TRP E 324 40.71 -1.53 40.45
N SER E 325 40.00 -1.16 39.38
CA SER E 325 40.52 -0.22 38.39
C SER E 325 40.06 1.22 38.62
N ALA E 326 38.76 1.44 38.75
CA ALA E 326 38.21 2.79 38.88
C ALA E 326 37.56 3.04 40.24
N GLY E 327 37.55 2.07 41.14
CA GLY E 327 36.87 2.26 42.40
C GLY E 327 35.37 2.36 42.27
N ILE E 328 34.79 1.62 41.33
CA ILE E 328 33.35 1.66 41.07
C ILE E 328 32.68 0.57 41.89
N LYS E 329 31.44 0.82 42.30
CA LYS E 329 30.72 -0.13 43.13
C LYS E 329 30.49 -1.44 42.39
N TYR E 330 29.78 -1.38 41.27
CA TYR E 330 29.57 -2.55 40.42
C TYR E 330 30.45 -2.43 39.18
N HIS E 331 30.97 -3.57 38.73
CA HIS E 331 31.73 -3.58 37.49
C HIS E 331 30.86 -3.11 36.33
N GLU E 332 31.50 -2.57 35.30
CA GLU E 332 30.80 -2.05 34.14
C GLU E 332 31.31 -2.77 32.90
N GLU E 333 30.38 -3.22 32.06
CA GLU E 333 30.70 -3.88 30.79
C GLU E 333 29.85 -3.31 29.67
N SER E 334 29.91 -1.98 29.52
CA SER E 334 29.12 -1.31 28.49
C SER E 334 29.59 -1.66 27.09
N ILE E 335 30.90 -1.89 26.91
CA ILE E 335 31.40 -2.32 25.60
C ILE E 335 30.77 -3.64 25.21
N HIS E 336 30.71 -4.57 26.16
CA HIS E 336 30.12 -5.88 25.87
C HIS E 336 28.65 -5.76 25.51
N ALA E 337 27.90 -4.98 26.30
CA ALA E 337 26.47 -4.85 26.07
C ALA E 337 26.16 -4.23 24.71
N ALA E 338 27.00 -3.29 24.27
CA ALA E 338 26.79 -2.65 22.98
C ALA E 338 27.05 -3.61 21.82
N TYR E 339 28.09 -4.43 21.94
CA TYR E 339 28.41 -5.40 20.88
C TYR E 339 27.23 -6.31 20.60
N VAL E 340 26.62 -6.87 21.65
CA VAL E 340 25.51 -7.80 21.46
C VAL E 340 24.30 -7.09 20.85
N HIS E 341 24.02 -5.86 21.31
CA HIS E 341 22.83 -5.16 20.83
C HIS E 341 22.95 -4.80 19.35
N VAL E 342 24.10 -4.29 18.93
CA VAL E 342 24.26 -3.90 17.53
C VAL E 342 24.20 -5.15 16.65
N ILE E 343 24.72 -6.28 17.13
CA ILE E 343 24.67 -7.52 16.38
C ILE E 343 23.23 -8.03 16.28
N GLU E 344 22.48 -7.99 17.40
CA GLU E 344 21.12 -8.50 17.38
C GLU E 344 20.21 -7.65 16.50
N ASN E 345 20.40 -6.33 16.52
CA ASN E 345 19.53 -5.43 15.77
C ASN E 345 20.11 -5.02 14.41
N SER E 346 21.07 -5.77 13.90
CA SER E 346 21.56 -5.52 12.55
C SER E 346 20.61 -6.14 11.54
N ARG E 347 20.21 -5.37 10.54
CA ARG E 347 19.24 -5.83 9.56
C ARG E 347 19.87 -6.37 8.27
N HIS E 348 21.10 -5.96 7.95
CA HIS E 348 21.71 -6.33 6.67
C HIS E 348 23.07 -7.00 6.84
N TYR E 349 24.06 -6.34 7.46
CA TYR E 349 25.37 -6.94 7.57
C TYR E 349 26.05 -6.52 8.87
N ILE E 350 27.07 -7.29 9.25
CA ILE E 350 27.93 -6.99 10.38
C ILE E 350 29.37 -7.12 9.93
N TYR E 351 30.19 -6.11 10.23
CA TYR E 351 31.60 -6.08 9.86
C TYR E 351 32.43 -6.00 11.13
N ILE E 352 33.10 -7.10 11.47
CA ILE E 352 33.92 -7.20 12.68
C ILE E 352 35.39 -7.28 12.28
N GLU E 353 36.22 -6.53 13.00
CA GLU E 353 37.66 -6.46 12.74
C GLU E 353 38.34 -6.38 14.09
N ASN E 354 38.90 -7.50 14.57
CA ASN E 354 39.35 -7.60 15.94
C ASN E 354 40.67 -8.36 16.05
N GLN E 355 41.39 -8.08 17.15
CA GLN E 355 42.66 -8.73 17.43
C GLN E 355 42.47 -10.17 17.89
N PHE E 356 41.35 -10.45 18.57
CA PHE E 356 41.09 -11.76 19.15
C PHE E 356 39.63 -12.14 18.93
N PHE E 357 39.39 -13.43 18.74
CA PHE E 357 38.04 -13.98 18.53
C PHE E 357 37.82 -15.11 19.53
N ILE E 358 37.49 -14.74 20.76
CA ILE E 358 37.29 -15.70 21.85
C ILE E 358 35.87 -15.52 22.35
N SER E 359 34.94 -16.36 21.87
CA SER E 359 33.56 -16.24 22.34
C SER E 359 32.85 -17.59 22.36
N CYS E 360 31.55 -17.59 22.04
CA CYS E 360 30.71 -18.77 22.13
C CYS E 360 30.75 -19.33 23.55
N ALA E 361 29.95 -18.73 24.44
CA ALA E 361 30.07 -19.02 25.86
C ALA E 361 29.63 -20.43 26.19
N ASP E 362 30.35 -21.06 27.12
CA ASP E 362 29.95 -22.33 27.71
C ASP E 362 29.70 -22.21 29.22
N ASP E 363 29.80 -21.02 29.79
CA ASP E 363 29.54 -20.74 31.20
C ASP E 363 30.49 -21.49 32.14
N LYS E 364 31.61 -21.98 31.62
CA LYS E 364 32.66 -22.57 32.44
C LYS E 364 33.97 -21.80 32.34
N VAL E 365 34.42 -21.48 31.12
CA VAL E 365 35.61 -20.67 30.90
C VAL E 365 35.29 -19.41 30.11
N VAL E 366 34.42 -19.51 29.10
CA VAL E 366 33.98 -18.37 28.32
C VAL E 366 32.57 -18.00 28.73
N PHE E 367 32.29 -16.69 28.79
CA PHE E 367 31.01 -16.19 29.26
C PHE E 367 30.40 -15.10 28.39
N ASN E 368 31.17 -14.44 27.54
CA ASN E 368 30.64 -13.34 26.74
C ASN E 368 29.74 -13.87 25.63
N LYS E 369 28.77 -13.05 25.24
CA LYS E 369 27.68 -13.49 24.39
C LYS E 369 27.81 -13.02 22.95
N ILE E 370 29.01 -12.61 22.53
CA ILE E 370 29.17 -12.06 21.18
C ILE E 370 29.08 -13.17 20.14
N GLY E 371 29.83 -14.26 20.35
CA GLY E 371 29.81 -15.34 19.37
C GLY E 371 28.47 -16.04 19.29
N ASP E 372 27.79 -16.18 20.43
CA ASP E 372 26.45 -16.76 20.43
C ASP E 372 25.47 -15.84 19.70
N ALA E 373 25.65 -14.52 19.84
CA ALA E 373 24.76 -13.57 19.17
C ALA E 373 24.92 -13.61 17.66
N ILE E 374 26.15 -13.82 17.19
CA ILE E 374 26.40 -13.86 15.75
C ILE E 374 25.73 -15.08 15.13
N ALA E 375 25.87 -16.23 15.77
CA ALA E 375 25.30 -17.46 15.21
C ALA E 375 23.78 -17.41 15.17
N GLN E 376 23.16 -16.92 16.24
CA GLN E 376 21.70 -16.83 16.29
C GLN E 376 21.18 -15.81 15.28
N ARG E 377 21.95 -14.76 14.99
CA ARG E 377 21.52 -13.76 14.02
C ARG E 377 21.53 -14.32 12.61
N ILE E 378 22.51 -15.16 12.29
CA ILE E 378 22.57 -15.79 10.98
C ILE E 378 21.40 -16.77 10.80
N LEU E 379 21.10 -17.54 11.85
CA LEU E 379 20.03 -18.53 11.77
C LEU E 379 18.68 -17.88 11.51
N LYS E 380 18.45 -16.69 12.07
CA LYS E 380 17.19 -16.00 11.83
C LYS E 380 17.08 -15.55 10.37
N ALA E 381 18.18 -15.11 9.77
CA ALA E 381 18.14 -14.71 8.37
C ALA E 381 17.85 -15.89 7.46
N HIS E 382 18.47 -17.04 7.73
CA HIS E 382 18.16 -18.24 6.96
C HIS E 382 16.72 -18.67 7.15
N ARG E 383 16.16 -18.46 8.35
CA ARG E 383 14.79 -18.87 8.62
C ARG E 383 13.80 -17.96 7.90
N GLU E 384 13.98 -16.65 8.01
CA GLU E 384 13.06 -15.67 7.46
C GLU E 384 13.45 -15.24 6.04
N ASN E 385 14.33 -15.99 5.39
CA ASN E 385 14.71 -15.76 3.99
C ASN E 385 15.24 -14.33 3.78
N GLN E 386 16.29 -14.00 4.53
CA GLN E 386 16.91 -12.69 4.47
C GLN E 386 18.33 -12.80 3.90
N LYS E 387 18.78 -11.74 3.24
CA LYS E 387 20.12 -11.67 2.68
C LYS E 387 21.02 -11.03 3.72
N TYR E 388 21.86 -11.83 4.37
CA TYR E 388 22.72 -11.39 5.45
C TYR E 388 24.14 -11.84 5.21
N ARG E 389 25.10 -10.96 5.50
CA ARG E 389 26.52 -11.28 5.39
C ARG E 389 27.23 -10.79 6.65
N VAL E 390 28.18 -11.59 7.15
CA VAL E 390 29.06 -11.20 8.23
C VAL E 390 30.48 -11.16 7.69
N TYR E 391 31.29 -10.26 8.27
CA TYR E 391 32.68 -10.09 7.86
C TYR E 391 33.54 -10.03 9.11
N VAL E 392 34.38 -11.05 9.32
CA VAL E 392 35.26 -11.14 10.49
C VAL E 392 36.70 -11.16 9.99
N VAL E 393 37.50 -10.21 10.45
CA VAL E 393 38.89 -10.08 10.07
C VAL E 393 39.74 -10.11 11.33
N ILE E 394 40.62 -11.10 11.42
CA ILE E 394 41.44 -11.32 12.61
C ILE E 394 42.87 -11.64 12.17
N PRO E 395 43.85 -11.43 13.05
CA PRO E 395 45.23 -11.73 12.68
C PRO E 395 45.42 -13.22 12.43
N LEU E 396 46.32 -13.53 11.48
CA LEU E 396 46.61 -14.93 11.20
C LEU E 396 47.28 -15.62 12.38
N LEU E 397 47.99 -14.87 13.22
CA LEU E 397 48.63 -15.41 14.41
C LEU E 397 48.61 -14.35 15.51
N PRO E 398 48.51 -14.77 16.77
CA PRO E 398 48.67 -13.82 17.87
C PRO E 398 50.11 -13.31 17.96
N GLY E 399 50.26 -12.15 18.59
CA GLY E 399 51.57 -11.53 18.68
C GLY E 399 52.41 -12.03 19.83
N PHE E 400 52.99 -13.22 19.70
CA PHE E 400 53.88 -13.76 20.72
C PHE E 400 55.09 -14.46 20.09
N GLY E 407 57.52 -26.04 19.29
CA GLY E 407 58.34 -25.08 19.98
C GLY E 407 57.84 -23.65 19.86
N GLY E 408 56.64 -23.39 20.38
CA GLY E 408 56.11 -22.05 20.38
C GLY E 408 56.16 -21.38 21.74
N GLY E 409 55.00 -21.00 22.25
CA GLY E 409 54.90 -20.36 23.55
C GLY E 409 53.66 -20.82 24.29
N ASN E 410 53.56 -20.41 25.55
CA ASN E 410 52.40 -20.79 26.34
C ASN E 410 51.21 -19.87 26.08
N ALA E 411 51.47 -18.58 25.88
CA ALA E 411 50.40 -17.64 25.59
C ALA E 411 49.94 -17.69 24.14
N LEU E 412 50.83 -18.04 23.21
CA LEU E 412 50.46 -18.11 21.81
C LEU E 412 49.47 -19.23 21.53
N GLN E 413 49.78 -20.45 21.99
CA GLN E 413 48.92 -21.59 21.71
C GLN E 413 47.59 -21.47 22.44
N ALA E 414 47.60 -20.92 23.66
CA ALA E 414 46.36 -20.78 24.41
C ALA E 414 45.41 -19.79 23.74
N ILE E 415 45.95 -18.70 23.19
CA ILE E 415 45.12 -17.77 22.44
C ILE E 415 44.71 -18.38 21.10
N MET E 416 45.62 -19.10 20.45
CA MET E 416 45.31 -19.73 19.18
C MET E 416 44.19 -20.76 19.32
N HIS E 417 44.17 -21.49 20.44
CA HIS E 417 43.14 -22.51 20.64
C HIS E 417 41.76 -21.86 20.74
N PHE E 418 41.61 -20.84 21.60
CA PHE E 418 40.32 -20.23 21.82
C PHE E 418 39.83 -19.43 20.61
N ASN E 419 40.74 -19.04 19.71
CA ASN E 419 40.30 -18.40 18.47
C ASN E 419 39.59 -19.41 17.57
N TYR E 420 40.21 -20.56 17.32
CA TYR E 420 39.61 -21.60 16.49
C TYR E 420 38.36 -22.19 17.14
N ARG E 421 38.36 -22.31 18.47
CA ARG E 421 37.21 -22.86 19.18
C ARG E 421 35.94 -22.05 18.97
N THR E 422 36.06 -20.72 18.87
CA THR E 422 34.87 -19.90 18.66
C THR E 422 34.35 -20.03 17.23
N MET E 423 35.25 -20.14 16.26
CA MET E 423 34.83 -20.06 14.87
C MET E 423 34.37 -21.39 14.31
N CYS E 424 35.16 -22.46 14.48
CA CYS E 424 34.87 -23.71 13.79
C CYS E 424 35.13 -24.97 14.60
N ARG E 425 35.93 -24.94 15.66
CA ARG E 425 36.31 -26.14 16.39
C ARG E 425 35.37 -26.30 17.58
N GLY E 426 34.42 -27.22 17.46
CA GLY E 426 33.49 -27.50 18.53
C GLY E 426 32.04 -27.38 18.10
N GLU E 427 31.15 -28.15 18.75
CA GLU E 427 29.73 -28.04 18.43
C GLU E 427 29.18 -26.68 18.83
N ASN E 428 29.72 -26.09 19.91
CA ASN E 428 29.27 -24.79 20.39
C ASN E 428 29.89 -23.64 19.63
N SER E 429 30.67 -23.90 18.59
CA SER E 429 31.28 -22.84 17.80
C SER E 429 30.25 -22.20 16.87
N ILE E 430 30.66 -21.11 16.22
CA ILE E 430 29.77 -20.41 15.29
C ILE E 430 29.45 -21.29 14.08
N LEU E 431 30.48 -21.87 13.47
CA LEU E 431 30.23 -22.80 12.37
C LEU E 431 29.65 -24.12 12.86
N GLY E 432 29.76 -24.43 14.15
CA GLY E 432 29.12 -25.61 14.68
C GLY E 432 27.61 -25.46 14.79
N GLN E 433 27.15 -24.28 15.21
CA GLN E 433 25.72 -24.04 15.36
C GLN E 433 25.04 -23.87 14.01
N LEU E 434 25.73 -23.25 13.04
CA LEU E 434 25.16 -23.07 11.72
C LEU E 434 25.04 -24.39 10.99
N LYS E 435 26.12 -25.17 10.94
CA LYS E 435 26.12 -26.43 10.19
C LYS E 435 25.03 -27.36 10.67
N ALA E 436 24.77 -27.39 11.99
CA ALA E 436 23.73 -28.25 12.52
C ALA E 436 22.33 -27.81 12.11
N GLU E 437 22.18 -26.61 11.53
CA GLU E 437 20.88 -26.12 11.10
C GLU E 437 20.79 -25.79 9.62
N LEU E 438 21.89 -25.37 8.98
CA LEU E 438 21.89 -25.06 7.57
C LEU E 438 22.96 -25.78 6.77
N GLY E 439 23.80 -26.60 7.39
CA GLY E 439 24.76 -27.40 6.63
C GLY E 439 25.82 -26.52 5.99
N ASN E 440 26.21 -26.90 4.75
CA ASN E 440 27.25 -26.15 4.02
C ASN E 440 26.75 -24.81 3.49
N GLN E 441 25.55 -24.40 3.86
CA GLN E 441 24.95 -23.15 3.42
C GLN E 441 25.42 -21.95 4.24
N TRP E 442 26.38 -22.14 5.14
CA TRP E 442 26.89 -21.03 5.94
C TRP E 442 27.76 -20.09 5.14
N ILE E 443 28.23 -20.51 3.96
CA ILE E 443 29.11 -19.68 3.15
C ILE E 443 28.42 -18.41 2.69
N ASN E 444 27.10 -18.44 2.53
CA ASN E 444 26.35 -17.26 2.10
C ASN E 444 26.11 -16.27 3.22
N TYR E 445 26.55 -16.55 4.44
CA TYR E 445 26.22 -15.73 5.58
C TYR E 445 27.45 -15.19 6.31
N ILE E 446 28.47 -16.00 6.53
CA ILE E 446 29.64 -15.59 7.30
C ILE E 446 30.88 -15.80 6.44
N SER E 447 31.91 -15.00 6.72
CA SER E 447 33.16 -15.09 6.00
C SER E 447 34.30 -14.80 6.97
N PHE E 448 35.29 -15.69 7.02
CA PHE E 448 36.44 -15.56 7.88
C PHE E 448 37.67 -15.26 7.04
N CYS E 449 38.40 -14.22 7.41
CA CYS E 449 39.56 -13.78 6.64
C CYS E 449 40.67 -13.34 7.57
N GLY E 450 41.86 -13.20 6.97
CA GLY E 450 43.00 -12.61 7.64
C GLY E 450 43.70 -11.67 6.69
N LEU E 451 44.76 -11.02 7.18
CA LEU E 451 45.54 -10.10 6.37
C LEU E 451 46.95 -10.62 6.18
N ARG E 452 47.48 -10.44 4.97
CA ARG E 452 48.86 -10.80 4.64
C ARG E 452 49.26 -10.02 3.39
N THR E 453 50.54 -9.67 3.31
CA THR E 453 51.06 -8.95 2.16
C THR E 453 52.52 -9.36 1.95
N HIS E 454 53.09 -8.88 0.85
CA HIS E 454 54.45 -9.23 0.44
C HIS E 454 55.21 -7.98 0.01
N ALA E 455 56.53 -8.14 -0.11
CA ALA E 455 57.43 -7.09 -0.57
C ALA E 455 58.75 -7.74 -0.92
N GLU E 456 59.61 -6.98 -1.60
CA GLU E 456 60.93 -7.44 -2.01
C GLU E 456 62.03 -6.66 -1.29
N LEU E 457 62.79 -7.35 -0.44
CA LEU E 457 63.88 -6.76 0.33
C LEU E 457 65.15 -7.54 0.06
N GLU E 458 66.27 -6.84 -0.14
CA GLU E 458 67.59 -7.46 -0.25
C GLU E 458 67.70 -8.43 -1.43
N GLY E 459 66.74 -8.40 -2.35
CA GLY E 459 66.79 -9.17 -3.57
C GLY E 459 66.08 -10.50 -3.54
N ASN E 460 65.47 -10.87 -2.41
CA ASN E 460 64.69 -12.11 -2.31
C ASN E 460 63.30 -11.76 -1.81
N LEU E 461 62.28 -12.40 -2.40
CA LEU E 461 60.90 -12.13 -2.04
C LEU E 461 60.57 -12.70 -0.67
N VAL E 462 60.02 -11.87 0.21
CA VAL E 462 59.66 -12.25 1.57
C VAL E 462 58.21 -11.86 1.83
N THR E 463 57.64 -12.46 2.86
CA THR E 463 56.26 -12.19 3.25
C THR E 463 56.14 -12.13 4.76
N GLU E 464 55.16 -11.38 5.23
CA GLU E 464 54.82 -11.27 6.64
C GLU E 464 53.34 -10.98 6.76
N LEU E 465 52.73 -11.51 7.83
CA LEU E 465 51.33 -11.24 8.09
C LEU E 465 51.16 -9.82 8.62
N ILE E 466 49.99 -9.25 8.39
CA ILE E 466 49.65 -7.93 8.92
C ILE E 466 48.83 -8.14 10.19
N TYR E 467 49.37 -7.68 11.31
CA TYR E 467 48.69 -7.86 12.60
C TYR E 467 47.60 -6.81 12.70
N VAL E 468 46.34 -7.26 12.68
CA VAL E 468 45.20 -6.36 12.82
C VAL E 468 44.89 -6.20 14.30
N HIS E 469 45.25 -5.04 14.85
CA HIS E 469 44.98 -4.71 16.24
C HIS E 469 43.73 -3.85 16.39
N SER E 470 43.04 -3.54 15.30
CA SER E 470 41.82 -2.74 15.36
C SER E 470 40.71 -3.49 16.10
N LYS E 471 39.88 -2.74 16.80
CA LYS E 471 38.67 -3.26 17.44
C LYS E 471 37.46 -2.46 16.95
N LEU E 472 36.87 -2.86 15.83
CA LEU E 472 35.82 -2.09 15.18
C LEU E 472 34.65 -3.00 14.82
N LEU E 473 33.45 -2.42 14.88
CA LEU E 473 32.23 -3.09 14.45
C LEU E 473 31.37 -2.08 13.68
N ILE E 474 30.87 -2.50 12.52
CA ILE E 474 29.98 -1.68 11.70
C ILE E 474 28.74 -2.51 11.38
N ALA E 475 27.59 -1.84 11.29
CA ALA E 475 26.34 -2.53 11.02
C ALA E 475 25.43 -1.65 10.16
N ASP E 476 24.96 -2.21 9.06
CA ASP E 476 23.89 -1.63 8.24
C ASP E 476 24.23 -0.23 7.72
N ASP E 477 25.51 0.13 7.72
CA ASP E 477 25.95 1.47 7.32
C ASP E 477 25.32 2.55 8.21
N ASN E 478 25.02 2.21 9.45
CA ASN E 478 24.46 3.17 10.39
C ASN E 478 25.17 3.21 11.72
N THR E 479 25.56 2.05 12.25
CA THR E 479 26.16 1.95 13.58
C THR E 479 27.59 1.47 13.49
N VAL E 480 28.48 2.12 14.23
CA VAL E 480 29.89 1.75 14.29
C VAL E 480 30.36 1.80 15.73
N ILE E 481 31.14 0.81 16.14
CA ILE E 481 31.73 0.76 17.47
C ILE E 481 33.25 0.66 17.33
N ILE E 482 33.95 1.66 17.86
CA ILE E 482 35.41 1.74 17.82
C ILE E 482 35.92 1.82 19.24
N GLY E 483 36.93 1.02 19.56
CA GLY E 483 37.48 1.03 20.89
C GLY E 483 38.76 0.25 21.00
N SER E 484 39.11 -0.10 22.23
CA SER E 484 40.32 -0.85 22.55
C SER E 484 40.04 -2.25 23.06
N ALA E 485 38.77 -2.65 23.12
CA ALA E 485 38.37 -3.91 23.75
C ALA E 485 38.49 -5.07 22.76
N ASN E 486 39.23 -6.10 23.14
CA ASN E 486 39.28 -7.32 22.36
C ASN E 486 37.95 -8.06 22.49
N ILE E 487 37.73 -9.02 21.60
CA ILE E 487 36.59 -9.93 21.74
C ILE E 487 37.10 -11.12 22.55
N ASN E 488 37.13 -10.94 23.86
CA ASN E 488 37.43 -11.99 24.81
C ASN E 488 36.93 -11.55 26.17
N ASP E 489 36.92 -12.49 27.12
CA ASP E 489 36.40 -12.19 28.46
C ASP E 489 37.26 -11.16 29.18
N ARG E 490 38.58 -11.14 28.90
CA ARG E 490 39.47 -10.18 29.55
C ARG E 490 39.04 -8.74 29.28
N SER E 491 38.61 -8.45 28.06
CA SER E 491 38.28 -7.07 27.72
C SER E 491 36.80 -6.76 27.89
N MET E 492 35.91 -7.75 27.73
CA MET E 492 34.48 -7.48 27.69
C MET E 492 33.79 -7.61 29.05
N LEU E 493 34.29 -8.47 29.93
CA LEU E 493 33.58 -8.71 31.19
C LEU E 493 33.58 -7.49 32.10
N GLY E 494 34.56 -6.61 31.97
CA GLY E 494 34.62 -5.38 32.76
C GLY E 494 35.40 -5.54 34.05
N LYS E 495 35.18 -6.66 34.76
CA LYS E 495 35.91 -6.95 35.98
C LYS E 495 37.34 -7.40 35.71
N ARG E 496 37.68 -7.64 34.44
CA ARG E 496 39.03 -8.09 34.08
C ARG E 496 39.86 -6.88 33.67
N ASP E 497 40.23 -6.79 32.39
CA ASP E 497 40.96 -5.64 31.89
C ASP E 497 40.06 -4.41 31.83
N SER E 498 40.68 -3.25 32.01
CA SER E 498 39.97 -1.98 31.90
C SER E 498 40.02 -1.50 30.46
N GLU E 499 38.86 -1.30 29.85
CA GLU E 499 38.77 -0.95 28.44
C GLU E 499 37.87 0.27 28.25
N MET E 500 37.90 0.80 27.03
CA MET E 500 37.09 1.95 26.62
C MET E 500 36.73 1.81 25.15
N ALA E 501 35.48 2.14 24.81
CA ALA E 501 35.00 2.03 23.44
C ALA E 501 34.02 3.16 23.13
N VAL E 502 33.64 3.27 21.86
CA VAL E 502 32.71 4.29 21.39
C VAL E 502 31.76 3.70 20.35
N ILE E 503 30.47 4.00 20.47
CA ILE E 503 29.46 3.63 19.50
C ILE E 503 28.96 4.91 18.82
N VAL E 504 28.89 4.89 17.49
CA VAL E 504 28.47 6.05 16.70
C VAL E 504 27.30 5.63 15.83
N GLN E 505 26.14 6.25 16.05
CA GLN E 505 24.97 6.06 15.22
C GLN E 505 24.78 7.27 14.32
N ASP E 506 24.43 7.01 13.06
CA ASP E 506 24.46 8.04 12.02
C ASP E 506 23.15 8.80 11.90
N THR E 507 23.26 10.11 11.67
CA THR E 507 22.14 11.00 11.43
C THR E 507 22.12 11.56 10.01
N GLU E 508 23.29 11.85 9.43
CA GLU E 508 23.37 12.36 8.07
C GLU E 508 23.44 11.19 7.09
N THR E 509 22.53 11.18 6.12
CA THR E 509 22.41 10.10 5.16
C THR E 509 22.93 10.50 3.78
N VAL E 510 23.45 9.51 3.06
CA VAL E 510 23.93 9.69 1.68
C VAL E 510 23.27 8.60 0.85
N PRO E 511 22.85 8.87 -0.39
CA PRO E 511 22.20 7.82 -1.19
C PRO E 511 23.15 6.66 -1.49
N SER E 512 22.67 5.45 -1.23
CA SER E 512 23.45 4.24 -1.43
C SER E 512 22.53 3.10 -1.86
N VAL E 513 23.12 1.93 -2.05
CA VAL E 513 22.40 0.73 -2.46
C VAL E 513 22.59 -0.35 -1.41
N MET E 514 21.56 -1.17 -1.22
CA MET E 514 21.63 -2.30 -0.29
C MET E 514 20.73 -3.41 -0.82
N ASP E 515 21.34 -4.58 -1.07
CA ASP E 515 20.64 -5.73 -1.65
C ASP E 515 20.00 -5.39 -2.99
N GLY E 516 20.58 -4.45 -3.72
CA GLY E 516 20.07 -4.04 -5.01
C GLY E 516 19.04 -2.93 -4.98
N LYS E 517 18.56 -2.53 -3.82
CA LYS E 517 17.54 -1.49 -3.68
C LYS E 517 18.14 -0.24 -3.07
N GLU E 518 17.39 0.86 -3.19
CA GLU E 518 17.85 2.17 -2.72
C GLU E 518 17.78 2.24 -1.20
N TYR E 519 18.91 2.58 -0.57
CA TYR E 519 19.04 2.64 0.88
C TYR E 519 19.86 3.87 1.26
N GLN E 520 19.24 4.82 1.95
CA GLN E 520 19.94 6.02 2.38
C GLN E 520 20.89 5.69 3.54
N ALA E 521 22.10 5.27 3.21
CA ALA E 521 23.10 4.91 4.20
C ALA E 521 23.69 6.16 4.85
N GLY E 522 24.12 6.00 6.10
CA GLY E 522 24.72 7.11 6.82
C GLY E 522 26.08 7.48 6.25
N ARG E 523 26.48 8.73 6.50
CA ARG E 523 27.73 9.25 5.95
C ARG E 523 28.95 8.74 6.72
N PHE E 524 28.87 8.68 8.05
CA PHE E 524 30.00 8.25 8.86
C PHE E 524 30.33 6.78 8.63
N ALA E 525 29.31 5.92 8.68
CA ALA E 525 29.55 4.49 8.62
C ALA E 525 29.93 4.05 7.21
N ARG E 526 29.17 4.49 6.21
CA ARG E 526 29.49 4.14 4.83
C ARG E 526 30.87 4.68 4.45
N GLY E 527 31.23 5.85 4.97
CA GLY E 527 32.57 6.36 4.74
C GLY E 527 33.63 5.48 5.38
N LEU E 528 33.35 4.95 6.57
CA LEU E 528 34.31 4.08 7.24
C LEU E 528 34.39 2.71 6.55
N ARG E 529 33.25 2.17 6.14
CA ARG E 529 33.24 0.87 5.47
C ARG E 529 33.98 0.92 4.14
N LEU E 530 33.71 1.96 3.34
CA LEU E 530 34.39 2.08 2.04
C LEU E 530 35.90 2.14 2.20
N GLN E 531 36.39 3.01 3.08
CA GLN E 531 37.83 3.09 3.30
C GLN E 531 38.37 1.78 3.87
N CYS E 532 37.62 1.16 4.78
CA CYS E 532 37.99 -0.17 5.27
C CYS E 532 38.02 -1.17 4.13
N PHE E 533 36.97 -1.15 3.29
CA PHE E 533 36.91 -2.04 2.14
C PHE E 533 38.03 -1.75 1.14
N ARG E 534 38.32 -0.46 0.92
CA ARG E 534 39.34 -0.10 -0.05
C ARG E 534 40.72 -0.60 0.35
N VAL E 535 41.05 -0.52 1.64
CA VAL E 535 42.39 -0.92 2.09
C VAL E 535 42.60 -2.41 1.93
N VAL E 536 41.66 -3.22 2.41
CA VAL E 536 41.88 -4.67 2.47
C VAL E 536 41.77 -5.32 1.09
N LEU E 537 40.97 -4.74 0.19
CA LEU E 537 40.73 -5.34 -1.12
C LEU E 537 41.63 -4.78 -2.21
N GLY E 538 42.45 -3.78 -1.91
CA GLY E 538 43.32 -3.22 -2.92
C GLY E 538 42.62 -2.30 -3.89
N TYR E 539 41.56 -1.63 -3.46
CA TYR E 539 40.84 -0.67 -4.26
C TYR E 539 41.23 0.77 -3.93
N LEU E 540 42.38 0.96 -3.29
CA LEU E 540 42.92 2.30 -3.10
C LEU E 540 43.29 2.90 -4.45
N ASP E 541 42.82 4.13 -4.71
CA ASP E 541 42.96 4.79 -6.00
C ASP E 541 42.15 4.10 -7.10
N ASP E 542 41.02 3.50 -6.73
CA ASP E 542 40.14 2.81 -7.65
C ASP E 542 38.71 3.32 -7.47
N PRO E 543 37.87 3.22 -8.51
CA PRO E 543 36.57 3.92 -8.47
C PRO E 543 35.59 3.36 -7.45
N SER E 544 35.77 2.13 -6.98
CA SER E 544 34.88 1.52 -5.99
C SER E 544 33.44 1.46 -6.51
N GLU E 545 33.29 1.09 -7.79
CA GLU E 545 31.95 0.92 -8.34
C GLU E 545 31.35 -0.43 -7.93
N ASP E 546 32.19 -1.45 -7.77
CA ASP E 546 31.72 -2.76 -7.33
C ASP E 546 31.54 -2.82 -5.83
N ILE E 547 32.22 -1.93 -5.09
CA ILE E 547 32.24 -1.98 -3.64
C ILE E 547 31.11 -1.17 -3.02
N GLN E 548 30.23 -0.59 -3.84
CA GLN E 548 29.15 0.22 -3.31
C GLN E 548 28.13 -0.61 -2.53
N ASP E 549 27.76 -1.79 -3.07
CA ASP E 549 26.79 -2.67 -2.43
C ASP E 549 27.50 -3.72 -1.59
N PRO E 550 27.30 -3.77 -0.28
CA PRO E 550 28.03 -4.73 0.55
C PRO E 550 27.37 -6.09 0.70
N VAL E 551 26.08 -6.21 0.37
CA VAL E 551 25.36 -7.46 0.62
C VAL E 551 24.78 -8.02 -0.68
N SER E 552 25.43 -7.73 -1.80
CA SER E 552 25.03 -8.27 -3.08
C SER E 552 25.76 -9.58 -3.37
N ASP E 553 25.07 -10.50 -4.07
CA ASP E 553 25.72 -11.74 -4.47
C ASP E 553 26.90 -11.48 -5.39
N LYS E 554 26.86 -10.38 -6.14
CA LYS E 554 28.00 -10.02 -6.98
C LYS E 554 29.19 -9.55 -6.15
N PHE E 555 28.94 -8.74 -5.12
CA PHE E 555 30.04 -8.24 -4.30
C PHE E 555 30.53 -9.30 -3.32
N PHE E 556 29.61 -9.98 -2.63
CA PHE E 556 30.01 -10.94 -1.61
C PHE E 556 30.76 -12.12 -2.21
N LYS E 557 30.19 -12.74 -3.24
CA LYS E 557 30.75 -13.98 -3.78
C LYS E 557 31.90 -13.72 -4.75
N GLU E 558 31.77 -12.74 -5.62
CA GLU E 558 32.78 -12.54 -6.67
C GLU E 558 33.90 -11.60 -6.26
N VAL E 559 33.74 -10.84 -5.18
CA VAL E 559 34.74 -9.87 -4.76
C VAL E 559 35.35 -10.26 -3.41
N TRP E 560 34.51 -10.41 -2.38
CA TRP E 560 35.07 -10.62 -1.04
C TRP E 560 35.67 -12.02 -0.89
N VAL E 561 34.83 -13.06 -0.99
CA VAL E 561 35.34 -14.42 -0.76
C VAL E 561 36.23 -14.89 -1.91
N SER E 562 35.97 -14.39 -3.13
CA SER E 562 36.78 -14.81 -4.27
C SER E 562 38.20 -14.25 -4.17
N THR E 563 38.33 -12.97 -3.81
CA THR E 563 39.66 -12.38 -3.64
C THR E 563 40.40 -13.04 -2.48
N ALA E 564 39.68 -13.37 -1.40
CA ALA E 564 40.32 -13.99 -0.26
C ALA E 564 40.81 -15.40 -0.58
N ALA E 565 40.03 -16.15 -1.36
CA ALA E 565 40.42 -17.52 -1.69
C ALA E 565 41.56 -17.54 -2.70
N ARG E 566 41.50 -16.67 -3.72
CA ARG E 566 42.53 -16.66 -4.76
C ARG E 566 43.88 -16.29 -4.19
N ASN E 567 43.93 -15.23 -3.38
CA ASN E 567 45.20 -14.78 -2.81
C ASN E 567 45.79 -15.84 -1.88
N ALA E 568 44.92 -16.52 -1.12
CA ALA E 568 45.41 -17.51 -0.17
C ALA E 568 46.14 -18.65 -0.87
N THR E 569 45.66 -19.06 -2.05
CA THR E 569 46.35 -20.11 -2.79
C THR E 569 47.66 -19.60 -3.37
N ILE E 570 47.69 -18.34 -3.80
CA ILE E 570 48.92 -17.76 -4.35
C ILE E 570 49.98 -17.69 -3.25
N TYR E 571 49.60 -17.20 -2.07
CA TYR E 571 50.54 -17.10 -0.96
C TYR E 571 51.00 -18.48 -0.49
N ASP E 572 50.09 -19.46 -0.48
CA ASP E 572 50.48 -20.81 -0.07
C ASP E 572 51.39 -21.47 -1.10
N LYS E 573 51.28 -21.07 -2.37
CA LYS E 573 52.15 -21.65 -3.39
C LYS E 573 53.48 -20.90 -3.48
N VAL E 574 53.43 -19.57 -3.54
CA VAL E 574 54.64 -18.77 -3.70
C VAL E 574 55.53 -18.91 -2.47
N PHE E 575 54.97 -18.73 -1.28
CA PHE E 575 55.76 -18.67 -0.06
C PHE E 575 55.64 -19.88 0.84
N ARG E 576 54.62 -20.74 0.64
CA ARG E 576 54.41 -21.91 1.48
C ARG E 576 54.30 -21.51 2.95
N CYS E 577 53.53 -20.45 3.20
CA CYS E 577 53.50 -19.79 4.49
C CYS E 577 52.57 -20.50 5.48
N LEU E 578 52.72 -20.09 6.74
CA LEU E 578 51.98 -20.55 7.90
C LEU E 578 51.25 -19.37 8.53
N PRO E 579 49.96 -19.50 8.86
CA PRO E 579 49.20 -20.75 8.89
C PRO E 579 48.70 -21.23 7.52
N ASN E 580 48.69 -22.55 7.36
CA ASN E 580 48.10 -23.19 6.19
C ASN E 580 47.37 -24.44 6.67
N ASP E 581 46.06 -24.52 6.42
CA ASP E 581 45.26 -25.63 6.92
C ASP E 581 45.56 -26.93 6.18
N GLU E 582 46.83 -27.13 5.84
CA GLU E 582 47.35 -28.43 5.44
C GLU E 582 48.34 -28.97 6.46
N VAL E 583 48.64 -28.20 7.50
CA VAL E 583 49.55 -28.60 8.57
C VAL E 583 48.70 -28.80 9.81
N HIS E 584 48.38 -30.05 10.12
CA HIS E 584 47.49 -30.37 11.24
C HIS E 584 48.24 -30.85 12.48
N ASN E 585 49.55 -31.04 12.41
CA ASN E 585 50.32 -31.59 13.51
C ASN E 585 51.65 -30.86 13.63
N LEU E 586 52.22 -30.91 14.84
CA LEU E 586 53.55 -30.36 15.05
C LEU E 586 54.62 -31.16 14.30
N ILE E 587 54.41 -32.47 14.16
CA ILE E 587 55.35 -33.29 13.40
C ILE E 587 55.31 -32.92 11.92
N GLN E 588 54.10 -32.65 11.40
CA GLN E 588 53.96 -32.20 10.01
C GLN E 588 54.60 -30.83 9.78
N LEU E 589 54.74 -30.03 10.84
CA LEU E 589 55.35 -28.71 10.70
C LEU E 589 56.81 -28.81 10.29
N ARG E 590 57.53 -29.79 10.85
CA ARG E 590 58.95 -29.92 10.56
C ARG E 590 59.20 -30.25 9.10
N ASP E 591 58.32 -31.02 8.47
CA ASP E 591 58.45 -31.29 7.05
C ASP E 591 57.99 -30.12 6.19
N PHE E 592 57.00 -29.36 6.66
CA PHE E 592 56.42 -28.31 5.83
C PHE E 592 57.39 -27.16 5.59
N ILE E 593 58.19 -26.80 6.59
CA ILE E 593 59.07 -25.65 6.44
C ILE E 593 60.42 -25.98 5.84
N ASN E 594 60.86 -27.23 5.93
CA ASN E 594 62.10 -27.69 5.31
C ASN E 594 61.90 -28.18 3.88
N LYS E 595 60.71 -27.95 3.32
CA LYS E 595 60.25 -28.23 1.97
C LYS E 595 60.56 -27.06 1.05
N PRO E 596 60.77 -27.31 -0.25
CA PRO E 596 61.18 -26.24 -1.16
C PRO E 596 60.12 -25.14 -1.26
N VAL E 597 60.61 -23.90 -1.35
CA VAL E 597 59.78 -22.71 -1.47
C VAL E 597 59.85 -22.22 -2.91
N LEU E 598 58.72 -21.72 -3.42
CA LEU E 598 58.68 -21.20 -4.78
C LEU E 598 59.48 -19.92 -4.91
N ALA E 599 59.56 -19.13 -3.84
CA ALA E 599 60.22 -17.83 -3.90
C ALA E 599 61.72 -17.94 -4.11
N LYS E 600 62.34 -19.06 -3.72
CA LYS E 600 63.79 -19.23 -3.88
C LYS E 600 64.19 -19.96 -5.16
N GLU E 601 63.43 -20.99 -5.55
CA GLU E 601 63.86 -21.82 -6.68
C GLU E 601 63.47 -21.22 -8.03
N ASP E 602 62.34 -20.51 -8.09
CA ASP E 602 61.87 -19.90 -9.34
C ASP E 602 61.32 -18.52 -9.05
N PRO E 603 62.21 -17.53 -8.86
CA PRO E 603 61.72 -16.17 -8.54
C PRO E 603 60.92 -15.54 -9.67
N ILE E 604 61.26 -15.84 -10.92
CA ILE E 604 60.55 -15.23 -12.05
C ILE E 604 59.09 -15.66 -12.06
N ARG E 605 58.83 -16.94 -11.84
CA ARG E 605 57.45 -17.42 -11.77
C ARG E 605 56.74 -16.90 -10.53
N ALA E 606 57.45 -16.81 -9.40
CA ALA E 606 56.84 -16.34 -8.16
C ALA E 606 56.47 -14.86 -8.25
N GLU E 607 57.40 -14.03 -8.72
CA GLU E 607 57.15 -12.59 -8.81
C GLU E 607 56.01 -12.29 -9.78
N GLU E 608 55.95 -13.00 -10.90
CA GLU E 608 54.87 -12.80 -11.86
C GLU E 608 53.52 -13.24 -11.31
N GLU E 609 53.49 -14.30 -10.50
CA GLU E 609 52.23 -14.75 -9.92
C GLU E 609 51.72 -13.78 -8.86
N LEU E 610 52.62 -13.18 -8.09
CA LEU E 610 52.20 -12.24 -7.05
C LEU E 610 51.56 -10.98 -7.63
N LYS E 611 51.84 -10.66 -8.90
CA LYS E 611 51.23 -9.49 -9.51
C LYS E 611 49.72 -9.64 -9.67
N LYS E 612 49.21 -10.87 -9.62
CA LYS E 612 47.77 -11.11 -9.70
C LYS E 612 47.06 -10.84 -8.38
N ILE E 613 47.80 -10.57 -7.31
CA ILE E 613 47.21 -10.35 -5.99
C ILE E 613 46.63 -8.94 -5.91
N ARG E 614 45.43 -8.83 -5.34
CA ARG E 614 44.75 -7.56 -5.14
C ARG E 614 44.42 -7.41 -3.66
N GLY E 615 45.04 -6.43 -3.02
CA GLY E 615 44.78 -6.17 -1.61
C GLY E 615 45.51 -7.12 -0.67
N PHE E 616 45.02 -7.17 0.56
CA PHE E 616 45.62 -7.97 1.62
C PHE E 616 44.73 -9.11 2.09
N LEU E 617 43.49 -9.20 1.58
CA LEU E 617 42.54 -10.15 2.11
C LEU E 617 42.92 -11.59 1.73
N VAL E 618 43.01 -12.46 2.74
CA VAL E 618 43.26 -13.88 2.56
C VAL E 618 42.26 -14.65 3.42
N GLN E 619 41.75 -15.76 2.89
CA GLN E 619 40.84 -16.60 3.64
C GLN E 619 41.55 -17.25 4.82
N PHE E 620 40.83 -17.38 5.93
CA PHE E 620 41.45 -17.86 7.15
C PHE E 620 41.51 -19.39 7.14
N PRO E 621 42.69 -19.98 7.37
CA PRO E 621 42.78 -21.45 7.43
C PRO E 621 42.12 -21.97 8.70
N PHE E 622 41.22 -22.94 8.52
CA PHE E 622 40.46 -23.49 9.63
C PHE E 622 41.15 -24.67 10.31
N TYR E 623 42.12 -25.31 9.65
CA TYR E 623 42.65 -26.59 10.10
C TYR E 623 44.12 -26.55 10.50
N PHE E 624 44.67 -25.37 10.78
CA PHE E 624 46.07 -25.32 11.21
C PHE E 624 46.20 -25.91 12.61
N LEU E 625 47.07 -26.91 12.74
CA LEU E 625 47.29 -27.62 14.00
C LEU E 625 45.99 -28.22 14.56
N SER E 626 45.21 -28.87 13.68
CA SER E 626 43.94 -29.44 14.10
C SER E 626 44.13 -30.60 15.07
N GLU E 627 45.15 -31.43 14.82
CA GLU E 627 45.40 -32.61 15.62
C GLU E 627 46.23 -32.32 16.87
N GLU E 628 46.72 -31.10 17.04
CA GLU E 628 47.45 -30.71 18.23
C GLU E 628 46.49 -30.08 19.22
N SER E 629 46.63 -30.43 20.49
CA SER E 629 45.75 -29.94 21.54
C SER E 629 46.52 -29.00 22.47
N LEU E 630 45.78 -28.08 23.09
CA LEU E 630 46.40 -27.07 23.95
C LEU E 630 46.70 -27.64 25.33
N LEU E 631 45.72 -28.33 25.93
CA LEU E 631 45.87 -28.79 27.32
C LEU E 631 47.05 -29.73 27.52
N PRO E 632 47.26 -30.78 26.70
CA PRO E 632 48.42 -31.65 26.96
C PRO E 632 49.75 -30.95 26.78
N SER E 633 49.85 -30.00 25.84
CA SER E 633 51.11 -29.32 25.58
C SER E 633 51.45 -28.31 26.67
N VAL E 634 50.47 -27.51 27.08
CA VAL E 634 50.73 -26.41 28.01
C VAL E 634 50.54 -26.84 29.46
N GLY E 635 49.69 -27.84 29.72
CA GLY E 635 49.41 -28.22 31.08
C GLY E 635 50.57 -28.97 31.71
N THR E 636 50.67 -28.86 33.03
CA THR E 636 51.68 -29.54 33.82
C THR E 636 50.99 -30.51 34.80
N LYS E 637 51.80 -31.25 35.55
CA LYS E 637 51.24 -32.24 36.46
C LYS E 637 50.50 -31.58 37.62
N GLU E 638 51.03 -30.47 38.14
CA GLU E 638 50.40 -29.70 39.21
C GLU E 638 50.47 -28.23 38.81
N ALA E 639 49.46 -27.77 38.10
CA ALA E 639 49.44 -26.41 37.58
C ALA E 639 48.66 -25.48 38.51
N ILE E 640 49.09 -24.23 38.54
CA ILE E 640 48.48 -23.21 39.39
C ILE E 640 47.97 -22.02 38.59
N VAL E 641 48.26 -21.91 37.30
CA VAL E 641 47.85 -20.81 36.48
C VAL E 641 46.49 -21.10 35.88
N PRO E 642 45.44 -20.33 36.18
CA PRO E 642 44.12 -20.58 35.59
C PRO E 642 44.12 -20.31 34.09
N MET E 643 43.25 -21.05 33.39
CA MET E 643 43.11 -20.82 31.96
C MET E 643 42.35 -19.52 31.65
N GLU E 644 41.65 -18.96 32.64
CA GLU E 644 40.88 -17.76 32.40
C GLU E 644 41.74 -16.53 32.12
N VAL E 645 43.06 -16.65 32.22
CA VAL E 645 43.94 -15.54 31.88
C VAL E 645 44.08 -15.42 30.37
N TRP E 646 43.97 -16.53 29.64
CA TRP E 646 44.11 -16.57 28.20
C TRP E 646 42.76 -16.46 27.47
N THR E 647 41.65 -16.51 28.18
CA THR E 647 40.34 -16.36 27.54
C THR E 647 39.97 -14.90 27.44
N ASP F 28 29.16 47.64 -2.29
CA ASP F 28 29.02 47.71 -0.86
C ASP F 28 29.70 46.53 -0.16
N HIS F 29 30.73 45.97 -0.81
CA HIS F 29 31.54 44.91 -0.22
C HIS F 29 33.02 45.25 -0.37
N ARG F 30 33.86 44.38 0.18
CA ARG F 30 35.31 44.52 0.05
C ARG F 30 35.74 44.32 -1.40
N PHE F 31 36.73 45.12 -1.82
CA PHE F 31 37.28 45.10 -3.18
C PHE F 31 36.26 45.43 -4.25
N GLY F 32 35.07 45.91 -3.87
CA GLY F 32 34.01 46.10 -4.82
C GLY F 32 33.41 44.83 -5.36
N SER F 33 33.55 43.73 -4.63
CA SER F 33 33.08 42.42 -5.11
C SER F 33 31.57 42.30 -4.97
N TYR F 34 31.02 41.35 -5.72
CA TYR F 34 29.60 41.01 -5.62
C TYR F 34 29.32 40.13 -4.40
N ALA F 35 30.36 39.55 -3.79
CA ALA F 35 30.19 38.67 -2.65
C ALA F 35 30.84 39.26 -1.40
N ILE F 37 31.98 38.50 2.03
CA ILE F 37 33.16 37.87 2.60
C ILE F 37 32.74 36.81 3.60
N GLN F 38 32.72 35.55 3.16
CA GLN F 38 32.33 34.45 4.03
C GLN F 38 33.50 33.97 4.89
N ASN F 40 35.32 31.70 7.68
CA ASN F 40 35.57 30.29 8.01
C ASN F 40 34.74 29.35 7.12
N ALA F 41 35.13 29.26 5.85
CA ALA F 41 34.47 28.37 4.90
C ALA F 41 35.43 27.27 4.45
N LEU F 42 34.86 26.21 3.90
CA LEU F 42 35.66 25.07 3.44
C LEU F 42 36.15 25.25 2.01
N TRP F 45 41.72 23.07 -2.39
CA TRP F 45 42.55 23.49 -3.52
C TRP F 45 43.07 22.29 -4.31
N TYR F 46 43.28 22.47 -5.62
CA TYR F 46 43.74 21.42 -6.51
C TYR F 46 44.92 21.90 -7.33
N VAL F 47 45.95 21.07 -7.43
CA VAL F 47 47.08 21.28 -8.34
C VAL F 47 46.96 20.25 -9.45
N ASN F 48 46.78 20.74 -10.68
CA ASN F 48 46.55 19.93 -11.89
C ASN F 48 45.18 19.26 -11.88
N ALA F 49 44.68 18.89 -13.06
CA ALA F 49 43.29 18.53 -13.23
C ALA F 49 42.94 17.14 -12.73
N LYS F 50 43.91 16.24 -12.55
CA LYS F 50 43.61 14.86 -12.19
C LYS F 50 42.82 14.78 -10.90
N GLY F 51 43.31 15.43 -9.84
CA GLY F 51 42.55 15.50 -8.61
C GLY F 51 41.32 16.37 -8.71
N TYR F 52 41.37 17.41 -9.54
CA TYR F 52 40.22 18.29 -9.70
C TYR F 52 39.08 17.57 -10.40
N PHE F 53 39.38 16.85 -11.48
CA PHE F 53 38.34 16.12 -12.21
C PHE F 53 37.73 15.01 -11.38
N GLU F 54 38.49 14.43 -10.45
CA GLU F 54 37.97 13.33 -9.64
C GLU F 54 36.92 13.82 -8.66
N ASP F 55 37.17 14.95 -7.99
CA ASP F 55 36.20 15.48 -7.03
C ASP F 55 34.95 16.03 -7.72
N VAL F 56 35.10 16.60 -8.93
CA VAL F 56 33.93 17.06 -9.66
C VAL F 56 33.05 15.89 -10.07
N ALA F 57 33.65 14.71 -10.31
CA ALA F 57 32.85 13.53 -10.63
C ALA F 57 32.07 13.04 -9.41
N ASN F 58 32.74 12.99 -8.26
CA ASN F 58 32.06 12.58 -7.03
C ASN F 58 31.01 13.60 -6.60
N ALA F 59 31.25 14.88 -6.83
CA ALA F 59 30.29 15.90 -6.43
C ALA F 59 29.06 15.89 -7.32
N MET F 60 29.24 15.73 -8.63
CA MET F 60 28.09 15.65 -9.53
C MET F 60 27.26 14.40 -9.27
N GLU F 61 27.91 13.29 -8.90
CA GLU F 61 27.17 12.06 -8.63
C GLU F 61 26.26 12.22 -7.43
N GLU F 62 26.79 12.73 -6.31
CA GLU F 62 26.02 12.94 -5.08
C GLU F 62 25.06 14.13 -5.17
N ALA F 63 24.89 14.74 -6.34
CA ALA F 63 23.98 15.87 -6.49
C ALA F 63 22.53 15.41 -6.41
N ASN F 64 21.68 16.30 -5.91
CA ASN F 64 20.25 16.06 -5.75
C ASN F 64 19.40 17.06 -6.51
N GLU F 65 19.77 18.34 -6.50
CA GLU F 65 18.96 19.40 -7.10
C GLU F 65 19.56 19.92 -8.40
N GLU F 66 20.75 20.51 -8.38
CA GLU F 66 21.24 21.24 -9.54
C GLU F 66 22.73 21.03 -9.75
N ILE F 67 23.16 21.21 -11.00
CA ILE F 67 24.56 21.27 -11.38
C ILE F 67 24.73 22.43 -12.36
N PHE F 68 25.56 23.41 -12.00
CA PHE F 68 25.82 24.57 -12.83
C PHE F 68 27.19 24.43 -13.47
N ILE F 69 27.25 24.61 -14.79
CA ILE F 69 28.50 24.50 -15.54
C ILE F 69 28.64 25.69 -16.49
N THR F 70 29.86 26.25 -16.56
CA THR F 70 30.22 27.22 -17.57
C THR F 70 31.68 27.04 -17.95
N ASP F 71 31.96 27.06 -19.25
CA ASP F 71 33.30 26.75 -19.74
C ASP F 71 33.60 27.61 -20.96
N TRP F 72 34.88 27.99 -21.11
CA TRP F 72 35.33 28.61 -22.35
C TRP F 72 35.33 27.58 -23.48
N TRP F 73 35.79 26.36 -23.19
CA TRP F 73 35.74 25.25 -24.13
C TRP F 73 35.30 24.00 -23.37
N LEU F 74 34.37 23.25 -23.96
CA LEU F 74 33.86 22.02 -23.34
C LEU F 74 33.95 20.88 -24.35
N SER F 75 34.51 19.76 -23.90
CA SER F 75 34.64 18.55 -24.71
C SER F 75 33.85 17.42 -24.06
N PRO F 76 32.73 17.00 -24.65
CA PRO F 76 31.84 16.06 -23.95
C PRO F 76 32.46 14.69 -23.67
N GLU F 77 33.37 14.22 -24.51
CA GLU F 77 33.84 12.84 -24.41
C GLU F 77 35.17 12.74 -23.67
N ILE F 78 35.26 13.35 -22.48
CA ILE F 78 36.44 13.19 -21.62
C ILE F 78 36.03 12.42 -20.37
N PHE F 79 37.00 11.69 -19.82
CA PHE F 79 36.80 10.92 -18.60
C PHE F 79 37.37 11.67 -17.41
N LEU F 80 36.56 11.81 -16.37
CA LEU F 80 37.00 12.49 -15.15
C LEU F 80 37.77 11.57 -14.21
N LYS F 81 37.68 10.26 -14.39
CA LYS F 81 38.41 9.29 -13.59
C LYS F 81 39.28 8.46 -14.53
N ARG F 82 40.60 8.58 -14.38
CA ARG F 82 41.58 7.88 -15.19
C ARG F 82 42.56 7.13 -14.31
N PRO F 83 43.06 5.97 -14.76
CA PRO F 83 42.77 5.35 -16.06
C PRO F 83 41.35 4.82 -16.17
N VAL F 84 40.79 4.80 -17.39
CA VAL F 84 39.43 4.33 -17.59
C VAL F 84 39.36 2.87 -17.18
N VAL F 85 38.65 2.59 -16.08
CA VAL F 85 38.56 1.23 -15.55
C VAL F 85 37.12 0.90 -15.23
N GLU F 86 36.20 1.80 -15.61
CA GLU F 86 34.78 1.60 -15.39
C GLU F 86 33.97 1.81 -16.67
N GLY F 87 34.63 1.80 -17.81
CA GLY F 87 33.92 2.03 -19.07
C GLY F 87 33.59 3.50 -19.22
N ASN F 88 32.34 3.78 -19.62
CA ASN F 88 31.85 5.14 -19.75
C ASN F 88 31.04 5.59 -18.54
N ARG F 89 31.37 5.06 -17.36
CA ARG F 89 30.69 5.47 -16.14
C ARG F 89 31.17 6.83 -15.63
N TRP F 90 32.36 7.25 -16.06
CA TRP F 90 32.92 8.54 -15.65
C TRP F 90 33.21 9.45 -16.84
N ARG F 91 32.65 9.13 -18.01
CA ARG F 91 32.70 10.05 -19.14
C ARG F 91 31.87 11.29 -18.85
N LEU F 92 32.35 12.45 -19.32
CA LEU F 92 31.73 13.72 -18.97
C LEU F 92 30.27 13.78 -19.42
N ASP F 93 30.01 13.44 -20.69
CA ASP F 93 28.63 13.49 -21.18
C ASP F 93 27.76 12.42 -20.53
N CYS F 94 28.34 11.27 -20.18
CA CYS F 94 27.55 10.21 -19.56
C CYS F 94 27.22 10.54 -18.11
N ILE F 95 28.12 11.23 -17.39
CA ILE F 95 27.83 11.63 -16.03
C ILE F 95 26.63 12.56 -15.99
N LEU F 96 26.56 13.52 -16.93
CA LEU F 96 25.40 14.39 -17.01
C LEU F 96 24.15 13.60 -17.36
N LYS F 97 24.27 12.66 -18.30
CA LYS F 97 23.15 11.79 -18.63
C LYS F 97 22.71 10.99 -17.41
N ARG F 98 23.67 10.48 -16.64
CA ARG F 98 23.36 9.70 -15.44
C ARG F 98 22.58 10.53 -14.43
N LYS F 99 23.02 11.76 -14.17
CA LYS F 99 22.37 12.61 -13.19
C LYS F 99 21.05 13.20 -13.70
N ALA F 100 20.97 13.52 -14.99
CA ALA F 100 19.73 14.05 -15.55
C ALA F 100 18.61 13.02 -15.53
N GLN F 101 18.96 11.73 -15.54
CA GLN F 101 17.95 10.68 -15.43
C GLN F 101 17.40 10.55 -14.02
N GLN F 102 18.04 11.16 -13.02
CA GLN F 102 17.57 11.14 -11.66
C GLN F 102 16.82 12.41 -11.28
N GLY F 103 16.41 13.22 -12.25
CA GLY F 103 15.67 14.43 -11.99
C GLY F 103 16.49 15.67 -11.74
N VAL F 104 17.81 15.59 -11.87
CA VAL F 104 18.69 16.73 -11.61
C VAL F 104 18.74 17.60 -12.86
N ARG F 105 18.59 18.91 -12.68
CA ARG F 105 18.61 19.86 -13.78
C ARG F 105 20.02 20.39 -13.98
N ILE F 106 20.58 20.16 -15.16
CA ILE F 106 21.93 20.59 -15.51
C ILE F 106 21.79 21.84 -16.38
N PHE F 107 22.55 22.88 -16.04
CA PHE F 107 22.53 24.13 -16.79
C PHE F 107 23.96 24.44 -17.20
N ILE F 108 24.17 24.59 -18.50
CA ILE F 108 25.50 24.82 -19.06
C ILE F 108 25.48 26.11 -19.87
N MET F 109 26.47 26.96 -19.64
CA MET F 109 26.61 28.23 -20.34
C MET F 109 27.99 28.26 -20.99
N LEU F 110 28.02 28.13 -22.31
CA LEU F 110 29.26 28.08 -23.06
C LEU F 110 29.49 29.40 -23.79
N TYR F 111 30.75 29.63 -24.15
CA TYR F 111 31.14 30.82 -24.89
C TYR F 111 30.98 30.55 -26.39
N LYS F 112 30.27 31.44 -27.07
CA LYS F 112 30.05 31.31 -28.51
C LYS F 112 31.32 31.77 -29.22
N GLU F 113 32.06 30.82 -29.79
CA GLU F 113 33.32 31.12 -30.41
C GLU F 113 33.12 32.00 -31.64
N VAL F 114 34.21 32.62 -32.08
CA VAL F 114 34.20 33.42 -33.29
C VAL F 114 33.97 32.52 -34.50
N GLU F 115 33.38 33.09 -35.55
CA GLU F 115 33.09 32.32 -36.76
C GLU F 115 34.36 31.72 -37.36
N LEU F 116 35.49 32.42 -37.22
CA LEU F 116 36.77 31.96 -37.77
C LEU F 116 37.47 30.95 -36.88
N ALA F 117 36.92 30.65 -35.70
CA ALA F 117 37.50 29.65 -34.80
C ALA F 117 37.11 28.26 -35.30
N LEU F 118 38.04 27.61 -36.00
CA LEU F 118 37.74 26.31 -36.59
C LEU F 118 37.78 25.19 -35.56
N GLY F 119 38.56 25.34 -34.50
CA GLY F 119 38.75 24.29 -33.52
C GLY F 119 37.58 24.12 -32.58
N ILE F 120 36.94 25.22 -32.22
CA ILE F 120 35.79 25.21 -31.31
C ILE F 120 34.53 25.23 -32.15
N ASN F 121 33.60 24.32 -31.85
CA ASN F 121 32.30 24.24 -32.52
C ASN F 121 31.25 24.13 -31.42
N SER F 122 30.90 25.25 -30.80
CA SER F 122 29.92 25.22 -29.72
C SER F 122 28.53 24.83 -30.22
N GLU F 123 28.26 24.99 -31.52
CA GLU F 123 26.99 24.54 -32.08
C GLU F 123 26.82 23.03 -31.91
N TYR F 124 27.92 22.28 -32.01
CA TYR F 124 27.84 20.83 -31.90
C TYR F 124 27.68 20.40 -30.44
N THR F 125 28.55 20.90 -29.56
CA THR F 125 28.48 20.48 -28.15
C THR F 125 27.17 20.92 -27.51
N LYS F 126 26.55 21.98 -28.03
CA LYS F 126 25.22 22.35 -27.55
C LYS F 126 24.21 21.28 -27.89
N ARG F 127 24.22 20.81 -29.14
CA ARG F 127 23.31 19.76 -29.56
C ARG F 127 23.64 18.42 -28.89
N THR F 128 24.92 18.06 -28.83
CA THR F 128 25.30 16.77 -28.26
C THR F 128 24.86 16.64 -26.80
N LEU F 129 25.08 17.70 -26.01
CA LEU F 129 24.74 17.64 -24.60
C LEU F 129 23.23 17.63 -24.39
N MET F 130 22.51 18.45 -25.16
CA MET F 130 21.07 18.57 -25.02
C MET F 130 20.32 17.37 -25.61
N ARG F 131 20.95 16.63 -26.52
CA ARG F 131 20.34 15.43 -27.09
C ARG F 131 20.36 14.24 -26.15
N LEU F 132 21.02 14.36 -25.00
CA LEU F 132 21.06 13.26 -24.04
C LEU F 132 19.75 13.16 -23.26
N HIS F 133 19.32 14.25 -22.63
CA HIS F 133 18.11 14.28 -21.82
C HIS F 133 17.59 15.70 -21.78
N PRO F 134 16.27 15.89 -21.70
CA PRO F 134 15.74 17.26 -21.64
C PRO F 134 16.14 18.01 -20.37
N ASN F 135 16.61 17.31 -19.34
CA ASN F 135 17.06 18.01 -18.13
C ASN F 135 18.40 18.70 -18.32
N ILE F 136 19.02 18.58 -19.49
CA ILE F 136 20.30 19.24 -19.79
C ILE F 136 20.00 20.35 -20.79
N LYS F 137 20.23 21.59 -20.36
CA LYS F 137 19.96 22.76 -21.18
C LYS F 137 21.23 23.59 -21.30
N VAL F 138 21.59 23.97 -22.52
CA VAL F 138 22.83 24.67 -22.81
C VAL F 138 22.49 25.99 -23.49
N MET F 139 23.19 27.06 -23.07
CA MET F 139 23.01 28.38 -23.65
C MET F 139 24.37 28.93 -24.04
N ARG F 140 24.41 29.62 -25.18
CA ARG F 140 25.65 30.18 -25.72
C ARG F 140 25.57 31.70 -25.77
N HIS F 141 26.59 32.35 -25.21
CA HIS F 141 26.75 33.80 -25.27
C HIS F 141 28.20 34.10 -25.64
N PRO F 142 28.46 35.15 -26.44
CA PRO F 142 27.58 36.16 -27.03
C PRO F 142 26.61 35.62 -28.06
N ASP F 143 25.72 36.49 -28.56
CA ASP F 143 24.70 36.08 -29.51
C ASP F 143 25.26 36.20 -30.94
N HIS F 144 25.11 35.12 -31.71
CA HIS F 144 25.60 35.12 -33.08
C HIS F 144 24.75 35.98 -34.00
N VAL F 145 23.43 35.99 -33.80
CA VAL F 145 22.52 36.72 -34.69
C VAL F 145 22.47 38.20 -34.38
N SER F 146 23.17 38.66 -33.34
CA SER F 146 23.09 40.05 -32.96
C SER F 146 23.80 40.95 -33.97
N SER F 147 23.20 42.12 -34.22
CA SER F 147 23.81 43.11 -35.08
C SER F 147 25.06 43.71 -34.45
N THR F 148 25.21 43.59 -33.14
CA THR F 148 26.36 44.10 -32.42
C THR F 148 27.55 43.17 -32.60
N VAL F 149 28.74 43.74 -32.46
CA VAL F 149 30.01 43.02 -32.59
C VAL F 149 30.62 42.85 -31.22
N TYR F 150 30.95 41.61 -30.86
CA TYR F 150 31.50 41.27 -29.56
C TYR F 150 32.98 40.96 -29.72
N LEU F 151 33.82 41.68 -28.99
CA LEU F 151 35.27 41.42 -29.03
C LEU F 151 35.74 40.39 -28.03
N TRP F 152 35.07 40.30 -26.88
CA TRP F 152 35.59 39.56 -25.74
C TRP F 152 34.85 38.24 -25.55
N ALA F 153 35.38 37.42 -24.65
CA ALA F 153 34.93 36.05 -24.47
C ALA F 153 34.59 35.82 -23.00
N HIS F 154 33.94 34.69 -22.74
CA HIS F 154 33.59 34.28 -21.39
C HIS F 154 34.57 33.20 -20.96
N HIS F 155 35.65 33.62 -20.28
CA HIS F 155 36.76 32.73 -20.00
C HIS F 155 36.66 32.09 -18.61
N GLU F 156 35.67 32.44 -17.81
CA GLU F 156 35.57 31.85 -16.48
C GLU F 156 35.12 30.40 -16.58
N LYS F 157 35.64 29.56 -15.69
CA LYS F 157 35.27 28.14 -15.64
C LYS F 157 34.89 27.79 -14.20
N LEU F 158 33.60 27.60 -13.95
CA LEU F 158 33.11 27.26 -12.62
C LEU F 158 32.09 26.15 -12.75
N VAL F 159 32.17 25.17 -11.86
CA VAL F 159 31.18 24.10 -11.75
C VAL F 159 30.61 24.13 -10.34
N ILE F 160 29.29 24.30 -10.23
CA ILE F 160 28.60 24.41 -8.96
C ILE F 160 27.61 23.25 -8.86
N ILE F 161 27.66 22.53 -7.73
CA ILE F 161 26.83 21.36 -7.51
C ILE F 161 25.91 21.66 -6.32
N ASP F 162 24.60 21.66 -6.58
CA ASP F 162 23.57 21.85 -5.57
C ASP F 162 23.69 23.17 -4.80
N GLN F 163 24.39 24.15 -5.39
CA GLN F 163 24.61 25.48 -4.79
C GLN F 163 25.23 25.40 -3.39
N SER F 164 25.80 24.24 -3.04
CA SER F 164 26.48 24.05 -1.76
C SER F 164 27.97 23.76 -1.90
N VAL F 165 28.37 23.15 -3.01
CA VAL F 165 29.76 22.89 -3.33
C VAL F 165 30.04 23.53 -4.67
N ALA F 166 31.15 24.25 -4.76
CA ALA F 166 31.47 25.02 -5.96
C ALA F 166 32.95 24.90 -6.28
N PHE F 167 33.25 24.87 -7.58
CA PHE F 167 34.62 24.70 -8.07
C PHE F 167 34.99 25.92 -8.88
N VAL F 168 36.08 26.58 -8.50
CA VAL F 168 36.61 27.73 -9.23
C VAL F 168 38.07 27.47 -9.53
N GLY F 169 38.50 27.83 -10.73
CA GLY F 169 39.88 27.64 -11.12
C GLY F 169 40.09 28.00 -12.57
N GLY F 170 41.23 27.56 -13.12
CA GLY F 170 41.57 27.83 -14.50
C GLY F 170 41.51 26.61 -15.40
N ILE F 171 40.88 25.54 -14.92
CA ILE F 171 40.83 24.27 -15.63
C ILE F 171 39.50 24.18 -16.36
N ASP F 172 39.56 24.06 -17.68
CA ASP F 172 38.37 23.83 -18.48
C ASP F 172 38.06 22.35 -18.53
N LEU F 173 36.79 22.02 -18.77
CA LEU F 173 36.38 20.64 -19.00
C LEU F 173 36.51 20.33 -20.49
N ALA F 174 37.76 20.31 -20.95
CA ALA F 174 38.04 20.24 -22.39
C ALA F 174 39.19 19.28 -22.66
N TYR F 175 39.41 19.01 -23.94
CA TYR F 175 40.48 18.11 -24.35
C TYR F 175 41.84 18.69 -23.98
N GLY F 176 42.74 17.85 -23.48
CA GLY F 176 44.09 18.26 -23.19
C GLY F 176 44.28 18.86 -21.82
N ARG F 177 43.22 19.02 -21.04
CA ARG F 177 43.32 19.66 -19.73
C ARG F 177 43.84 18.68 -18.69
N TRP F 178 43.46 17.41 -18.78
CA TRP F 178 43.81 16.44 -17.76
C TRP F 178 45.31 16.16 -17.75
N ASP F 179 45.88 16.13 -16.55
CA ASP F 179 47.28 15.80 -16.34
C ASP F 179 47.49 15.43 -14.89
N ASP F 180 48.54 14.66 -14.65
CA ASP F 180 48.91 14.28 -13.30
C ASP F 180 50.20 14.99 -12.93
N ASN F 181 50.80 14.55 -11.83
CA ASN F 181 52.05 15.16 -11.37
C ASN F 181 53.26 14.60 -12.10
N GLU F 182 53.08 13.61 -12.97
CA GLU F 182 54.17 13.08 -13.76
C GLU F 182 54.35 13.80 -15.09
N HIS F 183 53.27 14.38 -15.64
CA HIS F 183 53.33 15.10 -16.91
C HIS F 183 53.93 14.22 -18.01
N ARG F 184 53.26 13.09 -18.25
CA ARG F 184 53.78 12.12 -19.20
C ARG F 184 53.72 12.67 -20.62
N LEU F 185 54.70 12.27 -21.43
CA LEU F 185 54.78 12.67 -22.82
C LEU F 185 54.32 11.59 -23.79
N THR F 186 54.11 10.36 -23.32
CA THR F 186 53.76 9.23 -24.18
C THR F 186 52.41 8.68 -23.78
N ASP F 187 51.71 8.10 -24.76
CA ASP F 187 50.39 7.51 -24.52
C ASP F 187 50.08 6.46 -25.58
N VAL F 188 50.90 5.42 -25.65
CA VAL F 188 50.77 4.39 -26.67
C VAL F 188 50.25 3.11 -26.02
N GLY F 189 49.45 3.26 -24.97
CA GLY F 189 48.90 2.12 -24.26
C GLY F 189 47.97 1.25 -25.08
N ARG F 215 46.12 3.52 -22.10
CA ARG F 215 46.15 4.82 -22.77
C ARG F 215 45.35 5.86 -22.00
N PHE F 216 45.99 6.97 -21.64
CA PHE F 216 45.32 7.99 -20.81
C PHE F 216 44.49 8.95 -21.66
N TRP F 217 45.11 9.55 -22.67
CA TRP F 217 44.45 10.54 -23.52
C TRP F 217 44.05 9.87 -24.82
N HIS F 218 42.80 9.41 -24.89
CA HIS F 218 42.29 8.73 -26.07
C HIS F 218 41.88 9.73 -27.14
N GLY F 219 42.25 9.42 -28.39
CA GLY F 219 41.77 10.20 -29.52
C GLY F 219 42.25 11.64 -29.46
N LYS F 220 41.29 12.57 -29.58
CA LYS F 220 41.63 13.99 -29.65
C LYS F 220 42.06 14.57 -28.30
N ASP F 221 41.96 13.79 -27.22
CA ASP F 221 42.48 14.27 -25.94
C ASP F 221 44.00 14.26 -25.93
N TYR F 222 44.62 13.50 -26.82
CA TYR F 222 46.07 13.49 -27.00
C TYR F 222 46.39 14.57 -28.02
N CYS F 223 46.80 15.74 -27.55
CA CYS F 223 47.02 16.90 -28.40
C CYS F 223 48.23 17.69 -27.93
N ASN F 224 48.73 18.55 -28.83
CA ASN F 224 49.83 19.48 -28.54
C ASN F 224 49.51 20.74 -29.33
N PHE F 225 49.05 21.77 -28.63
CA PHE F 225 48.49 22.97 -29.23
C PHE F 225 49.50 24.12 -29.40
N VAL F 226 50.79 23.80 -29.46
CA VAL F 226 51.83 24.81 -29.71
C VAL F 226 52.78 24.22 -30.76
N PHE F 227 52.67 24.70 -32.00
CA PHE F 227 53.52 24.24 -33.07
C PHE F 227 53.45 25.21 -34.24
N ILE F 241 47.12 14.97 -35.26
CA ILE F 241 48.49 14.76 -34.79
C ILE F 241 48.77 13.27 -34.63
N ASP F 242 50.02 12.87 -34.88
CA ASP F 242 50.41 11.48 -34.78
C ASP F 242 50.74 11.15 -33.33
N ARG F 243 49.98 10.23 -32.73
CA ARG F 243 50.22 9.88 -31.35
C ARG F 243 51.51 9.08 -31.16
N TYR F 244 51.96 8.40 -32.21
CA TYR F 244 53.10 7.50 -32.11
C TYR F 244 54.41 8.11 -32.61
N SER F 245 54.39 9.32 -33.17
CA SER F 245 55.62 9.96 -33.62
C SER F 245 55.94 11.25 -32.90
N THR F 246 54.95 11.97 -32.36
CA THR F 246 55.18 13.26 -31.72
C THR F 246 54.66 13.26 -30.28
N PRO F 247 55.41 13.83 -29.34
CA PRO F 247 54.98 13.84 -27.94
C PRO F 247 53.87 14.85 -27.68
N ARG F 248 53.24 14.68 -26.52
CA ARG F 248 52.15 15.53 -26.06
C ARG F 248 52.69 16.73 -25.28
N MET F 249 51.86 17.78 -25.19
CA MET F 249 52.18 18.97 -24.43
C MET F 249 51.50 18.87 -23.07
N PRO F 250 52.24 18.67 -21.97
CA PRO F 250 51.61 18.55 -20.66
C PRO F 250 50.89 19.84 -20.26
N TRP F 251 49.90 19.68 -19.39
CA TRP F 251 49.03 20.76 -18.95
C TRP F 251 49.18 20.95 -17.46
N HIS F 252 49.74 22.10 -17.05
CA HIS F 252 49.87 22.46 -15.64
C HIS F 252 48.84 23.54 -15.32
N ASP F 253 47.92 23.23 -14.40
CA ASP F 253 46.82 24.13 -14.10
C ASP F 253 46.49 24.03 -12.62
N ILE F 254 45.73 25.01 -12.14
CA ILE F 254 45.34 25.08 -10.74
C ILE F 254 43.86 25.42 -10.67
N ALA F 255 43.15 24.74 -9.79
CA ALA F 255 41.74 25.01 -9.53
C ALA F 255 41.51 24.93 -8.04
N SER F 256 40.28 25.18 -7.63
CA SER F 256 39.94 25.17 -6.21
C SER F 256 38.47 24.82 -6.06
N ALA F 257 38.09 24.56 -4.81
CA ALA F 257 36.72 24.23 -4.47
C ALA F 257 36.36 24.96 -3.18
N VAL F 258 35.10 25.38 -3.09
CA VAL F 258 34.61 26.08 -1.92
C VAL F 258 33.28 25.48 -1.52
N HIS F 259 32.94 25.62 -0.24
CA HIS F 259 31.73 25.03 0.30
C HIS F 259 30.94 26.10 1.05
N GLY F 260 29.75 25.69 1.49
CA GLY F 260 28.94 26.51 2.36
C GLY F 260 28.38 27.74 1.67
N LYS F 261 28.35 28.86 2.40
CA LYS F 261 27.76 30.08 1.87
C LYS F 261 28.56 30.67 0.72
N ALA F 262 29.87 30.41 0.66
CA ALA F 262 30.66 30.93 -0.45
C ALA F 262 30.30 30.23 -1.76
N ALA F 263 29.91 28.96 -1.69
CA ALA F 263 29.43 28.29 -2.90
C ALA F 263 28.09 28.85 -3.33
N ARG F 264 27.30 29.36 -2.39
CA ARG F 264 26.05 30.05 -2.74
C ARG F 264 26.34 31.36 -3.47
N ASP F 265 27.46 31.99 -3.16
CA ASP F 265 27.84 33.22 -3.86
C ASP F 265 28.11 32.98 -5.34
N VAL F 266 28.84 31.91 -5.66
CA VAL F 266 29.13 31.63 -7.07
C VAL F 266 27.86 31.30 -7.84
N ALA F 267 26.88 30.67 -7.18
CA ALA F 267 25.62 30.37 -7.84
C ALA F 267 24.89 31.64 -8.22
N ARG F 268 24.93 32.65 -7.35
CA ARG F 268 24.32 33.94 -7.68
C ARG F 268 24.95 34.55 -8.91
N HIS F 269 26.28 34.41 -9.05
CA HIS F 269 26.95 34.91 -10.25
C HIS F 269 26.48 34.14 -11.48
N PHE F 270 26.33 32.82 -11.36
CA PHE F 270 25.86 32.01 -12.49
C PHE F 270 24.44 32.40 -12.87
N ILE F 271 23.56 32.55 -11.88
CA ILE F 271 22.18 32.91 -12.13
C ILE F 271 22.08 34.30 -12.75
N GLN F 272 22.93 35.23 -12.29
CA GLN F 272 22.96 36.57 -12.85
C GLN F 272 23.29 36.53 -14.34
N ARG F 273 24.27 35.71 -14.71
CA ARG F 273 24.63 35.59 -16.12
C ARG F 273 23.59 34.79 -16.90
N TRP F 274 22.97 33.79 -16.27
CA TRP F 274 21.99 32.98 -16.96
C TRP F 274 20.74 33.79 -17.31
N ASN F 275 20.18 34.49 -16.31
CA ASN F 275 19.00 35.30 -16.56
C ASN F 275 19.29 36.43 -17.54
N PHE F 276 20.50 36.99 -17.48
CA PHE F 276 20.89 38.04 -18.42
C PHE F 276 20.96 37.48 -19.85
N THR F 277 21.56 36.30 -20.02
CA THR F 277 21.71 35.73 -21.36
C THR F 277 20.36 35.35 -21.95
N LYS F 278 19.43 34.85 -21.11
CA LYS F 278 18.10 34.53 -21.62
C LYS F 278 17.38 35.78 -22.12
N ILE F 279 17.51 36.88 -21.39
CA ILE F 279 16.84 38.12 -21.78
C ILE F 279 17.39 38.64 -23.10
N MET F 280 18.71 38.65 -23.25
CA MET F 280 19.32 39.18 -24.47
C MET F 280 18.92 38.36 -25.70
N LYS F 281 18.81 37.03 -25.55
CA LYS F 281 18.38 36.18 -26.65
C LYS F 281 16.94 36.43 -27.08
N SER F 282 16.19 37.25 -26.34
CA SER F 282 14.81 37.52 -26.71
C SER F 282 14.68 38.63 -27.75
N LYS F 283 15.78 39.31 -28.09
CA LYS F 283 15.75 40.38 -29.08
C LYS F 283 15.58 39.82 -30.49
N ARG F 285 14.21 36.64 -31.50
CA ARG F 285 14.11 35.24 -31.07
C ARG F 285 13.35 35.14 -29.74
N SER F 286 13.40 33.95 -29.14
CA SER F 286 12.75 33.67 -27.87
C SER F 286 13.27 32.34 -27.33
N LEU F 287 13.46 32.28 -26.02
CA LEU F 287 13.97 31.09 -25.35
C LEU F 287 12.91 30.47 -24.45
N SER F 288 12.73 29.16 -24.57
CA SER F 288 11.85 28.40 -23.69
C SER F 288 12.58 27.84 -22.47
N TYR F 289 13.83 28.27 -22.25
CA TYR F 289 14.56 27.91 -21.04
C TYR F 289 13.84 28.45 -19.82
N PRO F 290 14.09 27.86 -18.65
CA PRO F 290 13.56 28.43 -17.41
C PRO F 290 14.55 29.40 -16.76
N PHE F 291 14.05 30.13 -15.77
CA PHE F 291 14.86 31.02 -14.95
C PHE F 291 15.42 30.28 -13.74
N LEU F 292 16.64 30.62 -13.36
CA LEU F 292 17.29 30.03 -12.19
C LEU F 292 17.07 30.93 -10.98
N LEU F 293 17.02 30.30 -9.80
CA LEU F 293 16.75 31.04 -8.57
C LEU F 293 17.78 30.74 -7.50
N PRO F 294 18.24 31.77 -6.77
CA PRO F 294 19.15 31.53 -5.65
C PRO F 294 18.43 30.90 -4.47
N LYS F 295 19.17 30.05 -3.75
CA LYS F 295 18.61 29.40 -2.56
C LYS F 295 18.67 30.30 -1.34
N ARG F 304 26.38 18.94 5.92
CA ARG F 304 25.88 18.27 4.73
C ARG F 304 27.00 17.52 4.01
N TYR F 305 26.90 17.42 2.69
CA TYR F 305 27.94 16.77 1.91
C TYR F 305 29.12 17.71 1.72
N GLN F 306 30.33 17.16 1.84
CA GLN F 306 31.56 17.92 1.72
C GLN F 306 32.58 17.10 0.96
N VAL F 307 33.42 17.79 0.18
CA VAL F 307 34.46 17.12 -0.58
C VAL F 307 35.63 16.82 0.35
N PRO F 308 36.23 15.63 0.25
CA PRO F 308 37.33 15.28 1.16
C PRO F 308 38.58 16.11 0.88
N GLY F 309 39.25 16.51 1.95
CA GLY F 309 40.46 17.28 1.85
C GLY F 309 40.28 18.78 1.95
N SER F 310 39.07 19.25 2.27
CA SER F 310 38.84 20.68 2.38
C SER F 310 39.41 21.19 3.70
N VAL F 311 39.63 22.51 3.74
CA VAL F 311 40.20 23.15 4.92
C VAL F 311 39.41 24.40 5.26
N HIS F 312 39.44 24.78 6.53
CA HIS F 312 38.76 25.97 7.00
C HIS F 312 39.65 27.19 6.80
N ALA F 313 39.08 28.25 6.22
CA ALA F 313 39.78 29.50 5.98
C ALA F 313 38.74 30.56 5.61
N ASN F 314 39.20 31.80 5.54
CA ASN F 314 38.33 32.91 5.13
C ASN F 314 38.33 32.99 3.61
N VAL F 315 37.15 32.91 3.01
CA VAL F 315 36.99 32.85 1.57
C VAL F 315 36.12 34.01 1.11
N GLN F 316 36.54 34.66 0.03
CA GLN F 316 35.73 35.70 -0.61
C GLN F 316 35.80 35.50 -2.11
N LEU F 317 34.65 35.66 -2.77
CA LEU F 317 34.56 35.44 -4.21
C LEU F 317 34.77 36.74 -4.97
N LEU F 318 35.47 36.65 -6.09
CA LEU F 318 35.80 37.78 -6.94
C LEU F 318 35.44 37.44 -8.38
N ARG F 319 35.30 38.48 -9.21
CA ARG F 319 34.93 38.25 -10.60
C ARG F 319 35.32 39.47 -11.43
N SER F 320 35.38 39.26 -12.73
CA SER F 320 35.58 40.33 -13.71
C SER F 320 34.35 40.32 -14.62
N ALA F 321 33.43 41.27 -14.41
CA ALA F 321 32.20 41.31 -15.17
C ALA F 321 31.90 42.75 -15.57
N ALA F 322 31.15 42.90 -16.66
CA ALA F 322 30.81 44.21 -17.20
C ALA F 322 29.38 44.17 -17.69
N ASP F 323 28.99 45.21 -18.45
CA ASP F 323 27.63 45.30 -18.96
C ASP F 323 27.36 44.27 -20.04
N TRP F 324 28.32 44.06 -20.95
CA TRP F 324 28.10 43.14 -22.06
C TRP F 324 28.05 41.69 -21.61
N SER F 325 28.71 41.37 -20.49
CA SER F 325 28.87 39.98 -20.06
C SER F 325 27.81 39.56 -19.04
N ALA F 326 27.62 40.34 -17.98
CA ALA F 326 26.69 39.99 -16.92
C ALA F 326 25.50 40.94 -16.84
N GLY F 327 25.44 41.94 -17.71
CA GLY F 327 24.36 42.92 -17.64
C GLY F 327 24.41 43.82 -16.41
N ILE F 328 25.60 44.15 -15.94
CA ILE F 328 25.79 44.97 -14.75
C ILE F 328 25.92 46.43 -15.20
N LYS F 329 25.44 47.33 -14.35
CA LYS F 329 25.48 48.76 -14.67
C LYS F 329 26.92 49.25 -14.78
N TYR F 330 27.65 49.23 -13.68
CA TYR F 330 29.07 49.56 -13.67
C TYR F 330 29.87 48.26 -13.62
N HIS F 331 30.92 48.19 -14.43
CA HIS F 331 31.71 46.97 -14.53
C HIS F 331 32.41 46.67 -13.21
N GLU F 332 32.73 45.40 -13.01
CA GLU F 332 33.35 44.91 -11.78
C GLU F 332 34.70 44.30 -12.11
N GLU F 333 35.72 44.68 -11.34
CA GLU F 333 37.08 44.16 -11.50
C GLU F 333 37.63 43.76 -10.13
N SER F 334 36.88 42.89 -9.43
CA SER F 334 37.26 42.47 -8.10
C SER F 334 38.56 41.66 -8.10
N ILE F 335 38.79 40.88 -9.16
CA ILE F 335 40.05 40.14 -9.27
C ILE F 335 41.23 41.08 -9.32
N HIS F 336 41.12 42.16 -10.09
CA HIS F 336 42.23 43.10 -10.25
C HIS F 336 42.59 43.80 -8.95
N ALA F 337 41.58 44.32 -8.24
CA ALA F 337 41.85 45.08 -7.02
C ALA F 337 42.53 44.21 -5.96
N ALA F 338 42.15 42.94 -5.88
CA ALA F 338 42.77 42.06 -4.90
C ALA F 338 44.20 41.73 -5.28
N TYR F 339 44.48 41.54 -6.57
CA TYR F 339 45.83 41.22 -7.02
C TYR F 339 46.84 42.29 -6.58
N VAL F 340 46.49 43.57 -6.81
CA VAL F 340 47.41 44.64 -6.44
C VAL F 340 47.58 44.72 -4.93
N HIS F 341 46.48 44.54 -4.18
CA HIS F 341 46.55 44.68 -2.72
C HIS F 341 47.40 43.59 -2.08
N VAL F 342 47.26 42.34 -2.54
CA VAL F 342 48.03 41.25 -1.95
C VAL F 342 49.51 41.41 -2.23
N ILE F 343 49.86 41.93 -3.40
CA ILE F 343 51.27 42.13 -3.75
C ILE F 343 51.89 43.23 -2.89
N GLU F 344 51.19 44.35 -2.74
CA GLU F 344 51.74 45.47 -1.98
C GLU F 344 51.87 45.15 -0.50
N ASN F 345 50.93 44.38 0.05
CA ASN F 345 50.91 44.05 1.46
C ASN F 345 51.57 42.71 1.75
N SER F 346 52.42 42.24 0.85
CA SER F 346 53.17 41.01 1.08
C SER F 346 54.36 41.28 2.00
N ARG F 347 54.53 40.43 3.01
CA ARG F 347 55.59 40.62 3.97
C ARG F 347 56.85 39.83 3.63
N HIS F 348 56.73 38.73 2.89
CA HIS F 348 57.89 37.88 2.66
C HIS F 348 58.11 37.56 1.18
N TYR F 349 57.14 36.92 0.54
CA TYR F 349 57.30 36.51 -0.85
C TYR F 349 55.95 36.57 -1.54
N ILE F 350 55.99 36.56 -2.88
CA ILE F 350 54.77 36.49 -3.67
C ILE F 350 54.87 35.39 -4.72
N ILE F 352 53.80 33.47 -8.22
CA ILE F 352 52.94 33.68 -9.38
C ILE F 352 53.09 32.54 -10.39
N GLU F 353 51.96 32.06 -10.90
CA GLU F 353 51.94 30.99 -11.90
C GLU F 353 50.80 31.31 -12.87
N ASN F 354 51.14 31.79 -14.05
CA ASN F 354 50.16 32.34 -14.97
C ASN F 354 50.46 31.91 -16.39
N GLN F 355 49.42 31.93 -17.23
CA GLN F 355 49.56 31.49 -18.62
C GLN F 355 50.33 32.51 -19.45
N PHE F 356 50.18 33.79 -19.14
CA PHE F 356 50.93 34.87 -19.79
C PHE F 356 50.89 36.07 -18.86
N PHE F 357 51.95 36.88 -18.93
CA PHE F 357 52.15 38.01 -18.03
C PHE F 357 52.28 39.30 -18.85
N ILE F 358 51.14 39.91 -19.15
CA ILE F 358 51.07 41.12 -19.95
C ILE F 358 50.52 42.20 -19.02
N SER F 359 51.44 43.00 -18.45
CA SER F 359 51.07 44.05 -17.50
C SER F 359 52.00 45.25 -17.62
N CYS F 360 52.31 45.88 -16.49
CA CYS F 360 53.09 47.11 -16.45
C CYS F 360 52.43 48.19 -17.30
N ALA F 361 51.43 48.86 -16.75
CA ALA F 361 50.60 49.76 -17.51
C ALA F 361 51.35 51.01 -17.93
N ASP F 362 51.06 51.49 -19.14
CA ASP F 362 51.52 52.79 -19.62
C ASP F 362 50.37 53.77 -19.83
N ASP F 363 49.15 53.37 -19.49
CA ASP F 363 47.94 54.18 -19.60
C ASP F 363 47.61 54.54 -21.05
N LYS F 364 48.19 53.82 -22.01
CA LYS F 364 47.84 53.97 -23.42
C LYS F 364 47.27 52.71 -24.03
N VAL F 365 47.95 51.57 -23.86
CA VAL F 365 47.50 50.29 -24.39
C VAL F 365 47.31 49.26 -23.28
N VAL F 366 48.20 49.25 -22.29
CA VAL F 366 48.08 48.38 -21.13
C VAL F 366 47.61 49.23 -19.96
N PHE F 367 46.72 48.68 -19.13
CA PHE F 367 46.09 49.45 -18.07
C PHE F 367 46.09 48.79 -16.70
N ASN F 368 46.31 47.48 -16.60
CA ASN F 368 46.24 46.84 -15.30
C ASN F 368 47.46 47.19 -14.45
N LYS F 369 47.26 47.19 -13.14
CA LYS F 369 48.21 47.71 -12.16
C LYS F 369 48.98 46.62 -11.44
N ILE F 370 49.02 45.40 -12.01
CA ILE F 370 49.66 44.28 -11.31
C ILE F 370 51.16 44.44 -11.31
N GLY F 371 51.75 44.77 -12.46
CA GLY F 371 53.21 44.85 -12.56
C GLY F 371 53.80 45.95 -11.70
N ASP F 372 53.10 47.07 -11.57
CA ASP F 372 53.59 48.15 -10.70
C ASP F 372 53.55 47.75 -9.24
N ALA F 373 52.52 47.00 -8.82
CA ALA F 373 52.42 46.61 -7.42
C ALA F 373 53.53 45.65 -7.03
N ILE F 374 53.90 44.73 -7.92
CA ILE F 374 55.00 43.81 -7.64
C ILE F 374 56.32 44.56 -7.63
N ALA F 375 56.53 45.44 -8.61
CA ALA F 375 57.79 46.16 -8.72
C ALA F 375 57.98 47.14 -7.57
N GLN F 376 56.90 47.84 -7.17
CA GLN F 376 57.02 48.80 -6.08
C GLN F 376 57.33 48.10 -4.75
N ARG F 377 56.90 46.86 -4.60
CA ARG F 377 57.18 46.11 -3.37
C ARG F 377 58.65 45.70 -3.28
N ILE F 378 59.30 45.42 -4.41
CA ILE F 378 60.69 44.99 -4.38
C ILE F 378 61.60 46.12 -3.89
N LEU F 379 61.39 47.34 -4.39
CA LEU F 379 62.24 48.46 -3.95
C LEU F 379 62.06 48.77 -2.47
N LYS F 380 60.84 48.61 -1.95
CA LYS F 380 60.60 48.84 -0.53
C LYS F 380 61.31 47.81 0.34
N ALA F 381 61.36 46.56 -0.13
CA ALA F 381 62.03 45.51 0.65
C ALA F 381 63.53 45.76 0.75
N HIS F 382 64.15 46.23 -0.34
CA HIS F 382 65.56 46.56 -0.31
C HIS F 382 65.86 47.70 0.66
N ARG F 383 64.93 48.64 0.81
CA ARG F 383 65.14 49.77 1.71
C ARG F 383 65.05 49.34 3.17
N GLU F 384 64.03 48.56 3.51
CA GLU F 384 63.80 48.18 4.91
C GLU F 384 64.51 46.88 5.25
N VAL F 390 60.03 36.30 -4.72
CA VAL F 390 58.87 36.05 -5.57
C VAL F 390 59.14 34.85 -6.47
N TYR F 391 58.06 34.20 -6.90
CA TYR F 391 58.15 33.02 -7.76
C TYR F 391 57.23 33.25 -8.96
N VAL F 392 57.81 33.35 -10.15
CA VAL F 392 57.09 33.63 -11.39
C VAL F 392 57.26 32.43 -12.31
N VAL F 393 56.13 31.84 -12.71
CA VAL F 393 56.10 30.66 -13.56
C VAL F 393 55.26 30.97 -14.79
N ILE F 394 55.88 30.88 -15.97
CA ILE F 394 55.17 31.18 -17.23
C ILE F 394 55.56 30.18 -18.29
N PRO F 395 54.69 29.94 -19.26
CA PRO F 395 55.01 29.03 -20.36
C PRO F 395 56.13 29.58 -21.23
N LEU F 396 56.93 28.65 -21.76
CA LEU F 396 58.02 29.05 -22.65
C LEU F 396 57.52 29.64 -23.96
N LEU F 397 56.31 29.26 -24.39
CA LEU F 397 55.72 29.82 -25.60
C LEU F 397 54.22 29.87 -25.44
N PRO F 398 53.55 30.86 -26.05
CA PRO F 398 52.08 30.87 -26.05
C PRO F 398 51.50 29.74 -26.87
N GLY F 399 50.27 29.36 -26.53
CA GLY F 399 49.60 28.25 -27.19
C GLY F 399 48.87 28.62 -28.46
N PHE F 400 49.60 28.80 -29.55
CA PHE F 400 48.98 29.10 -30.84
C PHE F 400 49.63 28.32 -31.98
N GLY F 409 53.59 32.81 -37.33
CA GLY F 409 52.43 33.00 -36.47
C GLY F 409 52.32 34.41 -35.94
N ASN F 410 51.24 35.09 -36.33
CA ASN F 410 51.04 36.47 -35.89
C ASN F 410 50.49 36.55 -34.47
N ALA F 411 49.64 35.61 -34.08
CA ALA F 411 49.09 35.64 -32.73
C ALA F 411 50.12 35.20 -31.69
N LEU F 412 51.05 34.33 -32.08
CA LEU F 412 52.11 33.92 -31.17
C LEU F 412 53.05 35.08 -30.87
N GLN F 413 53.49 35.80 -31.91
CA GLN F 413 54.45 36.88 -31.73
C GLN F 413 53.84 38.03 -30.91
N ALA F 414 52.57 38.34 -31.14
CA ALA F 414 51.90 39.42 -30.41
C ALA F 414 51.71 39.06 -28.94
N MET F 416 53.30 37.37 -26.93
CA MET F 416 54.60 37.05 -26.36
C MET F 416 55.46 38.30 -26.20
N HIS F 417 55.37 39.21 -27.17
CA HIS F 417 56.16 40.43 -27.10
C HIS F 417 55.75 41.29 -25.91
N PHE F 418 54.44 41.48 -25.73
CA PHE F 418 53.97 42.31 -24.63
C PHE F 418 54.32 41.70 -23.29
N ASN F 419 54.56 40.39 -23.23
CA ASN F 419 55.08 39.77 -22.02
C ASN F 419 56.55 40.14 -21.80
N TYR F 420 57.39 39.97 -22.83
CA TYR F 420 58.80 40.31 -22.69
C TYR F 420 59.00 41.80 -22.47
N ARG F 421 58.21 42.63 -23.16
CA ARG F 421 58.32 44.08 -22.96
C ARG F 421 57.95 44.47 -21.53
N THR F 422 56.98 43.76 -20.94
CA THR F 422 56.59 44.01 -19.56
C THR F 422 57.66 43.50 -18.59
N MET F 423 58.40 42.47 -19.00
CA MET F 423 59.32 41.78 -18.10
C MET F 423 60.63 42.55 -17.94
N CYS F 424 61.15 43.11 -19.03
CA CYS F 424 62.48 43.71 -19.01
C CYS F 424 62.53 45.00 -19.81
N GLU F 437 67.22 52.68 -9.04
CA GLU F 437 67.30 52.94 -7.60
C GLU F 437 68.04 51.81 -6.88
N LEU F 438 67.97 50.59 -7.45
CA LEU F 438 68.65 49.45 -6.88
C LEU F 438 69.61 48.78 -7.85
N GLY F 439 69.71 49.28 -9.08
CA GLY F 439 70.75 48.83 -10.00
C GLY F 439 70.62 47.38 -10.45
N ASN F 440 71.77 46.74 -10.59
CA ASN F 440 71.88 45.38 -11.13
C ASN F 440 71.43 44.32 -10.14
N GLN F 441 71.36 44.63 -8.84
CA GLN F 441 71.08 43.63 -7.82
C GLN F 441 69.57 43.35 -7.73
N TRP F 442 69.03 42.83 -8.84
CA TRP F 442 67.64 42.40 -8.88
C TRP F 442 67.48 40.91 -8.66
N ILE F 443 68.57 40.13 -8.82
CA ILE F 443 68.51 38.68 -8.71
C ILE F 443 68.15 38.23 -7.31
N ASN F 444 68.49 39.04 -6.29
CA ASN F 444 68.21 38.65 -4.92
C ASN F 444 66.75 38.82 -4.51
N TYR F 445 65.90 39.34 -5.39
CA TYR F 445 64.51 39.62 -5.06
C TYR F 445 63.51 38.97 -6.00
N ILE F 446 63.76 39.01 -7.31
CA ILE F 446 62.81 38.47 -8.28
C ILE F 446 63.51 37.42 -9.13
N SER F 447 62.74 36.43 -9.59
CA SER F 447 63.27 35.36 -10.40
C SER F 447 62.21 34.88 -11.38
N PHE F 448 62.56 34.82 -12.66
CA PHE F 448 61.67 34.36 -13.72
C PHE F 448 62.15 33.00 -14.24
N CYS F 449 61.26 32.03 -14.28
CA CYS F 449 61.59 30.67 -14.68
C CYS F 449 60.45 30.11 -15.53
N GLY F 450 60.71 28.96 -16.17
CA GLY F 450 59.69 28.25 -16.92
C GLY F 450 59.73 26.76 -16.62
N LEU F 451 58.78 26.05 -17.23
CA LEU F 451 58.63 24.61 -17.04
C LEU F 451 58.93 23.87 -18.35
N ARG F 452 59.59 22.72 -18.21
CA ARG F 452 59.92 21.87 -19.34
C ARG F 452 60.23 20.47 -18.83
N THR F 453 59.93 19.46 -19.65
CA THR F 453 60.21 18.08 -19.28
C THR F 453 60.59 17.30 -20.54
N HIS F 454 61.09 16.08 -20.32
CA HIS F 454 61.55 15.24 -21.41
C HIS F 454 61.11 13.80 -21.19
N ALA F 455 61.18 13.02 -22.27
CA ALA F 455 60.84 11.60 -22.25
C ALA F 455 61.35 10.98 -23.55
N GLU F 456 61.30 9.65 -23.61
CA GLU F 456 61.70 8.88 -24.77
C GLU F 456 60.48 8.20 -25.37
N LEU F 457 60.16 8.53 -26.62
CA LEU F 457 58.98 8.00 -27.30
C LEU F 457 59.42 7.30 -28.58
N GLU F 458 58.93 6.07 -28.78
CA GLU F 458 59.19 5.28 -29.99
C GLU F 458 60.67 5.07 -30.23
N GLY F 459 61.46 5.07 -29.15
CA GLY F 459 62.89 4.86 -29.24
C GLY F 459 63.71 6.11 -29.49
N ASN F 460 63.08 7.28 -29.54
CA ASN F 460 63.78 8.54 -29.76
C ASN F 460 63.50 9.50 -28.61
N LEU F 461 64.55 10.17 -28.15
CA LEU F 461 64.41 11.13 -27.06
C LEU F 461 63.77 12.41 -27.57
N VAL F 462 62.70 12.84 -26.90
CA VAL F 462 61.94 14.02 -27.28
C VAL F 462 61.79 14.95 -26.09
N THR F 463 61.48 16.21 -26.37
CA THR F 463 61.26 17.23 -25.36
C THR F 463 60.10 18.12 -25.79
N GLU F 464 59.35 18.62 -24.82
CA GLU F 464 58.25 19.55 -25.07
C GLU F 464 58.03 20.42 -23.85
N LEU F 465 57.59 21.65 -24.09
CA LEU F 465 57.28 22.57 -23.00
C LEU F 465 55.96 22.19 -22.33
N ILE F 466 55.86 22.55 -21.05
CA ILE F 466 54.64 22.33 -20.28
C ILE F 466 53.84 23.63 -20.26
N TYR F 467 52.63 23.61 -20.82
CA TYR F 467 51.78 24.80 -20.86
C TYR F 467 51.11 24.97 -19.51
N VAL F 468 51.47 26.04 -18.79
CA VAL F 468 50.84 26.35 -17.51
C VAL F 468 49.63 27.26 -17.75
N HIS F 469 48.44 26.70 -17.55
CA HIS F 469 47.18 27.43 -17.69
C HIS F 469 46.66 27.93 -16.35
N SER F 470 47.37 27.66 -15.27
CA SER F 470 46.92 28.07 -13.94
C SER F 470 46.90 29.59 -13.81
N LYS F 471 45.93 30.09 -13.04
CA LYS F 471 45.84 31.48 -12.63
C LYS F 471 45.79 31.48 -11.11
N LEU F 472 46.97 31.47 -10.47
CA LEU F 472 47.08 31.27 -9.03
C LEU F 472 48.03 32.29 -8.44
N LEU F 473 47.74 32.71 -7.21
CA LEU F 473 48.60 33.61 -6.45
C LEU F 473 48.68 33.14 -5.01
N ILE F 474 49.90 33.08 -4.47
CA ILE F 474 50.13 32.74 -3.07
C ILE F 474 51.04 33.81 -2.47
N ALA F 475 50.81 34.15 -1.21
CA ALA F 475 51.56 35.22 -0.56
C ALA F 475 51.73 34.91 0.93
N ASP F 476 52.97 35.00 1.41
CA ASP F 476 53.30 34.98 2.83
C ASP F 476 52.85 33.71 3.53
N ASP F 477 52.56 32.65 2.77
CA ASP F 477 52.10 31.37 3.31
C ASP F 477 50.83 31.53 4.15
N ASN F 478 50.01 32.54 3.86
CA ASN F 478 48.76 32.69 4.58
C ASN F 478 47.56 32.94 3.66
N THR F 479 47.72 33.76 2.62
CA THR F 479 46.63 34.14 1.74
C THR F 479 46.91 33.63 0.33
N VAL F 480 45.88 33.09 -0.31
CA VAL F 480 45.97 32.54 -1.65
C VAL F 480 44.79 33.02 -2.47
N ILE F 481 45.05 33.39 -3.73
CA ILE F 481 44.01 33.78 -4.67
C ILE F 481 44.15 32.87 -5.89
N ILE F 482 43.12 32.04 -6.12
CA ILE F 482 43.09 31.09 -7.22
C ILE F 482 41.85 31.36 -8.06
N GLY F 483 42.02 31.36 -9.38
CA GLY F 483 40.89 31.62 -10.24
C GLY F 483 41.21 31.33 -11.69
N SER F 484 40.42 31.93 -12.57
CA SER F 484 40.57 31.75 -14.01
C SER F 484 41.11 32.99 -14.71
N ALA F 485 41.41 34.06 -13.99
CA ALA F 485 41.83 35.31 -14.60
C ALA F 485 43.33 35.25 -14.83
N ASN F 486 43.76 35.34 -16.08
CA ASN F 486 45.17 35.42 -16.38
C ASN F 486 45.71 36.80 -16.02
N ILE F 487 47.03 36.93 -16.01
CA ILE F 487 47.69 38.23 -15.78
C ILE F 487 47.78 38.91 -17.14
N ASN F 488 46.69 39.58 -17.51
CA ASN F 488 46.67 40.37 -18.73
C ASN F 488 45.56 41.40 -18.63
N ASP F 489 45.58 42.35 -19.56
CA ASP F 489 44.56 43.41 -19.57
C ASP F 489 43.17 42.87 -19.89
N ARG F 490 43.08 41.89 -20.79
CA ARG F 490 41.79 41.32 -21.15
C ARG F 490 41.12 40.64 -19.96
N SER F 491 41.91 39.99 -19.10
CA SER F 491 41.35 39.22 -17.99
C SER F 491 41.18 40.03 -16.72
N MET F 492 42.00 41.06 -16.52
CA MET F 492 42.00 41.80 -15.25
C MET F 492 41.13 43.04 -15.29
N LEU F 493 40.99 43.71 -16.44
CA LEU F 493 40.25 44.96 -16.45
C LEU F 493 38.76 44.76 -16.16
N GLY F 494 38.24 43.58 -16.46
CA GLY F 494 36.84 43.29 -16.19
C GLY F 494 35.90 43.61 -17.32
N LYS F 495 36.10 44.76 -17.97
CA LYS F 495 35.27 45.15 -19.10
C LYS F 495 35.58 44.39 -20.38
N ARG F 496 36.69 43.64 -20.42
CA ARG F 496 37.02 42.85 -21.60
C ARG F 496 36.58 41.41 -21.37
N ASP F 497 37.53 40.48 -21.24
CA ASP F 497 37.13 39.11 -20.98
C ASP F 497 36.52 38.98 -19.60
N SER F 498 35.55 38.10 -19.48
CA SER F 498 34.89 37.82 -18.20
C SER F 498 35.62 36.68 -17.51
N GLU F 499 36.14 36.95 -16.31
CA GLU F 499 36.90 35.98 -15.54
C GLU F 499 36.33 35.91 -14.13
N MET F 500 36.74 34.90 -13.38
CA MET F 500 36.29 34.77 -12.01
C MET F 500 37.37 34.10 -11.19
N ALA F 501 37.55 34.58 -9.95
CA ALA F 501 38.59 34.06 -9.06
C ALA F 501 38.07 34.03 -7.64
N VAL F 502 38.88 33.45 -6.76
CA VAL F 502 38.57 33.34 -5.34
C VAL F 502 39.82 33.63 -4.54
N ILE F 503 39.68 34.40 -3.46
CA ILE F 503 40.78 34.71 -2.55
C ILE F 503 40.54 33.97 -1.25
N VAL F 504 41.58 33.29 -0.75
CA VAL F 504 41.47 32.46 0.45
C VAL F 504 42.50 32.97 1.47
N GLN F 505 42.00 33.53 2.57
CA GLN F 505 42.80 33.93 3.72
C GLN F 505 42.55 32.95 4.85
N ASP F 506 43.60 32.61 5.60
CA ASP F 506 43.49 31.55 6.58
C ASP F 506 42.97 32.10 7.90
N THR F 507 42.08 31.34 8.54
CA THR F 507 41.53 31.74 9.84
C THR F 507 42.00 30.80 10.95
CA GLU F 508 44.13 28.13 11.41
C GLU F 508 45.59 28.18 11.00
N THR F 509 46.48 28.29 11.99
CA THR F 509 47.91 28.42 11.76
C THR F 509 48.61 27.11 12.11
N VAL F 510 49.70 26.83 11.40
CA VAL F 510 50.50 25.63 11.64
C VAL F 510 51.97 26.03 11.77
N PRO F 511 52.74 25.36 12.63
CA PRO F 511 54.16 25.70 12.77
C PRO F 511 54.91 25.45 11.47
N SER F 512 55.70 26.43 11.05
CA SER F 512 56.44 26.38 9.80
C SER F 512 57.76 27.11 10.01
N VAL F 513 58.51 27.24 8.91
CA VAL F 513 59.81 27.91 8.94
C VAL F 513 59.72 29.15 8.05
N MET F 514 60.38 30.22 8.51
CA MET F 514 60.44 31.47 7.76
C MET F 514 61.75 32.15 8.08
N ASP F 515 62.56 32.39 7.06
CA ASP F 515 63.90 32.97 7.22
C ASP F 515 64.77 32.12 8.15
N ALA F 521 52.12 30.53 7.80
CA ALA F 521 51.86 29.55 8.85
C ALA F 521 50.51 28.87 8.65
N GLY F 522 49.72 29.40 7.73
CA GLY F 522 48.42 28.81 7.46
C GLY F 522 48.52 27.46 6.79
N ARG F 523 47.45 26.67 6.94
CA ARG F 523 47.41 25.32 6.37
C ARG F 523 47.18 25.35 4.87
N PHE F 524 46.32 26.25 4.39
CA PHE F 524 45.97 26.28 2.98
C PHE F 524 47.16 26.69 2.11
N ALA F 525 47.82 27.78 2.47
CA ALA F 525 48.86 28.34 1.59
C ALA F 525 50.16 27.55 1.67
N ARG F 526 50.65 27.28 2.87
CA ARG F 526 51.91 26.55 3.00
C ARG F 526 51.81 25.14 2.41
N GLY F 527 50.65 24.50 2.56
CA GLY F 527 50.46 23.20 1.93
C GLY F 527 50.43 23.29 0.42
N LEU F 528 49.79 24.33 -0.13
CA LEU F 528 49.73 24.48 -1.57
C LEU F 528 51.07 24.95 -2.14
N ARG F 529 51.74 25.88 -1.45
CA ARG F 529 53.03 26.36 -1.94
C ARG F 529 54.06 25.25 -1.94
N LEU F 530 54.11 24.47 -0.86
CA LEU F 530 55.03 23.33 -0.81
C LEU F 530 54.73 22.35 -1.93
N GLN F 531 53.45 21.99 -2.11
CA GLN F 531 53.08 21.09 -3.20
C GLN F 531 53.39 21.72 -4.55
N CYS F 532 53.13 23.02 -4.70
CA CYS F 532 53.52 23.72 -5.92
C CYS F 532 55.03 23.69 -6.10
N PHE F 533 55.77 23.98 -5.02
CA PHE F 533 57.23 23.93 -5.09
C PHE F 533 57.73 22.51 -5.32
N ARG F 534 57.13 21.53 -4.65
CA ARG F 534 57.57 20.14 -4.78
C ARG F 534 57.37 19.63 -6.20
N VAL F 535 56.25 19.99 -6.83
CA VAL F 535 55.90 19.46 -8.15
C VAL F 535 56.94 19.91 -9.17
N VAL F 536 57.27 21.20 -9.18
CA VAL F 536 58.14 21.73 -10.21
C VAL F 536 59.58 21.26 -10.00
N LEU F 537 59.95 20.95 -8.76
CA LEU F 537 61.32 20.54 -8.45
C LEU F 537 61.50 19.02 -8.38
N GLY F 538 60.42 18.25 -8.45
CA GLY F 538 60.56 16.80 -8.43
C GLY F 538 60.92 16.25 -7.07
N TYR F 539 60.51 16.91 -5.99
CA TYR F 539 60.83 16.46 -4.66
C TYR F 539 59.65 15.76 -4.00
N GLU F 545 62.70 18.70 2.72
CA GLU F 545 63.17 19.36 3.94
C GLU F 545 63.73 20.73 3.63
N ASP F 546 64.29 20.90 2.44
CA ASP F 546 64.89 22.17 2.04
C ASP F 546 63.87 23.21 1.62
N ILE F 547 62.69 22.79 1.16
CA ILE F 547 61.72 23.73 0.61
C ILE F 547 60.75 24.26 1.66
N GLN F 548 60.95 23.91 2.94
CA GLN F 548 60.05 24.38 3.98
C GLN F 548 60.15 25.90 4.15
N ASP F 549 61.36 26.44 4.10
CA ASP F 549 61.57 27.87 4.24
C ASP F 549 61.61 28.52 2.87
N PRO F 550 60.70 29.45 2.54
CA PRO F 550 60.61 30.05 1.21
C PRO F 550 61.50 31.28 1.06
N SER F 552 64.00 30.96 2.87
CA SER F 552 65.38 31.25 3.22
C SER F 552 66.20 31.65 1.98
N ASP F 553 67.16 32.55 2.18
CA ASP F 553 68.05 32.94 1.09
C ASP F 553 68.89 31.76 0.60
N LYS F 554 69.15 30.79 1.47
CA LYS F 554 69.90 29.60 1.07
C LYS F 554 69.09 28.74 0.12
N PHE F 555 67.77 28.66 0.33
CA PHE F 555 66.92 27.82 -0.50
C PHE F 555 66.74 28.40 -1.90
N PHE F 556 66.55 29.73 -1.98
CA PHE F 556 66.28 30.37 -3.26
C PHE F 556 67.44 30.15 -4.24
N LYS F 557 68.67 30.36 -3.78
CA LYS F 557 69.81 30.30 -4.70
C LYS F 557 70.24 28.87 -4.98
N GLU F 558 70.22 28.00 -3.97
CA GLU F 558 70.73 26.64 -4.14
C GLU F 558 69.68 25.64 -4.62
N VAL F 559 68.39 25.96 -4.52
CA VAL F 559 67.36 25.00 -4.92
C VAL F 559 66.53 25.52 -6.08
N TRP F 560 65.89 26.67 -5.91
CA TRP F 560 64.95 27.16 -6.92
C TRP F 560 65.68 27.62 -8.17
N VAL F 561 66.56 28.61 -8.04
CA VAL F 561 67.26 29.13 -9.21
C VAL F 561 68.28 28.13 -9.72
N SER F 562 68.82 27.28 -8.86
CA SER F 562 69.84 26.31 -9.26
C SER F 562 69.26 25.22 -10.16
N THR F 563 68.08 24.70 -9.83
CA THR F 563 67.47 23.65 -10.65
C THR F 563 67.16 24.15 -12.05
N ALA F 564 66.75 25.41 -12.17
CA ALA F 564 66.42 25.99 -13.47
C ALA F 564 67.64 26.13 -14.35
N ALA F 565 68.80 26.44 -13.76
CA ALA F 565 70.00 26.69 -14.56
C ALA F 565 70.53 25.41 -15.18
N ARG F 566 70.51 24.29 -14.44
CA ARG F 566 71.03 23.05 -14.98
C ARG F 566 70.23 22.59 -16.19
N ASN F 567 68.90 22.62 -16.07
CA ASN F 567 68.04 22.17 -17.17
C ASN F 567 68.18 23.08 -18.39
N ALA F 568 68.26 24.40 -18.17
CA ALA F 568 68.31 25.35 -19.28
C ALA F 568 69.56 25.15 -20.13
N THR F 569 70.70 24.88 -19.50
CA THR F 569 71.92 24.66 -20.26
C THR F 569 71.91 23.28 -20.92
N ILE F 570 71.39 22.27 -20.23
CA ILE F 570 71.37 20.92 -20.78
C ILE F 570 70.44 20.85 -21.99
N TYR F 571 69.24 21.41 -21.85
CA TYR F 571 68.26 21.37 -22.95
C TYR F 571 68.75 22.16 -24.17
N ASP F 572 69.37 23.30 -23.93
CA ASP F 572 69.89 24.13 -25.03
C ASP F 572 71.08 23.47 -25.71
N PHE F 575 69.29 19.38 -27.19
CA PHE F 575 68.08 19.18 -27.97
C PHE F 575 67.93 20.27 -29.02
N ARG F 576 68.64 21.37 -28.80
CA ARG F 576 68.59 22.54 -29.68
C ARG F 576 67.16 23.05 -29.82
N CYS F 577 66.42 23.06 -28.71
CA CYS F 577 65.01 23.40 -28.76
C CYS F 577 64.84 24.92 -28.73
N LEU F 578 63.64 25.37 -29.05
CA LEU F 578 63.33 26.80 -29.09
C LEU F 578 62.18 27.11 -28.12
N PRO F 579 62.48 27.52 -26.87
CA PRO F 579 63.81 27.82 -26.34
C PRO F 579 64.55 26.56 -25.91
N GLU F 582 68.89 33.19 -26.37
CA GLU F 582 70.19 32.97 -27.00
C GLU F 582 70.08 32.99 -28.53
N VAL F 583 68.87 33.22 -29.02
CA VAL F 583 68.62 33.28 -30.46
C VAL F 583 67.92 34.58 -30.83
N ASN F 585 67.25 36.87 -33.83
CA ASN F 585 66.70 37.19 -35.14
C ASN F 585 66.00 35.98 -35.74
N LEU F 586 65.05 36.24 -36.66
CA LEU F 586 64.42 35.14 -37.37
C LEU F 586 65.40 34.40 -38.27
N ILE F 587 66.39 35.11 -38.83
CA ILE F 587 67.43 34.44 -39.61
C ILE F 587 68.29 33.56 -38.71
N GLN F 588 68.60 34.04 -37.50
CA GLN F 588 69.34 33.22 -36.55
C GLN F 588 68.50 32.04 -36.08
N LEU F 589 67.17 32.20 -36.06
CA LEU F 589 66.29 31.11 -35.69
C LEU F 589 66.29 30.04 -36.77
N ARG F 590 66.33 30.45 -38.04
CA ARG F 590 66.28 29.50 -39.15
C ARG F 590 67.50 28.59 -39.15
N ASP F 591 68.66 29.11 -38.73
CA ASP F 591 69.84 28.25 -38.67
C ASP F 591 69.76 27.27 -37.52
N PHE F 592 69.17 27.69 -36.39
CA PHE F 592 69.13 26.81 -35.22
C PHE F 592 68.24 25.60 -35.47
N ILE F 593 67.12 25.79 -36.16
CA ILE F 593 66.20 24.69 -36.40
C ILE F 593 66.53 23.90 -37.67
N ASN F 594 67.22 24.52 -38.63
CA ASN F 594 67.67 23.81 -39.81
C ASN F 594 69.05 23.19 -39.64
N LYS F 595 69.62 23.27 -38.44
CA LYS F 595 70.89 22.64 -38.15
C LYS F 595 70.68 21.26 -37.56
N PRO F 596 71.59 20.32 -37.83
CA PRO F 596 71.48 18.99 -37.23
C PRO F 596 71.57 19.12 -35.72
N VAL F 597 70.87 18.24 -35.01
CA VAL F 597 70.86 18.29 -33.56
C VAL F 597 71.83 17.26 -33.00
N LEU F 598 72.60 17.68 -32.00
CA LEU F 598 73.57 16.80 -31.35
C LEU F 598 72.90 15.75 -30.47
N ALA F 599 71.72 16.09 -29.92
CA ALA F 599 71.03 15.21 -28.98
C ALA F 599 70.54 13.92 -29.62
N LYS F 600 70.42 13.88 -30.96
CA LYS F 600 69.91 12.70 -31.64
C LYS F 600 70.99 11.69 -32.02
N GLU F 601 72.20 12.16 -32.34
CA GLU F 601 73.24 11.26 -32.83
C GLU F 601 73.92 10.46 -31.73
N ASP F 602 73.91 10.95 -30.49
CA ASP F 602 74.52 10.24 -29.36
C ASP F 602 73.56 10.27 -28.18
N PRO F 603 72.49 9.46 -28.24
CA PRO F 603 71.50 9.46 -27.16
C PRO F 603 72.01 8.92 -25.83
N ILE F 604 72.94 7.97 -25.84
CA ILE F 604 73.41 7.37 -24.59
C ILE F 604 74.06 8.42 -23.71
N ARG F 605 74.90 9.28 -24.30
CA ARG F 605 75.44 10.39 -23.52
C ARG F 605 74.34 11.37 -23.16
N ALA F 606 73.38 11.57 -24.06
CA ALA F 606 72.26 12.47 -23.78
C ALA F 606 71.36 11.91 -22.69
N GLU F 607 71.04 10.61 -22.74
CA GLU F 607 70.18 10.02 -21.74
C GLU F 607 70.79 10.15 -20.34
N GLU F 608 72.10 9.95 -20.23
CA GLU F 608 72.78 10.13 -18.95
C GLU F 608 72.78 11.60 -18.55
N GLU F 609 72.88 12.51 -19.52
CA GLU F 609 72.86 13.94 -19.22
C GLU F 609 71.49 14.38 -18.72
N LEU F 610 70.43 13.78 -19.28
CA LEU F 610 69.09 14.09 -18.83
C LEU F 610 68.84 13.65 -17.39
N LYS F 611 69.63 12.71 -16.90
CA LYS F 611 69.50 12.26 -15.51
C LYS F 611 69.88 13.35 -14.52
N LYS F 612 70.59 14.39 -14.98
CA LYS F 612 70.95 15.51 -14.12
C LYS F 612 69.79 16.47 -13.91
N ILE F 613 68.67 16.25 -14.57
CA ILE F 613 67.52 17.14 -14.48
C ILE F 613 66.82 16.86 -13.15
N ARG F 614 66.45 17.94 -12.45
CA ARG F 614 65.68 17.83 -11.21
C ARG F 614 64.42 18.66 -11.39
N GLY F 615 63.28 17.99 -11.44
CA GLY F 615 62.03 18.70 -11.57
C GLY F 615 61.78 19.21 -12.98
N PHE F 616 60.89 20.18 -13.07
CA PHE F 616 60.50 20.79 -14.33
C PHE F 616 60.94 22.24 -14.43
N LEU F 617 61.52 22.81 -13.38
CA LEU F 617 61.87 24.23 -13.40
C LEU F 617 63.04 24.46 -14.34
N VAL F 618 62.86 25.38 -15.29
CA VAL F 618 63.91 25.77 -16.21
C VAL F 618 63.96 27.29 -16.26
N GLN F 619 65.17 27.82 -16.42
CA GLN F 619 65.37 29.26 -16.45
C GLN F 619 64.71 29.85 -17.69
N PHE F 620 64.01 30.96 -17.51
CA PHE F 620 63.31 31.53 -18.65
C PHE F 620 64.24 32.39 -19.48
N PRO F 621 64.35 32.14 -20.79
CA PRO F 621 65.20 32.99 -21.64
C PRO F 621 64.60 34.37 -21.82
N PHE F 622 65.39 35.39 -21.53
CA PHE F 622 64.93 36.78 -21.61
C PHE F 622 65.15 37.42 -22.98
N TYR F 623 66.05 36.86 -23.81
CA TYR F 623 66.49 37.52 -25.02
C TYR F 623 66.10 36.75 -26.29
N PHE F 624 65.11 35.87 -26.21
CA PHE F 624 64.66 35.13 -27.37
C PHE F 624 63.98 36.08 -28.37
N LEU F 625 64.48 36.08 -29.60
CA LEU F 625 63.99 36.98 -30.66
C LEU F 625 64.03 38.44 -30.20
N SER F 626 65.13 38.83 -29.56
CA SER F 626 65.24 40.19 -29.04
C SER F 626 65.35 41.21 -30.16
N GLU F 627 66.04 40.87 -31.25
CA GLU F 627 66.26 41.81 -32.34
C GLU F 627 65.09 41.88 -33.32
N GLU F 628 64.06 41.05 -33.13
CA GLU F 628 62.88 41.09 -33.98
C GLU F 628 61.80 41.97 -33.36
N SER F 629 61.11 42.73 -34.21
CA SER F 629 60.07 43.65 -33.76
C SER F 629 58.70 43.12 -34.18
N LEU F 630 57.68 43.45 -33.39
CA LEU F 630 56.34 42.93 -33.62
C LEU F 630 55.61 43.72 -34.70
N LEU F 631 55.62 45.04 -34.61
CA LEU F 631 54.81 45.87 -35.50
C LEU F 631 55.14 45.69 -36.97
N PRO F 632 56.41 45.72 -37.41
CA PRO F 632 56.67 45.54 -38.85
C PRO F 632 56.29 44.16 -39.36
N SER F 633 56.42 43.13 -38.51
CA SER F 633 56.12 41.77 -38.96
C SER F 633 54.62 41.53 -39.06
N VAL F 634 53.86 41.98 -38.07
CA VAL F 634 52.43 41.69 -38.03
C VAL F 634 51.61 42.79 -38.71
N GLY F 635 52.14 44.01 -38.79
CA GLY F 635 51.36 45.10 -39.33
C GLY F 635 51.23 45.03 -40.84
N THR F 636 50.15 45.62 -41.35
CA THR F 636 49.87 45.72 -42.77
C THR F 636 49.84 47.20 -43.17
N LYS F 637 49.63 47.45 -44.47
CA LYS F 637 49.65 48.82 -44.94
C LYS F 637 48.44 49.61 -44.43
N GLU F 638 47.28 48.96 -44.37
CA GLU F 638 46.05 49.57 -43.84
C GLU F 638 45.39 48.54 -42.94
N ALA F 639 45.72 48.58 -41.65
CA ALA F 639 45.23 47.61 -40.70
C ALA F 639 43.99 48.14 -39.98
N ILE F 640 43.09 47.20 -39.65
CA ILE F 640 41.85 47.52 -38.95
C ILE F 640 41.71 46.77 -37.65
N VAL F 641 42.61 45.85 -37.32
CA VAL F 641 42.55 45.06 -36.10
C VAL F 641 43.27 45.82 -35.02
N PRO F 642 42.60 46.23 -33.94
CA PRO F 642 43.28 46.95 -32.86
C PRO F 642 44.32 46.07 -32.17
N MET F 643 45.36 46.73 -31.65
CA MET F 643 46.38 46.02 -30.90
C MET F 643 45.89 45.57 -29.53
N GLU F 644 44.78 46.13 -29.05
CA GLU F 644 44.23 45.79 -27.75
C GLU F 644 43.63 44.38 -27.67
N VAL F 645 43.63 43.62 -28.77
CA VAL F 645 43.10 42.26 -28.72
C VAL F 645 44.10 41.31 -28.06
N TRP F 646 45.39 41.57 -28.20
CA TRP F 646 46.41 40.74 -27.57
C TRP F 646 46.81 41.27 -26.20
N THR F 647 46.34 42.47 -25.85
CA THR F 647 46.64 43.10 -24.57
C THR F 647 45.68 42.68 -23.48
N1 MKG G . -15.44 -6.38 38.77
C2 MKG G . -13.17 -5.85 40.56
C3 MKG G . -13.00 -6.30 39.10
C5 MKG G . -16.58 -6.00 37.93
C6 MKG G . -16.48 -6.44 36.45
C8 MKG G . -15.51 -8.46 35.46
C9 MKG G . -15.68 -9.95 35.26
C1 MKG G . -12.07 -3.65 40.48
C10 MKG G . -16.94 -10.51 35.35
C11 MKG G . -17.11 -11.88 35.17
C12 MKG G . -16.01 -12.64 34.92
C13 MKG G . -14.75 -12.12 34.83
C14 MKG G . -14.59 -10.75 35.01
C15 MKG G . -15.64 -5.85 40.13
C16 MKG G . -14.54 -6.30 41.06
C17 MKG G . -12.04 -6.31 41.48
C18 MKG G . -12.40 -6.11 42.95
C19 MKG G . -12.75 -7.19 43.74
C20 MKG G . -13.10 -7.01 45.06
C21 MKG G . -13.11 -5.76 45.62
C22 MKG G . -12.77 -4.71 44.83
C23 MKG G . -12.42 -4.84 43.51
C24 MKG G . -10.69 -5.65 41.09
C4 MKG G . -14.17 -5.87 38.23
C7 MKG G . -17.74 -6.07 35.71
F1 MKG G . -16.16 -13.98 34.74
F2 MKG G . -12.78 -3.46 45.37
N2 MKG G . -16.28 -7.89 36.39
N3 MKG G . -10.89 -4.23 40.76
O1 MKG G . -12.14 -2.47 40.19
O2 MKG G . -13.21 -4.36 40.54
O3 MKG G . -14.74 -7.82 34.75
N1 MKG H . -28.15 -45.00 7.42
C2 MKG H . -25.70 -46.63 7.51
C3 MKG H . -26.77 -46.80 6.43
C5 MKG H . -28.86 -43.74 7.16
C6 MKG H . -29.93 -43.74 6.06
C8 MKG H . -31.57 -45.46 5.45
C9 MKG H . -32.79 -46.19 5.90
C1 MKG H . -23.79 -46.00 6.10
C10 MKG H . -33.51 -47.02 5.03
C11 MKG H . -34.64 -47.68 5.46
C12 MKG H . -35.05 -47.49 6.75
C13 MKG H . -34.39 -46.70 7.64
C14 MKG H . -33.25 -46.04 7.21
C15 MKG H . -27.10 -44.74 8.41
C16 MKG H . -26.34 -46.01 8.75
C17 MKG H . -24.94 -47.91 7.85
C18 MKG H . -24.12 -47.76 9.12
C19 MKG H . -24.52 -48.36 10.31
C20 MKG H . -23.79 -48.22 11.47
C21 MKG H . -22.65 -47.46 11.48
C22 MKG H . -22.27 -46.86 10.32
C23 MKG H . -22.97 -46.99 9.15
C24 MKG H . -24.12 -48.42 6.64
C4 MKG H . -27.54 -45.50 6.18
C7 MKG H . -30.60 -42.38 5.96
F1 MKG H . -36.16 -48.14 7.18
F2 MKG H . -21.14 -46.10 10.33
N2 MKG H . -30.95 -44.74 6.38
N3 MKG H . -23.48 -47.30 5.97
O1 MKG H . -23.20 -45.14 5.47
O2 MKG H . -24.75 -45.63 6.98
O3 MKG H . -31.20 -45.50 4.28
N1 MKG I . -33.22 -4.05 -38.28
C2 MKG I . -32.04 -4.81 -40.86
C3 MKG I . -31.20 -4.42 -39.64
C5 MKG I . -33.90 -4.29 -37.00
C6 MKG I . -33.05 -3.91 -35.78
C8 MKG I . -31.30 -2.23 -35.51
C9 MKG I . -30.98 -0.77 -35.49
C1 MKG I . -31.25 -7.11 -41.21
C10 MKG I . -31.94 0.17 -35.87
C11 MKG I . -31.64 1.52 -35.86
C12 MKG I . -30.40 1.91 -35.46
C13 MKG I . -29.42 1.03 -35.07
C14 MKG I . -29.72 -0.32 -35.08
C15 MKG I . -34.07 -4.53 -39.38
C16 MKG I . -33.43 -4.19 -40.72
C17 MKG I . -31.39 -4.46 -42.19
C18 MKG I . -32.37 -4.58 -43.36
C19 MKG I . -32.90 -3.45 -43.95
C20 MKG I . -33.80 -3.54 -45.00
C21 MKG I . -34.20 -4.78 -45.47
C22 MKG I . -33.67 -5.88 -44.86
C23 MKG I . -32.78 -5.82 -43.82
C24 MKG I . -30.08 -5.25 -42.42
C4 MKG I . -31.91 -4.72 -38.34
C7 MKG I . -33.86 -4.00 -34.50
F1 MKG I . -30.11 3.24 -35.45
F2 MKG I . -34.04 -7.11 -45.31
N2 MKG I . -32.52 -2.56 -35.94
N3 MKG I . -30.26 -6.64 -41.99
O1 MKG I . -31.30 -8.27 -40.89
O2 MKG I . -32.22 -6.28 -40.78
O3 MKG I . -30.49 -3.07 -35.13
N1 MKG J . -21.42 34.69 -6.70
C2 MKG J . -19.04 35.90 -7.93
C3 MKG J . -19.48 36.18 -6.49
C5 MKG J . -22.21 33.60 -6.08
C6 MKG J . -22.71 33.87 -4.66
C8 MKG J . -23.50 35.95 -3.62
C9 MKG J . -24.58 37.00 -3.62
C1 MKG J . -16.83 34.90 -7.54
C10 MKG J . -25.67 36.89 -4.47
C11 MKG J . -26.67 37.85 -4.47
C12 MKG J . -26.54 38.91 -3.63
C13 MKG J . -25.48 39.07 -2.77
C14 MKG J . -24.48 38.10 -2.78
C15 MKG J . -20.99 34.30 -8.03
C16 MKG J . -20.26 35.44 -8.73
C17 MKG J . -18.32 37.07 -8.59
C18 MKG J . -18.18 36.89 -10.10
C19 MKG J . -18.99 37.63 -10.96
C20 MKG J . -18.88 37.47 -12.33
C21 MKG J . -17.98 36.58 -12.87
C22 MKG J . -17.20 35.86 -12.01
C23 MKG J . -17.28 35.99 -10.64
C24 MKG J . -16.98 37.37 -7.88
C4 MKG J . -20.26 35.04 -5.88
C7 MKG J . -23.56 32.72 -4.17
F1 MKG J . -27.51 39.87 -3.63
F2 MKG J . -16.31 34.98 -12.53
N2 MKG J . -23.51 35.10 -4.64
N3 MKG J . -16.29 36.13 -7.56
O1 MKG J . -16.17 33.93 -7.24
O2 MKG J . -18.13 34.73 -7.87
O3 MKG J . -22.69 35.87 -2.70
N1 MKG K . 49.97 -8.18 22.78
C2 MKG K . 48.03 -8.37 24.98
C3 MKG K . 49.00 -7.20 24.83
C5 MKG K . 50.38 -7.95 21.39
C6 MKG K . 51.34 -6.78 21.13
C8 MKG K . 53.12 -5.81 22.50
C9 MKG K . 54.47 -6.03 23.13
C1 MKG K . 45.90 -7.18 24.77
C10 MKG K . 55.13 -7.24 22.97
C11 MKG K . 56.38 -7.45 23.55
C12 MKG K . 56.93 -6.43 24.27
C13 MKG K . 56.32 -5.22 24.46
C14 MKG K . 55.07 -5.03 23.88
C15 MKG K . 49.00 -9.27 22.84
C16 MKG K . 48.62 -9.60 24.27
C17 MKG K . 47.64 -8.67 26.43
C18 MKG K . 46.90 -10.00 26.57
C19 MKG K . 47.53 -11.11 27.11
C20 MKG K . 46.87 -12.32 27.21
C21 MKG K . 45.56 -12.44 26.78
C22 MKG K . 44.96 -11.34 26.24
C23 MKG K . 45.60 -10.12 26.12
C24 MKG K . 46.86 -7.49 27.05
C4 MKG K . 49.39 -6.97 23.38
C7 MKG K . 51.77 -6.74 19.68
F1 MKG K . 58.15 -6.63 24.84
F2 MKG K . 43.68 -11.44 25.81
N2 MKG K . 52.52 -6.88 21.99
N3 MKG K . 45.90 -6.94 26.10
O1 MKG K . 45.07 -6.66 24.05
O2 MKG K . 46.82 -7.99 24.23
O3 MKG K . 52.62 -4.69 22.45
N1 MKG L . 44.67 29.61 -25.70
C2 MKG L . 43.12 32.07 -25.21
C3 MKG L . 42.51 30.67 -25.14
C5 MKG L . 45.63 28.55 -25.40
C6 MKG L . 45.06 27.13 -25.30
C8 MKG L . 43.10 26.11 -26.32
C9 MKG L . 42.41 25.66 -27.59
C1 MKG L . 42.63 32.87 -22.94
C10 MKG L . 41.10 25.21 -27.54
C11 MKG L . 40.46 24.78 -28.68
C12 MKG L . 41.14 24.80 -29.86
C13 MKG L . 42.44 25.24 -29.96
C14 MKG L . 43.08 25.66 -28.81
C15 MKG L . 45.33 30.91 -25.62
C16 MKG L . 44.38 32.02 -26.06
C17 MKG L . 42.12 33.13 -25.71
C18 MKG L . 42.81 34.45 -26.08
C19 MKG L . 43.03 34.79 -27.40
C20 MKG L . 43.65 36.00 -27.72
C21 MKG L . 44.05 36.86 -26.73
C22 MKG L . 43.82 36.50 -25.43
C23 MKG L . 43.21 35.32 -25.08
C24 MKG L . 40.95 33.31 -24.74
C4 MKG L . 43.54 29.60 -24.76
C7 MKG L . 46.17 26.11 -25.19
F1 MKG L . 40.51 24.39 -30.99
F2 MKG L . 44.21 37.35 -24.45
N2 MKG L . 44.21 26.83 -26.45
N3 MKG L . 41.43 33.31 -23.36
O1 MKG L . 42.93 32.89 -21.76
O2 MKG L . 43.54 32.42 -23.82
O3 MKG L . 42.62 25.82 -25.22
#